data_3L3S
#
_entry.id   3L3S
#
_cell.length_a   86.403
_cell.length_b   124.285
_cell.length_c   146.999
_cell.angle_alpha   90.00
_cell.angle_beta   102.44
_cell.angle_gamma   90.00
#
_symmetry.space_group_name_H-M   'P 1 21 1'
#
loop_
_entity.id
_entity.type
_entity.pdbx_description
1 polymer 'Enoyl-CoA hydratase/isomerase family protein'
2 water water
#
_entity_poly.entity_id   1
_entity_poly.type   'polypeptide(L)'
_entity_poly.pdbx_seq_one_letter_code
;(MSE)SLSQDGLLGEVLSEGVLTLTLGRAPAHPLSRA(MSE)IAALHDALRRA(MSE)GDDHVHVLVIHGPGRIFCAGHD
LKEIGRHRADPDEGRAFVTDLFEACSAL(MSE)LDLAHCPKPTIALVEGIATAAGLQL(MSE)AACDLAYASPAARFCLP
GVQNGGF(OCS)TTPAVAVSRVIGRRAVTE(MSE)ALTGATYDADWALAAGLINRILPEAALATHVADLAGALAARNQAP
LRRGLETLNRHLELPLEQAYALATPV(MSE)VEHF(MSE)DPGRRHLDWIDEGHHHHHH
;
_entity_poly.pdbx_strand_id   A,B,C,D,E,F,G,H,I,J,K,L
#
# COMPACT_ATOMS: atom_id res chain seq x y z
N LEU A 8 14.07 43.73 16.72
CA LEU A 8 15.41 43.06 16.70
C LEU A 8 15.30 41.59 16.28
N LEU A 9 15.57 40.70 17.23
CA LEU A 9 15.51 39.26 17.04
C LEU A 9 15.33 38.62 18.41
N GLY A 10 14.09 38.22 18.70
CA GLY A 10 13.76 37.58 19.97
C GLY A 10 14.19 36.13 19.95
N GLU A 11 14.96 35.73 20.95
CA GLU A 11 15.42 34.36 21.04
C GLU A 11 15.16 33.71 22.40
N VAL A 12 14.33 32.67 22.35
CA VAL A 12 13.92 31.91 23.52
C VAL A 12 14.37 30.44 23.41
N LEU A 13 14.90 29.91 24.50
CA LEU A 13 15.37 28.53 24.57
C LEU A 13 14.54 27.71 25.55
N SER A 14 14.21 26.48 25.16
CA SER A 14 13.44 25.53 25.97
C SER A 14 14.27 24.27 26.27
N GLU A 15 13.80 23.11 25.82
CA GLU A 15 14.49 21.83 26.02
C GLU A 15 15.41 21.50 24.84
N GLY A 16 16.27 22.47 24.51
CA GLY A 16 17.20 22.32 23.41
C GLY A 16 16.67 22.94 22.14
N VAL A 17 15.49 23.58 22.24
CA VAL A 17 14.83 24.21 21.10
C VAL A 17 14.92 25.73 21.20
N LEU A 18 15.76 26.31 20.35
CA LEU A 18 15.95 27.75 20.30
C LEU A 18 15.11 28.29 19.16
N THR A 19 14.12 29.11 19.51
CA THR A 19 13.24 29.71 18.51
C THR A 19 13.62 31.18 18.27
N LEU A 20 14.09 31.46 17.06
CA LEU A 20 14.50 32.81 16.67
C LEU A 20 13.30 33.49 16.00
N THR A 21 12.74 34.49 16.69
CA THR A 21 11.58 35.24 16.22
C THR A 21 12.10 36.50 15.56
N LEU A 22 11.80 36.65 14.27
CA LEU A 22 12.21 37.79 13.46
C LEU A 22 11.44 39.07 13.82
N GLY A 23 12.17 40.15 14.08
CA GLY A 23 11.56 41.42 14.44
C GLY A 23 11.18 42.25 13.23
N ARG A 24 11.08 43.58 13.41
CA ARG A 24 10.73 44.55 12.37
C ARG A 24 9.43 44.21 11.62
N ALA A 25 8.38 43.89 12.38
CA ALA A 25 7.05 43.53 11.87
C ALA A 25 6.47 44.65 11.00
N PRO A 26 5.67 44.32 9.94
CA PRO A 26 5.20 43.04 9.42
C PRO A 26 6.06 42.30 8.37
N ALA A 27 6.85 43.05 7.59
CA ALA A 27 7.67 42.48 6.52
C ALA A 27 8.93 41.71 6.89
N HIS A 28 9.42 41.91 8.13
CA HIS A 28 10.65 41.27 8.65
C HIS A 28 11.86 41.41 7.67
N PRO A 29 12.15 42.64 7.20
CA PRO A 29 13.26 42.87 6.25
C PRO A 29 14.66 42.44 6.68
N LEU A 30 15.35 41.74 5.79
CA LEU A 30 16.71 41.31 6.04
C LEU A 30 17.71 42.43 5.81
N SER A 31 17.74 43.36 6.77
CA SER A 31 18.63 44.53 6.75
C SER A 31 20.03 44.08 7.17
N ARG A 32 21.01 44.97 7.02
CA ARG A 32 22.40 44.68 7.41
C ARG A 32 22.43 44.36 8.91
N ALA A 33 21.57 45.04 9.67
CA ALA A 33 21.44 44.82 11.11
C ALA A 33 20.82 43.45 11.39
N ILE A 35 20.81 40.82 9.31
CA ILE A 35 21.76 39.82 8.82
C ILE A 35 22.81 39.56 9.91
N ALA A 36 23.30 40.65 10.50
CA ALA A 36 24.30 40.61 11.58
C ALA A 36 23.75 39.97 12.84
N ALA A 37 22.48 40.24 13.14
CA ALA A 37 21.78 39.68 14.30
C ALA A 37 21.53 38.18 14.13
N LEU A 38 21.11 37.78 12.92
CA LEU A 38 20.85 36.37 12.60
C LEU A 38 22.12 35.53 12.59
N HIS A 39 23.22 36.14 12.11
CA HIS A 39 24.51 35.47 12.04
C HIS A 39 25.14 35.37 13.42
N ASP A 40 24.92 36.41 14.24
CA ASP A 40 25.42 36.45 15.61
C ASP A 40 24.70 35.41 16.48
N ALA A 41 23.40 35.24 16.23
CA ALA A 41 22.55 34.29 16.95
C ALA A 41 22.87 32.85 16.61
N LEU A 42 23.28 32.64 15.35
CA LEU A 42 23.64 31.33 14.82
C LEU A 42 24.97 30.87 15.39
N ARG A 43 25.91 31.82 15.51
CA ARG A 43 27.26 31.58 16.04
C ARG A 43 27.19 31.11 17.49
N ARG A 44 26.42 31.85 18.29
CA ARG A 44 26.20 31.57 19.72
C ARG A 44 25.49 30.23 19.91
N ALA A 45 24.57 29.92 19.00
CA ALA A 45 23.81 28.68 19.04
C ALA A 45 24.61 27.43 18.68
N GLY A 47 27.90 26.92 19.26
CA GLY A 47 28.89 26.64 20.29
C GLY A 47 28.31 26.52 21.69
N ASP A 48 27.00 26.27 21.76
CA ASP A 48 26.28 26.12 23.03
C ASP A 48 25.64 24.74 23.05
N ASP A 49 26.12 23.91 23.97
CA ASP A 49 25.65 22.52 24.16
C ASP A 49 24.15 22.41 24.51
N HIS A 50 23.61 23.47 25.11
CA HIS A 50 22.21 23.52 25.52
C HIS A 50 21.23 23.75 24.36
N VAL A 51 21.77 24.25 23.24
CA VAL A 51 20.97 24.49 22.03
C VAL A 51 21.19 23.27 21.15
N HIS A 52 20.11 22.53 20.90
CA HIS A 52 20.18 21.31 20.10
C HIS A 52 19.56 21.49 18.72
N VAL A 53 18.41 22.19 18.68
CA VAL A 53 17.66 22.46 17.44
C VAL A 53 17.33 23.96 17.35
N LEU A 54 17.34 24.48 16.13
CA LEU A 54 17.03 25.89 15.85
C LEU A 54 15.73 25.99 15.05
N VAL A 55 14.85 26.88 15.48
CA VAL A 55 13.58 27.11 14.80
C VAL A 55 13.54 28.59 14.38
N ILE A 56 13.52 28.83 13.08
CA ILE A 56 13.45 30.18 12.52
C ILE A 56 11.98 30.43 12.25
N HIS A 57 11.50 31.58 12.74
CA HIS A 57 10.11 31.99 12.61
C HIS A 57 9.99 33.47 12.25
N GLY A 58 9.16 33.73 11.25
CA GLY A 58 8.87 35.07 10.80
C GLY A 58 7.36 35.15 10.95
N PRO A 59 6.84 35.57 12.13
CA PRO A 59 5.39 35.67 12.37
C PRO A 59 4.54 36.65 11.57
N GLY A 60 3.29 36.24 11.36
CA GLY A 60 2.33 37.06 10.65
C GLY A 60 2.00 36.68 9.23
N ARG A 61 1.54 37.68 8.49
CA ARG A 61 1.14 37.59 7.08
C ARG A 61 2.32 37.42 6.14
N ILE A 62 3.49 37.89 6.57
CA ILE A 62 4.72 37.81 5.79
C ILE A 62 5.77 37.07 6.62
N PHE A 63 6.44 36.09 6.02
CA PHE A 63 7.49 35.34 6.68
C PHE A 63 8.74 36.22 6.72
N CYS A 64 9.12 36.73 5.54
CA CYS A 64 10.26 37.63 5.36
C CYS A 64 10.23 38.20 3.95
N ALA A 65 10.41 39.52 3.86
CA ALA A 65 10.40 40.24 2.59
C ALA A 65 11.71 40.13 1.80
N GLY A 66 12.79 39.80 2.51
CA GLY A 66 14.11 39.65 1.92
C GLY A 66 14.79 40.93 1.46
N HIS A 67 15.83 41.33 2.19
CA HIS A 67 16.62 42.55 1.94
C HIS A 67 15.83 43.85 2.08
N ASP A 68 16.23 44.67 3.05
CA ASP A 68 15.60 45.97 3.31
C ASP A 68 15.93 46.91 2.19
N LEU A 69 14.89 47.44 1.56
CA LEU A 69 15.03 48.39 0.46
C LEU A 69 15.36 49.77 1.03
N LYS A 70 16.55 49.81 1.61
CA LYS A 70 17.19 50.97 2.21
C LYS A 70 18.49 51.13 1.40
N GLU A 71 18.44 50.64 0.15
CA GLU A 71 19.58 50.70 -0.78
C GLU A 71 19.71 52.12 -1.33
N ILE A 72 19.76 53.06 -0.39
CA ILE A 72 19.89 54.50 -0.61
C ILE A 72 21.37 54.84 -0.47
N GLY A 73 22.18 53.78 -0.35
CA GLY A 73 23.63 53.84 -0.19
C GLY A 73 24.43 54.93 -0.87
N ARG A 74 25.46 55.40 -0.14
CA ARG A 74 26.42 56.46 -0.49
C ARG A 74 26.42 57.08 -1.90
N ASP A 80 31.29 55.37 -4.46
CA ASP A 80 30.68 54.05 -4.65
C ASP A 80 29.17 54.24 -4.52
N GLU A 81 28.49 54.60 -5.62
CA GLU A 81 27.03 54.86 -5.67
C GLU A 81 26.15 53.70 -5.19
N GLY A 82 26.42 53.26 -3.97
CA GLY A 82 25.73 52.14 -3.35
C GLY A 82 26.60 50.91 -3.34
N ARG A 83 27.53 50.82 -4.29
CA ARG A 83 28.45 49.69 -4.48
C ARG A 83 29.09 49.07 -3.23
N ALA A 84 29.87 49.85 -2.48
CA ALA A 84 30.55 49.35 -1.28
C ALA A 84 29.58 48.77 -0.25
N PHE A 85 28.44 49.45 -0.07
CA PHE A 85 27.40 49.03 0.86
C PHE A 85 26.75 47.74 0.33
N VAL A 86 26.39 47.75 -0.95
CA VAL A 86 25.76 46.59 -1.61
C VAL A 86 26.66 45.35 -1.62
N THR A 87 27.97 45.54 -1.76
CA THR A 87 28.95 44.44 -1.75
C THR A 87 29.01 43.86 -0.34
N ASP A 88 29.15 44.73 0.67
CA ASP A 88 29.20 44.36 2.09
C ASP A 88 27.96 43.57 2.54
N LEU A 89 26.79 44.05 2.11
CA LEU A 89 25.48 43.46 2.40
C LEU A 89 25.33 42.05 1.84
N PHE A 90 25.63 41.90 0.55
CA PHE A 90 25.51 40.60 -0.11
C PHE A 90 26.54 39.56 0.30
N GLU A 91 27.72 40.02 0.73
CA GLU A 91 28.77 39.11 1.18
C GLU A 91 28.40 38.57 2.55
N ALA A 92 27.85 39.44 3.39
CA ALA A 92 27.42 39.10 4.75
C ALA A 92 26.19 38.19 4.71
N CYS A 93 25.35 38.37 3.68
CA CYS A 93 24.16 37.56 3.48
C CYS A 93 24.57 36.13 3.09
N SER A 94 25.47 36.01 2.11
CA SER A 94 25.97 34.71 1.64
C SER A 94 26.77 33.97 2.71
N ALA A 95 27.39 34.72 3.61
CA ALA A 95 28.17 34.17 4.72
C ALA A 95 27.19 33.54 5.74
N LEU A 96 26.05 34.21 5.97
CA LEU A 96 25.02 33.75 6.89
C LEU A 96 24.28 32.52 6.36
N LEU A 98 25.23 30.42 4.08
CA LEU A 98 26.17 29.31 3.88
C LEU A 98 26.35 28.59 5.21
N ASP A 99 26.49 29.37 6.27
CA ASP A 99 26.64 28.84 7.62
C ASP A 99 25.34 28.26 8.17
N LEU A 100 24.21 28.72 7.65
CA LEU A 100 22.92 28.23 8.09
C LEU A 100 22.64 26.86 7.49
N ALA A 101 22.95 26.71 6.21
CA ALA A 101 22.76 25.45 5.51
C ALA A 101 23.73 24.37 6.00
N HIS A 102 24.95 24.80 6.32
CA HIS A 102 26.01 23.91 6.82
C HIS A 102 26.09 23.82 8.34
N CYS A 103 24.98 24.14 9.02
CA CYS A 103 24.89 24.08 10.48
C CYS A 103 24.70 22.61 10.91
N PRO A 104 25.58 22.08 11.80
CA PRO A 104 25.50 20.69 12.27
C PRO A 104 24.22 20.38 13.05
N LYS A 105 23.61 21.42 13.61
CA LYS A 105 22.37 21.31 14.38
C LYS A 105 21.15 21.47 13.45
N PRO A 106 20.06 20.70 13.68
CA PRO A 106 18.86 20.81 12.84
C PRO A 106 18.18 22.17 12.91
N THR A 107 17.87 22.72 11.73
CA THR A 107 17.21 24.02 11.61
C THR A 107 15.85 23.83 10.93
N ILE A 108 14.80 24.42 11.50
CA ILE A 108 13.45 24.31 10.97
C ILE A 108 12.82 25.69 10.69
N ALA A 109 12.13 25.80 9.57
CA ALA A 109 11.45 27.03 9.19
C ALA A 109 9.93 26.89 9.37
N LEU A 110 9.35 27.82 10.13
CA LEU A 110 7.91 27.86 10.40
C LEU A 110 7.35 29.00 9.54
N VAL A 111 6.60 28.65 8.49
CA VAL A 111 6.05 29.64 7.56
C VAL A 111 4.52 29.73 7.63
N GLU A 112 4.03 30.95 7.88
CA GLU A 112 2.60 31.23 7.96
C GLU A 112 2.14 32.14 6.82
N GLY A 113 3.11 32.79 6.16
CA GLY A 113 2.79 33.71 5.08
C GLY A 113 3.68 33.75 3.85
N ILE A 114 3.90 34.96 3.32
CA ILE A 114 4.72 35.15 2.13
C ILE A 114 6.22 35.26 2.35
N ALA A 115 6.94 34.36 1.70
CA ALA A 115 8.40 34.30 1.76
C ALA A 115 8.92 34.73 0.40
N THR A 116 9.46 35.95 0.36
CA THR A 116 10.00 36.56 -0.86
C THR A 116 11.49 36.82 -0.83
N ALA A 117 12.11 36.68 -2.01
CA ALA A 117 13.53 36.92 -2.21
C ALA A 117 14.47 36.22 -1.22
N ALA A 118 15.25 37.00 -0.48
CA ALA A 118 16.19 36.47 0.50
C ALA A 118 15.48 35.78 1.65
N GLY A 119 14.19 36.08 1.79
CA GLY A 119 13.35 35.47 2.80
C GLY A 119 13.01 34.03 2.42
N LEU A 120 12.86 33.80 1.12
CA LEU A 120 12.59 32.46 0.59
C LEU A 120 13.90 31.67 0.65
N GLN A 121 15.02 32.40 0.58
CA GLN A 121 16.37 31.82 0.66
C GLN A 121 16.62 31.31 2.07
N LEU A 122 16.24 32.14 3.06
CA LEU A 122 16.38 31.85 4.49
C LEU A 122 15.63 30.57 4.86
N ALA A 124 14.81 28.26 2.56
CA ALA A 124 15.49 27.22 1.76
C ALA A 124 16.77 26.67 2.40
N ALA A 125 17.51 27.57 3.06
CA ALA A 125 18.76 27.24 3.74
C ALA A 125 18.54 26.39 4.98
N CYS A 126 17.30 26.37 5.49
CA CYS A 126 16.95 25.57 6.66
C CYS A 126 16.87 24.08 6.25
N ASP A 127 17.15 23.18 7.20
CA ASP A 127 17.11 21.75 6.93
C ASP A 127 15.69 21.26 6.64
N LEU A 128 14.72 21.87 7.31
CA LEU A 128 13.30 21.54 7.17
C LEU A 128 12.44 22.80 7.05
N ALA A 129 11.23 22.64 6.53
CA ALA A 129 10.30 23.76 6.37
C ALA A 129 8.85 23.30 6.42
N TYR A 130 8.07 23.94 7.28
CA TYR A 130 6.65 23.63 7.42
C TYR A 130 5.79 24.86 7.18
N ALA A 131 4.68 24.68 6.47
CA ALA A 131 3.82 25.78 6.13
C ALA A 131 2.33 25.55 6.31
N SER A 132 1.61 26.65 6.25
CA SER A 132 0.16 26.70 6.36
C SER A 132 -0.38 26.89 4.93
N PRO A 133 -1.68 26.60 4.67
CA PRO A 133 -2.22 26.78 3.31
C PRO A 133 -2.07 28.18 2.68
N ALA A 134 -2.16 29.22 3.50
CA ALA A 134 -2.07 30.61 3.06
C ALA A 134 -0.64 31.07 2.74
N ALA A 135 0.34 30.22 3.08
CA ALA A 135 1.74 30.51 2.82
C ALA A 135 2.02 30.58 1.32
N ARG A 136 2.71 31.65 0.93
CA ARG A 136 3.06 31.91 -0.44
C ARG A 136 4.57 32.07 -0.60
N PHE A 137 5.07 31.67 -1.77
CA PHE A 137 6.49 31.68 -2.05
C PHE A 137 6.77 32.42 -3.34
N CYS A 138 7.83 33.23 -3.36
CA CYS A 138 8.17 34.00 -4.55
C CYS A 138 9.61 34.49 -4.65
N LEU A 139 10.08 34.61 -5.90
CA LEU A 139 11.41 35.16 -6.23
C LEU A 139 11.07 36.30 -7.21
N PRO A 140 10.75 37.51 -6.68
CA PRO A 140 10.37 38.68 -7.48
C PRO A 140 11.44 39.53 -8.18
N GLY A 141 12.66 39.01 -8.29
CA GLY A 141 13.75 39.72 -8.92
C GLY A 141 13.56 40.47 -10.22
N VAL A 142 12.85 39.87 -11.17
CA VAL A 142 12.60 40.47 -12.48
C VAL A 142 11.70 41.70 -12.50
N GLN A 143 10.77 41.78 -11.55
CA GLN A 143 9.82 42.89 -11.44
C GLN A 143 10.50 44.25 -11.19
N ASN A 144 11.55 44.25 -10.35
CA ASN A 144 12.31 45.45 -10.02
C ASN A 144 13.48 45.69 -10.98
N GLY A 145 13.56 44.85 -12.02
CA GLY A 145 14.63 44.97 -13.00
C GLY A 145 15.96 44.34 -12.64
N GLY A 146 15.91 43.34 -11.76
CA GLY A 146 17.11 42.65 -11.33
C GLY A 146 16.88 41.16 -11.51
N PHE A 147 17.54 40.36 -10.67
CA PHE A 147 17.42 38.91 -10.70
C PHE A 147 17.85 38.38 -9.34
N THR A 149 19.70 36.13 -7.99
CA THR A 149 20.85 35.24 -8.11
C THR A 149 21.21 34.51 -6.82
N THR A 150 21.51 35.24 -5.74
CA THR A 150 21.83 34.63 -4.45
C THR A 150 20.67 33.80 -3.87
N PRO A 151 19.39 34.31 -3.91
CA PRO A 151 18.30 33.49 -3.38
C PRO A 151 18.07 32.21 -4.20
N ALA A 152 18.38 32.29 -5.50
CA ALA A 152 18.25 31.17 -6.43
C ALA A 152 19.19 30.03 -6.09
N VAL A 153 20.28 30.35 -5.39
CA VAL A 153 21.27 29.36 -4.99
C VAL A 153 20.72 28.37 -3.97
N ALA A 154 20.17 28.87 -2.87
CA ALA A 154 19.62 27.99 -1.83
C ALA A 154 18.35 27.28 -2.32
N VAL A 155 17.54 27.99 -3.13
CA VAL A 155 16.29 27.45 -3.68
C VAL A 155 16.56 26.31 -4.67
N SER A 156 17.63 26.45 -5.45
CA SER A 156 18.04 25.47 -6.46
C SER A 156 18.50 24.13 -5.93
N ARG A 157 18.88 24.10 -4.65
CA ARG A 157 19.35 22.87 -3.99
C ARG A 157 18.18 22.14 -3.30
N VAL A 158 17.03 22.79 -3.28
CA VAL A 158 15.83 22.26 -2.65
C VAL A 158 14.69 21.86 -3.61
N ILE A 159 14.66 22.45 -4.82
CA ILE A 159 13.65 22.10 -5.83
C ILE A 159 14.28 21.72 -7.17
N GLY A 160 13.44 21.19 -8.07
CA GLY A 160 13.90 20.77 -9.41
C GLY A 160 14.34 21.92 -10.31
N ARG A 161 15.16 21.63 -11.33
CA ARG A 161 15.69 22.65 -12.23
C ARG A 161 14.68 23.54 -12.93
N ARG A 162 13.61 22.93 -13.45
CA ARG A 162 12.53 23.62 -14.14
C ARG A 162 11.75 24.55 -13.22
N ALA A 163 11.59 24.09 -11.98
CA ALA A 163 10.87 24.82 -10.95
C ALA A 163 11.62 26.09 -10.51
N VAL A 164 12.94 26.00 -10.39
CA VAL A 164 13.74 27.18 -9.97
C VAL A 164 13.80 28.20 -11.08
N THR A 165 13.90 27.69 -12.31
CA THR A 165 13.98 28.53 -13.49
C THR A 165 12.68 29.30 -13.72
N GLU A 166 11.54 28.70 -13.39
CA GLU A 166 10.25 29.37 -13.55
C GLU A 166 10.05 30.45 -12.49
N ALA A 168 12.35 32.07 -10.91
CA ALA A 168 13.34 33.09 -11.23
C ALA A 168 13.01 33.98 -12.43
N LEU A 169 12.58 33.34 -13.53
CA LEU A 169 12.24 34.06 -14.76
C LEU A 169 10.92 34.82 -14.76
N THR A 170 9.84 34.18 -14.32
CA THR A 170 8.51 34.80 -14.30
C THR A 170 8.31 35.75 -13.12
N GLY A 171 8.91 35.42 -11.98
CA GLY A 171 8.78 36.22 -10.77
C GLY A 171 7.41 36.10 -10.13
N ALA A 172 6.67 35.07 -10.54
CA ALA A 172 5.33 34.80 -10.06
C ALA A 172 5.24 34.34 -8.61
N THR A 173 4.03 34.44 -8.05
CA THR A 173 3.77 34.04 -6.67
C THR A 173 3.13 32.66 -6.72
N TYR A 174 3.67 31.76 -5.91
CA TYR A 174 3.19 30.38 -5.85
C TYR A 174 2.59 30.03 -4.48
N ASP A 175 1.58 29.16 -4.49
CA ASP A 175 0.91 28.73 -3.26
C ASP A 175 1.59 27.53 -2.59
N ALA A 176 1.03 27.13 -1.44
CA ALA A 176 1.53 26.03 -0.64
C ALA A 176 1.54 24.64 -1.28
N ASP A 177 0.51 24.35 -2.09
CA ASP A 177 0.37 23.05 -2.78
C ASP A 177 1.46 22.82 -3.83
N TRP A 178 1.86 23.91 -4.51
CA TRP A 178 2.92 23.85 -5.53
C TRP A 178 4.28 23.66 -4.84
N ALA A 179 4.45 24.32 -3.70
CA ALA A 179 5.69 24.24 -2.94
C ALA A 179 5.93 22.85 -2.34
N LEU A 180 4.85 22.15 -2.00
CA LEU A 180 4.94 20.80 -1.45
C LEU A 180 5.34 19.80 -2.54
N ALA A 181 4.78 19.98 -3.74
CA ALA A 181 5.06 19.09 -4.88
C ALA A 181 6.51 19.26 -5.38
N ALA A 182 6.96 20.52 -5.38
CA ALA A 182 8.31 20.88 -5.83
C ALA A 182 9.37 20.53 -4.78
N GLY A 183 8.94 20.25 -3.55
CA GLY A 183 9.86 19.91 -2.48
C GLY A 183 10.46 21.13 -1.79
N LEU A 184 9.77 22.27 -1.87
CA LEU A 184 10.20 23.51 -1.23
C LEU A 184 9.88 23.46 0.26
N ILE A 185 8.76 22.83 0.59
CA ILE A 185 8.35 22.62 1.97
C ILE A 185 8.15 21.12 2.19
N ASN A 186 8.34 20.68 3.43
CA ASN A 186 8.19 19.27 3.80
C ASN A 186 6.75 18.78 3.91
N ARG A 187 5.90 19.50 4.65
CA ARG A 187 4.47 19.15 4.85
C ARG A 187 3.59 20.40 5.05
N ILE A 188 2.33 20.31 4.61
CA ILE A 188 1.37 21.41 4.78
C ILE A 188 0.50 21.03 5.98
N LEU A 189 0.46 21.93 6.96
CA LEU A 189 -0.31 21.72 8.19
C LEU A 189 -1.18 22.96 8.45
N PRO A 190 -2.45 22.77 8.91
CA PRO A 190 -3.38 23.88 9.20
C PRO A 190 -2.82 24.88 10.23
N GLU A 191 -3.24 26.14 10.12
CA GLU A 191 -2.78 27.25 10.98
C GLU A 191 -2.85 27.05 12.50
N ALA A 192 -3.86 26.29 12.93
CA ALA A 192 -4.08 25.99 14.35
C ALA A 192 -3.13 24.90 14.88
N ALA A 193 -2.68 24.03 13.97
CA ALA A 193 -1.80 22.92 14.31
C ALA A 193 -0.34 23.08 13.87
N LEU A 194 -0.04 24.17 13.17
CA LEU A 194 1.32 24.43 12.65
C LEU A 194 2.37 24.67 13.72
N ALA A 195 2.16 25.73 14.51
CA ALA A 195 3.06 26.14 15.59
C ALA A 195 3.28 25.09 16.66
N THR A 196 2.38 24.11 16.72
CA THR A 196 2.48 23.02 17.69
C THR A 196 3.28 21.85 17.11
N HIS A 197 3.05 21.55 15.83
CA HIS A 197 3.75 20.45 15.12
C HIS A 197 5.25 20.72 15.06
N VAL A 198 5.61 21.95 14.70
CA VAL A 198 7.01 22.38 14.59
C VAL A 198 7.68 22.31 15.96
N ALA A 199 6.95 22.73 17.00
CA ALA A 199 7.47 22.69 18.38
C ALA A 199 7.62 21.24 18.86
N ASP A 200 6.64 20.39 18.54
CA ASP A 200 6.65 18.97 18.91
C ASP A 200 7.75 18.21 18.20
N LEU A 201 7.92 18.50 16.91
CA LEU A 201 8.95 17.87 16.07
C LEU A 201 10.33 18.32 16.53
N ALA A 202 10.46 19.61 16.84
CA ALA A 202 11.71 20.21 17.32
C ALA A 202 12.11 19.65 18.69
N GLY A 203 11.11 19.39 19.51
CA GLY A 203 11.33 18.82 20.83
C GLY A 203 11.76 17.38 20.71
N ALA A 204 11.11 16.64 19.80
CA ALA A 204 11.42 15.23 19.53
C ALA A 204 12.86 15.07 19.05
N LEU A 205 13.28 15.99 18.18
CA LEU A 205 14.64 16.05 17.63
C LEU A 205 15.68 16.42 18.68
N ALA A 206 15.26 17.26 19.64
CA ALA A 206 16.14 17.70 20.73
C ALA A 206 16.34 16.63 21.80
N ALA A 207 15.39 15.70 21.88
CA ALA A 207 15.41 14.61 22.86
C ALA A 207 16.19 13.37 22.42
N ARG A 208 16.57 13.30 21.14
CA ARG A 208 17.32 12.16 20.60
C ARG A 208 18.80 12.30 20.94
N ASN A 209 19.56 11.22 20.77
CA ASN A 209 21.01 11.22 21.04
C ASN A 209 21.70 12.19 20.08
N GLN A 210 22.18 13.27 20.69
CA GLN A 210 22.81 14.42 20.05
C GLN A 210 24.11 14.29 19.23
N ALA A 211 25.08 13.51 19.71
CA ALA A 211 26.33 13.36 18.99
C ALA A 211 26.20 12.69 17.61
N PRO A 212 25.51 11.52 17.51
CA PRO A 212 25.39 10.92 16.17
C PRO A 212 24.44 11.68 15.23
N LEU A 213 23.62 12.55 15.80
CA LEU A 213 22.65 13.35 15.03
C LEU A 213 23.34 14.45 14.24
N ARG A 214 24.24 15.17 14.92
CA ARG A 214 25.00 16.27 14.34
C ARG A 214 26.07 15.77 13.38
N ARG A 215 26.72 14.66 13.73
CA ARG A 215 27.77 14.05 12.92
C ARG A 215 27.19 13.42 11.65
N GLY A 216 25.92 13.01 11.74
CA GLY A 216 25.24 12.42 10.61
C GLY A 216 24.71 13.46 9.64
N LEU A 217 24.18 14.57 10.17
CA LEU A 217 23.63 15.68 9.37
C LEU A 217 24.77 16.43 8.67
N GLU A 218 25.90 16.57 9.35
CA GLU A 218 27.09 17.24 8.82
C GLU A 218 27.58 16.45 7.61
N THR A 219 27.52 15.12 7.75
CA THR A 219 27.94 14.16 6.71
C THR A 219 26.97 14.12 5.52
N LEU A 220 25.66 14.20 5.79
CA LEU A 220 24.63 14.21 4.74
C LEU A 220 24.79 15.42 3.82
N ASN A 221 25.05 16.59 4.43
CA ASN A 221 25.22 17.84 3.70
C ASN A 221 26.41 17.83 2.75
N ARG A 222 27.54 17.29 3.21
CA ARG A 222 28.74 17.26 2.36
C ARG A 222 28.84 16.10 1.38
N HIS A 223 28.16 14.97 1.66
CA HIS A 223 28.21 13.84 0.74
C HIS A 223 27.30 14.03 -0.48
N LEU A 224 26.34 14.95 -0.33
CA LEU A 224 25.40 15.31 -1.38
C LEU A 224 26.11 16.10 -2.49
N GLU A 225 27.27 16.64 -2.13
CA GLU A 225 28.13 17.42 -3.04
C GLU A 225 29.35 16.59 -3.48
N LEU A 226 29.21 15.27 -3.42
CA LEU A 226 30.28 14.33 -3.78
C LEU A 226 29.81 13.18 -4.69
N PRO A 227 30.73 12.53 -5.45
CA PRO A 227 30.29 11.42 -6.30
C PRO A 227 30.03 10.20 -5.37
N LEU A 228 29.28 9.20 -5.84
CA LEU A 228 28.92 8.01 -5.03
C LEU A 228 30.02 7.33 -4.22
N GLU A 229 31.10 6.94 -4.90
CA GLU A 229 32.24 6.27 -4.28
C GLU A 229 32.92 7.08 -3.18
N GLN A 230 33.08 8.38 -3.42
CA GLN A 230 33.69 9.28 -2.43
C GLN A 230 32.76 9.53 -1.25
N ALA A 231 31.46 9.52 -1.51
CA ALA A 231 30.44 9.73 -0.47
C ALA A 231 30.41 8.53 0.48
N TYR A 232 30.64 7.34 -0.09
CA TYR A 232 30.68 6.11 0.67
C TYR A 232 31.96 6.00 1.47
N ALA A 233 33.01 6.70 1.03
CA ALA A 233 34.30 6.71 1.73
C ALA A 233 34.26 7.62 2.98
N LEU A 234 33.46 8.68 2.91
CA LEU A 234 33.30 9.62 4.01
C LEU A 234 32.26 9.14 5.03
N ALA A 235 31.18 8.53 4.51
CA ALA A 235 30.07 8.05 5.33
C ALA A 235 30.28 6.77 6.15
N THR A 236 31.04 5.82 5.62
CA THR A 236 31.31 4.56 6.32
C THR A 236 32.00 4.72 7.70
N PRO A 237 33.13 5.49 7.83
CA PRO A 237 33.70 5.61 9.18
C PRO A 237 32.79 6.37 10.17
N VAL A 238 31.92 7.22 9.63
CA VAL A 238 30.96 8.00 10.44
C VAL A 238 29.87 7.05 10.94
N VAL A 240 30.37 3.96 11.54
CA VAL A 240 31.07 3.13 12.53
C VAL A 240 31.04 3.87 13.87
N GLU A 241 31.26 5.18 13.80
CA GLU A 241 31.27 6.07 14.96
C GLU A 241 29.90 6.15 15.63
N HIS A 242 28.81 5.98 14.87
CA HIS A 242 27.44 6.04 15.40
C HIS A 242 27.19 4.88 16.35
N PHE A 243 27.53 3.68 15.88
CA PHE A 243 27.38 2.42 16.61
C PHE A 243 28.30 2.29 17.82
N LEU B 8 22.06 -16.58 3.54
CA LEU B 8 21.02 -17.41 2.87
C LEU B 8 20.31 -16.64 1.76
N LEU B 9 20.47 -17.14 0.53
CA LEU B 9 19.90 -16.53 -0.66
C LEU B 9 19.40 -17.57 -1.65
N GLY B 10 18.26 -17.29 -2.25
CA GLY B 10 17.69 -18.17 -3.26
C GLY B 10 17.93 -17.57 -4.63
N GLU B 11 18.46 -18.38 -5.55
CA GLU B 11 18.74 -17.95 -6.92
C GLU B 11 18.05 -18.82 -7.95
N VAL B 12 17.36 -18.18 -8.90
CA VAL B 12 16.66 -18.85 -10.01
C VAL B 12 16.76 -18.01 -11.27
N LEU B 13 17.26 -18.61 -12.35
CA LEU B 13 17.40 -17.94 -13.64
C LEU B 13 16.31 -18.40 -14.61
N SER B 14 15.61 -17.45 -15.21
CA SER B 14 14.53 -17.72 -16.17
C SER B 14 14.51 -16.65 -17.27
N GLU B 15 14.83 -17.05 -18.49
CA GLU B 15 14.88 -16.19 -19.69
C GLU B 15 15.69 -14.89 -19.49
N GLY B 16 16.92 -15.06 -18.98
CA GLY B 16 17.80 -13.93 -18.73
C GLY B 16 17.59 -13.15 -17.42
N VAL B 17 16.46 -13.40 -16.77
CA VAL B 17 16.11 -12.74 -15.52
C VAL B 17 16.59 -13.56 -14.32
N LEU B 18 17.46 -12.96 -13.49
CA LEU B 18 17.97 -13.60 -12.27
C LEU B 18 17.30 -12.97 -11.04
N THR B 19 16.47 -13.77 -10.38
CA THR B 19 15.77 -13.33 -9.20
C THR B 19 16.50 -13.79 -7.95
N LEU B 20 16.85 -12.79 -7.13
CA LEU B 20 17.53 -12.96 -5.87
C LEU B 20 16.48 -12.84 -4.79
N THR B 21 16.09 -13.99 -4.23
CA THR B 21 15.08 -14.04 -3.20
C THR B 21 15.73 -14.16 -1.82
N LEU B 22 15.76 -13.04 -1.11
CA LEU B 22 16.33 -12.92 0.23
C LEU B 22 15.72 -13.89 1.27
N GLY B 23 16.57 -14.72 1.86
CA GLY B 23 16.11 -15.66 2.86
C GLY B 23 16.07 -15.04 4.26
N ARG B 24 16.16 -15.89 5.29
CA ARG B 24 16.15 -15.49 6.70
C ARG B 24 14.87 -14.73 7.07
N ALA B 25 13.74 -15.32 6.68
CA ALA B 25 12.39 -14.81 6.94
C ALA B 25 12.17 -14.58 8.44
N PRO B 26 11.38 -13.55 8.83
CA PRO B 26 10.67 -12.54 8.04
C PRO B 26 11.39 -11.22 7.76
N ALA B 27 12.30 -10.83 8.65
CA ALA B 27 13.05 -9.58 8.56
C ALA B 27 14.09 -9.44 7.45
N HIS B 28 14.49 -10.59 6.88
CA HIS B 28 15.50 -10.69 5.80
C HIS B 28 16.71 -9.79 6.13
N PRO B 29 17.32 -9.98 7.33
CA PRO B 29 18.45 -9.13 7.69
C PRO B 29 19.76 -9.20 6.92
N LEU B 30 20.35 -8.03 6.75
CA LEU B 30 21.63 -7.86 6.08
C LEU B 30 22.75 -8.09 7.10
N SER B 31 22.93 -9.36 7.47
CA SER B 31 23.99 -9.77 8.38
C SER B 31 25.27 -9.78 7.52
N ARG B 32 26.43 -10.05 8.13
CA ARG B 32 27.68 -10.09 7.38
C ARG B 32 27.68 -11.22 6.34
N ALA B 33 27.04 -12.33 6.69
CA ALA B 33 26.94 -13.50 5.81
C ALA B 33 25.94 -13.30 4.67
N ILE B 35 25.31 -10.15 3.34
CA ILE B 35 25.97 -9.15 2.50
C ILE B 35 26.96 -9.87 1.58
N ALA B 36 27.69 -10.85 2.13
CA ALA B 36 28.67 -11.64 1.37
C ALA B 36 27.97 -12.49 0.32
N ALA B 37 26.83 -13.09 0.69
CA ALA B 37 26.04 -13.92 -0.21
C ALA B 37 25.46 -13.08 -1.35
N LEU B 38 25.02 -11.87 -1.03
CA LEU B 38 24.45 -10.95 -2.01
C LEU B 38 25.51 -10.42 -2.95
N HIS B 39 26.73 -10.25 -2.43
CA HIS B 39 27.84 -9.74 -3.23
C HIS B 39 28.40 -10.83 -4.16
N ASP B 40 28.43 -12.07 -3.66
CA ASP B 40 28.91 -13.21 -4.42
C ASP B 40 27.99 -13.48 -5.61
N ALA B 41 26.68 -13.30 -5.38
CA ALA B 41 25.65 -13.50 -6.38
C ALA B 41 25.70 -12.42 -7.47
N LEU B 42 26.15 -11.23 -7.08
CA LEU B 42 26.27 -10.08 -7.96
C LEU B 42 27.55 -10.14 -8.81
N ARG B 43 28.66 -10.58 -8.20
CA ARG B 43 29.95 -10.72 -8.89
C ARG B 43 29.86 -11.76 -9.98
N ARG B 44 29.08 -12.81 -9.71
CA ARG B 44 28.85 -13.91 -10.64
C ARG B 44 27.87 -13.51 -11.73
N ALA B 45 26.89 -12.68 -11.37
CA ALA B 45 25.87 -12.20 -12.31
C ALA B 45 26.43 -11.23 -13.34
N GLY B 47 29.37 -11.23 -14.43
CA GLY B 47 30.32 -11.95 -15.26
C GLY B 47 29.68 -13.06 -16.09
N ASP B 48 28.38 -13.27 -15.91
CA ASP B 48 27.62 -14.31 -16.63
C ASP B 48 26.80 -13.70 -17.78
N ASP B 49 27.09 -14.15 -19.00
CA ASP B 49 26.40 -13.69 -20.22
C ASP B 49 24.94 -14.10 -20.27
N HIS B 50 24.58 -15.13 -19.49
CA HIS B 50 23.22 -15.66 -19.41
C HIS B 50 22.32 -14.76 -18.57
N VAL B 51 22.92 -14.10 -17.58
CA VAL B 51 22.21 -13.17 -16.70
C VAL B 51 22.15 -11.81 -17.38
N HIS B 52 20.94 -11.39 -17.75
CA HIS B 52 20.74 -10.12 -18.41
C HIS B 52 20.21 -9.04 -17.47
N VAL B 53 19.29 -9.41 -16.58
CA VAL B 53 18.68 -8.50 -15.61
C VAL B 53 18.58 -9.11 -14.21
N LEU B 54 18.70 -8.26 -13.19
CA LEU B 54 18.63 -8.69 -11.78
C LEU B 54 17.37 -8.20 -11.09
N VAL B 55 16.74 -9.10 -10.33
CA VAL B 55 15.55 -8.78 -9.54
C VAL B 55 15.89 -9.17 -8.10
N ILE B 56 15.72 -8.21 -7.18
CA ILE B 56 15.98 -8.41 -5.76
C ILE B 56 14.62 -8.39 -5.05
N HIS B 57 14.25 -9.55 -4.50
CA HIS B 57 12.98 -9.71 -3.83
C HIS B 57 13.16 -10.12 -2.37
N GLY B 58 12.62 -9.28 -1.48
CA GLY B 58 12.60 -9.54 -0.05
C GLY B 58 11.12 -9.79 0.16
N PRO B 59 10.63 -11.06 0.15
CA PRO B 59 9.20 -11.39 0.32
C PRO B 59 8.51 -11.07 1.63
N GLY B 60 7.20 -10.82 1.53
CA GLY B 60 6.35 -10.57 2.68
C GLY B 60 6.24 -9.24 3.37
N ARG B 61 5.78 -9.33 4.62
CA ARG B 61 5.56 -8.20 5.54
C ARG B 61 6.75 -7.20 5.59
N ILE B 62 7.96 -7.73 5.54
CA ILE B 62 9.18 -6.91 5.59
C ILE B 62 10.02 -7.17 4.33
N PHE B 63 10.40 -6.11 3.63
CA PHE B 63 11.27 -6.25 2.46
C PHE B 63 12.66 -6.61 2.98
N CYS B 64 13.14 -5.80 3.91
CA CYS B 64 14.44 -5.96 4.55
C CYS B 64 14.53 -4.96 5.70
N ALA B 65 14.86 -5.47 6.88
CA ALA B 65 14.96 -4.65 8.09
C ALA B 65 16.31 -3.93 8.21
N GLY B 66 17.27 -4.36 7.38
CA GLY B 66 18.58 -3.78 7.41
C GLY B 66 19.49 -4.76 8.11
N HIS B 67 20.57 -4.25 8.71
CA HIS B 67 21.53 -5.10 9.44
C HIS B 67 20.87 -5.68 10.69
N ASP B 68 21.19 -6.93 11.03
CA ASP B 68 20.63 -7.49 12.25
C ASP B 68 21.50 -7.06 13.42
N LEU B 69 20.82 -6.59 14.46
CA LEU B 69 21.47 -6.14 15.66
C LEU B 69 21.96 -7.35 16.45
N LYS B 70 23.11 -7.88 16.02
CA LYS B 70 23.79 -9.02 16.63
C LYS B 70 24.95 -8.51 17.48
N GLU B 71 25.36 -9.33 18.45
CA GLU B 71 26.40 -8.96 19.41
C GLU B 71 27.82 -9.55 19.35
N ILE B 72 28.78 -8.67 19.11
CA ILE B 72 30.20 -8.99 19.11
C ILE B 72 30.80 -8.02 20.14
N GLY B 73 31.32 -8.56 21.23
CA GLY B 73 31.90 -7.73 22.29
C GLY B 73 33.14 -8.33 22.93
N ARG B 74 34.31 -8.03 22.35
CA ARG B 74 35.60 -8.50 22.85
C ARG B 74 36.53 -7.35 23.24
N HIS B 75 36.92 -6.53 22.26
CA HIS B 75 37.81 -5.39 22.48
C HIS B 75 37.05 -4.11 22.86
N ARG B 83 34.57 -2.90 17.56
CA ARG B 83 34.90 -2.00 16.47
C ARG B 83 35.22 -2.73 15.18
N ALA B 84 36.19 -3.65 15.24
CA ALA B 84 36.65 -4.43 14.08
C ALA B 84 35.57 -5.14 13.28
N PHE B 85 34.52 -5.58 13.98
CA PHE B 85 33.39 -6.25 13.36
C PHE B 85 32.46 -5.27 12.66
N VAL B 86 32.14 -4.17 13.34
CA VAL B 86 31.27 -3.15 12.78
C VAL B 86 31.94 -2.42 11.59
N THR B 87 33.27 -2.31 11.64
CA THR B 87 34.06 -1.68 10.58
C THR B 87 34.09 -2.60 9.35
N ASP B 88 34.16 -3.90 9.58
CA ASP B 88 34.17 -4.90 8.50
C ASP B 88 32.77 -4.99 7.87
N LEU B 89 31.75 -4.92 8.73
CA LEU B 89 30.34 -4.98 8.34
C LEU B 89 29.94 -3.86 7.39
N PHE B 90 30.16 -2.62 7.82
CA PHE B 90 29.82 -1.43 7.04
C PHE B 90 30.63 -1.22 5.76
N GLU B 91 31.94 -1.54 5.79
CA GLU B 91 32.81 -1.42 4.61
C GLU B 91 32.41 -2.43 3.53
N ALA B 92 31.94 -3.60 3.97
CA ALA B 92 31.49 -4.66 3.07
C ALA B 92 30.09 -4.33 2.55
N CYS B 93 29.30 -3.66 3.40
CA CYS B 93 27.94 -3.27 3.02
C CYS B 93 28.02 -2.15 1.98
N SER B 94 28.95 -1.21 2.17
CA SER B 94 29.17 -0.10 1.25
C SER B 94 29.72 -0.58 -0.07
N ALA B 95 30.57 -1.60 -0.02
CA ALA B 95 31.17 -2.19 -1.23
C ALA B 95 30.12 -2.89 -2.10
N LEU B 96 29.11 -3.46 -1.45
CA LEU B 96 28.00 -4.15 -2.13
C LEU B 96 27.09 -3.13 -2.80
N LEU B 98 27.69 -0.09 -3.62
CA LEU B 98 28.41 0.66 -4.66
C LEU B 98 28.32 -0.14 -5.95
N ASP B 99 28.78 -1.39 -5.88
CA ASP B 99 28.78 -2.35 -6.99
C ASP B 99 27.40 -2.57 -7.61
N LEU B 100 26.36 -2.54 -6.76
CA LEU B 100 24.97 -2.73 -7.16
C LEU B 100 24.38 -1.51 -7.89
N ALA B 101 24.76 -0.31 -7.45
CA ALA B 101 24.28 0.91 -8.07
C ALA B 101 25.03 1.18 -9.37
N HIS B 102 26.31 0.79 -9.41
CA HIS B 102 27.18 0.97 -10.60
C HIS B 102 27.17 -0.27 -11.52
N CYS B 103 26.24 -1.21 -11.27
CA CYS B 103 26.11 -2.44 -12.05
C CYS B 103 25.54 -2.13 -13.44
N PRO B 104 26.28 -2.48 -14.52
CA PRO B 104 25.88 -2.25 -15.91
C PRO B 104 24.54 -2.88 -16.30
N LYS B 105 24.22 -4.02 -15.66
CA LYS B 105 22.97 -4.76 -15.89
C LYS B 105 21.86 -4.20 -15.00
N PRO B 106 20.63 -4.05 -15.53
CA PRO B 106 19.49 -3.52 -14.76
C PRO B 106 19.14 -4.28 -13.49
N THR B 107 18.98 -3.54 -12.40
CA THR B 107 18.63 -4.10 -11.09
C THR B 107 17.26 -3.56 -10.67
N ILE B 108 16.35 -4.48 -10.35
CA ILE B 108 14.97 -4.13 -9.96
C ILE B 108 14.60 -4.70 -8.59
N ALA B 109 14.06 -3.84 -7.74
CA ALA B 109 13.62 -4.23 -6.41
C ALA B 109 12.10 -4.40 -6.36
N LEU B 110 11.65 -5.54 -5.84
CA LEU B 110 10.22 -5.87 -5.68
C LEU B 110 9.93 -5.76 -4.17
N VAL B 111 9.18 -4.71 -3.80
CA VAL B 111 8.83 -4.41 -2.41
C VAL B 111 7.34 -4.61 -2.07
N GLU B 112 7.07 -5.50 -1.11
CA GLU B 112 5.70 -5.82 -0.66
C GLU B 112 5.41 -5.32 0.75
N GLY B 113 6.48 -5.02 1.51
CA GLY B 113 6.33 -4.55 2.87
C GLY B 113 7.25 -3.41 3.28
N ILE B 114 7.68 -3.43 4.53
CA ILE B 114 8.55 -2.37 5.05
C ILE B 114 10.04 -2.50 4.69
N ALA B 115 10.57 -1.40 4.18
CA ALA B 115 11.98 -1.30 3.80
C ALA B 115 12.58 -0.28 4.77
N THR B 116 13.31 -0.79 5.75
CA THR B 116 13.91 0.05 6.78
C THR B 116 15.43 -0.04 6.89
N ALA B 117 16.03 1.11 7.19
CA ALA B 117 17.47 1.29 7.38
C ALA B 117 18.25 0.83 6.15
N ALA B 118 19.19 -0.11 6.31
CA ALA B 118 19.99 -0.64 5.20
C ALA B 118 19.12 -1.40 4.20
N GLY B 119 17.87 -1.67 4.60
CA GLY B 119 16.89 -2.33 3.76
C GLY B 119 16.31 -1.37 2.75
N LEU B 120 16.25 -0.10 3.12
CA LEU B 120 15.78 0.95 2.21
C LEU B 120 16.92 1.31 1.26
N GLN B 121 18.16 1.17 1.73
CA GLN B 121 19.37 1.42 0.96
C GLN B 121 19.50 0.43 -0.22
N LEU B 122 19.24 -0.84 0.06
CA LEU B 122 19.31 -1.94 -0.93
C LEU B 122 18.36 -1.66 -2.08
N ALA B 124 17.02 1.41 -2.66
CA ALA B 124 17.46 2.67 -3.24
C ALA B 124 18.65 2.51 -4.18
N ALA B 125 19.47 1.48 -3.95
CA ALA B 125 20.64 1.19 -4.79
C ALA B 125 20.26 0.50 -6.10
N CYS B 126 19.04 -0.03 -6.18
CA CYS B 126 18.56 -0.65 -7.41
C CYS B 126 18.16 0.44 -8.41
N ASP B 127 18.23 0.14 -9.71
CA ASP B 127 17.87 1.09 -10.77
C ASP B 127 16.37 1.39 -10.71
N LEU B 128 15.58 0.33 -10.57
CA LEU B 128 14.12 0.44 -10.48
C LEU B 128 13.55 -0.17 -9.17
N ALA B 129 12.37 0.29 -8.77
CA ALA B 129 11.71 -0.20 -7.56
C ALA B 129 10.20 -0.12 -7.72
N TYR B 130 9.54 -1.26 -7.51
CA TYR B 130 8.08 -1.35 -7.64
C TYR B 130 7.48 -1.86 -6.33
N ALA B 131 6.49 -1.12 -5.85
CA ALA B 131 5.84 -1.47 -4.59
C ALA B 131 4.34 -1.69 -4.65
N SER B 132 3.85 -2.34 -3.60
CA SER B 132 2.42 -2.62 -3.40
C SER B 132 1.96 -1.46 -2.52
N PRO B 133 0.62 -1.22 -2.38
CA PRO B 133 0.18 -0.11 -1.52
C PRO B 133 0.52 -0.19 -0.04
N ALA B 134 0.66 -1.41 0.49
CA ALA B 134 1.00 -1.65 1.90
C ALA B 134 2.47 -1.39 2.26
N ALA B 135 3.30 -1.11 1.26
CA ALA B 135 4.72 -0.85 1.46
C ALA B 135 5.04 0.44 2.21
N ARG B 136 5.76 0.28 3.32
CA ARG B 136 6.18 1.40 4.16
C ARG B 136 7.70 1.56 4.08
N PHE B 137 8.15 2.80 4.27
CA PHE B 137 9.57 3.14 4.13
C PHE B 137 10.07 3.93 5.33
N CYS B 138 11.25 3.56 5.81
CA CYS B 138 11.78 4.20 6.99
C CYS B 138 13.30 4.25 7.09
N LEU B 139 13.75 5.22 7.90
CA LEU B 139 15.15 5.44 8.26
C LEU B 139 15.02 5.73 9.78
N PRO B 140 14.97 4.67 10.62
CA PRO B 140 14.82 4.74 12.09
C PRO B 140 15.98 4.98 13.06
N GLY B 141 17.13 5.41 12.57
CA GLY B 141 18.30 5.63 13.41
C GLY B 141 18.22 6.50 14.66
N VAL B 142 17.59 7.66 14.52
CA VAL B 142 17.42 8.62 15.62
C VAL B 142 16.68 8.08 16.85
N GLN B 143 15.78 7.13 16.60
CA GLN B 143 14.97 6.49 17.63
C GLN B 143 15.78 5.45 18.42
N ASN B 144 16.84 4.94 17.80
CA ASN B 144 17.71 3.94 18.41
C ASN B 144 19.02 4.52 18.93
N GLY B 145 19.14 5.85 18.87
CA GLY B 145 20.33 6.52 19.34
C GLY B 145 21.47 6.54 18.35
N GLY B 146 21.09 6.63 17.07
CA GLY B 146 22.06 6.67 15.98
C GLY B 146 21.59 7.63 14.90
N PHE B 147 21.89 7.28 13.66
CA PHE B 147 21.54 8.06 12.47
C PHE B 147 21.85 7.15 11.31
N THR B 149 23.41 7.10 8.39
CA THR B 149 24.38 7.74 7.52
C THR B 149 24.60 7.01 6.20
N THR B 150 24.97 5.73 6.26
CA THR B 150 25.18 4.96 5.03
C THR B 150 23.91 4.76 4.21
N PRO B 151 22.74 4.45 4.86
CA PRO B 151 21.54 4.30 4.02
C PRO B 151 21.07 5.59 3.36
N ALA B 152 21.38 6.73 3.99
CA ALA B 152 20.99 8.03 3.44
C ALA B 152 21.80 8.43 2.19
N VAL B 153 22.91 7.73 1.95
CA VAL B 153 23.75 7.96 0.78
C VAL B 153 23.01 7.53 -0.48
N ALA B 154 22.52 6.29 -0.51
CA ALA B 154 21.79 5.78 -1.64
C ALA B 154 20.40 6.43 -1.77
N VAL B 155 19.75 6.70 -0.63
CA VAL B 155 18.43 7.34 -0.59
C VAL B 155 18.49 8.79 -1.11
N SER B 156 19.55 9.52 -0.74
CA SER B 156 19.75 10.92 -1.19
C SER B 156 19.93 11.07 -2.68
N ARG B 157 20.20 9.96 -3.36
CA ARG B 157 20.36 9.97 -4.81
C ARG B 157 19.06 9.77 -5.56
N VAL B 158 18.03 9.28 -4.87
CA VAL B 158 16.74 9.01 -5.49
C VAL B 158 15.55 9.91 -5.09
N ILE B 159 15.72 10.72 -4.05
CA ILE B 159 14.67 11.67 -3.62
C ILE B 159 15.30 13.02 -3.35
N GLY B 160 14.46 14.07 -3.28
CA GLY B 160 14.94 15.44 -3.05
C GLY B 160 15.59 15.69 -1.70
N ARG B 161 16.34 16.80 -1.59
CA ARG B 161 17.05 17.16 -0.36
C ARG B 161 16.15 17.35 0.87
N ARG B 162 14.91 17.79 0.67
CA ARG B 162 13.97 17.98 1.77
C ARG B 162 13.42 16.66 2.26
N ALA B 163 13.17 15.76 1.30
CA ALA B 163 12.63 14.45 1.58
C ALA B 163 13.55 13.56 2.41
N VAL B 164 14.82 13.47 2.02
CA VAL B 164 15.82 12.66 2.76
C VAL B 164 16.12 13.25 4.13
N THR B 165 16.12 14.57 4.22
CA THR B 165 16.40 15.26 5.47
C THR B 165 15.28 15.02 6.48
N GLU B 166 14.03 14.92 6.01
CA GLU B 166 12.93 14.66 6.92
C GLU B 166 12.90 13.21 7.39
N ALA B 168 15.56 11.07 7.63
CA ALA B 168 16.71 10.87 8.50
C ALA B 168 16.58 11.54 9.87
N LEU B 169 16.05 12.76 9.91
CA LEU B 169 15.87 13.49 11.17
C LEU B 169 14.70 13.03 12.05
N THR B 170 13.53 12.77 11.45
CA THR B 170 12.35 12.34 12.22
C THR B 170 12.23 10.84 12.46
N GLY B 171 12.79 10.03 11.57
CA GLY B 171 12.74 8.57 11.69
C GLY B 171 11.37 7.92 11.51
N ALA B 172 10.45 8.70 10.91
CA ALA B 172 9.07 8.26 10.67
C ALA B 172 8.92 7.28 9.52
N THR B 173 7.81 6.54 9.56
CA THR B 173 7.49 5.58 8.50
C THR B 173 6.58 6.30 7.52
N TYR B 174 6.93 6.16 6.24
CA TYR B 174 6.20 6.80 5.14
C TYR B 174 5.56 5.73 4.27
N ASP B 175 4.37 6.03 3.75
CA ASP B 175 3.62 5.09 2.91
C ASP B 175 4.10 5.01 1.45
N ALA B 176 3.42 4.17 0.66
CA ALA B 176 3.73 3.99 -0.76
C ALA B 176 3.44 5.22 -1.62
N ASP B 177 2.38 5.95 -1.26
CA ASP B 177 1.97 7.15 -1.98
C ASP B 177 2.98 8.28 -1.92
N TRP B 178 3.58 8.46 -0.74
CA TRP B 178 4.59 9.50 -0.49
C TRP B 178 5.84 9.13 -1.28
N ALA B 179 6.15 7.83 -1.26
CA ALA B 179 7.31 7.28 -1.95
C ALA B 179 7.23 7.41 -3.46
N LEU B 180 6.02 7.28 -4.01
CA LEU B 180 5.80 7.41 -5.44
C LEU B 180 6.02 8.88 -5.85
N ALA B 181 5.45 9.78 -5.07
CA ALA B 181 5.56 11.22 -5.30
C ALA B 181 6.98 11.77 -5.09
N ALA B 182 7.75 11.09 -4.24
CA ALA B 182 9.12 11.52 -3.94
C ALA B 182 10.17 10.95 -4.90
N GLY B 183 9.83 9.85 -5.58
CA GLY B 183 10.75 9.21 -6.49
C GLY B 183 11.54 8.09 -5.85
N LEU B 184 11.02 7.55 -4.74
CA LEU B 184 11.66 6.47 -4.01
C LEU B 184 11.36 5.15 -4.72
N ILE B 185 10.17 5.07 -5.33
CA ILE B 185 9.74 3.91 -6.12
C ILE B 185 9.26 4.44 -7.48
N ASN B 186 9.13 3.54 -8.46
CA ASN B 186 8.71 3.90 -9.81
C ASN B 186 7.20 3.87 -10.12
N ARG B 187 6.49 2.89 -9.55
CA ARG B 187 5.06 2.72 -9.77
C ARG B 187 4.44 1.90 -8.65
N ILE B 188 3.19 2.22 -8.30
CA ILE B 188 2.46 1.48 -7.26
C ILE B 188 1.49 0.57 -8.00
N LEU B 189 1.55 -0.73 -7.68
CA LEU B 189 0.67 -1.71 -8.30
C LEU B 189 -0.07 -2.58 -7.28
N PRO B 190 -1.31 -3.06 -7.63
CA PRO B 190 -2.06 -3.91 -6.68
C PRO B 190 -1.23 -5.19 -6.45
N GLU B 191 -1.15 -5.61 -5.18
CA GLU B 191 -0.33 -6.78 -4.78
C GLU B 191 -0.46 -8.10 -5.51
N ALA B 192 -1.53 -8.25 -6.28
CA ALA B 192 -1.77 -9.46 -7.07
C ALA B 192 -1.11 -9.31 -8.44
N ALA B 193 -0.91 -8.07 -8.86
CA ALA B 193 -0.30 -7.75 -10.16
C ALA B 193 1.19 -7.42 -10.09
N LEU B 194 1.70 -7.19 -8.87
CA LEU B 194 3.11 -6.82 -8.64
C LEU B 194 4.15 -7.80 -9.18
N ALA B 195 3.93 -9.10 -8.93
CA ALA B 195 4.84 -10.15 -9.39
C ALA B 195 4.94 -10.24 -10.91
N THR B 196 3.79 -10.16 -11.60
CA THR B 196 3.75 -10.21 -13.07
C THR B 196 4.36 -8.97 -13.70
N HIS B 197 4.05 -7.81 -13.14
CA HIS B 197 4.55 -6.51 -13.63
C HIS B 197 6.07 -6.48 -13.71
N VAL B 198 6.72 -6.89 -12.61
CA VAL B 198 8.18 -6.94 -12.50
C VAL B 198 8.76 -8.00 -13.44
N ALA B 199 8.12 -9.17 -13.48
CA ALA B 199 8.57 -10.28 -14.33
C ALA B 199 8.50 -9.96 -15.84
N ASP B 200 7.46 -9.23 -16.25
CA ASP B 200 7.25 -8.83 -17.65
C ASP B 200 8.19 -7.69 -18.04
N LEU B 201 8.37 -6.76 -17.11
CA LEU B 201 9.23 -5.58 -17.29
C LEU B 201 10.70 -6.02 -17.37
N ALA B 202 11.09 -6.96 -16.49
CA ALA B 202 12.44 -7.51 -16.47
C ALA B 202 12.68 -8.41 -17.68
N GLY B 203 11.67 -9.22 -18.02
CA GLY B 203 11.72 -10.12 -19.18
C GLY B 203 11.90 -9.41 -20.51
N ALA B 204 11.22 -8.27 -20.66
CA ALA B 204 11.29 -7.44 -21.87
C ALA B 204 12.67 -6.76 -21.94
N LEU B 205 13.20 -6.37 -20.77
CA LEU B 205 14.52 -5.75 -20.65
C LEU B 205 15.60 -6.75 -21.04
N ALA B 206 15.39 -8.01 -20.68
CA ALA B 206 16.29 -9.12 -20.98
C ALA B 206 16.26 -9.52 -22.46
N ALA B 207 15.12 -9.24 -23.11
CA ALA B 207 14.88 -9.58 -24.52
C ALA B 207 15.43 -8.59 -25.57
N ARG B 208 15.86 -7.40 -25.15
CA ARG B 208 16.40 -6.40 -26.08
C ARG B 208 17.88 -6.62 -26.35
N ASN B 209 18.40 -5.87 -27.33
CA ASN B 209 19.81 -5.91 -27.74
C ASN B 209 20.63 -5.44 -26.53
N GLN B 210 21.31 -6.40 -25.92
CA GLN B 210 22.09 -6.20 -24.69
C GLN B 210 23.28 -5.25 -24.64
N ALA B 211 24.17 -5.30 -25.64
CA ALA B 211 25.35 -4.42 -25.63
C ALA B 211 25.06 -2.91 -25.51
N PRO B 212 24.05 -2.37 -26.24
CA PRO B 212 23.77 -0.93 -26.10
C PRO B 212 23.07 -0.60 -24.78
N LEU B 213 22.40 -1.60 -24.20
CA LEU B 213 21.66 -1.47 -22.93
C LEU B 213 22.64 -1.27 -21.78
N ARG B 214 23.64 -2.15 -21.70
CA ARG B 214 24.65 -2.09 -20.64
C ARG B 214 25.56 -0.90 -20.74
N ARG B 215 25.97 -0.61 -21.98
CA ARG B 215 26.82 0.54 -22.28
C ARG B 215 26.02 1.81 -22.00
N GLY B 216 24.73 1.77 -22.32
CA GLY B 216 23.84 2.91 -22.11
C GLY B 216 23.53 3.22 -20.66
N LEU B 217 23.37 2.18 -19.84
CA LEU B 217 23.11 2.32 -18.42
C LEU B 217 24.36 2.80 -17.70
N GLU B 218 25.51 2.24 -18.08
CA GLU B 218 26.79 2.58 -17.49
C GLU B 218 27.13 4.05 -17.74
N THR B 219 26.90 4.50 -18.98
CA THR B 219 27.16 5.88 -19.39
C THR B 219 26.23 6.85 -18.64
N LEU B 220 24.97 6.45 -18.43
CA LEU B 220 23.97 7.26 -17.71
C LEU B 220 24.39 7.54 -16.27
N ASN B 221 24.85 6.50 -15.58
CA ASN B 221 25.31 6.58 -14.19
C ASN B 221 26.54 7.47 -14.07
N ARG B 222 27.47 7.31 -15.00
CA ARG B 222 28.71 8.07 -15.02
C ARG B 222 28.53 9.56 -15.30
N HIS B 223 27.63 9.91 -16.23
CA HIS B 223 27.44 11.30 -16.57
C HIS B 223 26.61 12.16 -15.61
N LEU B 224 25.89 11.48 -14.71
CA LEU B 224 25.07 12.15 -13.70
C LEU B 224 25.92 12.81 -12.61
N GLU B 225 27.21 12.47 -12.61
CA GLU B 225 28.19 12.99 -11.67
C GLU B 225 29.19 13.91 -12.37
N LEU B 226 28.87 14.24 -13.61
CA LEU B 226 29.72 15.12 -14.43
C LEU B 226 28.96 16.39 -14.81
N PRO B 227 29.67 17.49 -15.13
CA PRO B 227 28.92 18.68 -15.53
C PRO B 227 28.43 18.44 -16.98
N LEU B 228 27.42 19.19 -17.44
CA LEU B 228 26.83 19.04 -18.79
C LEU B 228 27.79 18.86 -19.97
N GLU B 229 28.87 19.65 -19.97
CA GLU B 229 29.88 19.66 -21.01
C GLU B 229 30.65 18.33 -21.12
N GLN B 230 31.12 17.83 -19.99
CA GLN B 230 31.86 16.57 -19.92
C GLN B 230 30.93 15.36 -20.11
N ALA B 231 29.65 15.56 -19.78
CA ALA B 231 28.63 14.53 -19.90
C ALA B 231 28.39 14.20 -21.37
N TYR B 232 28.34 15.25 -22.20
CA TYR B 232 28.16 15.11 -23.64
C TYR B 232 29.44 14.57 -24.31
N ALA B 233 30.60 14.85 -23.73
CA ALA B 233 31.88 14.36 -24.25
C ALA B 233 31.96 12.83 -24.08
N LEU B 234 31.41 12.35 -22.97
CA LEU B 234 31.39 10.92 -22.68
C LEU B 234 30.30 10.24 -23.49
N ALA B 235 29.10 10.80 -23.41
CA ALA B 235 27.91 10.27 -24.05
C ALA B 235 27.85 10.18 -25.58
N THR B 236 28.37 11.20 -26.28
CA THR B 236 28.32 11.21 -27.75
C THR B 236 28.96 10.02 -28.48
N PRO B 237 30.21 9.62 -28.14
CA PRO B 237 30.79 8.45 -28.84
C PRO B 237 30.03 7.17 -28.50
N VAL B 238 29.43 7.15 -27.30
CA VAL B 238 28.65 6.00 -26.85
C VAL B 238 27.36 5.89 -27.69
N VAL B 240 27.13 6.93 -30.87
CA VAL B 240 27.61 6.51 -32.20
C VAL B 240 27.70 4.98 -32.23
N GLU B 241 28.29 4.43 -31.17
CA GLU B 241 28.46 2.98 -30.99
C GLU B 241 27.12 2.21 -31.02
N HIS B 242 26.05 2.83 -30.50
CA HIS B 242 24.70 2.22 -30.47
C HIS B 242 24.15 2.08 -31.89
N PHE B 243 24.44 3.09 -32.70
CA PHE B 243 23.99 3.13 -34.09
C PHE B 243 24.88 2.28 -35.01
N ASP B 245 26.02 -0.73 -33.83
CA ASP B 245 25.78 -2.07 -33.29
C ASP B 245 25.02 -2.94 -34.32
N PRO B 246 25.47 -4.20 -34.54
CA PRO B 246 24.81 -5.09 -35.50
C PRO B 246 23.38 -5.51 -35.11
N GLY B 247 23.07 -5.39 -33.82
CA GLY B 247 21.75 -5.74 -33.31
C GLY B 247 20.70 -4.64 -33.35
N ARG B 248 21.00 -3.52 -34.00
CA ARG B 248 20.08 -2.38 -34.14
C ARG B 248 18.96 -2.64 -35.17
N LEU C 8 14.06 23.14 -43.47
CA LEU C 8 13.15 24.32 -43.32
C LEU C 8 12.91 24.65 -41.84
N LEU C 9 12.92 25.95 -41.55
CA LEU C 9 12.70 26.49 -40.21
C LEU C 9 12.11 27.87 -40.37
N GLY C 10 10.93 28.07 -39.76
CA GLY C 10 10.25 29.36 -39.83
C GLY C 10 10.48 30.18 -38.59
N GLU C 11 10.88 31.44 -38.77
CA GLU C 11 11.13 32.34 -37.65
C GLU C 11 10.45 33.71 -37.78
N VAL C 12 9.69 34.06 -36.74
CA VAL C 12 8.94 35.33 -36.67
C VAL C 12 9.25 36.04 -35.34
N LEU C 13 9.77 37.27 -35.44
CA LEU C 13 10.09 38.10 -34.27
C LEU C 13 8.99 39.14 -34.02
N SER C 14 8.53 39.21 -32.77
CA SER C 14 7.50 40.14 -32.31
C SER C 14 7.60 40.42 -30.81
N GLU C 15 7.76 41.70 -30.47
CA GLU C 15 7.86 42.21 -29.08
C GLU C 15 9.04 41.58 -28.30
N GLY C 16 10.14 41.35 -29.00
CA GLY C 16 11.33 40.75 -28.40
C GLY C 16 11.29 39.23 -28.30
N VAL C 17 10.22 38.61 -28.79
CA VAL C 17 10.04 37.16 -28.78
C VAL C 17 10.20 36.57 -30.18
N LEU C 18 11.21 35.73 -30.34
CA LEU C 18 11.50 35.07 -31.61
C LEU C 18 11.01 33.63 -31.55
N THR C 19 9.87 33.35 -32.17
CA THR C 19 9.31 32.02 -32.21
C THR C 19 9.87 31.22 -33.39
N LEU C 20 10.62 30.16 -33.06
CA LEU C 20 11.20 29.27 -34.06
C LEU C 20 10.24 28.11 -34.26
N THR C 21 9.62 28.06 -35.44
CA THR C 21 8.68 27.01 -35.80
C THR C 21 9.39 25.96 -36.64
N LEU C 22 9.40 24.73 -36.13
CA LEU C 22 10.03 23.61 -36.80
C LEU C 22 9.23 23.26 -38.04
N GLY C 23 9.94 23.05 -39.15
CA GLY C 23 9.30 22.69 -40.39
C GLY C 23 9.34 21.18 -40.57
N ARG C 24 9.22 20.75 -41.82
CA ARG C 24 9.24 19.34 -42.23
C ARG C 24 8.18 18.50 -41.50
N ALA C 25 6.97 19.06 -41.49
CA ALA C 25 5.76 18.47 -40.89
C ALA C 25 5.43 17.08 -41.50
N PRO C 26 4.83 16.15 -40.72
CA PRO C 26 4.37 16.18 -39.32
C PRO C 26 5.37 15.80 -38.23
N ALA C 27 6.43 15.08 -38.60
CA ALA C 27 7.43 14.59 -37.65
C ALA C 27 8.45 15.60 -37.12
N HIS C 28 8.74 16.63 -37.92
CA HIS C 28 9.74 17.67 -37.63
C HIS C 28 11.09 17.01 -37.31
N PRO C 29 11.56 16.08 -38.17
CA PRO C 29 12.84 15.37 -37.94
C PRO C 29 14.07 16.22 -37.73
N LEU C 30 14.90 15.81 -36.77
CA LEU C 30 16.15 16.50 -36.50
C LEU C 30 17.24 15.90 -37.39
N SER C 31 17.12 16.22 -38.68
CA SER C 31 18.06 15.79 -39.72
C SER C 31 19.31 16.63 -39.55
N ARG C 32 20.35 16.34 -40.32
CA ARG C 32 21.60 17.11 -40.27
C ARG C 32 21.34 18.58 -40.65
N ALA C 33 20.40 18.78 -41.57
CA ALA C 33 19.97 20.10 -42.04
C ALA C 33 19.19 20.85 -40.97
N ILE C 35 19.39 20.40 -37.70
CA ILE C 35 20.33 20.67 -36.61
C ILE C 35 21.19 21.90 -36.97
N ALA C 36 21.60 21.97 -38.24
CA ALA C 36 22.41 23.08 -38.73
C ALA C 36 21.59 24.37 -38.79
N ALA C 37 20.30 24.24 -39.12
CA ALA C 37 19.38 25.38 -39.20
C ALA C 37 19.09 25.91 -37.79
N LEU C 38 18.84 25.00 -36.84
CA LEU C 38 18.57 25.36 -35.44
C LEU C 38 19.78 26.00 -34.75
N HIS C 39 20.98 25.55 -35.14
CA HIS C 39 22.20 26.10 -34.57
C HIS C 39 22.50 27.48 -35.15
N ASP C 40 22.19 27.67 -36.44
CA ASP C 40 22.38 28.95 -37.12
C ASP C 40 21.41 29.98 -36.58
N ALA C 41 20.17 29.54 -36.31
CA ALA C 41 19.10 30.38 -35.75
C ALA C 41 19.37 30.75 -34.29
N LEU C 42 20.20 29.95 -33.63
CA LEU C 42 20.58 30.15 -32.24
C LEU C 42 21.78 31.10 -32.15
N ARG C 43 22.77 30.93 -33.03
CA ARG C 43 23.98 31.79 -33.08
C ARG C 43 23.56 33.23 -33.37
N ARG C 44 22.69 33.36 -34.37
CA ARG C 44 22.07 34.65 -34.72
C ARG C 44 20.98 34.62 -33.65
N ALA C 45 20.63 35.79 -33.09
CA ALA C 45 19.64 35.93 -32.00
C ALA C 45 20.43 36.07 -30.73
N GLY C 47 23.43 36.83 -30.81
CA GLY C 47 24.26 37.98 -31.15
C GLY C 47 23.47 39.20 -31.60
N ASP C 48 22.14 39.11 -31.53
CA ASP C 48 21.23 40.21 -31.90
C ASP C 48 20.48 40.66 -30.65
N ASP C 49 20.70 41.91 -30.27
CA ASP C 49 20.07 42.53 -29.10
C ASP C 49 18.53 42.56 -29.16
N HIS C 50 17.98 42.59 -30.37
CA HIS C 50 16.53 42.62 -30.60
C HIS C 50 15.79 41.35 -30.15
N VAL C 51 16.54 40.25 -30.05
CA VAL C 51 15.96 38.99 -29.59
C VAL C 51 16.22 38.86 -28.10
N HIS C 52 15.14 38.79 -27.34
CA HIS C 52 15.19 38.67 -25.90
C HIS C 52 14.84 37.27 -25.42
N VAL C 53 13.73 36.73 -25.93
CA VAL C 53 13.26 35.41 -25.54
C VAL C 53 13.07 34.54 -26.78
N LEU C 54 13.41 33.25 -26.63
CA LEU C 54 13.30 32.26 -27.69
C LEU C 54 12.16 31.28 -27.39
N VAL C 55 11.41 30.92 -28.43
CA VAL C 55 10.33 29.95 -28.33
C VAL C 55 10.53 28.91 -29.42
N ILE C 56 10.73 27.66 -29.03
CA ILE C 56 10.91 26.56 -29.97
C ILE C 56 9.56 25.84 -30.08
N HIS C 57 8.97 25.93 -31.26
CA HIS C 57 7.66 25.32 -31.54
C HIS C 57 7.77 24.13 -32.51
N GLY C 58 6.90 23.15 -32.30
CA GLY C 58 6.83 21.97 -33.14
C GLY C 58 5.34 21.69 -33.21
N PRO C 59 4.58 22.34 -34.12
CA PRO C 59 3.12 22.13 -34.25
C PRO C 59 2.62 20.76 -34.68
N GLY C 60 1.42 20.43 -34.22
CA GLY C 60 0.77 19.17 -34.54
C GLY C 60 0.84 18.09 -33.49
N ARG C 61 0.39 16.90 -33.89
CA ARG C 61 0.33 15.69 -33.07
C ARG C 61 1.72 15.22 -32.62
N ILE C 62 2.75 15.64 -33.36
CA ILE C 62 4.15 15.34 -33.05
C ILE C 62 4.89 16.69 -32.84
N PHE C 63 5.65 16.79 -31.75
CA PHE C 63 6.44 17.98 -31.45
C PHE C 63 7.73 17.83 -32.24
N CYS C 64 8.38 16.68 -32.05
CA CYS C 64 9.61 16.31 -32.73
C CYS C 64 9.87 14.82 -32.53
N ALA C 65 10.09 14.13 -33.65
CA ALA C 65 10.32 12.69 -33.69
C ALA C 65 11.74 12.28 -33.33
N GLY C 66 12.63 13.25 -33.36
CA GLY C 66 14.03 13.02 -33.07
C GLY C 66 14.78 13.01 -34.38
N HIS C 67 15.85 12.22 -34.46
CA HIS C 67 16.66 12.11 -35.67
C HIS C 67 15.93 11.43 -36.83
N ASP C 68 16.29 11.85 -38.05
CA ASP C 68 15.74 11.31 -39.29
C ASP C 68 16.42 9.95 -39.43
N LEU C 69 15.64 8.87 -39.41
CA LEU C 69 16.17 7.51 -39.48
C LEU C 69 16.68 6.96 -40.82
N LYS C 70 17.48 7.78 -41.50
CA LYS C 70 18.11 7.45 -42.78
C LYS C 70 19.59 7.14 -42.51
N GLU C 71 20.00 5.89 -42.69
CA GLU C 71 21.40 5.51 -42.49
C GLU C 71 22.09 5.35 -43.84
N ILE C 72 23.14 6.15 -44.04
CA ILE C 72 23.95 6.17 -45.27
C ILE C 72 24.92 4.97 -45.26
N GLY C 73 24.35 3.79 -45.50
CA GLY C 73 25.11 2.55 -45.54
C GLY C 73 25.51 2.14 -46.94
N ASP C 80 30.92 3.46 -46.81
CA ASP C 80 31.52 2.49 -45.92
C ASP C 80 31.14 2.74 -44.46
N GLU C 81 30.27 1.87 -43.95
CA GLU C 81 29.70 1.86 -42.58
C GLU C 81 28.62 2.89 -42.28
N GLY C 82 28.94 4.16 -42.49
CA GLY C 82 28.03 5.25 -42.19
C GLY C 82 28.50 5.91 -40.90
N ARG C 83 29.57 5.36 -40.32
CA ARG C 83 30.20 5.83 -39.08
C ARG C 83 30.61 7.30 -39.20
N ALA C 84 31.31 7.63 -40.28
CA ALA C 84 31.77 8.99 -40.53
C ALA C 84 30.68 9.78 -41.25
N PHE C 85 29.56 9.95 -40.54
CA PHE C 85 28.35 10.68 -40.93
C PHE C 85 27.56 10.79 -39.64
N VAL C 86 27.39 9.63 -39.00
CA VAL C 86 26.69 9.45 -37.74
C VAL C 86 27.47 10.17 -36.62
N THR C 87 28.81 10.15 -36.73
CA THR C 87 29.70 10.82 -35.78
C THR C 87 29.53 12.34 -35.92
N ASP C 88 29.42 12.79 -37.17
CA ASP C 88 29.23 14.20 -37.49
C ASP C 88 27.81 14.68 -37.09
N LEU C 89 26.83 13.76 -37.16
CA LEU C 89 25.44 14.05 -36.79
C LEU C 89 25.28 14.27 -35.30
N PHE C 90 25.76 13.30 -34.51
CA PHE C 90 25.66 13.35 -33.07
C PHE C 90 26.50 14.42 -32.41
N GLU C 91 27.67 14.71 -32.99
CA GLU C 91 28.60 15.73 -32.50
C GLU C 91 27.95 17.11 -32.65
N ALA C 92 27.31 17.32 -33.81
CA ALA C 92 26.62 18.56 -34.14
C ALA C 92 25.31 18.68 -33.36
N CYS C 93 24.69 17.54 -33.05
CA CYS C 93 23.46 17.52 -32.28
C CYS C 93 23.79 17.94 -30.85
N SER C 94 24.88 17.37 -30.31
CA SER C 94 25.38 17.66 -28.97
C SER C 94 25.88 19.08 -28.86
N ALA C 95 26.46 19.61 -29.93
CA ALA C 95 26.97 20.98 -29.97
C ALA C 95 25.80 21.96 -29.88
N LEU C 96 24.68 21.61 -30.51
CA LEU C 96 23.46 22.42 -30.47
C LEU C 96 22.76 22.37 -29.10
N LEU C 98 23.95 21.61 -26.14
CA LEU C 98 24.79 22.20 -25.08
C LEU C 98 24.66 23.72 -25.18
N ASP C 99 24.77 24.23 -26.41
CA ASP C 99 24.66 25.66 -26.74
C ASP C 99 23.29 26.18 -26.31
N LEU C 100 22.25 25.37 -26.54
CA LEU C 100 20.88 25.72 -26.19
C LEU C 100 20.67 25.78 -24.68
N ALA C 101 21.25 24.82 -23.95
CA ALA C 101 21.14 24.74 -22.51
C ALA C 101 21.89 25.86 -21.79
N HIS C 102 23.03 26.27 -22.35
CA HIS C 102 23.86 27.33 -21.78
C HIS C 102 23.55 28.73 -22.28
N CYS C 103 22.61 28.84 -23.23
CA CYS C 103 22.20 30.12 -23.81
C CYS C 103 21.65 31.03 -22.72
N PRO C 104 22.30 32.21 -22.48
CA PRO C 104 21.91 33.19 -21.47
C PRO C 104 20.50 33.75 -21.65
N LYS C 105 20.02 33.71 -22.89
CA LYS C 105 18.69 34.19 -23.22
C LYS C 105 17.67 33.06 -22.97
N PRO C 106 16.56 33.36 -22.26
CA PRO C 106 15.51 32.38 -21.93
C PRO C 106 14.92 31.65 -23.14
N THR C 107 14.89 30.33 -23.05
CA THR C 107 14.35 29.47 -24.11
C THR C 107 13.12 28.74 -23.60
N ILE C 108 12.06 28.75 -24.40
CA ILE C 108 10.80 28.12 -24.04
C ILE C 108 10.32 27.15 -25.12
N ALA C 109 9.97 25.93 -24.69
CA ALA C 109 9.46 24.93 -25.60
C ALA C 109 7.93 24.97 -25.54
N LEU C 110 7.31 24.77 -26.70
CA LEU C 110 5.86 24.77 -26.84
C LEU C 110 5.48 23.39 -27.39
N VAL C 111 5.11 22.50 -26.48
CA VAL C 111 4.75 21.12 -26.80
C VAL C 111 3.25 20.92 -26.79
N GLU C 112 2.73 20.29 -27.84
CA GLU C 112 1.30 20.01 -27.94
C GLU C 112 1.10 18.55 -28.33
N GLY C 113 2.19 17.92 -28.75
CA GLY C 113 2.14 16.54 -29.18
C GLY C 113 3.22 15.66 -28.58
N ILE C 114 3.64 14.66 -29.35
CA ILE C 114 4.65 13.72 -28.88
C ILE C 114 6.08 14.18 -29.15
N ALA C 115 6.84 14.27 -28.06
CA ALA C 115 8.25 14.63 -28.06
C ALA C 115 9.01 13.34 -27.73
N THR C 116 9.62 12.76 -28.75
CA THR C 116 10.36 11.50 -28.60
C THR C 116 11.83 11.51 -29.03
N ALA C 117 12.62 10.64 -28.41
CA ALA C 117 14.07 10.48 -28.67
C ALA C 117 14.84 11.82 -28.57
N ALA C 118 15.48 12.26 -29.66
CA ALA C 118 16.21 13.54 -29.66
C ALA C 118 15.27 14.75 -29.66
N GLY C 119 13.97 14.48 -29.82
CA GLY C 119 12.94 15.50 -29.79
C GLY C 119 12.62 15.87 -28.35
N LEU C 120 12.71 14.87 -27.49
CA LEU C 120 12.50 15.06 -26.05
C LEU C 120 13.71 15.81 -25.50
N GLN C 121 14.88 15.53 -26.08
CA GLN C 121 16.15 16.17 -25.70
C GLN C 121 16.04 17.69 -25.94
N LEU C 122 15.55 18.05 -27.14
CA LEU C 122 15.36 19.44 -27.56
C LEU C 122 14.53 20.22 -26.54
N ALA C 124 13.85 19.21 -23.34
CA ALA C 124 14.54 19.18 -22.05
C ALA C 124 15.69 20.19 -21.91
N ALA C 125 16.24 20.60 -23.06
CA ALA C 125 17.33 21.55 -23.12
C ALA C 125 16.87 22.99 -22.98
N CYS C 126 15.58 23.23 -23.18
CA CYS C 126 15.01 24.58 -23.05
C CYS C 126 14.88 24.89 -21.55
N ASP C 127 14.86 26.18 -21.20
CA ASP C 127 14.76 26.61 -19.80
C ASP C 127 13.39 26.28 -19.21
N LEU C 128 12.35 26.48 -20.03
CA LEU C 128 10.98 26.23 -19.62
C LEU C 128 10.26 25.41 -20.70
N ALA C 129 9.22 24.68 -20.30
CA ALA C 129 8.45 23.88 -21.25
C ALA C 129 6.99 23.78 -20.84
N TYR C 130 6.11 24.15 -21.76
CA TYR C 130 4.66 24.11 -21.53
C TYR C 130 3.99 23.15 -22.50
N ALA C 131 2.99 22.43 -22.00
CA ALA C 131 2.30 21.44 -22.79
C ALA C 131 0.79 21.45 -22.65
N SER C 132 0.15 20.74 -23.58
CA SER C 132 -1.30 20.55 -23.64
C SER C 132 -1.54 19.17 -23.01
N PRO C 133 -2.77 18.87 -22.52
CA PRO C 133 -3.00 17.54 -21.91
C PRO C 133 -2.85 16.33 -22.84
N ALA C 134 -2.73 16.60 -24.15
CA ALA C 134 -2.58 15.55 -25.15
C ALA C 134 -1.14 15.05 -25.24
N ALA C 135 -0.20 15.99 -25.09
CA ALA C 135 1.26 15.75 -25.14
C ALA C 135 1.83 14.50 -24.48
N ARG C 136 2.64 13.78 -25.24
CA ARG C 136 3.29 12.55 -24.80
C ARG C 136 4.79 12.65 -24.89
N PHE C 137 5.48 11.92 -24.01
CA PHE C 137 6.95 11.93 -23.90
C PHE C 137 7.50 10.51 -23.89
N CYS C 138 8.54 10.29 -24.69
CA CYS C 138 9.16 8.98 -24.85
C CYS C 138 10.67 8.99 -25.18
N LEU C 139 11.31 7.88 -24.84
CA LEU C 139 12.73 7.60 -25.13
C LEU C 139 12.69 6.15 -25.63
N PRO C 140 12.30 5.94 -26.90
CA PRO C 140 12.17 4.62 -27.52
C PRO C 140 13.41 3.84 -27.92
N GLY C 141 14.59 4.32 -27.51
CA GLY C 141 15.85 3.67 -27.86
C GLY C 141 15.90 2.16 -27.90
N VAL C 142 15.51 1.54 -26.79
CA VAL C 142 15.50 0.10 -26.62
C VAL C 142 14.53 -0.69 -27.52
N GLN C 143 13.56 0.01 -28.13
CA GLN C 143 12.59 -0.62 -29.03
C GLN C 143 13.23 -0.88 -30.39
N ASN C 144 14.19 -0.04 -30.75
CA ASN C 144 14.89 -0.15 -32.03
C ASN C 144 16.28 -0.76 -31.86
N GLY C 145 16.46 -1.50 -30.77
CA GLY C 145 17.72 -2.17 -30.46
C GLY C 145 18.90 -1.30 -30.08
N GLY C 146 18.62 -0.09 -29.59
CA GLY C 146 19.67 0.82 -29.18
C GLY C 146 19.45 1.35 -27.79
N PHE C 147 19.78 2.62 -27.59
CA PHE C 147 19.64 3.31 -26.30
C PHE C 147 19.75 4.82 -26.49
N THR C 149 21.03 7.41 -25.28
CA THR C 149 22.12 7.94 -24.48
C THR C 149 22.29 9.49 -24.48
N THR C 150 22.38 10.13 -25.65
CA THR C 150 22.49 11.61 -25.64
C THR C 150 21.18 12.28 -25.21
N PRO C 151 19.99 11.73 -25.59
CA PRO C 151 18.76 12.38 -25.14
C PRO C 151 18.59 12.30 -23.64
N ALA C 152 19.07 11.20 -23.05
CA ALA C 152 19.00 10.99 -21.60
C ALA C 152 19.82 12.01 -20.80
N VAL C 153 20.85 12.61 -21.41
CA VAL C 153 21.68 13.62 -20.76
C VAL C 153 20.89 14.88 -20.38
N ALA C 154 20.14 15.43 -21.34
CA ALA C 154 19.32 16.63 -21.06
C ALA C 154 18.14 16.30 -20.16
N VAL C 155 17.55 15.13 -20.38
CA VAL C 155 16.40 14.67 -19.59
C VAL C 155 16.77 14.42 -18.12
N SER C 156 17.99 13.94 -17.87
CA SER C 156 18.47 13.64 -16.51
C SER C 156 18.81 14.88 -15.69
N ARG C 157 18.86 16.03 -16.34
CA ARG C 157 19.15 17.29 -15.66
C ARG C 157 17.82 17.97 -15.35
N VAL C 158 16.75 17.37 -15.87
CA VAL C 158 15.39 17.89 -15.74
C VAL C 158 14.50 17.03 -14.83
N ILE C 159 14.69 15.72 -14.83
CA ILE C 159 13.92 14.85 -13.95
C ILE C 159 14.83 14.04 -13.03
N GLY C 160 14.23 13.48 -11.97
CA GLY C 160 14.96 12.67 -11.01
C GLY C 160 15.52 11.37 -11.55
N ARG C 161 16.47 10.81 -10.80
CA ARG C 161 17.19 9.57 -11.10
C ARG C 161 16.34 8.39 -11.59
N ARG C 162 15.32 8.03 -10.82
CA ARG C 162 14.45 6.90 -11.16
C ARG C 162 13.53 7.13 -12.33
N ALA C 163 13.11 8.38 -12.52
CA ALA C 163 12.21 8.76 -13.62
C ALA C 163 12.92 8.63 -14.96
N VAL C 164 14.18 9.10 -15.03
CA VAL C 164 14.97 9.00 -16.27
C VAL C 164 15.40 7.56 -16.58
N THR C 165 15.71 6.80 -15.51
CA THR C 165 16.12 5.39 -15.62
C THR C 165 14.97 4.55 -16.17
N GLU C 166 13.74 4.81 -15.70
CA GLU C 166 12.58 4.07 -16.18
C GLU C 166 12.26 4.39 -17.64
N ALA C 168 14.34 5.41 -20.13
CA ALA C 168 15.36 4.83 -20.99
C ALA C 168 15.37 3.30 -21.07
N LEU C 169 15.18 2.63 -19.93
CA LEU C 169 15.17 1.16 -19.85
C LEU C 169 13.91 0.49 -20.41
N THR C 170 12.74 1.10 -20.19
CA THR C 170 11.49 0.52 -20.67
C THR C 170 11.15 1.01 -22.08
N GLY C 171 11.38 2.31 -22.32
CA GLY C 171 11.09 2.91 -23.61
C GLY C 171 9.62 3.24 -23.81
N ALA C 172 8.83 3.08 -22.75
CA ALA C 172 7.40 3.35 -22.78
C ALA C 172 7.12 4.84 -22.95
N THR C 173 5.88 5.16 -23.32
CA THR C 173 5.51 6.57 -23.47
C THR C 173 4.73 7.02 -22.23
N TYR C 174 4.95 8.28 -21.85
CA TYR C 174 4.33 8.84 -20.65
C TYR C 174 3.47 10.06 -20.96
N ASP C 175 2.37 10.25 -20.22
CA ASP C 175 1.46 11.39 -20.41
C ASP C 175 1.93 12.72 -19.77
N ALA C 176 1.16 13.79 -19.97
CA ALA C 176 1.48 15.13 -19.45
C ALA C 176 1.44 15.27 -17.94
N ASP C 177 0.57 14.47 -17.30
CA ASP C 177 0.41 14.44 -15.85
C ASP C 177 1.66 13.87 -15.19
N TRP C 178 2.23 12.86 -15.84
CA TRP C 178 3.45 12.21 -15.35
C TRP C 178 4.61 13.19 -15.56
N ALA C 179 4.58 13.90 -16.69
CA ALA C 179 5.62 14.88 -17.01
C ALA C 179 5.63 16.05 -16.05
N LEU C 180 4.43 16.47 -15.62
CA LEU C 180 4.27 17.56 -14.68
C LEU C 180 4.81 17.13 -13.31
N ALA C 181 4.45 15.90 -12.90
CA ALA C 181 4.88 15.35 -11.62
C ALA C 181 6.39 15.06 -11.57
N ALA C 182 6.96 14.66 -12.70
CA ALA C 182 8.39 14.37 -12.82
C ALA C 182 9.19 15.66 -12.99
N GLY C 183 8.51 16.72 -13.41
CA GLY C 183 9.16 18.00 -13.62
C GLY C 183 9.70 18.20 -15.02
N LEU C 184 9.30 17.34 -15.95
CA LEU C 184 9.71 17.41 -17.36
C LEU C 184 9.19 18.67 -18.05
N ILE C 185 7.98 19.08 -17.64
CA ILE C 185 7.33 20.30 -18.13
C ILE C 185 6.95 21.14 -16.90
N ASN C 186 6.87 22.46 -17.06
CA ASN C 186 6.53 23.37 -15.97
C ASN C 186 5.04 23.43 -15.61
N ARG C 187 4.16 23.41 -16.62
CA ARG C 187 2.70 23.48 -16.43
C ARG C 187 1.91 22.90 -17.58
N ILE C 188 0.73 22.36 -17.26
CA ILE C 188 -0.19 21.80 -18.26
C ILE C 188 -1.26 22.89 -18.44
N LEU C 189 -1.55 23.22 -19.69
CA LEU C 189 -2.56 24.23 -20.01
C LEU C 189 -3.57 23.66 -21.01
N PRO C 190 -4.85 24.14 -21.00
CA PRO C 190 -5.83 23.62 -21.96
C PRO C 190 -5.37 23.90 -23.40
N GLU C 191 -5.65 22.97 -24.31
CA GLU C 191 -5.26 23.06 -25.72
C GLU C 191 -5.50 24.42 -26.40
N ALA C 192 -6.67 25.00 -26.17
CA ALA C 192 -7.04 26.28 -26.78
C ALA C 192 -6.67 27.52 -25.91
N ALA C 193 -5.57 27.41 -25.16
CA ALA C 193 -5.10 28.48 -24.29
C ALA C 193 -3.58 28.51 -24.22
N LEU C 194 -2.97 27.37 -24.51
CA LEU C 194 -1.52 27.14 -24.49
C LEU C 194 -0.63 28.12 -25.26
N ALA C 195 -0.93 28.34 -26.54
CA ALA C 195 -0.17 29.25 -27.41
C ALA C 195 -0.13 30.68 -26.89
N THR C 196 -1.28 31.13 -26.37
CA THR C 196 -1.40 32.48 -25.83
C THR C 196 -0.77 32.62 -24.45
N HIS C 197 -0.71 31.52 -23.69
CA HIS C 197 -0.10 31.53 -22.35
C HIS C 197 1.41 31.66 -22.53
N VAL C 198 1.92 31.02 -23.57
CA VAL C 198 3.33 31.04 -23.90
C VAL C 198 3.70 32.40 -24.48
N ALA C 199 2.79 32.99 -25.24
CA ALA C 199 3.02 34.32 -25.84
C ALA C 199 2.96 35.45 -24.80
N ASP C 200 2.09 35.29 -23.79
CA ASP C 200 1.94 36.28 -22.72
C ASP C 200 3.09 36.21 -21.72
N LEU C 201 3.56 34.99 -21.46
CA LEU C 201 4.67 34.74 -20.54
C LEU C 201 6.00 35.17 -21.17
N ALA C 202 6.22 34.77 -22.42
CA ALA C 202 7.43 35.10 -23.17
C ALA C 202 7.55 36.60 -23.40
N GLY C 203 6.39 37.23 -23.62
CA GLY C 203 6.32 38.68 -23.83
C GLY C 203 6.67 39.45 -22.57
N ALA C 204 6.24 38.89 -21.43
CA ALA C 204 6.51 39.49 -20.13
C ALA C 204 7.99 39.44 -19.77
N LEU C 205 8.67 38.37 -20.21
CA LEU C 205 10.12 38.20 -19.96
C LEU C 205 10.96 39.07 -20.87
N ALA C 206 10.40 39.36 -22.05
CA ALA C 206 11.04 40.21 -23.06
C ALA C 206 11.04 41.68 -22.67
N ALA C 207 10.02 42.09 -21.91
CA ALA C 207 9.86 43.46 -21.44
C ALA C 207 10.68 43.74 -20.18
N ARG C 208 11.22 42.70 -19.56
CA ARG C 208 12.03 42.83 -18.35
C ARG C 208 13.43 43.35 -18.69
N ASN C 209 14.13 43.89 -17.69
CA ASN C 209 15.50 44.44 -17.84
C ASN C 209 16.36 43.24 -18.19
N GLN C 210 16.77 43.21 -19.46
CA GLN C 210 17.53 42.12 -20.03
C GLN C 210 18.92 41.73 -19.53
N ALA C 211 19.77 42.72 -19.20
CA ALA C 211 21.13 42.44 -18.74
C ALA C 211 21.23 41.57 -17.46
N PRO C 212 20.44 41.88 -16.39
CA PRO C 212 20.53 41.03 -15.19
C PRO C 212 19.87 39.68 -15.41
N LEU C 213 18.95 39.63 -16.38
CA LEU C 213 18.20 38.42 -16.74
C LEU C 213 19.11 37.40 -17.39
N ARG C 214 19.95 37.87 -18.31
CA ARG C 214 20.91 37.05 -19.04
C ARG C 214 22.07 36.63 -18.15
N ARG C 215 22.52 37.58 -17.34
CA ARG C 215 23.62 37.40 -16.42
C ARG C 215 23.18 36.44 -15.30
N GLY C 216 21.93 36.57 -14.88
CA GLY C 216 21.39 35.71 -13.83
C GLY C 216 21.10 34.29 -14.27
N LEU C 217 20.75 34.13 -15.56
CA LEU C 217 20.44 32.83 -16.13
C LEU C 217 21.69 31.98 -16.33
N GLU C 218 22.74 32.58 -16.90
CA GLU C 218 23.98 31.84 -17.12
C GLU C 218 24.68 31.47 -15.81
N THR C 219 24.49 32.33 -14.79
CA THR C 219 25.06 32.12 -13.45
C THR C 219 24.35 30.95 -12.75
N LEU C 220 23.02 30.88 -12.90
CA LEU C 220 22.20 29.80 -12.31
C LEU C 220 22.63 28.45 -12.85
N ASN C 221 22.82 28.38 -14.16
CA ASN C 221 23.24 27.14 -14.86
C ASN C 221 24.68 26.75 -14.51
N ARG C 222 25.50 27.74 -14.17
CA ARG C 222 26.87 27.51 -13.77
C ARG C 222 27.02 27.02 -12.33
N HIS C 223 26.30 27.67 -11.40
CA HIS C 223 26.39 27.28 -10.00
C HIS C 223 25.73 25.95 -9.59
N LEU C 224 24.80 25.48 -10.42
CA LEU C 224 24.11 24.20 -10.20
C LEU C 224 25.04 22.99 -10.43
N GLU C 225 26.22 23.25 -11.00
CA GLU C 225 27.24 22.24 -11.27
C GLU C 225 28.43 22.43 -10.33
N LEU C 226 28.20 23.19 -9.26
CA LEU C 226 29.24 23.49 -8.26
C LEU C 226 28.78 23.22 -6.82
N PRO C 227 29.73 23.04 -5.86
CA PRO C 227 29.29 22.81 -4.47
C PRO C 227 28.77 24.14 -3.90
N LEU C 228 28.09 24.11 -2.76
CA LEU C 228 27.53 25.32 -2.15
C LEU C 228 28.47 26.50 -1.92
N GLU C 229 29.65 26.26 -1.35
CA GLU C 229 30.60 27.33 -1.06
C GLU C 229 31.08 28.05 -2.32
N GLN C 230 31.37 27.28 -3.36
CA GLN C 230 31.84 27.80 -4.64
C GLN C 230 30.69 28.46 -5.42
N ALA C 231 29.48 27.99 -5.16
CA ALA C 231 28.28 28.51 -5.80
C ALA C 231 28.03 29.94 -5.37
N TYR C 232 28.28 30.21 -4.09
CA TYR C 232 28.10 31.53 -3.52
C TYR C 232 29.23 32.48 -3.91
N ALA C 233 30.44 31.94 -4.03
CA ALA C 233 31.60 32.74 -4.45
C ALA C 233 31.37 33.28 -5.86
N LEU C 234 30.66 32.50 -6.69
CA LEU C 234 30.33 32.88 -8.06
C LEU C 234 29.12 33.83 -8.08
N ALA C 235 28.05 33.43 -7.41
CA ALA C 235 26.79 34.17 -7.34
C ALA C 235 26.76 35.56 -6.67
N THR C 236 27.46 35.72 -5.54
CA THR C 236 27.52 36.97 -4.79
C THR C 236 27.97 38.22 -5.60
N PRO C 237 29.06 38.16 -6.40
CA PRO C 237 29.44 39.36 -7.18
C PRO C 237 28.44 39.66 -8.30
N VAL C 238 27.78 38.61 -8.79
CA VAL C 238 26.78 38.72 -9.85
C VAL C 238 25.53 39.46 -9.31
N VAL C 240 25.63 41.66 -6.91
CA VAL C 240 26.08 43.04 -6.72
C VAL C 240 25.96 43.80 -8.05
N GLU C 241 26.23 43.09 -9.15
CA GLU C 241 26.16 43.61 -10.52
C GLU C 241 24.73 43.97 -10.96
N HIS C 242 23.75 43.24 -10.42
CA HIS C 242 22.33 43.46 -10.71
C HIS C 242 21.85 44.77 -10.13
N PHE C 243 22.22 45.02 -8.88
CA PHE C 243 21.86 46.22 -8.13
C PHE C 243 22.58 47.50 -8.56
N ASP C 245 23.19 47.92 -11.93
CA ASP C 245 22.74 48.02 -13.32
C ASP C 245 21.58 49.02 -13.41
N PRO C 246 21.50 49.82 -14.50
CA PRO C 246 20.37 50.76 -14.59
C PRO C 246 19.08 49.99 -14.89
N GLY C 247 18.22 49.94 -13.87
CA GLY C 247 16.94 49.26 -13.94
C GLY C 247 16.32 49.27 -12.55
N LEU D 8 52.84 -15.83 -19.15
CA LEU D 8 53.67 -16.23 -17.99
C LEU D 8 53.97 -15.04 -17.06
N LEU D 9 54.02 -15.34 -15.76
CA LEU D 9 54.28 -14.35 -14.72
C LEU D 9 54.76 -15.07 -13.45
N GLY D 10 55.97 -14.71 -13.01
CA GLY D 10 56.53 -15.30 -11.81
C GLY D 10 56.09 -14.52 -10.59
N GLU D 11 55.48 -15.22 -9.63
CA GLU D 11 55.03 -14.57 -8.40
C GLU D 11 55.63 -15.16 -7.12
N VAL D 12 56.79 -14.61 -6.77
CA VAL D 12 57.56 -15.03 -5.61
C VAL D 12 57.25 -14.11 -4.44
N LEU D 13 57.03 -14.71 -3.27
CA LEU D 13 56.71 -14.01 -2.04
C LEU D 13 57.94 -14.04 -1.13
N SER D 14 58.17 -12.96 -0.37
CA SER D 14 59.33 -12.84 0.52
C SER D 14 59.10 -11.75 1.59
N GLU D 15 59.01 -12.14 2.86
CA GLU D 15 58.81 -11.22 4.00
C GLU D 15 57.57 -10.31 3.87
N GLY D 16 56.59 -10.76 3.09
CA GLY D 16 55.38 -9.99 2.86
C GLY D 16 55.42 -9.23 1.55
N VAL D 17 56.55 -9.31 0.84
CA VAL D 17 56.73 -8.63 -0.44
C VAL D 17 56.52 -9.60 -1.60
N LEU D 18 55.51 -9.32 -2.41
CA LEU D 18 55.19 -10.14 -3.57
C LEU D 18 55.79 -9.51 -4.81
N THR D 19 56.87 -10.10 -5.30
CA THR D 19 57.57 -9.65 -6.47
C THR D 19 56.99 -10.31 -7.73
N LEU D 20 56.34 -9.48 -8.54
CA LEU D 20 55.72 -9.90 -9.79
C LEU D 20 56.68 -9.65 -10.95
N THR D 21 57.38 -10.71 -11.36
CA THR D 21 58.32 -10.62 -12.46
C THR D 21 57.60 -10.89 -13.76
N LEU D 22 57.65 -9.94 -14.67
CA LEU D 22 57.01 -10.06 -15.97
C LEU D 22 57.69 -11.09 -16.84
N GLY D 23 56.91 -12.09 -17.28
CA GLY D 23 57.44 -13.14 -18.13
C GLY D 23 57.42 -12.71 -19.59
N ARG D 24 57.46 -13.71 -20.47
CA ARG D 24 57.44 -13.56 -21.93
C ARG D 24 58.54 -12.61 -22.43
N ALA D 25 59.76 -12.87 -21.95
CA ALA D 25 61.00 -12.14 -22.25
C ALA D 25 61.32 -12.06 -23.76
N PRO D 26 62.02 -11.01 -24.24
CA PRO D 26 62.59 -9.82 -23.58
C PRO D 26 61.69 -8.60 -23.47
N ALA D 27 60.77 -8.48 -24.44
CA ALA D 27 59.82 -7.36 -24.54
C ALA D 27 58.73 -7.24 -23.47
N HIS D 28 58.43 -8.37 -22.80
CA HIS D 28 57.39 -8.45 -21.75
C HIS D 28 56.10 -7.75 -22.24
N PRO D 29 55.53 -8.21 -23.38
CA PRO D 29 54.31 -7.59 -23.92
C PRO D 29 53.08 -7.63 -23.03
N LEU D 30 52.21 -6.64 -23.20
CA LEU D 30 50.97 -6.61 -22.45
C LEU D 30 49.90 -7.16 -23.36
N SER D 31 49.96 -8.48 -23.54
CA SER D 31 49.00 -9.21 -24.36
C SER D 31 47.74 -9.39 -23.51
N ARG D 32 46.66 -9.88 -24.13
CA ARG D 32 45.41 -10.09 -23.41
C ARG D 32 45.64 -11.09 -22.28
N ALA D 33 46.46 -12.10 -22.56
CA ALA D 33 46.81 -13.15 -21.61
C ALA D 33 47.66 -12.62 -20.46
N ILE D 35 47.78 -9.29 -19.42
CA ILE D 35 46.95 -8.35 -18.67
C ILE D 35 46.04 -9.11 -17.71
N ALA D 36 45.48 -10.22 -18.20
CA ALA D 36 44.58 -11.07 -17.41
C ALA D 36 45.33 -11.69 -16.23
N ALA D 37 46.59 -12.09 -16.48
CA ALA D 37 47.42 -12.69 -15.44
C ALA D 37 47.82 -11.66 -14.35
N LEU D 38 48.10 -10.41 -14.76
CA LEU D 38 48.47 -9.33 -13.83
C LEU D 38 47.34 -8.90 -12.92
N HIS D 39 46.12 -8.89 -13.47
CA HIS D 39 44.92 -8.50 -12.72
C HIS D 39 44.52 -9.64 -11.78
N ASP D 40 44.74 -10.88 -12.23
CA ASP D 40 44.43 -12.10 -11.46
C ASP D 40 45.38 -12.12 -10.26
N ALA D 41 46.66 -11.81 -10.52
CA ALA D 41 47.70 -11.76 -9.50
C ALA D 41 47.50 -10.61 -8.50
N LEU D 42 46.87 -9.52 -8.96
CA LEU D 42 46.58 -8.35 -8.13
C LEU D 42 45.41 -8.63 -7.19
N ARG D 43 44.43 -9.40 -7.67
CA ARG D 43 43.24 -9.80 -6.91
C ARG D 43 43.77 -10.68 -5.78
N ARG D 44 44.56 -11.70 -6.14
CA ARG D 44 45.20 -12.62 -5.18
C ARG D 44 46.51 -11.96 -4.71
N ALA D 45 46.35 -10.79 -4.09
CA ALA D 45 47.42 -9.98 -3.53
C ALA D 45 46.72 -9.04 -2.57
N GLY D 47 43.68 -9.40 -1.56
CA GLY D 47 42.88 -10.19 -0.65
C GLY D 47 43.66 -11.07 0.32
N ASP D 48 44.96 -11.25 0.05
CA ASP D 48 45.83 -12.07 0.89
C ASP D 48 46.53 -11.23 1.98
N ASP D 49 46.20 -11.54 3.23
CA ASP D 49 46.74 -10.88 4.43
C ASP D 49 48.26 -11.04 4.58
N HIS D 50 48.81 -12.08 3.94
CA HIS D 50 50.24 -12.39 3.97
C HIS D 50 51.06 -11.43 3.09
N VAL D 51 50.42 -10.90 2.06
CA VAL D 51 51.05 -9.95 1.12
C VAL D 51 50.84 -8.53 1.67
N HIS D 52 51.93 -7.77 1.75
CA HIS D 52 51.88 -6.41 2.26
C HIS D 52 52.24 -5.37 1.20
N VAL D 53 53.30 -5.67 0.44
CA VAL D 53 53.81 -4.81 -0.62
C VAL D 53 53.98 -5.56 -1.93
N LEU D 54 53.63 -4.91 -3.04
CA LEU D 54 53.79 -5.47 -4.37
C LEU D 54 54.94 -4.79 -5.09
N VAL D 55 55.64 -5.56 -5.93
CA VAL D 55 56.75 -5.05 -6.74
C VAL D 55 56.58 -5.61 -8.15
N ILE D 56 56.36 -4.73 -9.12
CA ILE D 56 56.22 -5.09 -10.54
C ILE D 56 57.61 -4.91 -11.13
N HIS D 57 58.11 -5.98 -11.74
CA HIS D 57 59.45 -5.97 -12.31
C HIS D 57 59.51 -6.58 -13.70
N GLY D 58 59.92 -5.77 -14.67
CA GLY D 58 60.09 -6.25 -16.02
C GLY D 58 61.61 -6.30 -16.19
N PRO D 59 62.26 -7.47 -15.98
CA PRO D 59 63.73 -7.56 -16.11
C PRO D 59 64.37 -7.32 -17.45
N GLY D 60 65.53 -6.68 -17.39
CA GLY D 60 66.33 -6.42 -18.58
C GLY D 60 66.29 -5.11 -19.31
N ARG D 61 66.82 -5.16 -20.54
CA ARG D 61 66.92 -4.03 -21.46
C ARG D 61 65.58 -3.35 -21.79
N ILE D 62 64.50 -4.11 -21.65
CA ILE D 62 63.15 -3.62 -21.87
C ILE D 62 62.34 -3.93 -20.60
N PHE D 63 61.69 -2.91 -20.05
CA PHE D 63 60.85 -3.08 -18.85
C PHE D 63 59.54 -3.73 -19.31
N CYS D 64 58.92 -3.12 -20.31
CA CYS D 64 57.67 -3.59 -20.89
C CYS D 64 57.47 -2.77 -22.16
N ALA D 65 57.25 -3.47 -23.28
CA ALA D 65 57.04 -2.85 -24.57
C ALA D 65 55.66 -2.21 -24.75
N GLY D 66 54.70 -2.68 -23.95
CA GLY D 66 53.33 -2.18 -24.00
C GLY D 66 52.52 -2.61 -25.20
N HIS D 67 51.58 -3.55 -24.96
CA HIS D 67 50.67 -4.14 -25.96
C HIS D 67 51.34 -4.92 -27.10
N ASP D 68 51.03 -6.22 -27.16
CA ASP D 68 51.55 -7.14 -28.18
C ASP D 68 50.89 -6.80 -29.51
N LEU D 69 51.73 -6.55 -30.51
CA LEU D 69 51.24 -6.21 -31.84
C LEU D 69 50.90 -7.44 -32.69
N LYS D 70 49.90 -8.17 -32.19
CA LYS D 70 49.35 -9.37 -32.82
C LYS D 70 48.01 -8.87 -33.41
N GLU D 71 47.98 -8.72 -34.73
CA GLU D 71 46.81 -8.23 -35.46
C GLU D 71 45.71 -9.24 -35.77
N ILE D 72 44.54 -8.98 -35.17
CA ILE D 72 43.34 -9.79 -35.32
C ILE D 72 42.42 -9.06 -36.29
N GLU D 81 36.78 -7.74 -38.63
CA GLU D 81 37.05 -6.32 -38.47
C GLU D 81 38.27 -6.01 -37.59
N GLY D 82 38.20 -6.39 -36.31
CA GLY D 82 39.29 -6.15 -35.37
C GLY D 82 38.87 -5.33 -34.16
N ARG D 83 37.76 -4.59 -34.29
CA ARG D 83 37.20 -3.73 -33.24
C ARG D 83 36.99 -4.47 -31.92
N ALA D 84 36.30 -5.62 -31.98
CA ALA D 84 36.05 -6.46 -30.81
C ALA D 84 37.26 -7.35 -30.66
N PHE D 85 38.09 -6.96 -29.72
CA PHE D 85 39.34 -7.58 -29.28
C PHE D 85 40.06 -6.40 -28.67
N VAL D 86 40.28 -5.38 -29.51
CA VAL D 86 40.94 -4.13 -29.14
C VAL D 86 40.09 -3.39 -28.08
N THR D 87 38.77 -3.58 -28.15
CA THR D 87 37.83 -3.00 -27.20
C THR D 87 37.97 -3.76 -25.88
N ASP D 88 38.02 -5.10 -25.99
CA ASP D 88 38.17 -6.00 -24.85
C ASP D 88 39.56 -5.83 -24.22
N LEU D 89 40.55 -5.55 -25.08
CA LEU D 89 41.95 -5.36 -24.66
C LEU D 89 42.12 -4.11 -23.83
N PHE D 90 41.73 -2.96 -24.38
CA PHE D 90 41.85 -1.68 -23.68
C PHE D 90 40.93 -1.51 -22.48
N GLU D 91 39.78 -2.21 -22.48
CA GLU D 91 38.84 -2.17 -21.36
C GLU D 91 39.39 -2.99 -20.20
N ALA D 92 40.03 -4.12 -20.52
CA ALA D 92 40.65 -5.00 -19.50
C ALA D 92 41.92 -4.36 -18.97
N CYS D 93 42.62 -3.65 -19.87
CA CYS D 93 43.85 -2.93 -19.56
C CYS D 93 43.58 -1.75 -18.62
N SER D 94 42.51 -1.00 -18.91
CA SER D 94 42.11 0.16 -18.08
C SER D 94 41.65 -0.25 -16.68
N ALA D 95 41.04 -1.44 -16.61
CA ALA D 95 40.55 -2.02 -15.36
C ALA D 95 41.72 -2.44 -14.47
N LEU D 96 42.78 -2.97 -15.09
CA LEU D 96 44.01 -3.38 -14.39
C LEU D 96 44.75 -2.16 -13.82
N LEU D 98 43.52 0.77 -13.26
CA LEU D 98 42.66 1.47 -12.31
C LEU D 98 42.75 0.80 -10.93
N ASP D 99 42.73 -0.54 -10.91
CA ASP D 99 42.84 -1.32 -9.68
C ASP D 99 44.20 -1.17 -9.02
N LEU D 100 45.25 -1.06 -9.84
CA LEU D 100 46.63 -0.92 -9.39
C LEU D 100 46.90 0.43 -8.73
N ALA D 101 46.39 1.49 -9.35
CA ALA D 101 46.57 2.86 -8.84
C ALA D 101 45.71 3.06 -7.58
N HIS D 102 44.57 2.36 -7.51
CA HIS D 102 43.66 2.44 -6.37
C HIS D 102 43.91 1.32 -5.35
N CYS D 103 45.06 0.65 -5.47
CA CYS D 103 45.44 -0.45 -4.57
C CYS D 103 45.98 0.12 -3.25
N PRO D 104 45.32 -0.22 -2.10
CA PRO D 104 45.71 0.25 -0.76
C PRO D 104 47.11 -0.19 -0.31
N LYS D 105 47.59 -1.29 -0.89
CA LYS D 105 48.92 -1.82 -0.59
C LYS D 105 49.93 -1.15 -1.51
N PRO D 106 51.12 -0.76 -0.99
CA PRO D 106 52.14 -0.09 -1.82
C PRO D 106 52.63 -0.95 -2.98
N THR D 107 52.63 -0.35 -4.17
CA THR D 107 53.12 -1.02 -5.40
C THR D 107 54.35 -0.26 -5.88
N ILE D 108 55.41 -1.01 -6.22
CA ILE D 108 56.67 -0.43 -6.68
C ILE D 108 57.11 -0.97 -8.04
N ALA D 109 57.56 -0.06 -8.91
CA ALA D 109 58.04 -0.40 -10.23
C ALA D 109 59.58 -0.43 -10.22
N LEU D 110 60.15 -1.47 -10.85
CA LEU D 110 61.60 -1.64 -10.93
C LEU D 110 61.97 -1.63 -12.39
N VAL D 111 62.41 -0.45 -12.85
CA VAL D 111 62.76 -0.22 -14.26
C VAL D 111 64.26 -0.18 -14.56
N GLU D 112 64.77 -1.23 -15.19
CA GLU D 112 66.19 -1.31 -15.57
C GLU D 112 66.37 -1.20 -17.07
N GLY D 113 65.27 -0.92 -17.77
CA GLY D 113 65.29 -0.78 -19.23
C GLY D 113 64.26 0.18 -19.78
N ILE D 114 63.86 0.02 -21.03
CA ILE D 114 62.87 0.92 -21.64
C ILE D 114 61.40 0.57 -21.34
N ALA D 115 60.67 1.58 -20.85
CA ALA D 115 59.25 1.48 -20.54
C ALA D 115 58.50 2.30 -21.58
N THR D 116 57.96 1.62 -22.58
CA THR D 116 57.26 2.27 -23.68
C THR D 116 55.74 2.00 -23.76
N ALA D 117 55.00 3.02 -24.19
CA ALA D 117 53.55 2.99 -24.36
C ALA D 117 52.78 2.56 -23.11
N ALA D 118 52.06 1.42 -23.17
CA ALA D 118 51.34 0.91 -22.01
C ALA D 118 52.28 0.36 -20.94
N GLY D 119 53.56 0.21 -21.33
CA GLY D 119 54.61 -0.25 -20.44
C GLY D 119 54.97 0.86 -19.48
N LEU D 120 54.89 2.10 -19.97
CA LEU D 120 55.14 3.29 -19.16
C LEU D 120 53.94 3.52 -18.20
N GLN D 121 52.74 3.17 -18.68
CA GLN D 121 51.49 3.27 -17.92
C GLN D 121 51.51 2.37 -16.68
N LEU D 122 52.00 1.14 -16.86
CA LEU D 122 52.11 0.15 -15.79
C LEU D 122 52.98 0.67 -14.67
N ALA D 124 53.77 4.00 -14.36
CA ALA D 124 53.18 5.25 -13.86
C ALA D 124 52.05 5.01 -12.86
N ALA D 125 51.34 3.91 -13.02
CA ALA D 125 50.21 3.52 -12.15
C ALA D 125 50.68 2.92 -10.82
N CYS D 126 51.98 2.68 -10.70
CA CYS D 126 52.55 2.17 -9.45
C CYS D 126 52.76 3.35 -8.51
N ASP D 127 52.66 3.10 -7.20
CA ASP D 127 52.84 4.14 -6.17
C ASP D 127 54.24 4.76 -6.22
N LEU D 128 55.25 3.91 -6.43
CA LEU D 128 56.65 4.33 -6.50
C LEU D 128 57.34 3.66 -7.68
N ALA D 129 58.38 4.31 -8.18
CA ALA D 129 59.14 3.83 -9.33
C ALA D 129 60.61 4.19 -9.17
N TYR D 130 61.46 3.21 -9.40
CA TYR D 130 62.91 3.36 -9.29
C TYR D 130 63.56 2.87 -10.59
N ALA D 131 64.61 3.56 -11.01
CA ALA D 131 65.27 3.19 -12.24
C ALA D 131 66.77 3.31 -12.27
N SER D 132 67.35 2.69 -13.29
CA SER D 132 68.78 2.71 -13.56
C SER D 132 68.91 3.87 -14.58
N PRO D 133 70.12 4.44 -14.78
CA PRO D 133 70.28 5.55 -15.74
C PRO D 133 70.08 5.21 -17.22
N ALA D 134 70.19 3.92 -17.54
CA ALA D 134 70.02 3.40 -18.90
C ALA D 134 68.55 3.29 -19.30
N ALA D 135 67.65 3.44 -18.32
CA ALA D 135 66.21 3.36 -18.56
C ALA D 135 65.66 4.50 -19.40
N ARG D 136 64.93 4.14 -20.45
CA ARG D 136 64.34 5.12 -21.36
C ARG D 136 62.82 5.06 -21.22
N PHE D 137 62.17 6.21 -21.43
CA PHE D 137 60.72 6.38 -21.28
C PHE D 137 60.13 7.05 -22.50
N CYS D 138 59.02 6.52 -23.02
CA CYS D 138 58.35 7.08 -24.19
C CYS D 138 56.91 6.66 -24.45
N LEU D 139 56.19 7.50 -25.19
CA LEU D 139 54.82 7.27 -25.62
C LEU D 139 54.91 7.45 -27.14
N PRO D 140 55.31 6.38 -27.89
CA PRO D 140 55.46 6.44 -29.35
C PRO D 140 54.25 6.37 -30.26
N GLY D 141 53.06 6.62 -29.73
CA GLY D 141 51.83 6.56 -30.52
C GLY D 141 51.79 7.29 -31.86
N VAL D 142 52.34 8.50 -31.90
CA VAL D 142 52.37 9.34 -33.09
C VAL D 142 53.27 8.83 -34.22
N GLN D 143 54.26 8.01 -33.87
CA GLN D 143 55.18 7.43 -34.86
C GLN D 143 54.48 6.25 -35.56
N ASN D 144 53.56 5.61 -34.85
CA ASN D 144 52.80 4.46 -35.33
C ASN D 144 51.48 4.86 -36.01
N GLY D 145 51.27 6.17 -36.20
CA GLY D 145 50.07 6.69 -36.84
C GLY D 145 48.87 6.83 -35.94
N GLY D 146 49.10 7.04 -34.64
CA GLY D 146 48.02 7.20 -33.69
C GLY D 146 48.29 8.19 -32.58
N PHE D 147 47.96 7.76 -31.36
CA PHE D 147 48.14 8.55 -30.14
C PHE D 147 48.03 7.61 -28.95
N THR D 149 46.60 7.63 -25.94
CA THR D 149 45.55 8.17 -25.09
C THR D 149 45.39 7.49 -23.71
N THR D 150 45.37 6.16 -23.65
CA THR D 150 45.26 5.49 -22.34
C THR D 150 46.49 5.61 -21.43
N PRO D 151 47.73 5.48 -21.96
CA PRO D 151 48.86 5.61 -21.02
C PRO D 151 49.15 7.01 -20.55
N ALA D 152 48.73 8.00 -21.35
CA ALA D 152 48.91 9.41 -21.02
C ALA D 152 48.01 9.78 -19.83
N VAL D 153 47.03 8.93 -19.52
CA VAL D 153 46.11 9.14 -18.40
C VAL D 153 46.88 8.93 -17.10
N ALA D 154 47.55 7.77 -17.02
CA ALA D 154 48.34 7.41 -15.85
C ALA D 154 49.55 8.31 -15.71
N VAL D 155 50.18 8.64 -16.85
CA VAL D 155 51.38 9.49 -16.88
C VAL D 155 51.09 10.95 -16.47
N SER D 156 49.90 11.45 -16.82
CA SER D 156 49.49 12.82 -16.52
C SER D 156 49.27 13.15 -15.05
N ARG D 157 49.10 12.11 -14.23
CA ARG D 157 48.89 12.27 -12.79
C ARG D 157 50.21 12.14 -12.05
N VAL D 158 51.27 11.86 -12.81
CA VAL D 158 52.61 11.66 -12.28
C VAL D 158 53.61 12.74 -12.73
N ILE D 159 53.34 13.40 -13.85
CA ILE D 159 54.23 14.48 -14.31
C ILE D 159 53.42 15.74 -14.64
N GLY D 160 54.13 16.85 -14.86
CA GLY D 160 53.49 18.12 -15.19
C GLY D 160 52.82 18.18 -16.54
N ARG D 161 51.90 19.14 -16.70
CA ARG D 161 51.12 19.31 -17.94
C ARG D 161 51.94 19.45 -19.22
N ARG D 162 52.91 20.35 -19.21
CA ARG D 162 53.77 20.57 -20.38
C ARG D 162 54.59 19.33 -20.74
N ALA D 163 55.00 18.59 -19.71
CA ALA D 163 55.77 17.36 -19.84
C ALA D 163 55.02 16.20 -20.52
N VAL D 164 53.73 15.98 -20.17
CA VAL D 164 52.94 14.89 -20.80
C VAL D 164 52.57 15.27 -22.22
N THR D 165 52.27 16.55 -22.40
CA THR D 165 51.93 17.11 -23.71
C THR D 165 53.11 16.92 -24.67
N GLU D 166 54.34 17.14 -24.20
CA GLU D 166 55.51 16.95 -25.04
C GLU D 166 55.80 15.49 -25.29
N ALA D 168 53.63 12.95 -25.37
CA ALA D 168 52.58 12.41 -26.24
C ALA D 168 52.57 12.97 -27.66
N LEU D 169 52.78 14.27 -27.80
CA LEU D 169 52.78 14.92 -29.11
C LEU D 169 54.00 14.65 -29.99
N THR D 170 55.17 14.49 -29.38
CA THR D 170 56.40 14.24 -30.14
C THR D 170 56.66 12.75 -30.28
N GLY D 171 56.39 12.01 -29.22
CA GLY D 171 56.60 10.56 -29.19
C GLY D 171 58.06 10.18 -29.10
N ALA D 172 58.88 11.14 -28.67
CA ALA D 172 60.32 10.95 -28.52
C ALA D 172 60.67 10.13 -27.29
N THR D 173 61.93 9.72 -27.22
CA THR D 173 62.45 8.93 -26.10
C THR D 173 63.21 9.82 -25.13
N TYR D 174 62.82 9.75 -23.85
CA TYR D 174 63.42 10.56 -22.80
C TYR D 174 64.19 9.69 -21.80
N ASP D 175 65.34 10.20 -21.33
CA ASP D 175 66.18 9.46 -20.39
C ASP D 175 65.77 9.60 -18.94
N ALA D 176 66.46 8.86 -18.08
CA ALA D 176 66.22 8.82 -16.65
C ALA D 176 66.36 10.17 -15.93
N ASP D 177 67.33 10.99 -16.34
CA ASP D 177 67.55 12.31 -15.75
C ASP D 177 66.34 13.21 -15.94
N TRP D 178 65.74 13.15 -17.13
CA TRP D 178 64.56 13.94 -17.45
C TRP D 178 63.39 13.38 -16.63
N ALA D 179 63.30 12.05 -16.57
CA ALA D 179 62.26 11.35 -15.83
C ALA D 179 62.31 11.64 -14.33
N LEU D 180 63.52 11.81 -13.78
CA LEU D 180 63.68 12.14 -12.35
C LEU D 180 63.20 13.57 -12.06
N ALA D 181 63.62 14.51 -12.91
CA ALA D 181 63.24 15.91 -12.75
C ALA D 181 61.78 16.15 -13.08
N ALA D 182 61.17 15.23 -13.83
CA ALA D 182 59.77 15.35 -14.21
C ALA D 182 58.85 14.67 -13.18
N GLY D 183 59.43 13.81 -12.36
CA GLY D 183 58.67 13.11 -11.33
C GLY D 183 58.05 11.83 -11.84
N LEU D 184 58.60 11.28 -12.92
CA LEU D 184 58.13 10.04 -13.50
C LEU D 184 58.64 8.89 -12.63
N ILE D 185 59.87 9.04 -12.14
CA ILE D 185 60.49 8.08 -11.24
C ILE D 185 60.87 8.82 -9.97
N ASN D 186 61.11 8.08 -8.89
CA ASN D 186 61.46 8.66 -7.60
C ASN D 186 62.94 8.83 -7.40
N ARG D 187 63.74 7.94 -8.00
CA ARG D 187 65.21 7.97 -7.86
C ARG D 187 65.94 7.11 -8.90
N ILE D 188 67.16 7.54 -9.23
CA ILE D 188 68.06 6.85 -10.15
C ILE D 188 69.17 6.22 -9.31
N LEU D 189 69.36 4.90 -9.44
CA LEU D 189 70.39 4.17 -8.71
C LEU D 189 71.20 3.34 -9.71
N PRO D 190 72.50 3.03 -9.43
CA PRO D 190 73.32 2.24 -10.35
C PRO D 190 72.72 0.85 -10.57
N GLU D 191 72.91 0.30 -11.77
CA GLU D 191 72.40 -1.02 -12.17
C GLU D 191 72.48 -2.15 -11.15
N ALA D 192 73.65 -2.34 -10.54
CA ALA D 192 73.87 -3.40 -9.55
C ALA D 192 73.24 -3.11 -8.19
N ALA D 193 73.00 -1.83 -7.91
CA ALA D 193 72.42 -1.38 -6.65
C ALA D 193 70.90 -1.24 -6.69
N LEU D 194 70.35 -1.11 -7.90
CA LEU D 194 68.93 -0.93 -8.13
C LEU D 194 67.98 -1.96 -7.53
N ALA D 195 68.28 -3.23 -7.79
CA ALA D 195 67.47 -4.35 -7.30
C ALA D 195 67.38 -4.44 -5.78
N THR D 196 68.51 -4.40 -5.10
CA THR D 196 68.55 -4.51 -3.63
C THR D 196 67.91 -3.32 -2.91
N HIS D 197 68.03 -2.13 -3.51
CA HIS D 197 67.47 -0.88 -2.96
C HIS D 197 65.94 -0.97 -2.92
N VAL D 198 65.37 -1.65 -3.90
CA VAL D 198 63.92 -1.84 -4.01
C VAL D 198 63.47 -2.92 -3.04
N ALA D 199 64.28 -3.98 -2.90
CA ALA D 199 63.99 -5.09 -1.97
C ALA D 199 64.08 -4.60 -0.52
N ASP D 200 65.02 -3.69 -0.26
CA ASP D 200 65.23 -3.09 1.06
C ASP D 200 64.09 -2.14 1.44
N LEU D 201 63.69 -1.30 0.48
CA LEU D 201 62.62 -0.34 0.68
C LEU D 201 61.26 -1.03 0.86
N ALA D 202 61.01 -2.08 0.06
CA ALA D 202 59.77 -2.86 0.13
C ALA D 202 59.67 -3.65 1.42
N GLY D 203 60.83 -4.11 1.91
CA GLY D 203 60.90 -4.88 3.15
C GLY D 203 60.59 -4.00 4.35
N ALA D 204 61.11 -2.77 4.29
CA ALA D 204 60.92 -1.76 5.33
C ALA D 204 59.44 -1.37 5.40
N LEU D 205 58.78 -1.34 4.24
CA LEU D 205 57.35 -1.03 4.12
C LEU D 205 56.45 -2.16 4.65
N ALA D 206 56.90 -3.40 4.45
CA ALA D 206 56.17 -4.58 4.89
C ALA D 206 56.23 -4.84 6.40
N ALA D 207 57.29 -4.34 7.04
CA ALA D 207 57.50 -4.49 8.48
C ALA D 207 56.81 -3.41 9.32
N ARG D 208 56.28 -2.39 8.64
CA ARG D 208 55.58 -1.28 9.29
C ARG D 208 54.17 -1.74 9.65
N ASN D 209 53.50 -1.02 10.56
CA ASN D 209 52.14 -1.35 10.98
C ASN D 209 51.23 -1.17 9.75
N GLN D 210 50.79 -2.32 9.23
CA GLN D 210 49.96 -2.41 8.02
C GLN D 210 48.61 -1.73 7.94
N ALA D 211 47.83 -1.75 9.02
CA ALA D 211 46.50 -1.12 9.01
C ALA D 211 46.50 0.39 8.71
N PRO D 212 47.36 1.20 9.40
CA PRO D 212 47.34 2.64 9.09
C PRO D 212 48.01 2.95 7.74
N LEU D 213 48.90 2.06 7.31
CA LEU D 213 49.61 2.20 6.03
C LEU D 213 48.64 2.06 4.86
N ARG D 214 47.78 1.05 4.92
CA ARG D 214 46.78 0.77 3.88
C ARG D 214 45.66 1.79 3.82
N ARG D 215 45.18 2.23 4.99
CA ARG D 215 44.12 3.22 5.07
C ARG D 215 44.68 4.59 4.72
N GLY D 216 45.96 4.79 5.04
CA GLY D 216 46.62 6.06 4.76
C GLY D 216 46.87 6.33 3.29
N LEU D 217 47.25 5.29 2.56
CA LEU D 217 47.51 5.39 1.13
C LEU D 217 46.20 5.42 0.35
N GLU D 218 45.17 4.79 0.92
CA GLU D 218 43.83 4.73 0.35
C GLU D 218 43.22 6.13 0.45
N THR D 219 43.45 6.78 1.59
CA THR D 219 42.95 8.13 1.86
C THR D 219 43.68 9.18 1.00
N LEU D 220 44.99 9.01 0.82
CA LEU D 220 45.83 9.92 0.03
C LEU D 220 45.37 9.99 -1.43
N ASN D 221 45.21 8.81 -2.04
CA ASN D 221 44.76 8.69 -3.43
C ASN D 221 43.38 9.29 -3.61
N ARG D 222 42.52 9.12 -2.61
CA ARG D 222 41.16 9.65 -2.62
C ARG D 222 41.07 11.16 -2.47
N HIS D 223 41.82 11.72 -1.53
CA HIS D 223 41.74 13.17 -1.29
C HIS D 223 42.36 14.09 -2.31
N LEU D 224 43.19 13.52 -3.20
CA LEU D 224 43.84 14.26 -4.29
C LEU D 224 42.86 14.61 -5.41
N GLU D 225 41.71 13.95 -5.41
CA GLU D 225 40.67 14.17 -6.40
C GLU D 225 39.49 14.93 -5.76
N LEU D 226 39.78 15.59 -4.65
CA LEU D 226 38.78 16.35 -3.88
C LEU D 226 39.26 17.73 -3.50
N PRO D 227 38.33 18.67 -3.19
CA PRO D 227 38.77 20.02 -2.78
C PRO D 227 39.39 19.94 -1.38
N LEU D 228 40.24 20.91 -1.03
CA LEU D 228 40.94 20.98 0.25
C LEU D 228 40.04 20.83 1.49
N GLU D 229 38.86 21.46 1.44
CA GLU D 229 37.87 21.44 2.53
C GLU D 229 37.38 20.03 2.81
N GLN D 230 36.93 19.35 1.75
CA GLN D 230 36.40 17.98 1.83
C GLN D 230 37.52 16.94 2.01
N ALA D 231 38.75 17.32 1.63
CA ALA D 231 39.92 16.46 1.76
C ALA D 231 40.28 16.33 3.23
N TYR D 232 40.13 17.44 3.96
CA TYR D 232 40.40 17.47 5.39
C TYR D 232 39.27 16.76 6.16
N ALA D 233 38.05 16.81 5.63
CA ALA D 233 36.89 16.15 6.25
C ALA D 233 37.01 14.62 6.19
N LEU D 234 37.65 14.14 5.13
CA LEU D 234 37.87 12.71 4.93
C LEU D 234 39.13 12.24 5.69
N ALA D 235 40.17 13.07 5.65
CA ALA D 235 41.46 12.78 6.27
C ALA D 235 41.53 12.85 7.81
N THR D 236 40.80 13.79 8.42
CA THR D 236 40.80 13.94 9.87
C THR D 236 40.38 12.69 10.70
N PRO D 237 39.25 12.00 10.36
CA PRO D 237 38.88 10.82 11.17
C PRO D 237 39.82 9.64 10.95
N VAL D 238 40.49 9.66 9.80
CA VAL D 238 41.44 8.61 9.43
C VAL D 238 42.73 8.81 10.25
N VAL D 240 42.65 10.22 13.32
CA VAL D 240 42.19 9.89 14.68
C VAL D 240 42.28 8.37 14.84
N GLU D 241 41.90 7.66 13.78
CA GLU D 241 41.91 6.21 13.73
C GLU D 241 43.34 5.63 13.87
N HIS D 242 44.32 6.29 13.23
CA HIS D 242 45.74 5.88 13.27
C HIS D 242 46.31 5.90 14.68
N PHE D 243 45.87 6.90 15.44
CA PHE D 243 46.31 7.10 16.82
C PHE D 243 45.54 6.22 17.81
N ASP D 245 44.67 2.98 16.69
CA ASP D 245 44.95 1.67 16.10
C ASP D 245 45.94 0.93 17.00
N PRO D 246 45.77 -0.40 17.20
CA PRO D 246 46.70 -1.16 18.05
C PRO D 246 48.12 -1.30 17.42
N GLY D 247 48.91 -0.23 17.54
CA GLY D 247 50.27 -0.20 17.02
C GLY D 247 51.02 1.06 17.40
N LEU E 8 51.89 29.08 24.07
CA LEU E 8 52.92 30.17 24.09
C LEU E 8 53.25 30.61 22.67
N LEU E 9 52.92 31.87 22.36
CA LEU E 9 53.15 32.45 21.05
C LEU E 9 53.54 33.93 21.17
N GLY E 10 54.54 34.32 20.38
CA GLY E 10 55.01 35.70 20.36
C GLY E 10 54.47 36.41 19.13
N GLU E 11 53.84 37.57 19.35
CA GLU E 11 53.25 38.36 18.27
C GLU E 11 53.94 39.73 18.16
N VAL E 12 54.57 39.99 17.01
CA VAL E 12 55.28 41.26 16.74
C VAL E 12 54.80 41.87 15.42
N LEU E 13 54.38 43.14 15.46
CA LEU E 13 53.92 43.84 14.27
C LEU E 13 54.89 44.96 13.90
N SER E 14 55.26 45.00 12.62
CA SER E 14 56.19 46.00 12.08
C SER E 14 55.79 46.34 10.64
N GLU E 15 55.24 47.55 10.45
CA GLU E 15 54.79 48.09 9.16
C GLU E 15 53.89 47.16 8.32
N GLY E 16 52.85 46.63 8.96
CA GLY E 16 51.90 45.74 8.31
C GLY E 16 52.24 44.26 8.34
N VAL E 17 53.44 43.94 8.80
CA VAL E 17 53.91 42.55 8.88
C VAL E 17 53.89 41.98 10.30
N LEU E 18 52.99 41.02 10.53
CA LEU E 18 52.90 40.35 11.81
C LEU E 18 53.81 39.11 11.75
N THR E 19 54.73 39.04 12.71
CA THR E 19 55.64 37.91 12.78
C THR E 19 55.25 37.07 14.01
N LEU E 20 54.71 35.89 13.72
CA LEU E 20 54.29 34.94 14.75
C LEU E 20 55.48 34.05 15.03
N THR E 21 56.05 34.18 16.22
CA THR E 21 57.20 33.39 16.63
C THR E 21 56.74 32.26 17.53
N LEU E 22 56.94 31.02 17.06
CA LEU E 22 56.56 29.81 17.80
C LEU E 22 57.45 29.63 19.03
N GLY E 23 56.82 29.43 20.18
CA GLY E 23 57.57 29.26 21.41
C GLY E 23 57.70 27.81 21.83
N ARG E 24 57.79 27.62 23.15
CA ARG E 24 57.89 26.32 23.83
C ARG E 24 59.08 25.42 23.46
N ALA E 25 60.19 25.59 24.20
CA ALA E 25 61.43 24.79 24.05
C ALA E 25 62.02 24.82 22.61
N PRO E 26 63.03 23.97 22.28
CA PRO E 26 63.54 24.04 20.89
C PRO E 26 62.66 23.36 19.81
N ALA E 27 61.82 22.41 20.22
CA ALA E 27 60.96 21.66 19.30
C ALA E 27 59.69 22.34 18.75
N HIS E 28 59.17 23.33 19.50
CA HIS E 28 57.94 24.10 19.16
C HIS E 28 56.72 23.18 18.83
N PRO E 29 56.37 22.24 19.75
CA PRO E 29 55.26 21.30 19.55
C PRO E 29 53.87 21.86 19.31
N LEU E 30 53.11 21.21 18.42
CA LEU E 30 51.75 21.62 18.12
C LEU E 30 50.74 20.96 19.07
N SER E 31 50.81 21.38 20.33
CA SER E 31 49.91 20.90 21.38
C SER E 31 48.57 21.57 21.18
N ARG E 32 47.55 21.11 21.91
CA ARG E 32 46.20 21.67 21.83
C ARG E 32 46.19 23.18 22.13
N ALA E 33 47.06 23.61 23.04
CA ALA E 33 47.19 25.02 23.41
C ALA E 33 47.91 25.84 22.34
N ILE E 35 47.96 25.11 19.04
CA ILE E 35 47.03 25.17 17.92
C ILE E 35 45.99 26.25 18.18
N ALA E 36 45.53 26.31 19.43
CA ALA E 36 44.53 27.28 19.87
C ALA E 36 45.11 28.69 19.80
N ALA E 37 46.37 28.83 20.21
CA ALA E 37 47.08 30.10 20.19
C ALA E 37 47.30 30.62 18.77
N LEU E 38 47.63 29.71 17.84
CA LEU E 38 47.86 30.05 16.43
C LEU E 38 46.55 30.38 15.70
N HIS E 39 45.48 29.67 16.06
CA HIS E 39 44.16 29.90 15.47
C HIS E 39 43.55 31.20 15.99
N ASP E 40 43.78 31.52 17.26
CA ASP E 40 43.27 32.76 17.87
C ASP E 40 44.09 33.94 17.31
N ALA E 41 45.38 33.69 17.04
CA ALA E 41 46.30 34.68 16.48
C ALA E 41 46.04 34.90 15.00
N LEU E 42 45.42 33.91 14.35
CA LEU E 42 45.10 33.99 12.93
C LEU E 42 43.78 34.74 12.71
N ARG E 43 42.75 34.43 13.52
CA ARG E 43 41.44 35.08 13.44
C ARG E 43 41.58 36.59 13.66
N ARG E 44 42.41 36.96 14.65
CA ARG E 44 42.78 38.35 14.92
C ARG E 44 43.95 38.45 13.95
N ALA E 45 43.97 39.49 13.12
CA ALA E 45 44.98 39.77 12.08
C ALA E 45 44.23 39.68 10.76
N GLY E 47 41.12 39.83 10.86
CA GLY E 47 40.09 40.81 11.17
C GLY E 47 40.68 42.07 11.79
N ASP E 48 41.90 42.44 11.36
CA ASP E 48 42.62 43.64 11.82
C ASP E 48 43.29 44.23 10.58
N ASP E 49 42.78 45.38 10.13
CA ASP E 49 43.28 46.08 8.94
C ASP E 49 44.75 46.49 8.96
N HIS E 50 45.30 46.68 10.17
CA HIS E 50 46.72 47.05 10.36
C HIS E 50 47.67 45.94 9.90
N VAL E 51 47.17 44.70 9.90
CA VAL E 51 47.94 43.55 9.46
C VAL E 51 47.63 43.27 8.00
N HIS E 52 48.69 43.26 7.19
CA HIS E 52 48.58 43.01 5.77
C HIS E 52 49.15 41.65 5.44
N VAL E 53 50.32 41.34 6.00
CA VAL E 53 51.03 40.08 5.76
C VAL E 53 51.37 39.37 7.08
N LEU E 54 51.34 38.04 7.04
CA LEU E 54 51.70 37.21 8.18
C LEU E 54 53.00 36.45 7.87
N VAL E 55 53.80 36.23 8.92
CA VAL E 55 55.07 35.50 8.82
C VAL E 55 55.12 34.51 9.99
N ILE E 56 54.97 33.21 9.68
CA ILE E 56 55.02 32.15 10.69
C ILE E 56 56.50 31.75 10.82
N HIS E 57 57.06 32.01 12.00
CA HIS E 57 58.47 31.74 12.30
C HIS E 57 58.63 30.72 13.44
N GLY E 58 59.53 29.76 13.23
CA GLY E 58 59.84 28.73 14.22
C GLY E 58 61.36 28.67 14.29
N PRO E 59 62.01 29.46 15.17
CA PRO E 59 63.47 29.51 15.32
C PRO E 59 64.27 28.27 15.72
N GLY E 60 65.54 28.29 15.31
CA GLY E 60 66.48 27.23 15.66
C GLY E 60 66.65 26.03 14.76
N ARG E 61 67.22 24.98 15.33
CA ARG E 61 67.50 23.71 14.64
C ARG E 61 66.25 22.92 14.27
N ILE E 62 65.12 23.28 14.88
CA ILE E 62 63.81 22.66 14.61
C ILE E 62 62.77 23.78 14.34
N PHE E 63 62.10 23.71 13.20
CA PHE E 63 61.07 24.69 12.82
C PHE E 63 59.83 24.41 13.66
N CYS E 64 59.38 23.17 13.61
CA CYS E 64 58.23 22.66 14.36
C CYS E 64 58.25 21.14 14.24
N ALA E 65 58.23 20.48 15.39
CA ALA E 65 58.27 19.01 15.47
C ALA E 65 56.92 18.35 15.19
N GLY E 66 55.88 19.18 15.08
CA GLY E 66 54.53 18.74 14.80
C GLY E 66 53.90 17.75 15.76
N HIS E 67 52.91 18.23 16.52
CA HIS E 67 52.17 17.45 17.51
C HIS E 67 52.94 16.95 18.72
N ASP E 68 52.45 17.34 19.89
CA ASP E 68 53.02 16.97 21.18
C ASP E 68 52.63 15.54 21.50
N LEU E 69 53.61 14.64 21.47
CA LEU E 69 53.38 13.24 21.79
C LEU E 69 53.23 13.09 23.31
N LYS E 70 52.00 13.38 23.75
CA LYS E 70 51.57 13.30 25.15
C LYS E 70 50.30 12.44 25.23
N GLU E 71 50.30 11.52 26.18
CA GLU E 71 49.19 10.57 26.38
C GLU E 71 48.11 10.98 27.38
N ILE E 72 46.87 11.10 26.88
CA ILE E 72 45.69 11.44 27.68
C ILE E 72 44.79 10.19 27.70
N GLY E 82 42.15 7.40 25.41
CA GLY E 82 41.46 8.67 25.35
C GLY E 82 41.32 9.15 23.92
N ARG E 83 40.23 8.76 23.26
CA ARG E 83 39.98 9.14 21.87
C ARG E 83 39.25 10.47 21.67
N ALA E 84 38.69 11.03 22.74
CA ALA E 84 37.97 12.30 22.68
C ALA E 84 38.94 13.46 22.54
N PHE E 85 40.10 13.33 23.20
CA PHE E 85 41.18 14.32 23.16
C PHE E 85 41.77 14.35 21.75
N VAL E 86 42.12 13.17 21.26
CA VAL E 86 42.71 12.95 19.94
C VAL E 86 41.80 13.47 18.81
N THR E 87 40.48 13.34 19.01
CA THR E 87 39.48 13.83 18.06
C THR E 87 39.47 15.36 18.09
N ASP E 88 39.47 15.92 19.30
CA ASP E 88 39.45 17.36 19.52
C ASP E 88 40.73 18.04 19.01
N LEU E 89 41.85 17.31 19.11
CA LEU E 89 43.17 17.77 18.68
C LEU E 89 43.28 17.91 17.16
N PHE E 90 42.91 16.85 16.45
CA PHE E 90 42.96 16.84 14.99
C PHE E 90 41.87 17.66 14.31
N GLU E 91 40.74 17.82 14.98
CA GLU E 91 39.62 18.62 14.46
C GLU E 91 40.09 20.09 14.42
N ALA E 92 40.65 20.53 15.55
CA ALA E 92 41.18 21.88 15.71
C ALA E 92 42.42 22.11 14.84
N CYS E 93 43.23 21.06 14.65
CA CYS E 93 44.42 21.15 13.82
C CYS E 93 44.04 21.35 12.36
N SER E 94 43.08 20.54 11.87
CA SER E 94 42.61 20.62 10.50
C SER E 94 41.86 21.92 10.21
N ALA E 95 41.20 22.44 11.24
CA ALA E 95 40.45 23.68 11.16
C ALA E 95 41.40 24.86 11.00
N LEU E 96 42.56 24.77 11.68
CA LEU E 96 43.60 25.79 11.65
C LEU E 96 44.28 25.86 10.29
N LEU E 98 43.24 24.78 7.46
CA LEU E 98 42.28 25.10 6.41
C LEU E 98 42.12 26.62 6.42
N ASP E 99 41.98 27.17 7.62
CA ASP E 99 41.85 28.62 7.82
C ASP E 99 43.13 29.33 7.37
N LEU E 100 44.27 28.65 7.51
CA LEU E 100 45.58 29.20 7.14
C LEU E 100 45.78 29.21 5.62
N ALA E 101 45.40 28.12 4.97
CA ALA E 101 45.53 27.99 3.52
C ALA E 101 44.57 28.90 2.78
N HIS E 102 43.36 29.03 3.32
CA HIS E 102 42.34 29.89 2.72
C HIS E 102 42.33 31.32 3.22
N CYS E 103 43.36 31.70 3.98
CA CYS E 103 43.50 33.05 4.51
C CYS E 103 43.80 34.00 3.34
N PRO E 104 42.96 35.04 3.12
CA PRO E 104 43.15 36.00 2.04
C PRO E 104 44.45 36.81 2.14
N LYS E 105 44.91 37.02 3.37
CA LYS E 105 46.13 37.78 3.63
C LYS E 105 47.31 36.84 3.42
N PRO E 106 48.37 37.30 2.73
CA PRO E 106 49.56 36.48 2.47
C PRO E 106 50.26 35.93 3.72
N THR E 107 50.52 34.61 3.71
CA THR E 107 51.20 33.92 4.81
C THR E 107 52.53 33.36 4.33
N ILE E 108 53.61 33.70 5.06
CA ILE E 108 54.96 33.26 4.71
C ILE E 108 55.62 32.46 5.83
N ALA E 109 56.29 31.36 5.44
CA ALA E 109 56.98 30.52 6.40
C ALA E 109 58.51 30.68 6.33
N LEU E 110 59.09 30.96 7.50
CA LEU E 110 60.53 31.16 7.67
C LEU E 110 61.08 29.90 8.34
N VAL E 111 61.63 29.01 7.50
CA VAL E 111 62.18 27.71 7.89
C VAL E 111 63.71 27.69 7.95
N GLU E 112 64.26 27.34 9.11
CA GLU E 112 65.71 27.30 9.33
C GLU E 112 66.18 25.87 9.64
N GLY E 113 65.32 25.10 10.28
CA GLY E 113 65.65 23.74 10.66
C GLY E 113 64.67 22.71 10.16
N ILE E 114 64.55 21.61 10.91
CA ILE E 114 63.67 20.51 10.54
C ILE E 114 62.18 20.76 10.76
N ALA E 115 61.43 20.52 9.69
CA ALA E 115 59.98 20.65 9.69
C ALA E 115 59.49 19.24 9.52
N THR E 116 58.92 18.67 10.59
CA THR E 116 58.43 17.30 10.53
C THR E 116 56.97 17.14 10.93
N ALA E 117 56.33 16.13 10.34
CA ALA E 117 54.91 15.79 10.56
C ALA E 117 53.99 17.00 10.36
N ALA E 118 53.22 17.39 11.39
CA ALA E 118 52.33 18.53 11.29
C ALA E 118 53.09 19.85 11.18
N GLY E 119 54.40 19.78 11.45
CA GLY E 119 55.28 20.93 11.37
C GLY E 119 55.55 21.27 9.91
N LEU E 120 55.58 20.22 9.09
CA LEU E 120 55.77 20.37 7.65
C LEU E 120 54.45 20.86 7.02
N GLN E 121 53.33 20.47 7.63
CA GLN E 121 51.97 20.85 7.20
C GLN E 121 51.74 22.34 7.39
N LEU E 122 52.15 22.85 8.56
CA LEU E 122 52.03 24.28 8.94
C LEU E 122 52.72 25.13 7.89
N ALA E 124 53.59 23.92 4.77
CA ALA E 124 52.96 23.62 3.49
C ALA E 124 51.72 24.48 3.23
N ALA E 125 50.90 24.63 4.27
CA ALA E 125 49.66 25.43 4.25
C ALA E 125 49.89 26.94 4.12
N CYS E 126 51.14 27.38 4.27
CA CYS E 126 51.48 28.79 4.10
C CYS E 126 51.60 29.05 2.59
N ASP E 127 51.29 30.27 2.16
CA ASP E 127 51.36 30.65 0.74
C ASP E 127 52.76 30.50 0.19
N LEU E 128 53.72 31.00 0.95
CA LEU E 128 55.14 30.95 0.60
C LEU E 128 56.00 30.36 1.71
N ALA E 129 57.17 29.84 1.34
CA ALA E 129 58.13 29.25 2.28
C ALA E 129 59.55 29.51 1.80
N TYR E 130 60.42 29.89 2.72
CA TYR E 130 61.82 30.19 2.42
C TYR E 130 62.72 29.48 3.43
N ALA E 131 63.75 28.79 2.94
CA ALA E 131 64.65 28.03 3.80
C ALA E 131 66.15 28.21 3.61
N SER E 132 66.89 27.76 4.63
CA SER E 132 68.36 27.79 4.68
C SER E 132 68.84 26.43 4.15
N PRO E 133 70.08 26.34 3.59
CA PRO E 133 70.57 25.06 3.06
C PRO E 133 70.71 23.89 4.04
N ALA E 134 70.46 24.18 5.32
CA ALA E 134 70.54 23.19 6.38
C ALA E 134 69.15 22.71 6.82
N ALA E 135 68.11 23.36 6.31
CA ALA E 135 66.72 23.00 6.64
C ALA E 135 66.36 21.61 6.12
N ARG E 136 65.63 20.85 6.93
CA ARG E 136 65.23 19.50 6.57
C ARG E 136 63.75 19.24 6.67
N PHE E 137 63.27 18.34 5.82
CA PHE E 137 61.84 18.03 5.71
C PHE E 137 61.54 16.53 5.84
N CYS E 138 60.44 16.20 6.53
CA CYS E 138 60.08 14.81 6.75
C CYS E 138 58.62 14.54 7.15
N LEU E 139 58.17 13.33 6.85
CA LEU E 139 56.84 12.81 7.22
C LEU E 139 57.11 11.44 7.85
N PRO E 140 57.51 11.40 9.15
CA PRO E 140 57.84 10.18 9.91
C PRO E 140 56.68 9.34 10.47
N GLY E 141 55.52 9.38 9.81
CA GLY E 141 54.35 8.65 10.26
C GLY E 141 54.51 7.15 10.42
N VAL E 142 55.03 6.52 9.38
CA VAL E 142 55.25 5.06 9.32
C VAL E 142 56.25 4.50 10.35
N GLN E 143 57.23 5.31 10.73
CA GLN E 143 58.27 4.92 11.69
C GLN E 143 57.70 4.70 13.09
N ASN E 144 56.75 5.57 13.46
CA ASN E 144 56.06 5.51 14.76
C ASN E 144 54.89 4.50 14.69
N GLY E 145 54.78 3.79 13.57
CA GLY E 145 53.73 2.80 13.39
C GLY E 145 52.36 3.34 12.99
N GLY E 146 52.36 4.50 12.32
CA GLY E 146 51.11 5.10 11.87
C GLY E 146 51.27 5.56 10.43
N PHE E 147 50.71 6.72 10.14
CA PHE E 147 50.77 7.35 8.83
C PHE E 147 50.41 8.81 9.07
N THR E 149 48.59 11.16 7.66
CA THR E 149 47.41 11.45 6.87
C THR E 149 47.05 12.96 6.77
N THR E 150 46.89 13.65 7.91
CA THR E 150 46.58 15.09 7.88
C THR E 150 47.75 15.95 7.36
N PRO E 151 49.02 15.58 7.69
CA PRO E 151 50.16 16.38 7.18
C PRO E 151 50.35 16.23 5.68
N ALA E 152 50.01 15.04 5.15
CA ALA E 152 50.11 14.73 3.73
C ALA E 152 49.19 15.59 2.87
N VAL E 153 48.03 15.94 3.42
CA VAL E 153 47.02 16.76 2.75
C VAL E 153 47.55 18.11 2.22
N ALA E 154 48.15 18.91 3.10
CA ALA E 154 48.70 20.20 2.71
C ALA E 154 49.95 20.03 1.84
N VAL E 155 50.74 19.01 2.14
CA VAL E 155 51.97 18.70 1.39
C VAL E 155 51.63 18.22 -0.04
N SER E 156 50.49 17.54 -0.18
CA SER E 156 50.03 17.03 -1.47
C SER E 156 49.52 18.11 -2.42
N ARG E 157 49.25 19.29 -1.88
CA ARG E 157 48.75 20.41 -2.70
C ARG E 157 49.93 21.27 -3.13
N VAL E 158 51.08 20.97 -2.52
CA VAL E 158 52.34 21.68 -2.73
C VAL E 158 53.34 20.90 -3.61
N ILE E 159 53.39 19.58 -3.49
CA ILE E 159 54.31 18.78 -4.32
C ILE E 159 53.61 17.72 -5.18
N GLY E 160 54.36 17.16 -6.13
CA GLY E 160 53.83 16.13 -7.02
C GLY E 160 53.48 14.82 -6.35
N ARG E 161 52.61 14.04 -7.00
CA ARG E 161 52.12 12.74 -6.50
C ARG E 161 53.22 11.79 -6.04
N ARG E 162 54.22 11.58 -6.89
CA ARG E 162 55.35 10.69 -6.57
C ARG E 162 56.20 11.18 -5.40
N ALA E 163 56.25 12.49 -5.23
CA ALA E 163 57.01 13.09 -4.15
C ALA E 163 56.31 12.91 -2.79
N VAL E 164 54.99 13.21 -2.72
CA VAL E 164 54.21 13.06 -1.47
C VAL E 164 54.14 11.59 -1.07
N THR E 165 53.97 10.72 -2.08
CA THR E 165 53.86 9.28 -1.89
C THR E 165 55.13 8.72 -1.25
N GLU E 166 56.29 9.15 -1.76
CA GLU E 166 57.59 8.68 -1.24
C GLU E 166 57.88 9.20 0.17
N ALA E 168 55.60 10.03 2.45
CA ALA E 168 54.65 9.36 3.35
C ALA E 168 54.92 7.87 3.59
N LEU E 169 55.27 7.13 2.53
CA LEU E 169 55.55 5.71 2.61
C LEU E 169 56.91 5.32 3.20
N THR E 170 57.97 6.04 2.83
CA THR E 170 59.31 5.73 3.33
C THR E 170 59.62 6.39 4.67
N GLY E 171 59.11 7.60 4.86
CA GLY E 171 59.35 8.35 6.08
C GLY E 171 60.73 8.98 6.15
N ALA E 172 61.47 8.96 5.04
CA ALA E 172 62.83 9.51 5.00
C ALA E 172 62.94 11.03 5.19
N THR E 173 64.14 11.48 5.56
CA THR E 173 64.41 12.90 5.74
C THR E 173 65.03 13.46 4.45
N TYR E 174 64.38 14.47 3.90
CA TYR E 174 64.83 15.11 2.67
C TYR E 174 65.42 16.49 2.95
N ASP E 175 66.53 16.80 2.29
CA ASP E 175 67.21 18.09 2.46
C ASP E 175 66.56 19.25 1.71
N ALA E 176 67.19 20.43 1.80
CA ALA E 176 66.73 21.65 1.18
C ALA E 176 66.68 21.64 -0.33
N ASP E 177 67.73 21.07 -0.96
CA ASP E 177 67.81 20.98 -2.42
C ASP E 177 66.66 20.19 -3.04
N TRP E 178 66.29 19.08 -2.39
CA TRP E 178 65.19 18.23 -2.84
C TRP E 178 63.88 19.03 -2.76
N ALA E 179 63.73 19.77 -1.65
CA ALA E 179 62.54 20.58 -1.39
C ALA E 179 62.30 21.67 -2.41
N LEU E 180 63.39 22.23 -2.96
CA LEU E 180 63.32 23.27 -3.97
C LEU E 180 62.91 22.67 -5.32
N ALA E 181 63.43 21.48 -5.63
CA ALA E 181 63.12 20.79 -6.87
C ALA E 181 61.70 20.21 -6.90
N ALA E 182 61.18 19.82 -5.73
CA ALA E 182 59.83 19.25 -5.61
C ALA E 182 58.73 20.31 -5.62
N GLY E 183 59.12 21.53 -5.23
CA GLY E 183 58.19 22.64 -5.16
C GLY E 183 57.72 22.89 -3.74
N LEU E 184 58.37 22.23 -2.77
CA LEU E 184 58.04 22.35 -1.34
C LEU E 184 58.32 23.73 -0.76
N ILE E 185 59.46 24.31 -1.13
CA ILE E 185 59.83 25.66 -0.70
C ILE E 185 60.02 26.48 -1.98
N ASN E 186 59.88 27.81 -1.87
CA ASN E 186 60.06 28.70 -3.03
C ASN E 186 61.51 29.00 -3.41
N ARG E 187 62.34 29.36 -2.43
CA ARG E 187 63.77 29.66 -2.64
C ARG E 187 64.67 29.23 -1.50
N ILE E 188 65.92 28.88 -1.81
CA ILE E 188 66.92 28.53 -0.80
C ILE E 188 67.81 29.76 -0.71
N LEU E 189 68.01 30.25 0.51
CA LEU E 189 68.84 31.43 0.74
C LEU E 189 69.86 31.12 1.82
N PRO E 190 71.04 31.77 1.83
CA PRO E 190 72.06 31.53 2.87
C PRO E 190 71.58 31.88 4.29
N GLU E 191 72.19 31.25 5.28
CA GLU E 191 71.85 31.41 6.71
C GLU E 191 71.68 32.81 7.28
N ALA E 192 72.64 33.70 7.01
CA ALA E 192 72.63 35.09 7.51
C ALA E 192 71.84 36.07 6.64
N ALA E 193 71.34 35.58 5.51
CA ALA E 193 70.58 36.38 4.56
C ALA E 193 69.09 36.04 4.60
N LEU E 194 68.79 34.84 5.07
CA LEU E 194 67.41 34.32 5.16
C LEU E 194 66.36 35.23 5.78
N ALA E 195 66.60 35.67 7.01
CA ALA E 195 65.68 36.55 7.75
C ALA E 195 65.38 37.86 7.05
N THR E 196 66.40 38.44 6.43
CA THR E 196 66.29 39.73 5.73
C THR E 196 65.46 39.59 4.44
N HIS E 197 65.59 38.46 3.75
CA HIS E 197 64.85 38.20 2.51
C HIS E 197 63.36 38.21 2.79
N VAL E 198 62.95 37.47 3.82
CA VAL E 198 61.56 37.35 4.24
C VAL E 198 61.00 38.69 4.71
N ALA E 199 61.76 39.40 5.55
CA ALA E 199 61.34 40.71 6.06
C ALA E 199 61.15 41.71 4.91
N ASP E 200 62.06 41.66 3.92
CA ASP E 200 62.02 42.53 2.74
C ASP E 200 60.92 42.14 1.76
N LEU E 201 60.66 40.83 1.65
CA LEU E 201 59.64 40.30 0.75
C LEU E 201 58.25 40.54 1.30
N ALA E 202 58.12 40.34 2.61
CA ALA E 202 56.85 40.54 3.33
C ALA E 202 56.53 42.02 3.45
N GLY E 203 57.59 42.85 3.52
CA GLY E 203 57.45 44.29 3.63
C GLY E 203 56.99 44.89 2.32
N ALA E 204 57.54 44.35 1.23
CA ALA E 204 57.21 44.77 -0.15
C ALA E 204 55.76 44.41 -0.47
N LEU E 205 55.31 43.28 0.10
CA LEU E 205 53.94 42.78 -0.08
C LEU E 205 52.94 43.61 0.72
N ALA E 206 53.38 44.10 1.88
CA ALA E 206 52.53 44.91 2.76
C ALA E 206 52.34 46.33 2.26
N ALA E 207 53.26 46.78 1.40
CA ALA E 207 53.22 48.13 0.83
C ALA E 207 52.48 48.21 -0.51
N ARG E 208 51.81 47.12 -0.88
CA ARG E 208 51.05 47.06 -2.12
C ARG E 208 49.59 47.47 -1.85
N ASN E 209 48.82 47.71 -2.92
CA ASN E 209 47.40 48.05 -2.77
C ASN E 209 46.73 46.76 -2.29
N GLN E 210 46.27 46.80 -1.05
CA GLN E 210 45.68 45.64 -0.37
C GLN E 210 44.42 44.95 -0.86
N ALA E 211 43.42 45.73 -1.29
CA ALA E 211 42.16 45.13 -1.77
C ALA E 211 42.33 44.17 -2.95
N PRO E 212 43.14 44.51 -3.98
CA PRO E 212 43.28 43.54 -5.06
C PRO E 212 44.17 42.34 -4.71
N LEU E 213 45.06 42.53 -3.73
CA LEU E 213 45.98 41.49 -3.27
C LEU E 213 45.25 40.34 -2.57
N ARG E 214 44.34 40.69 -1.67
CA ARG E 214 43.56 39.73 -0.90
C ARG E 214 42.53 39.04 -1.78
N ARG E 215 41.77 39.84 -2.52
CA ARG E 215 40.73 39.37 -3.44
C ARG E 215 41.36 38.44 -4.50
N GLY E 216 42.61 38.75 -4.85
CA GLY E 216 43.37 37.97 -5.82
C GLY E 216 43.85 36.61 -5.32
N LEU E 217 44.34 36.57 -4.08
CA LEU E 217 44.81 35.32 -3.47
C LEU E 217 43.63 34.39 -3.19
N GLU E 218 42.54 34.98 -2.71
CA GLU E 218 41.28 34.29 -2.40
C GLU E 218 40.74 33.60 -3.66
N THR E 219 40.77 34.33 -4.79
CA THR E 219 40.31 33.81 -6.07
C THR E 219 41.26 32.76 -6.65
N LEU E 220 42.58 32.94 -6.44
CA LEU E 220 43.58 31.97 -6.90
C LEU E 220 43.45 30.64 -6.16
N ASN E 221 43.13 30.70 -4.86
CA ASN E 221 42.94 29.50 -4.05
C ASN E 221 41.59 28.85 -4.36
N ARG E 222 40.66 29.64 -4.87
CA ARG E 222 39.35 29.12 -5.23
C ARG E 222 39.37 28.44 -6.60
N HIS E 223 39.87 29.13 -7.62
CA HIS E 223 39.90 28.58 -8.97
C HIS E 223 40.77 27.34 -9.24
N LEU E 224 41.74 27.10 -8.36
CA LEU E 224 42.67 25.96 -8.45
C LEU E 224 42.00 24.61 -8.18
N GLU E 225 40.75 24.67 -7.69
CA GLU E 225 39.96 23.48 -7.37
C GLU E 225 38.75 23.37 -8.31
N LEU E 226 38.77 24.21 -9.36
CA LEU E 226 37.70 24.26 -10.34
C LEU E 226 38.17 23.91 -11.75
N PRO E 227 37.23 23.49 -12.65
CA PRO E 227 37.66 23.17 -14.02
C PRO E 227 37.95 24.52 -14.70
N LEU E 228 38.74 24.52 -15.78
CA LEU E 228 39.13 25.74 -16.51
C LEU E 228 38.03 26.74 -16.85
N GLU E 229 36.89 26.22 -17.33
CA GLU E 229 35.74 27.05 -17.71
C GLU E 229 35.13 27.78 -16.51
N GLN E 230 35.02 27.07 -15.38
CA GLN E 230 34.47 27.64 -14.15
C GLN E 230 35.49 28.58 -13.49
N ALA E 231 36.78 28.34 -13.77
CA ALA E 231 37.87 29.15 -13.23
C ALA E 231 37.87 30.55 -13.86
N TYR E 232 37.58 30.58 -15.16
CA TYR E 232 37.51 31.83 -15.90
C TYR E 232 36.20 32.56 -15.61
N ALA E 233 35.16 31.80 -15.30
CA ALA E 233 33.85 32.35 -14.97
C ALA E 233 33.89 33.10 -13.62
N LEU E 234 34.72 32.61 -12.70
CA LEU E 234 34.88 33.20 -11.38
C LEU E 234 35.91 34.33 -11.38
N ALA E 235 37.04 34.09 -12.06
CA ALA E 235 38.15 35.03 -12.11
C ALA E 235 38.02 36.30 -12.96
N THR E 236 37.31 36.20 -14.09
CA THR E 236 37.11 37.33 -15.00
C THR E 236 36.48 38.58 -14.36
N PRO E 237 35.38 38.44 -13.55
CA PRO E 237 34.81 39.66 -12.95
C PRO E 237 35.73 40.22 -11.85
N VAL E 238 36.51 39.33 -11.23
CA VAL E 238 37.45 39.72 -10.16
C VAL E 238 38.57 40.61 -10.71
N VAL E 240 38.11 42.47 -13.38
CA VAL E 240 37.43 43.72 -13.74
C VAL E 240 37.39 44.63 -12.51
N GLU E 241 37.14 44.03 -11.34
CA GLU E 241 37.09 44.74 -10.05
C GLU E 241 38.45 45.38 -9.72
N HIS E 242 39.53 44.67 -10.10
CA HIS E 242 40.91 45.13 -9.87
C HIS E 242 41.22 46.41 -10.63
N PHE E 243 40.74 46.49 -11.87
CA PHE E 243 40.95 47.66 -12.71
C PHE E 243 40.01 48.82 -12.37
N ASP E 245 39.37 49.42 -9.15
CA ASP E 245 39.76 49.68 -7.76
C ASP E 245 40.47 51.06 -7.64
N PRO E 246 40.14 51.85 -6.58
CA PRO E 246 40.81 53.15 -6.43
C PRO E 246 42.26 52.98 -5.94
N GLY E 247 43.17 52.84 -6.91
CA GLY E 247 44.58 52.66 -6.59
C GLY E 247 45.39 52.01 -7.70
N LEU F 8 46.35 43.94 -35.23
CA LEU F 8 46.99 43.44 -36.48
C LEU F 8 47.80 42.18 -36.18
N LEU F 9 47.67 41.19 -37.07
CA LEU F 9 48.33 39.89 -36.92
C LEU F 9 48.79 39.27 -38.26
N GLY F 10 50.04 38.80 -38.28
CA GLY F 10 50.60 38.16 -39.47
C GLY F 10 50.30 36.68 -39.53
N GLU F 11 49.78 36.20 -40.67
CA GLU F 11 49.43 34.79 -40.87
C GLU F 11 50.16 34.15 -42.07
N VAL F 12 50.99 33.14 -41.81
CA VAL F 12 51.73 32.43 -42.87
C VAL F 12 51.51 30.91 -42.75
N LEU F 13 51.03 30.29 -43.83
CA LEU F 13 50.79 28.84 -43.87
C LEU F 13 51.91 28.13 -44.67
N SER F 14 52.50 27.10 -44.04
CA SER F 14 53.60 26.32 -44.64
C SER F 14 53.63 24.87 -44.15
N GLU F 15 53.40 23.93 -45.08
CA GLU F 15 53.39 22.46 -44.83
C GLU F 15 52.36 21.99 -43.78
N GLY F 16 51.34 22.82 -43.55
CA GLY F 16 50.31 22.52 -42.59
C GLY F 16 50.48 23.31 -41.30
N VAL F 17 51.58 24.03 -41.19
CA VAL F 17 51.89 24.83 -40.00
C VAL F 17 51.51 26.30 -40.21
N LEU F 18 50.61 26.80 -39.35
CA LEU F 18 50.19 28.19 -39.40
C LEU F 18 50.87 29.02 -38.31
N THR F 19 51.88 29.81 -38.71
CA THR F 19 52.58 30.68 -37.78
C THR F 19 51.84 32.01 -37.71
N LEU F 20 51.51 32.41 -36.49
CA LEU F 20 50.80 33.65 -36.24
C LEU F 20 51.81 34.61 -35.62
N THR F 21 52.05 35.69 -36.34
CA THR F 21 53.02 36.67 -35.91
C THR F 21 52.32 37.89 -35.35
N LEU F 22 52.59 38.15 -34.07
CA LEU F 22 52.04 39.27 -33.34
C LEU F 22 52.57 40.59 -33.89
N GLY F 23 51.64 41.48 -34.25
CA GLY F 23 51.99 42.77 -34.79
C GLY F 23 52.15 43.80 -33.70
N ARG F 24 52.04 45.08 -34.08
CA ARG F 24 52.16 46.24 -33.19
C ARG F 24 53.47 46.23 -32.36
N ALA F 25 54.58 46.13 -33.09
CA ALA F 25 55.94 46.09 -32.53
C ALA F 25 56.28 47.33 -31.67
N PRO F 26 57.11 47.17 -30.61
CA PRO F 26 57.80 45.98 -30.09
C PRO F 26 57.08 45.24 -28.96
N ALA F 27 56.17 45.93 -28.28
CA ALA F 27 55.43 45.39 -27.13
C ALA F 27 54.44 44.25 -27.39
N HIS F 28 53.88 44.20 -28.62
CA HIS F 28 52.87 43.21 -29.04
C HIS F 28 51.74 43.19 -27.99
N PRO F 29 51.13 44.37 -27.71
CA PRO F 29 50.07 44.42 -26.70
C PRO F 29 48.76 43.70 -27.05
N LEU F 30 48.08 43.23 -26.02
CA LEU F 30 46.80 42.55 -26.20
C LEU F 30 45.64 43.51 -26.02
N SER F 31 45.44 44.34 -27.04
CA SER F 31 44.35 45.30 -27.08
C SER F 31 43.07 44.57 -27.48
N ARG F 32 41.94 45.28 -27.48
CA ARG F 32 40.66 44.69 -27.87
C ARG F 32 40.71 44.18 -29.32
N ALA F 33 41.38 44.94 -30.19
CA ALA F 33 41.53 44.59 -31.60
C ALA F 33 42.47 43.40 -31.81
N ILE F 35 43.05 40.98 -29.57
CA ILE F 35 42.36 39.81 -29.03
C ILE F 35 41.38 39.34 -30.10
N ALA F 36 40.67 40.29 -30.70
CA ALA F 36 39.71 40.01 -31.77
C ALA F 36 40.41 39.34 -32.95
N ALA F 37 41.60 39.86 -33.32
CA ALA F 37 42.40 39.34 -34.42
C ALA F 37 42.88 37.92 -34.15
N LEU F 38 43.37 37.68 -32.93
CA LEU F 38 43.85 36.35 -32.54
C LEU F 38 42.73 35.33 -32.51
N HIS F 39 41.58 35.74 -31.99
CA HIS F 39 40.38 34.90 -31.87
C HIS F 39 39.80 34.53 -33.23
N ASP F 40 39.77 35.49 -34.16
CA ASP F 40 39.26 35.25 -35.51
C ASP F 40 40.23 34.36 -36.29
N ALA F 41 41.51 34.49 -35.95
CA ALA F 41 42.57 33.70 -36.55
C ALA F 41 42.60 32.28 -35.96
N LEU F 42 41.99 32.09 -34.80
CA LEU F 42 41.92 30.78 -34.16
C LEU F 42 40.72 30.01 -34.72
N ARG F 43 39.57 30.70 -34.84
CA ARG F 43 38.32 30.12 -35.36
C ARG F 43 38.54 29.65 -36.80
N ARG F 44 39.17 30.51 -37.60
CA ARG F 44 39.57 30.19 -38.98
C ARG F 44 40.93 29.58 -38.66
N ALA F 45 41.08 28.28 -38.90
CA ALA F 45 42.30 27.49 -38.66
C ALA F 45 41.84 26.23 -37.98
N GLY F 47 38.79 25.46 -38.12
CA GLY F 47 37.81 25.00 -39.08
C GLY F 47 38.39 24.74 -40.46
N ASP F 48 39.72 24.88 -40.60
CA ASP F 48 40.40 24.65 -41.87
C ASP F 48 41.30 23.42 -41.80
N ASP F 49 41.02 22.46 -42.67
CA ASP F 49 41.76 21.20 -42.76
C ASP F 49 43.25 21.35 -43.08
N HIS F 50 43.58 22.39 -43.86
CA HIS F 50 44.96 22.69 -44.28
C HIS F 50 45.87 23.13 -43.14
N VAL F 51 45.25 23.60 -42.04
CA VAL F 51 45.98 24.03 -40.85
C VAL F 51 46.02 22.84 -39.88
N HIS F 52 47.22 22.35 -39.62
CA HIS F 52 47.41 21.23 -38.73
C HIS F 52 47.95 21.67 -37.37
N VAL F 53 48.95 22.55 -37.37
CA VAL F 53 49.60 23.06 -36.16
C VAL F 53 49.66 24.60 -36.11
N LEU F 54 49.42 25.16 -34.93
CA LEU F 54 49.44 26.60 -34.72
C LEU F 54 50.72 27.01 -33.99
N VAL F 55 51.43 28.02 -34.53
CA VAL F 55 52.63 28.52 -33.88
C VAL F 55 52.40 30.01 -33.61
N ILE F 56 52.50 30.39 -32.34
CA ILE F 56 52.30 31.78 -31.91
C ILE F 56 53.68 32.36 -31.60
N HIS F 57 54.05 33.36 -32.38
CA HIS F 57 55.35 34.01 -32.32
C HIS F 57 55.28 35.52 -32.07
N GLY F 58 56.00 35.97 -31.05
CA GLY F 58 56.08 37.37 -30.71
C GLY F 58 57.56 37.70 -30.76
N PRO F 59 58.09 38.23 -31.88
CA PRO F 59 59.51 38.56 -32.02
C PRO F 59 60.09 39.72 -31.20
N GLY F 60 61.42 39.68 -31.07
CA GLY F 60 62.17 40.70 -30.36
C GLY F 60 62.35 40.50 -28.87
N ARG F 61 62.82 41.57 -28.23
CA ARG F 61 63.08 41.65 -26.79
C ARG F 61 61.84 41.40 -25.93
N ILE F 62 60.66 41.57 -26.55
CA ILE F 62 59.37 41.39 -25.88
C ILE F 62 58.50 40.38 -26.66
N PHE F 63 58.04 39.33 -25.97
CA PHE F 63 57.15 38.33 -26.59
C PHE F 63 55.73 38.89 -26.63
N CYS F 64 55.31 39.52 -25.53
CA CYS F 64 53.98 40.12 -25.38
C CYS F 64 53.86 40.88 -24.06
N ALA F 65 53.40 42.12 -24.15
CA ALA F 65 53.23 43.00 -22.98
C ALA F 65 51.99 42.68 -22.15
N GLY F 66 51.01 42.04 -22.77
CA GLY F 66 49.79 41.67 -22.08
C GLY F 66 48.90 42.82 -21.67
N HIS F 67 47.83 43.03 -22.44
CA HIS F 67 46.85 44.10 -22.25
C HIS F 67 47.41 45.49 -22.46
N ASP F 68 46.91 46.14 -23.52
CA ASP F 68 47.31 47.50 -23.91
C ASP F 68 46.79 48.46 -22.86
N LEU F 69 47.69 49.30 -22.35
CA LEU F 69 47.31 50.29 -21.36
C LEU F 69 46.74 51.53 -22.05
N LYS F 70 45.44 51.39 -22.35
CA LYS F 70 44.58 52.39 -23.01
C LYS F 70 43.21 52.36 -22.33
N GLU F 71 42.93 53.38 -21.53
CA GLU F 71 41.65 53.46 -20.81
C GLU F 71 40.54 54.30 -21.45
N ILE F 72 39.37 53.68 -21.53
CA ILE F 72 38.18 54.30 -22.07
C ILE F 72 37.33 54.69 -20.84
N GLY F 82 35.97 53.53 -16.50
CA GLY F 82 35.23 53.03 -17.64
C GLY F 82 35.12 51.52 -17.64
N ARG F 83 34.19 51.00 -16.84
CA ARG F 83 33.99 49.56 -16.69
C ARG F 83 33.40 48.75 -17.86
N ALA F 84 32.61 49.39 -18.72
CA ALA F 84 31.99 48.69 -19.85
C ALA F 84 33.03 48.08 -20.81
N PHE F 85 34.08 48.85 -21.11
CA PHE F 85 35.16 48.41 -22.00
C PHE F 85 36.00 47.33 -21.31
N VAL F 86 36.36 47.59 -20.05
CA VAL F 86 37.16 46.70 -19.23
C VAL F 86 36.50 45.32 -19.07
N THR F 87 35.17 45.31 -18.91
CA THR F 87 34.39 44.08 -18.77
C THR F 87 34.34 43.33 -20.11
N ASP F 88 34.26 44.08 -21.20
CA ASP F 88 34.22 43.50 -22.54
C ASP F 88 35.61 42.94 -22.92
N LEU F 89 36.66 43.66 -22.52
CA LEU F 89 38.06 43.28 -22.79
C LEU F 89 38.42 41.94 -22.15
N PHE F 90 38.22 41.84 -20.83
CA PHE F 90 38.55 40.64 -20.08
C PHE F 90 37.69 39.44 -20.43
N GLU F 91 36.47 39.71 -20.89
CA GLU F 91 35.49 38.70 -21.33
C GLU F 91 36.02 38.04 -22.59
N ALA F 92 36.47 38.88 -23.52
CA ALA F 92 37.02 38.48 -24.81
C ALA F 92 38.36 37.77 -24.65
N CYS F 93 39.14 38.21 -23.66
CA CYS F 93 40.44 37.63 -23.36
C CYS F 93 40.23 36.21 -22.82
N SER F 94 39.29 36.07 -21.88
CA SER F 94 38.99 34.77 -21.30
C SER F 94 38.41 33.79 -22.32
N ALA F 95 37.56 34.31 -23.20
CA ALA F 95 36.94 33.51 -24.27
C ALA F 95 38.01 33.03 -25.29
N LEU F 96 39.03 33.86 -25.54
CA LEU F 96 40.14 33.53 -26.46
C LEU F 96 41.06 32.49 -25.83
N LEU F 98 40.36 30.49 -23.39
CA LEU F 98 39.57 29.29 -23.14
C LEU F 98 39.56 28.46 -24.42
N ASP F 99 39.44 29.14 -25.55
CA ASP F 99 39.41 28.50 -26.85
C ASP F 99 40.78 27.96 -27.25
N LEU F 100 41.82 28.71 -26.90
CA LEU F 100 43.20 28.34 -27.19
C LEU F 100 43.66 27.11 -26.44
N ALA F 101 43.36 27.06 -25.14
CA ALA F 101 43.73 25.93 -24.28
C ALA F 101 42.97 24.65 -24.64
N HIS F 102 41.73 24.82 -25.12
CA HIS F 102 40.87 23.70 -25.52
C HIS F 102 40.87 23.41 -27.03
N CYS F 103 41.83 23.99 -27.75
CA CYS F 103 41.97 23.77 -29.20
C CYS F 103 42.47 22.35 -29.48
N PRO F 104 41.78 21.60 -30.37
CA PRO F 104 42.20 20.21 -30.69
C PRO F 104 43.54 20.12 -31.42
N LYS F 105 43.88 21.17 -32.15
CA LYS F 105 45.12 21.24 -32.94
C LYS F 105 46.29 21.73 -32.10
N PRO F 106 47.47 21.08 -32.21
CA PRO F 106 48.67 21.46 -31.46
C PRO F 106 49.02 22.95 -31.55
N THR F 107 49.31 23.54 -30.40
CA THR F 107 49.67 24.96 -30.32
C THR F 107 51.03 25.15 -29.65
N ILE F 108 51.96 25.75 -30.39
CA ILE F 108 53.32 25.97 -29.90
C ILE F 108 53.64 27.46 -29.78
N ALA F 109 54.16 27.84 -28.63
CA ALA F 109 54.55 29.23 -28.40
C ALA F 109 56.06 29.36 -28.55
N LEU F 110 56.47 30.35 -29.34
CA LEU F 110 57.87 30.63 -29.63
C LEU F 110 58.25 31.93 -28.90
N VAL F 111 59.02 31.80 -27.82
CA VAL F 111 59.43 32.91 -26.96
C VAL F 111 60.92 33.28 -27.02
N GLU F 112 61.19 34.55 -27.37
CA GLU F 112 62.57 35.05 -27.45
C GLU F 112 62.81 36.16 -26.42
N GLY F 113 61.72 36.75 -25.94
CA GLY F 113 61.85 37.84 -24.98
C GLY F 113 60.97 37.74 -23.75
N ILE F 114 60.48 38.88 -23.27
CA ILE F 114 59.66 38.91 -22.06
C ILE F 114 58.17 38.63 -22.30
N ALA F 115 57.66 37.69 -21.52
CA ALA F 115 56.27 37.29 -21.55
C ALA F 115 55.75 37.76 -20.20
N THR F 116 55.07 38.91 -20.24
CA THR F 116 54.52 39.55 -19.05
C THR F 116 52.99 39.66 -19.04
N ALA F 117 52.41 39.47 -17.85
CA ALA F 117 50.95 39.56 -17.62
C ALA F 117 50.10 38.65 -18.52
N ALA F 118 49.22 39.22 -19.34
CA ALA F 118 48.37 38.44 -20.25
C ALA F 118 49.13 37.85 -21.41
N GLY F 119 50.39 38.28 -21.54
CA GLY F 119 51.28 37.79 -22.57
C GLY F 119 51.83 36.45 -22.16
N LEU F 120 52.03 36.31 -20.85
CA LEU F 120 52.50 35.08 -20.25
C LEU F 120 51.34 34.08 -20.30
N GLN F 121 50.11 34.60 -20.16
CA GLN F 121 48.89 33.80 -20.21
C GLN F 121 48.76 33.17 -21.57
N LEU F 122 49.04 33.95 -22.62
CA LEU F 122 48.97 33.49 -24.02
C LEU F 122 49.91 32.31 -24.26
N ALA F 124 51.15 30.43 -21.78
CA ALA F 124 50.70 29.40 -20.86
C ALA F 124 49.58 28.56 -21.43
N ALA F 125 48.71 29.22 -22.21
CA ALA F 125 47.54 28.59 -22.83
C ALA F 125 47.88 27.71 -24.05
N CYS F 126 49.12 27.81 -24.52
CA CYS F 126 49.58 27.01 -25.65
C CYS F 126 49.98 25.62 -25.14
N ASP F 127 49.77 24.60 -25.97
CA ASP F 127 50.12 23.21 -25.63
C ASP F 127 51.61 23.04 -25.33
N LEU F 128 52.45 23.60 -26.20
CA LEU F 128 53.91 23.54 -26.05
C LEU F 128 54.51 24.93 -26.04
N ALA F 129 55.66 25.09 -25.39
CA ALA F 129 56.33 26.39 -25.33
C ALA F 129 57.86 26.24 -25.31
N TYR F 130 58.53 26.91 -26.26
CA TYR F 130 59.99 26.85 -26.36
C TYR F 130 60.58 28.25 -26.32
N ALA F 131 61.68 28.38 -25.57
CA ALA F 131 62.32 29.67 -25.38
C ALA F 131 63.83 29.73 -25.53
N SER F 132 64.31 30.97 -25.70
CA SER F 132 65.73 31.29 -25.80
C SER F 132 66.20 31.52 -24.36
N PRO F 133 67.53 31.42 -24.08
CA PRO F 133 67.98 31.65 -22.69
C PRO F 133 67.87 33.09 -22.20
N ALA F 134 67.52 33.99 -23.11
CA ALA F 134 67.34 35.42 -22.83
C ALA F 134 65.92 35.76 -22.37
N ALA F 135 65.00 34.83 -22.63
CA ALA F 135 63.58 34.97 -22.29
C ALA F 135 63.25 35.16 -20.80
N ARG F 136 62.40 36.15 -20.53
CA ARG F 136 61.99 36.47 -19.17
C ARG F 136 60.48 36.29 -19.01
N PHE F 137 60.07 35.87 -17.82
CA PHE F 137 58.65 35.59 -17.51
C PHE F 137 58.22 36.36 -16.26
N CYS F 138 57.05 36.98 -16.35
CA CYS F 138 56.56 37.82 -15.27
C CYS F 138 55.04 37.99 -15.17
N LEU F 139 54.61 38.31 -13.96
CA LEU F 139 53.22 38.63 -13.61
C LEU F 139 53.42 39.88 -12.75
N PRO F 140 53.50 41.09 -13.38
CA PRO F 140 53.70 42.37 -12.69
C PRO F 140 52.53 43.11 -12.08
N GLY F 141 51.40 42.42 -11.89
CA GLY F 141 50.21 43.03 -11.31
C GLY F 141 50.32 43.84 -10.03
N VAL F 142 50.90 43.25 -8.99
CA VAL F 142 51.06 43.90 -7.69
C VAL F 142 51.78 45.25 -7.74
N GLN F 143 52.72 45.39 -8.69
CA GLN F 143 53.48 46.64 -8.89
C GLN F 143 52.59 47.78 -9.37
N ASN F 144 51.63 47.46 -10.22
CA ASN F 144 50.70 48.44 -10.78
C ASN F 144 49.40 48.56 -9.96
N GLY F 145 49.49 48.23 -8.68
CA GLY F 145 48.36 48.30 -7.76
C GLY F 145 47.23 47.30 -7.96
N GLY F 146 47.50 46.25 -8.71
CA GLY F 146 46.50 45.24 -8.98
C GLY F 146 46.95 43.83 -8.67
N PHE F 147 46.49 42.89 -9.48
CA PHE F 147 46.83 41.47 -9.34
C PHE F 147 46.46 40.83 -10.67
N THR F 149 44.92 38.22 -11.85
CA THR F 149 43.91 37.18 -11.64
C THR F 149 43.68 36.26 -12.85
N THR F 150 43.30 36.82 -14.01
CA THR F 150 43.09 36.01 -15.21
C THR F 150 44.38 35.39 -15.77
N PRO F 151 45.53 36.12 -15.73
CA PRO F 151 46.75 35.49 -16.24
C PRO F 151 47.21 34.33 -15.37
N ALA F 152 46.99 34.46 -14.06
CA ALA F 152 47.36 33.42 -13.09
C ALA F 152 46.55 32.13 -13.27
N VAL F 153 45.45 32.22 -14.03
CA VAL F 153 44.61 31.04 -14.27
C VAL F 153 45.32 30.02 -15.17
N ALA F 154 45.77 30.47 -16.34
CA ALA F 154 46.47 29.60 -17.30
C ALA F 154 47.82 29.11 -16.78
N VAL F 155 48.50 29.98 -16.03
CA VAL F 155 49.82 29.70 -15.46
C VAL F 155 49.75 28.64 -14.35
N SER F 156 48.68 28.69 -13.56
CA SER F 156 48.47 27.74 -12.46
C SER F 156 48.21 26.32 -12.94
N ARG F 157 47.81 26.20 -14.20
CA ARG F 157 47.54 24.90 -14.82
C ARG F 157 48.81 24.34 -15.46
N VAL F 158 49.83 25.19 -15.56
CA VAL F 158 51.09 24.84 -16.19
C VAL F 158 52.29 24.72 -15.23
N ILE F 159 52.20 25.34 -14.05
CA ILE F 159 53.26 25.25 -13.02
C ILE F 159 52.71 24.90 -11.62
N GLY F 160 53.64 24.63 -10.70
CA GLY F 160 53.27 24.29 -9.34
C GLY F 160 52.63 25.39 -8.51
N ARG F 161 51.97 24.97 -7.42
CA ARG F 161 51.28 25.86 -6.48
C ARG F 161 52.14 27.00 -5.95
N ARG F 162 53.31 26.66 -5.44
CA ARG F 162 54.21 27.65 -4.89
C ARG F 162 54.79 28.61 -5.92
N ALA F 163 55.05 28.08 -7.11
CA ALA F 163 55.60 28.86 -8.22
C ALA F 163 54.67 29.93 -8.77
N VAL F 164 53.38 29.63 -8.89
CA VAL F 164 52.41 30.62 -9.38
C VAL F 164 52.07 31.63 -8.28
N THR F 165 52.14 31.16 -7.03
CA THR F 165 51.86 32.01 -5.88
C THR F 165 52.97 33.05 -5.75
N GLU F 166 54.22 32.62 -5.87
CA GLU F 166 55.35 33.55 -5.78
C GLU F 166 55.34 34.56 -6.91
N ALA F 168 52.78 35.67 -8.65
CA ALA F 168 51.68 36.59 -8.48
C ALA F 168 51.83 37.52 -7.27
N LEU F 169 52.40 37.00 -6.18
CA LEU F 169 52.60 37.79 -4.97
C LEU F 169 53.75 38.79 -5.02
N THR F 170 54.88 38.37 -5.60
CA THR F 170 56.06 39.23 -5.70
C THR F 170 56.08 40.20 -6.88
N GLY F 171 55.71 39.69 -8.06
CA GLY F 171 55.70 40.49 -9.27
C GLY F 171 57.04 40.52 -9.97
N ALA F 172 57.99 39.76 -9.42
CA ALA F 172 59.36 39.67 -9.92
C ALA F 172 59.49 38.96 -11.27
N THR F 173 60.56 39.26 -12.00
CA THR F 173 60.80 38.63 -13.30
C THR F 173 61.63 37.38 -13.08
N TYR F 174 61.31 36.34 -13.83
CA TYR F 174 61.99 35.06 -13.70
C TYR F 174 62.65 34.68 -14.99
N ASP F 175 63.84 34.07 -14.90
CA ASP F 175 64.60 33.66 -16.08
C ASP F 175 64.18 32.31 -16.65
N ALA F 176 64.75 31.97 -17.80
CA ALA F 176 64.47 30.73 -18.51
C ALA F 176 64.79 29.45 -17.72
N ASP F 177 65.87 29.48 -16.92
CA ASP F 177 66.30 28.35 -16.10
C ASP F 177 65.24 27.98 -15.06
N TRP F 178 64.67 29.01 -14.43
CA TRP F 178 63.63 28.84 -13.42
C TRP F 178 62.37 28.31 -14.09
N ALA F 179 62.04 28.90 -15.23
CA ALA F 179 60.87 28.51 -16.03
C ALA F 179 60.94 27.07 -16.55
N LEU F 180 62.16 26.59 -16.84
CA LEU F 180 62.35 25.22 -17.30
C LEU F 180 62.06 24.27 -16.13
N ALA F 181 62.68 24.54 -14.98
CA ALA F 181 62.50 23.74 -13.76
C ALA F 181 61.06 23.71 -13.23
N ALA F 182 60.39 24.85 -13.31
CA ALA F 182 59.01 25.00 -12.86
C ALA F 182 58.01 24.37 -13.86
N GLY F 183 58.48 24.08 -15.07
CA GLY F 183 57.63 23.50 -16.09
C GLY F 183 56.86 24.51 -16.95
N LEU F 184 57.19 25.79 -16.84
CA LEU F 184 56.55 26.87 -17.60
C LEU F 184 56.81 26.74 -19.12
N ILE F 185 58.02 26.34 -19.47
CA ILE F 185 58.41 26.12 -20.87
C ILE F 185 58.91 24.67 -20.96
N ASN F 186 58.88 24.09 -22.15
CA ASN F 186 59.32 22.70 -22.33
C ASN F 186 60.83 22.50 -22.44
N ARG F 187 61.49 23.33 -23.27
CA ARG F 187 62.94 23.27 -23.47
C ARG F 187 63.52 24.65 -23.71
N ILE F 188 64.82 24.79 -23.45
CA ILE F 188 65.54 26.03 -23.70
C ILE F 188 66.43 25.70 -24.88
N LEU F 189 66.33 26.51 -25.93
CA LEU F 189 67.14 26.32 -27.13
C LEU F 189 67.91 27.60 -27.42
N PRO F 190 69.18 27.50 -27.93
CA PRO F 190 69.97 28.71 -28.25
C PRO F 190 69.24 29.54 -29.31
N GLU F 191 69.29 30.86 -29.18
CA GLU F 191 68.61 31.79 -30.09
C GLU F 191 68.76 31.51 -31.60
N ALA F 192 69.94 31.05 -32.01
CA ALA F 192 70.24 30.73 -33.41
C ALA F 192 69.55 29.45 -33.92
N ALA F 193 69.31 28.52 -33.01
CA ALA F 193 68.67 27.24 -33.33
C ALA F 193 67.20 27.11 -32.93
N LEU F 194 66.67 28.10 -32.19
CA LEU F 194 65.29 28.09 -31.69
C LEU F 194 64.18 27.99 -32.74
N ALA F 195 64.06 28.99 -33.62
CA ALA F 195 63.05 29.03 -34.66
C ALA F 195 63.09 27.88 -35.68
N THR F 196 64.22 27.19 -35.76
CA THR F 196 64.36 26.05 -36.67
C THR F 196 63.81 24.77 -36.03
N HIS F 197 64.13 24.56 -34.75
CA HIS F 197 63.67 23.40 -33.97
C HIS F 197 62.14 23.44 -33.86
N VAL F 198 61.59 24.65 -33.65
CA VAL F 198 60.16 24.86 -33.52
C VAL F 198 59.45 24.54 -34.84
N ALA F 199 60.04 24.99 -35.95
CA ALA F 199 59.51 24.75 -37.30
C ALA F 199 59.55 23.27 -37.70
N ASP F 200 60.58 22.57 -37.22
CA ASP F 200 60.76 21.16 -37.50
C ASP F 200 59.91 20.27 -36.60
N LEU F 201 59.74 20.68 -35.34
CA LEU F 201 58.92 19.96 -34.37
C LEU F 201 57.46 20.11 -34.79
N ALA F 202 57.11 21.31 -35.25
CA ALA F 202 55.76 21.65 -35.73
C ALA F 202 55.52 20.98 -37.09
N GLY F 203 56.58 20.89 -37.89
CA GLY F 203 56.53 20.26 -39.20
C GLY F 203 56.35 18.77 -39.05
N ALA F 204 56.98 18.21 -38.01
CA ALA F 204 56.91 16.77 -37.71
C ALA F 204 55.47 16.44 -37.28
N LEU F 205 54.91 17.32 -36.44
CA LEU F 205 53.55 17.20 -35.93
C LEU F 205 52.49 17.32 -37.03
N ALA F 206 52.76 18.18 -38.02
CA ALA F 206 51.85 18.41 -39.13
C ALA F 206 51.85 17.25 -40.14
N ALA F 207 52.93 16.47 -40.15
CA ALA F 207 53.10 15.34 -41.05
C ALA F 207 52.43 14.07 -40.51
N ARG F 208 52.05 14.10 -39.23
CA ARG F 208 51.39 12.98 -38.55
C ARG F 208 49.94 12.76 -38.99
N ASN F 209 49.39 11.59 -38.69
CA ASN F 209 47.99 11.24 -39.00
C ASN F 209 47.19 12.13 -38.04
N GLN F 210 46.60 13.18 -38.62
CA GLN F 210 45.86 14.20 -37.90
C GLN F 210 44.65 13.88 -37.04
N ALA F 211 43.71 13.07 -37.55
CA ALA F 211 42.51 12.72 -36.78
C ALA F 211 42.78 12.12 -35.39
N PRO F 212 43.71 11.14 -35.25
CA PRO F 212 43.96 10.59 -33.90
C PRO F 212 44.71 11.56 -32.98
N LEU F 213 45.51 12.44 -33.59
CA LEU F 213 46.27 13.46 -32.88
C LEU F 213 45.34 14.51 -32.26
N ARG F 214 44.41 15.02 -33.05
CA ARG F 214 43.45 16.03 -32.62
C ARG F 214 42.48 15.47 -31.57
N ARG F 215 42.02 14.25 -31.83
CA ARG F 215 41.12 13.48 -30.98
C ARG F 215 41.82 13.09 -29.66
N GLY F 216 43.14 12.88 -29.74
CA GLY F 216 43.93 12.52 -28.58
C GLY F 216 44.26 13.68 -27.65
N LEU F 217 44.58 14.82 -28.25
CA LEU F 217 44.92 16.05 -27.54
C LEU F 217 43.66 16.60 -26.84
N GLU F 218 42.50 16.48 -27.52
CA GLU F 218 41.20 16.93 -27.01
C GLU F 218 40.85 16.14 -25.75
N THR F 219 41.08 14.83 -25.81
CA THR F 219 40.83 13.91 -24.70
C THR F 219 41.81 14.14 -23.52
N LEU F 220 43.07 14.46 -23.83
CA LEU F 220 44.09 14.72 -22.81
C LEU F 220 43.75 15.98 -22.00
N ASN F 221 43.23 17.01 -22.70
CA ASN F 221 42.83 18.27 -22.07
C ASN F 221 41.62 18.08 -21.15
N ARG F 222 40.65 17.27 -21.61
CA ARG F 222 39.43 17.00 -20.85
C ARG F 222 39.60 16.13 -19.62
N HIS F 223 40.31 15.01 -19.78
CA HIS F 223 40.50 14.08 -18.67
C HIS F 223 41.36 14.57 -17.51
N LEU F 224 42.08 15.67 -17.74
CA LEU F 224 42.92 16.29 -16.71
C LEU F 224 42.06 17.01 -15.67
N GLU F 225 40.79 17.20 -16.02
CA GLU F 225 39.79 17.85 -15.18
C GLU F 225 38.75 16.83 -14.70
N LEU F 226 39.19 15.56 -14.64
CA LEU F 226 38.32 14.45 -14.25
C LEU F 226 38.98 13.48 -13.27
N PRO F 227 38.18 12.77 -12.44
CA PRO F 227 38.76 11.80 -11.50
C PRO F 227 39.28 10.62 -12.33
N LEU F 228 40.28 9.89 -11.83
CA LEU F 228 40.88 8.75 -12.54
C LEU F 228 39.92 7.76 -13.21
N GLU F 229 38.89 7.34 -12.46
CA GLU F 229 37.89 6.39 -12.93
C GLU F 229 37.12 6.88 -14.15
N GLN F 230 36.77 8.17 -14.14
CA GLN F 230 36.01 8.74 -15.26
C GLN F 230 36.90 9.22 -16.39
N ALA F 231 38.19 9.37 -16.08
CA ALA F 231 39.20 9.77 -17.04
C ALA F 231 39.46 8.56 -17.93
N TYR F 232 39.45 7.38 -17.32
CA TYR F 232 39.64 6.12 -18.05
C TYR F 232 38.39 5.76 -18.86
N ALA F 233 37.21 6.18 -18.39
CA ALA F 233 35.94 5.91 -19.09
C ALA F 233 35.80 6.72 -20.37
N LEU F 234 36.33 7.95 -20.34
CA LEU F 234 36.31 8.83 -21.49
C LEU F 234 37.41 8.42 -22.48
N ALA F 235 38.60 8.14 -21.94
CA ALA F 235 39.78 7.76 -22.72
C ALA F 235 39.84 6.38 -23.38
N THR F 236 39.21 5.37 -22.78
CA THR F 236 39.25 4.02 -23.34
C THR F 236 38.62 3.88 -24.77
N PRO F 237 37.38 4.41 -25.01
CA PRO F 237 36.84 4.28 -26.37
C PRO F 237 37.64 5.09 -27.40
N VAL F 238 38.34 6.13 -26.92
CA VAL F 238 39.17 7.01 -27.76
C VAL F 238 40.44 6.29 -28.16
N VAL F 240 40.54 3.03 -28.49
CA VAL F 240 39.98 2.01 -29.39
C VAL F 240 39.81 2.62 -30.79
N GLU F 241 39.42 3.89 -30.82
CA GLU F 241 39.19 4.65 -32.04
C GLU F 241 40.46 4.88 -32.89
N HIS F 242 41.62 5.03 -32.23
CA HIS F 242 42.91 5.26 -32.90
C HIS F 242 43.39 4.04 -33.70
N PHE F 243 43.18 2.86 -33.12
CA PHE F 243 43.57 1.60 -33.72
C PHE F 243 42.59 1.16 -34.80
N ASP F 245 41.19 3.83 -36.85
CA ASP F 245 41.23 4.97 -37.75
C ASP F 245 41.82 4.63 -39.13
N PRO F 246 41.20 5.11 -40.24
CA PRO F 246 41.71 4.85 -41.59
C PRO F 246 43.10 5.51 -41.81
N GLY F 247 44.12 4.79 -41.34
CA GLY F 247 45.50 5.23 -41.42
C GLY F 247 46.39 4.17 -40.77
N LEU G 8 -0.84 -39.88 11.31
CA LEU G 8 0.35 -38.99 11.41
C LEU G 8 0.05 -37.57 10.91
N LEU G 9 0.57 -36.61 11.66
CA LEU G 9 0.38 -35.19 11.39
C LEU G 9 1.57 -34.45 11.95
N GLY G 10 2.19 -33.61 11.12
CA GLY G 10 3.34 -32.83 11.54
C GLY G 10 2.89 -31.43 11.86
N GLU G 11 3.38 -30.88 12.97
CA GLU G 11 3.04 -29.52 13.38
C GLU G 11 4.23 -28.67 13.81
N VAL G 12 4.49 -27.61 13.05
CA VAL G 12 5.59 -26.67 13.29
C VAL G 12 5.05 -25.26 13.57
N LEU G 13 5.56 -24.63 14.63
CA LEU G 13 5.14 -23.29 15.02
C LEU G 13 6.28 -22.27 14.83
N SER G 14 6.11 -21.40 13.84
CA SER G 14 7.11 -20.38 13.53
C SER G 14 6.46 -19.00 13.43
N GLU G 15 6.71 -18.17 14.46
CA GLU G 15 6.19 -16.79 14.59
C GLU G 15 4.66 -16.65 14.55
N GLY G 16 3.97 -17.58 15.23
CA GLY G 16 2.52 -17.56 15.29
C GLY G 16 1.82 -18.32 14.16
N VAL G 17 2.58 -19.05 13.36
CA VAL G 17 2.03 -19.81 12.23
C VAL G 17 2.16 -21.31 12.46
N LEU G 18 1.03 -21.98 12.68
CA LEU G 18 1.03 -23.43 12.85
C LEU G 18 0.74 -24.04 11.49
N THR G 19 1.69 -24.83 11.02
CA THR G 19 1.58 -25.50 9.74
C THR G 19 1.35 -26.99 9.97
N LEU G 20 0.12 -27.41 9.70
CA LEU G 20 -0.28 -28.79 9.83
C LEU G 20 0.01 -29.51 8.53
N THR G 21 1.09 -30.29 8.52
CA THR G 21 1.51 -31.04 7.34
C THR G 21 0.91 -32.44 7.44
N LEU G 22 -0.03 -32.72 6.54
CA LEU G 22 -0.71 -34.01 6.47
C LEU G 22 0.30 -35.06 6.02
N GLY G 23 0.40 -36.13 6.81
CA GLY G 23 1.32 -37.20 6.50
C GLY G 23 0.62 -38.38 5.87
N ARG G 24 1.25 -39.55 6.00
CA ARG G 24 0.77 -40.84 5.49
C ARG G 24 0.59 -40.99 3.98
N ALA G 25 1.56 -41.66 3.35
CA ALA G 25 1.56 -41.99 1.90
C ALA G 25 1.35 -40.76 0.95
N PRO G 26 1.09 -40.95 -0.37
CA PRO G 26 0.89 -39.71 -1.15
C PRO G 26 -0.52 -39.15 -1.01
N ALA G 27 -1.48 -40.06 -0.79
CA ALA G 27 -2.91 -39.75 -0.68
C ALA G 27 -3.40 -38.85 0.47
N HIS G 28 -2.74 -38.92 1.62
CA HIS G 28 -3.08 -38.17 2.86
C HIS G 28 -4.55 -38.42 3.27
N PRO G 29 -4.97 -39.71 3.37
CA PRO G 29 -6.35 -40.05 3.73
C PRO G 29 -6.92 -39.59 5.07
N LEU G 30 -8.20 -39.21 5.03
CA LEU G 30 -8.93 -38.77 6.22
C LEU G 30 -9.61 -39.95 6.93
N SER G 31 -8.78 -40.78 7.54
CA SER G 31 -9.22 -41.95 8.30
C SER G 31 -9.71 -41.48 9.67
N ARG G 32 -10.21 -42.40 10.50
CA ARG G 32 -10.72 -42.05 11.83
C ARG G 32 -9.61 -41.43 12.70
N ALA G 33 -8.41 -41.98 12.59
CA ALA G 33 -7.25 -41.52 13.34
C ALA G 33 -6.72 -40.17 12.86
N ILE G 35 -8.63 -37.77 11.31
CA ILE G 35 -9.68 -36.81 11.67
C ILE G 35 -9.53 -36.41 13.13
N ALA G 36 -9.17 -37.39 13.97
CA ALA G 36 -8.96 -37.17 15.40
C ALA G 36 -7.67 -36.35 15.59
N ALA G 37 -6.64 -36.71 14.82
CA ALA G 37 -5.33 -36.06 14.87
C ALA G 37 -5.40 -34.57 14.52
N LEU G 38 -6.28 -34.23 13.57
CA LEU G 38 -6.48 -32.85 13.14
C LEU G 38 -7.36 -32.10 14.14
N HIS G 39 -8.39 -32.78 14.64
CA HIS G 39 -9.35 -32.22 15.61
C HIS G 39 -8.68 -31.87 16.94
N ASP G 40 -7.74 -32.71 17.39
CA ASP G 40 -7.00 -32.49 18.64
C ASP G 40 -6.01 -31.34 18.47
N ALA G 41 -5.43 -31.24 17.27
CA ALA G 41 -4.47 -30.20 16.93
C ALA G 41 -5.15 -28.86 16.64
N LEU G 42 -6.47 -28.90 16.47
CA LEU G 42 -7.26 -27.69 16.20
C LEU G 42 -7.80 -27.17 17.53
N ARG G 43 -8.11 -28.09 18.46
CA ARG G 43 -8.61 -27.76 19.80
C ARG G 43 -7.46 -27.07 20.55
N ARG G 44 -6.27 -27.67 20.47
CA ARG G 44 -5.04 -27.08 21.01
C ARG G 44 -4.71 -26.24 19.80
N ALA G 45 -4.33 -24.99 20.00
CA ALA G 45 -4.01 -23.99 18.96
C ALA G 45 -5.07 -22.94 19.06
N GLY G 47 -6.79 -22.59 21.70
CA GLY G 47 -6.67 -22.16 23.09
C GLY G 47 -5.22 -21.90 23.49
N ASP G 48 -4.35 -21.74 22.50
CA ASP G 48 -2.92 -21.49 22.69
C ASP G 48 -2.62 -20.12 22.06
N ASP G 49 -2.23 -19.16 22.91
CA ASP G 49 -1.91 -17.78 22.50
C ASP G 49 -0.73 -17.62 21.56
N HIS G 50 0.12 -18.65 21.52
CA HIS G 50 1.31 -18.65 20.66
C HIS G 50 0.97 -18.95 19.19
N VAL G 51 -0.19 -19.56 18.98
CA VAL G 51 -0.68 -19.88 17.64
C VAL G 51 -1.69 -18.79 17.25
N HIS G 52 -1.35 -18.04 16.21
CA HIS G 52 -2.18 -16.95 15.69
C HIS G 52 -2.94 -17.33 14.42
N VAL G 53 -2.26 -18.08 13.54
CA VAL G 53 -2.79 -18.52 12.23
C VAL G 53 -2.48 -20.01 11.99
N LEU G 54 -3.42 -20.70 11.33
CA LEU G 54 -3.30 -22.12 10.98
C LEU G 54 -3.12 -22.28 9.46
N VAL G 55 -2.24 -23.20 9.07
CA VAL G 55 -1.97 -23.50 7.66
C VAL G 55 -2.04 -25.02 7.46
N ILE G 56 -2.91 -25.47 6.57
CA ILE G 56 -3.03 -26.91 6.28
C ILE G 56 -2.34 -27.19 4.94
N HIS G 57 -1.34 -28.06 5.00
CA HIS G 57 -0.54 -28.44 3.85
C HIS G 57 -0.67 -29.94 3.57
N GLY G 58 -1.05 -30.27 2.33
CA GLY G 58 -1.17 -31.64 1.89
C GLY G 58 -0.19 -31.71 0.73
N PRO G 59 1.09 -32.08 0.95
CA PRO G 59 2.12 -32.17 -0.09
C PRO G 59 1.97 -33.13 -1.24
N GLY G 60 2.66 -32.79 -2.33
CA GLY G 60 2.69 -33.61 -3.52
C GLY G 60 1.52 -33.49 -4.49
N ARG G 61 1.50 -34.43 -5.42
CA ARG G 61 0.50 -34.55 -6.48
C ARG G 61 -0.95 -34.64 -5.99
N ILE G 62 -1.12 -35.11 -4.74
CA ILE G 62 -2.44 -35.25 -4.12
C ILE G 62 -2.47 -34.40 -2.83
N PHE G 63 -3.46 -33.51 -2.71
CA PHE G 63 -3.62 -32.68 -1.51
C PHE G 63 -4.21 -33.56 -0.39
N CYS G 64 -5.33 -34.20 -0.72
CA CYS G 64 -6.07 -35.08 0.16
C CYS G 64 -7.16 -35.76 -0.64
N ALA G 65 -7.12 -37.10 -0.64
CA ALA G 65 -8.08 -37.94 -1.37
C ALA G 65 -9.42 -38.11 -0.66
N GLY G 66 -9.51 -37.61 0.57
CA GLY G 66 -10.73 -37.71 1.35
C GLY G 66 -10.66 -38.88 2.33
N HIS G 67 -11.82 -39.42 2.71
CA HIS G 67 -11.90 -40.56 3.64
C HIS G 67 -11.15 -41.79 3.14
N ASP G 68 -10.49 -42.48 4.07
CA ASP G 68 -9.76 -43.70 3.74
C ASP G 68 -10.81 -44.77 3.48
N LEU G 69 -10.87 -45.20 2.22
CA LEU G 69 -11.84 -46.21 1.81
C LEU G 69 -11.40 -47.60 2.30
N LYS G 70 -11.94 -47.95 3.47
CA LYS G 70 -11.69 -49.22 4.15
C LYS G 70 -13.06 -49.81 4.50
N GLU G 71 -13.16 -51.14 4.44
CA GLU G 71 -14.42 -51.83 4.73
C GLU G 71 -14.36 -52.66 6.02
N ILE G 72 -15.38 -52.46 6.87
CA ILE G 72 -15.54 -53.16 8.15
C ILE G 72 -16.82 -54.03 8.04
N GLY G 73 -16.75 -55.24 8.60
CA GLY G 73 -17.88 -56.16 8.58
C GLY G 73 -18.13 -56.83 9.92
N GLU G 81 -24.01 -54.41 10.68
CA GLU G 81 -23.82 -54.59 9.25
C GLU G 81 -22.65 -53.76 8.74
N GLY G 82 -22.23 -52.80 9.56
CA GLY G 82 -21.12 -51.94 9.19
C GLY G 82 -21.37 -50.45 9.39
N ARG G 83 -22.58 -50.08 9.83
CA ARG G 83 -22.93 -48.68 10.05
C ARG G 83 -22.31 -48.04 11.27
N ALA G 84 -22.01 -48.85 12.28
CA ALA G 84 -21.35 -48.38 13.49
C ALA G 84 -19.88 -48.37 13.07
N PHE G 85 -19.27 -47.19 13.22
CA PHE G 85 -17.88 -46.81 12.87
C PHE G 85 -18.03 -45.70 11.83
N VAL G 86 -18.82 -46.00 10.79
CA VAL G 86 -19.10 -45.08 9.68
C VAL G 86 -19.88 -43.86 10.18
N THR G 87 -20.80 -44.11 11.11
CA THR G 87 -21.63 -43.08 11.73
C THR G 87 -20.72 -42.23 12.62
N ASP G 88 -19.78 -42.91 13.29
CA ASP G 88 -18.81 -42.28 14.18
C ASP G 88 -17.77 -41.49 13.37
N LEU G 89 -17.48 -41.98 12.16
CA LEU G 89 -16.51 -41.37 11.24
C LEU G 89 -17.03 -40.06 10.66
N PHE G 90 -18.25 -40.10 10.11
CA PHE G 90 -18.87 -38.92 9.52
C PHE G 90 -19.21 -37.82 10.52
N GLU G 91 -19.58 -38.19 11.74
CA GLU G 91 -19.90 -37.21 12.79
C GLU G 91 -18.64 -36.54 13.28
N ALA G 92 -17.56 -37.31 13.30
CA ALA G 92 -16.24 -36.83 13.71
C ALA G 92 -15.75 -35.84 12.65
N CYS G 93 -15.97 -36.22 11.39
CA CYS G 93 -15.61 -35.42 10.23
C CYS G 93 -16.39 -34.10 10.23
N SER G 94 -17.69 -34.17 10.48
CA SER G 94 -18.54 -32.98 10.53
C SER G 94 -18.19 -32.06 11.67
N ALA G 95 -17.87 -32.63 12.83
CA ALA G 95 -17.48 -31.85 14.02
C ALA G 95 -16.16 -31.14 13.77
N LEU G 96 -15.28 -31.76 12.98
CA LEU G 96 -13.97 -31.19 12.62
C LEU G 96 -14.16 -30.00 11.68
N LEU G 98 -16.91 -28.25 11.00
CA LEU G 98 -17.72 -27.21 11.60
C LEU G 98 -16.80 -26.36 12.47
N ASP G 99 -16.00 -27.04 13.28
CA ASP G 99 -15.03 -26.39 14.18
C ASP G 99 -13.94 -25.63 13.41
N LEU G 100 -13.59 -26.15 12.22
CA LEU G 100 -12.57 -25.54 11.37
C LEU G 100 -13.07 -24.26 10.70
N ALA G 101 -14.31 -24.29 10.20
CA ALA G 101 -14.91 -23.13 9.55
C ALA G 101 -15.27 -22.02 10.55
N HIS G 102 -15.66 -22.43 11.76
CA HIS G 102 -16.03 -21.51 12.84
C HIS G 102 -14.88 -21.07 13.74
N CYS G 103 -13.65 -21.46 13.39
CA CYS G 103 -12.45 -21.09 14.14
C CYS G 103 -12.15 -19.59 14.00
N PRO G 104 -11.98 -18.85 15.12
CA PRO G 104 -11.69 -17.40 15.14
C PRO G 104 -10.32 -17.07 14.56
N LYS G 105 -9.41 -18.04 14.58
CA LYS G 105 -8.05 -17.87 14.05
C LYS G 105 -8.03 -18.27 12.58
N PRO G 106 -7.42 -17.41 11.71
CA PRO G 106 -7.34 -17.68 10.26
C PRO G 106 -6.73 -19.01 9.83
N THR G 107 -7.47 -19.73 8.98
CA THR G 107 -7.05 -21.03 8.45
C THR G 107 -6.80 -20.88 6.94
N ILE G 108 -5.64 -21.34 6.49
CA ILE G 108 -5.26 -21.24 5.08
C ILE G 108 -4.86 -22.61 4.51
N ALA G 109 -5.48 -22.98 3.39
CA ALA G 109 -5.15 -24.24 2.72
C ALA G 109 -4.08 -24.04 1.62
N LEU G 110 -3.14 -24.98 1.57
CA LEU G 110 -2.04 -24.96 0.61
C LEU G 110 -2.23 -26.16 -0.31
N VAL G 111 -2.71 -25.90 -1.52
CA VAL G 111 -3.01 -26.95 -2.49
C VAL G 111 -2.11 -26.95 -3.72
N GLU G 112 -1.30 -28.00 -3.86
CA GLU G 112 -0.43 -28.12 -5.03
C GLU G 112 -0.74 -29.39 -5.80
N GLY G 113 -1.92 -29.96 -5.51
CA GLY G 113 -2.36 -31.18 -6.16
C GLY G 113 -3.87 -31.40 -6.14
N ILE G 114 -4.29 -32.67 -6.28
CA ILE G 114 -5.72 -33.00 -6.31
C ILE G 114 -6.41 -33.14 -4.93
N ALA G 115 -7.52 -32.40 -4.80
CA ALA G 115 -8.34 -32.40 -3.59
C ALA G 115 -9.70 -33.00 -3.92
N THR G 116 -9.90 -34.25 -3.51
CA THR G 116 -11.14 -34.99 -3.79
C THR G 116 -11.97 -35.33 -2.56
N ALA G 117 -13.28 -35.41 -2.78
CA ALA G 117 -14.29 -35.75 -1.77
C ALA G 117 -14.16 -34.91 -0.48
N ALA G 118 -13.93 -35.60 0.64
CA ALA G 118 -13.77 -34.95 1.95
C ALA G 118 -12.48 -34.14 2.05
N GLY G 119 -11.57 -34.37 1.10
CA GLY G 119 -10.30 -33.65 1.04
C GLY G 119 -10.50 -32.27 0.44
N LEU G 120 -11.53 -32.13 -0.39
CA LEU G 120 -11.90 -30.87 -1.01
C LEU G 120 -12.68 -30.06 0.02
N GLN G 121 -13.38 -30.77 0.91
CA GLN G 121 -14.18 -30.18 2.00
C GLN G 121 -13.27 -29.47 2.98
N LEU G 122 -12.16 -30.15 3.32
CA LEU G 122 -11.14 -29.65 4.24
C LEU G 122 -10.62 -28.30 3.78
N ALA G 124 -12.20 -26.37 1.53
CA ALA G 124 -13.34 -25.47 1.45
C ALA G 124 -13.78 -24.96 2.82
N ALA G 125 -13.36 -25.67 3.88
CA ALA G 125 -13.66 -25.32 5.26
C ALA G 125 -12.71 -24.25 5.74
N CYS G 126 -11.57 -24.13 5.07
CA CYS G 126 -10.58 -23.11 5.44
C CYS G 126 -11.08 -21.72 5.04
N ASP G 127 -10.56 -20.68 5.70
CA ASP G 127 -10.93 -19.29 5.44
C ASP G 127 -10.40 -18.89 4.06
N LEU G 128 -9.12 -19.18 3.83
CA LEU G 128 -8.44 -18.91 2.56
C LEU G 128 -7.91 -20.19 1.95
N ALA G 129 -7.70 -20.18 0.63
CA ALA G 129 -7.17 -21.33 -0.09
C ALA G 129 -6.26 -20.83 -1.23
N TYR G 130 -5.05 -21.37 -1.31
CA TYR G 130 -4.09 -20.98 -2.35
C TYR G 130 -3.59 -22.19 -3.10
N ALA G 131 -3.69 -22.13 -4.43
CA ALA G 131 -3.30 -23.25 -5.27
C ALA G 131 -2.32 -22.99 -6.42
N SER G 132 -1.66 -24.07 -6.84
CA SER G 132 -0.72 -24.08 -7.95
C SER G 132 -1.54 -24.46 -9.20
N PRO G 133 -1.02 -24.21 -10.42
CA PRO G 133 -1.78 -24.56 -11.63
C PRO G 133 -2.02 -26.06 -11.86
N ALA G 134 -1.28 -26.89 -11.12
CA ALA G 134 -1.40 -28.35 -11.21
C ALA G 134 -2.48 -28.88 -10.27
N ALA G 135 -3.16 -27.96 -9.56
CA ALA G 135 -4.21 -28.34 -8.62
C ALA G 135 -5.54 -28.69 -9.26
N ARG G 136 -6.00 -29.92 -9.01
CA ARG G 136 -7.28 -30.41 -9.51
C ARG G 136 -8.27 -30.54 -8.35
N PHE G 137 -9.57 -30.43 -8.67
CA PHE G 137 -10.65 -30.45 -7.67
C PHE G 137 -11.80 -31.34 -8.12
N CYS G 138 -12.27 -32.23 -7.23
CA CYS G 138 -13.34 -33.17 -7.59
C CYS G 138 -14.25 -33.66 -6.45
N LEU G 139 -15.50 -33.99 -6.81
CA LEU G 139 -16.46 -34.59 -5.88
C LEU G 139 -16.91 -35.88 -6.62
N PRO G 140 -16.10 -36.97 -6.55
CA PRO G 140 -16.39 -38.24 -7.23
C PRO G 140 -17.48 -39.17 -6.68
N GLY G 141 -18.35 -38.65 -5.83
CA GLY G 141 -19.41 -39.44 -5.22
C GLY G 141 -20.21 -40.39 -6.08
N VAL G 142 -20.79 -39.84 -7.14
CA VAL G 142 -21.62 -40.58 -8.08
C VAL G 142 -20.94 -41.76 -8.79
N GLN G 143 -19.61 -41.68 -8.94
CA GLN G 143 -18.82 -42.73 -9.60
C GLN G 143 -18.76 -44.03 -8.79
N ASN G 144 -18.65 -43.87 -7.47
CA ASN G 144 -18.57 -45.00 -6.55
C ASN G 144 -19.95 -45.47 -6.06
N GLY G 145 -21.00 -44.96 -6.71
CA GLY G 145 -22.37 -45.32 -6.38
C GLY G 145 -23.02 -44.53 -5.26
N GLY G 146 -22.39 -43.43 -4.87
CA GLY G 146 -22.93 -42.61 -3.80
C GLY G 146 -23.21 -41.20 -4.26
N PHE G 147 -22.95 -40.27 -3.36
CA PHE G 147 -23.12 -38.84 -3.56
C PHE G 147 -22.29 -38.27 -2.44
N THR G 149 -22.53 -35.85 -0.18
CA THR G 149 -23.40 -34.97 0.59
C THR G 149 -22.68 -34.09 1.61
N THR G 150 -21.86 -34.67 2.49
CA THR G 150 -21.14 -33.86 3.49
C THR G 150 -20.11 -32.88 2.91
N PRO G 151 -19.31 -33.28 1.88
CA PRO G 151 -18.38 -32.25 1.40
C PRO G 151 -19.03 -31.14 0.60
N ALA G 152 -20.18 -31.46 0.00
CA ALA G 152 -20.97 -30.51 -0.78
C ALA G 152 -21.39 -29.31 0.06
N VAL G 153 -21.52 -29.53 1.38
CA VAL G 153 -21.93 -28.50 2.34
C VAL G 153 -20.93 -27.34 2.45
N ALA G 154 -19.65 -27.67 2.71
CA ALA G 154 -18.60 -26.66 2.81
C ALA G 154 -18.29 -26.06 1.45
N VAL G 155 -18.40 -26.87 0.38
CA VAL G 155 -18.15 -26.41 -0.98
C VAL G 155 -19.25 -25.45 -1.47
N SER G 156 -20.47 -25.63 -0.98
CA SER G 156 -21.61 -24.79 -1.35
C SER G 156 -21.61 -23.41 -0.69
N ARG G 157 -20.76 -23.21 0.30
CA ARG G 157 -20.67 -21.91 0.96
C ARG G 157 -19.55 -21.13 0.29
N VAL G 158 -18.76 -21.82 -0.52
CA VAL G 158 -17.59 -21.27 -1.22
C VAL G 158 -17.78 -20.97 -2.73
N ILE G 159 -18.63 -21.75 -3.41
CA ILE G 159 -18.92 -21.51 -4.83
C ILE G 159 -20.42 -21.36 -5.07
N GLY G 160 -20.78 -20.90 -6.27
CA GLY G 160 -22.18 -20.70 -6.65
C GLY G 160 -22.98 -21.98 -6.75
N ARG G 161 -24.31 -21.86 -6.74
CA ARG G 161 -25.24 -22.99 -6.80
C ARG G 161 -25.01 -23.98 -7.93
N ARG G 162 -24.84 -23.42 -9.14
CA ARG G 162 -24.62 -24.19 -10.36
C ARG G 162 -23.30 -24.95 -10.39
N ALA G 163 -22.27 -24.33 -9.85
CA ALA G 163 -20.94 -24.93 -9.79
C ALA G 163 -20.91 -26.16 -8.87
N VAL G 164 -21.58 -26.08 -7.71
CA VAL G 164 -21.65 -27.20 -6.77
C VAL G 164 -22.55 -28.32 -7.28
N THR G 165 -23.59 -27.94 -8.03
CA THR G 165 -24.54 -28.92 -8.56
C THR G 165 -23.88 -29.77 -9.62
N GLU G 166 -23.08 -29.14 -10.50
CA GLU G 166 -22.37 -29.85 -11.56
C GLU G 166 -21.32 -30.80 -10.99
N ALA G 168 -21.09 -32.18 -7.97
CA ALA G 168 -21.74 -33.28 -7.26
C ALA G 168 -22.42 -34.31 -8.19
N LEU G 169 -23.16 -33.81 -9.19
CA LEU G 169 -23.87 -34.66 -10.14
C LEU G 169 -23.03 -35.37 -11.20
N THR G 170 -22.01 -34.67 -11.73
CA THR G 170 -21.14 -35.25 -12.76
C THR G 170 -19.94 -36.01 -12.21
N GLY G 171 -19.37 -35.52 -11.10
CA GLY G 171 -18.22 -36.16 -10.50
C GLY G 171 -16.93 -35.99 -11.29
N ALA G 172 -16.94 -35.02 -12.21
CA ALA G 172 -15.80 -34.71 -13.07
C ALA G 172 -14.70 -33.99 -12.29
N THR G 173 -13.48 -34.11 -12.80
CA THR G 173 -12.33 -33.44 -12.18
C THR G 173 -12.23 -32.08 -12.85
N TYR G 174 -12.07 -31.04 -12.03
CA TYR G 174 -11.98 -29.68 -12.51
C TYR G 174 -10.61 -29.09 -12.27
N ASP G 175 -10.17 -28.23 -13.20
CA ASP G 175 -8.85 -27.61 -13.08
C ASP G 175 -8.78 -26.38 -12.18
N ALA G 176 -7.58 -25.81 -12.08
CA ALA G 176 -7.29 -24.64 -11.27
C ALA G 176 -7.96 -23.36 -11.72
N ASP G 177 -8.04 -23.16 -13.04
CA ASP G 177 -8.66 -21.97 -13.63
C ASP G 177 -10.17 -21.86 -13.40
N TRP G 178 -10.86 -22.99 -13.52
CA TRP G 178 -12.31 -23.08 -13.31
C TRP G 178 -12.60 -22.75 -11.84
N ALA G 179 -11.73 -23.25 -10.97
CA ALA G 179 -11.82 -23.05 -9.53
C ALA G 179 -11.67 -21.61 -9.11
N LEU G 180 -10.79 -20.89 -9.81
CA LEU G 180 -10.52 -19.47 -9.54
C LEU G 180 -11.75 -18.61 -9.86
N ALA G 181 -12.38 -18.89 -10.99
CA ALA G 181 -13.57 -18.18 -11.47
C ALA G 181 -14.79 -18.48 -10.60
N ALA G 182 -14.88 -19.73 -10.15
CA ALA G 182 -15.96 -20.20 -9.28
C ALA G 182 -15.80 -19.71 -7.84
N GLY G 183 -14.56 -19.36 -7.49
CA GLY G 183 -14.25 -18.88 -6.16
C GLY G 183 -13.85 -19.96 -5.18
N LEU G 184 -13.46 -21.13 -5.70
CA LEU G 184 -13.03 -22.28 -4.90
C LEU G 184 -11.67 -22.04 -4.23
N ILE G 185 -10.85 -21.24 -4.89
CA ILE G 185 -9.52 -20.85 -4.40
C ILE G 185 -9.41 -19.34 -4.59
N ASN G 186 -8.56 -18.72 -3.76
CA ASN G 186 -8.37 -17.27 -3.82
C ASN G 186 -7.47 -16.78 -4.94
N ARG G 187 -6.33 -17.44 -5.13
CA ARG G 187 -5.35 -17.08 -6.16
C ARG G 187 -4.57 -18.28 -6.69
N ILE G 188 -4.16 -18.19 -7.95
CA ILE G 188 -3.34 -19.21 -8.58
C ILE G 188 -1.95 -18.60 -8.60
N LEU G 189 -1.00 -19.29 -7.97
CA LEU G 189 0.38 -18.84 -7.90
C LEU G 189 1.29 -19.89 -8.49
N PRO G 190 2.46 -19.48 -9.04
CA PRO G 190 3.38 -20.46 -9.63
C PRO G 190 3.86 -21.47 -8.58
N GLU G 191 4.08 -22.71 -9.03
CA GLU G 191 4.52 -23.84 -8.21
C GLU G 191 5.74 -23.54 -7.31
N ALA G 192 6.71 -22.78 -7.83
CA ALA G 192 7.93 -22.43 -7.10
C ALA G 192 7.73 -21.22 -6.18
N ALA G 193 6.56 -20.57 -6.27
CA ALA G 193 6.24 -19.39 -5.46
C ALA G 193 5.09 -19.60 -4.46
N LEU G 194 4.35 -20.71 -4.61
CA LEU G 194 3.20 -21.01 -3.75
C LEU G 194 3.47 -21.15 -2.25
N ALA G 195 4.40 -22.00 -1.89
CA ALA G 195 4.76 -22.24 -0.49
C ALA G 195 5.21 -20.98 0.25
N THR G 196 5.96 -20.13 -0.44
CA THR G 196 6.45 -18.87 0.11
C THR G 196 5.35 -17.81 0.25
N HIS G 197 4.39 -17.83 -0.67
CA HIS G 197 3.27 -16.87 -0.67
C HIS G 197 2.37 -17.10 0.54
N VAL G 198 2.19 -18.36 0.88
CA VAL G 198 1.35 -18.79 2.00
C VAL G 198 2.02 -18.40 3.32
N ALA G 199 3.32 -18.70 3.44
CA ALA G 199 4.12 -18.41 4.63
C ALA G 199 4.21 -16.92 4.92
N ASP G 200 4.26 -16.12 3.86
CA ASP G 200 4.34 -14.66 3.94
C ASP G 200 3.01 -14.06 4.37
N LEU G 201 1.93 -14.57 3.77
CA LEU G 201 0.57 -14.12 4.06
C LEU G 201 0.17 -14.55 5.47
N ALA G 202 0.51 -15.78 5.83
CA ALA G 202 0.25 -16.34 7.14
C ALA G 202 1.00 -15.59 8.24
N GLY G 203 2.26 -15.25 7.95
CA GLY G 203 3.12 -14.53 8.90
C GLY G 203 2.69 -13.08 9.12
N ALA G 204 2.24 -12.43 8.04
CA ALA G 204 1.77 -11.05 8.06
C ALA G 204 0.47 -10.95 8.84
N LEU G 205 -0.37 -11.97 8.69
CA LEU G 205 -1.64 -12.08 9.40
C LEU G 205 -1.37 -12.27 10.90
N ALA G 206 -0.33 -13.06 11.19
CA ALA G 206 0.09 -13.37 12.55
C ALA G 206 0.69 -12.17 13.29
N ALA G 207 1.33 -11.28 12.53
CA ALA G 207 1.96 -10.08 13.07
C ALA G 207 1.01 -8.91 13.34
N ARG G 208 -0.24 -9.09 12.94
CA ARG G 208 -1.28 -8.08 13.14
C ARG G 208 -1.76 -8.05 14.60
N ASN G 209 -2.53 -7.01 14.93
CA ASN G 209 -3.12 -6.84 16.25
C ASN G 209 -4.20 -7.92 16.31
N GLN G 210 -3.90 -8.98 17.06
CA GLN G 210 -4.75 -10.16 17.18
C GLN G 210 -6.22 -10.07 17.60
N ALA G 211 -6.53 -9.29 18.64
CA ALA G 211 -7.91 -9.17 19.12
C ALA G 211 -8.94 -8.73 18.08
N PRO G 212 -8.69 -7.62 17.32
CA PRO G 212 -9.71 -7.24 16.33
C PRO G 212 -9.81 -8.22 15.15
N LEU G 213 -8.70 -8.91 14.85
CA LEU G 213 -8.61 -9.90 13.78
C LEU G 213 -9.50 -11.11 14.08
N ARG G 214 -9.37 -11.64 15.30
CA ARG G 214 -10.14 -12.80 15.75
C ARG G 214 -11.60 -12.46 15.96
N ARG G 215 -11.83 -11.23 16.43
CA ARG G 215 -13.17 -10.72 16.72
C ARG G 215 -13.93 -10.48 15.43
N GLY G 216 -13.24 -9.87 14.46
CA GLY G 216 -13.82 -9.56 13.16
C GLY G 216 -14.15 -10.77 12.30
N LEU G 217 -13.23 -11.74 12.23
CA LEU G 217 -13.42 -12.96 11.45
C LEU G 217 -14.59 -13.78 12.00
N GLU G 218 -14.71 -13.79 13.33
CA GLU G 218 -15.76 -14.50 14.05
C GLU G 218 -17.10 -13.85 13.70
N THR G 219 -17.13 -12.51 13.68
CA THR G 219 -18.33 -11.74 13.38
C THR G 219 -18.68 -11.81 11.89
N LEU G 220 -17.67 -11.94 11.03
CA LEU G 220 -17.89 -12.04 9.59
C LEU G 220 -18.61 -13.34 9.24
N ASN G 221 -18.18 -14.44 9.88
CA ASN G 221 -18.79 -15.76 9.66
C ASN G 221 -20.22 -15.83 10.19
N ARG G 222 -20.47 -15.13 11.30
CA ARG G 222 -21.79 -15.09 11.93
C ARG G 222 -22.81 -14.26 11.18
N HIS G 223 -22.46 -13.03 10.83
CA HIS G 223 -23.39 -12.14 10.14
C HIS G 223 -23.79 -12.58 8.72
N LEU G 224 -22.99 -13.49 8.14
CA LEU G 224 -23.22 -14.02 6.80
C LEU G 224 -24.40 -14.98 6.73
N GLU G 225 -24.93 -15.36 7.89
CA GLU G 225 -26.06 -16.27 8.00
C GLU G 225 -27.29 -15.53 8.52
N LEU G 226 -27.18 -14.20 8.60
CA LEU G 226 -28.24 -13.33 9.11
C LEU G 226 -28.69 -12.28 8.09
N PRO G 227 -29.93 -11.74 8.24
CA PRO G 227 -30.40 -10.69 7.31
C PRO G 227 -29.59 -9.42 7.54
N LEU G 228 -29.59 -8.49 6.58
CA LEU G 228 -28.85 -7.24 6.66
C LEU G 228 -28.94 -6.44 7.96
N GLU G 229 -30.17 -6.20 8.41
CA GLU G 229 -30.44 -5.43 9.63
C GLU G 229 -29.82 -6.04 10.89
N GLN G 230 -30.00 -7.34 11.06
CA GLN G 230 -29.45 -8.07 12.20
C GLN G 230 -27.94 -8.25 12.10
N ALA G 231 -27.42 -8.18 10.86
CA ALA G 231 -26.00 -8.29 10.58
C ALA G 231 -25.30 -7.01 11.00
N TYR G 232 -25.98 -5.89 10.83
CA TYR G 232 -25.45 -4.58 11.21
C TYR G 232 -25.58 -4.36 12.72
N ALA G 233 -26.57 -5.01 13.33
CA ALA G 233 -26.83 -4.91 14.76
C ALA G 233 -25.73 -5.60 15.54
N LEU G 234 -25.23 -6.71 14.99
CA LEU G 234 -24.16 -7.50 15.59
C LEU G 234 -22.80 -6.88 15.27
N ALA G 235 -22.66 -6.40 14.04
CA ALA G 235 -21.41 -5.84 13.55
C ALA G 235 -20.96 -4.48 14.05
N THR G 236 -21.89 -3.53 14.19
CA THR G 236 -21.57 -2.18 14.65
C THR G 236 -20.85 -2.09 16.01
N PRO G 237 -21.31 -2.85 17.05
CA PRO G 237 -20.60 -2.76 18.34
C PRO G 237 -19.21 -3.37 18.26
N VAL G 238 -19.04 -4.32 17.34
CA VAL G 238 -17.77 -5.02 17.11
C VAL G 238 -16.79 -4.04 16.47
N VAL G 240 -16.86 -0.85 16.93
CA VAL G 240 -16.55 0.10 18.01
C VAL G 240 -15.40 -0.47 18.86
N GLU G 241 -15.46 -1.78 19.12
CA GLU G 241 -14.43 -2.49 19.89
C GLU G 241 -13.05 -2.43 19.24
N HIS G 242 -13.01 -2.38 17.90
CA HIS G 242 -11.75 -2.31 17.14
C HIS G 242 -11.01 -0.98 17.39
N PHE G 243 -11.78 0.10 17.48
CA PHE G 243 -11.24 1.44 17.71
C PHE G 243 -10.99 1.74 19.20
N ASP G 245 -9.59 -0.93 21.19
CA ASP G 245 -8.58 -1.93 21.57
C ASP G 245 -7.18 -1.30 21.53
N PRO G 246 -6.33 -1.57 22.55
CA PRO G 246 -4.96 -1.01 22.55
C PRO G 246 -4.12 -1.64 21.42
N GLY G 247 -3.97 -0.87 20.34
CA GLY G 247 -3.20 -1.33 19.20
C GLY G 247 -3.76 -0.87 17.86
N LEU H 8 -19.31 20.37 0.91
CA LEU H 8 -19.58 19.15 1.71
C LEU H 8 -20.33 18.12 0.86
N LEU H 9 -21.41 18.58 0.21
CA LEU H 9 -22.22 17.73 -0.67
C LEU H 9 -23.04 18.55 -1.68
N GLY H 10 -22.69 18.39 -2.96
CA GLY H 10 -23.38 19.10 -4.02
C GLY H 10 -24.37 18.24 -4.77
N GLU H 11 -25.66 18.42 -4.47
CA GLU H 11 -26.75 17.66 -5.08
C GLU H 11 -27.47 18.39 -6.23
N VAL H 12 -27.37 17.82 -7.42
CA VAL H 12 -27.98 18.35 -8.65
C VAL H 12 -29.04 17.41 -9.20
N LEU H 13 -30.22 17.96 -9.50
CA LEU H 13 -31.35 17.18 -10.05
C LEU H 13 -31.68 17.53 -11.51
N SER H 14 -31.56 16.55 -12.39
CA SER H 14 -31.85 16.72 -13.82
C SER H 14 -32.45 15.47 -14.46
N GLU H 15 -33.68 15.62 -14.99
CA GLU H 15 -34.49 14.59 -15.65
C GLU H 15 -34.85 13.42 -14.72
N GLY H 16 -35.12 13.78 -13.46
CA GLY H 16 -35.49 12.81 -12.45
C GLY H 16 -34.32 12.10 -11.78
N VAL H 17 -33.10 12.43 -12.20
CA VAL H 17 -31.87 11.84 -11.67
C VAL H 17 -31.13 12.82 -10.76
N LEU H 18 -30.98 12.45 -9.49
CA LEU H 18 -30.26 13.27 -8.51
C LEU H 18 -28.82 12.78 -8.42
N THR H 19 -27.88 13.67 -8.75
CA THR H 19 -26.45 13.35 -8.71
C THR H 19 -25.80 13.89 -7.43
N LEU H 20 -25.59 13.00 -6.46
CA LEU H 20 -24.96 13.36 -5.20
C LEU H 20 -23.44 13.34 -5.37
N THR H 21 -22.86 14.53 -5.55
CA THR H 21 -21.41 14.67 -5.72
C THR H 21 -20.80 14.94 -4.34
N LEU H 22 -19.92 14.02 -3.93
CA LEU H 22 -19.24 14.09 -2.64
C LEU H 22 -18.22 15.21 -2.58
N GLY H 23 -18.23 15.95 -1.47
CA GLY H 23 -17.31 17.05 -1.28
C GLY H 23 -16.07 16.65 -0.50
N ARG H 24 -15.39 17.66 0.03
CA ARG H 24 -14.15 17.52 0.82
C ARG H 24 -13.05 16.78 0.04
N ALA H 25 -12.79 17.30 -1.16
CA ALA H 25 -11.78 16.78 -2.10
C ALA H 25 -10.35 16.86 -1.54
N PRO H 26 -9.42 15.96 -1.95
CA PRO H 26 -9.51 14.84 -2.92
C PRO H 26 -9.92 13.48 -2.33
N ALA H 27 -9.89 13.39 -0.99
CA ALA H 27 -10.18 12.15 -0.27
C ALA H 27 -11.64 11.73 -0.09
N HIS H 28 -12.54 12.71 0.02
CA HIS H 28 -14.00 12.52 0.23
C HIS H 28 -14.28 11.65 1.50
N PRO H 29 -13.79 12.08 2.70
CA PRO H 29 -14.01 11.30 3.93
C PRO H 29 -15.44 11.25 4.46
N LEU H 30 -15.74 10.19 5.18
CA LEU H 30 -17.06 9.99 5.78
C LEU H 30 -17.07 10.35 7.28
N SER H 31 -17.01 11.65 7.55
CA SER H 31 -17.04 12.19 8.92
C SER H 31 -18.49 12.19 9.40
N ARG H 32 -18.72 12.43 10.69
CA ARG H 32 -20.08 12.47 11.25
C ARG H 32 -20.93 13.57 10.60
N ALA H 33 -20.25 14.55 10.01
CA ALA H 33 -20.88 15.67 9.31
C ALA H 33 -21.31 15.22 7.92
N ILE H 35 -21.66 12.01 6.78
CA ILE H 35 -22.65 10.94 6.91
C ILE H 35 -24.05 11.53 7.08
N ALA H 36 -24.16 12.54 7.95
CA ALA H 36 -25.43 13.23 8.22
C ALA H 36 -25.97 13.92 6.98
N ALA H 37 -25.07 14.43 6.14
CA ALA H 37 -25.46 15.12 4.90
C ALA H 37 -25.95 14.14 3.83
N LEU H 38 -25.46 12.91 3.89
CA LEU H 38 -25.86 11.85 2.97
C LEU H 38 -27.18 11.24 3.45
N HIS H 39 -27.39 11.26 4.77
CA HIS H 39 -28.60 10.74 5.39
C HIS H 39 -29.76 11.71 5.18
N ASP H 40 -29.46 13.01 5.17
CA ASP H 40 -30.45 14.08 4.92
C ASP H 40 -30.92 13.96 3.47
N ALA H 41 -29.95 13.88 2.57
CA ALA H 41 -30.15 13.75 1.13
C ALA H 41 -30.90 12.48 0.74
N LEU H 42 -30.81 11.45 1.58
CA LEU H 42 -31.50 10.18 1.36
C LEU H 42 -32.87 10.09 2.02
N ARG H 43 -33.15 10.96 2.99
CA ARG H 43 -34.46 11.03 3.65
C ARG H 43 -35.33 11.83 2.68
N ARG H 44 -34.72 12.89 2.14
CA ARG H 44 -35.32 13.74 1.10
C ARG H 44 -34.92 12.90 -0.11
N ALA H 45 -35.59 13.07 -1.25
CA ALA H 45 -35.38 12.29 -2.49
C ALA H 45 -36.24 11.05 -2.42
N GLY H 47 -38.58 10.86 -0.16
CA GLY H 47 -39.88 11.47 0.09
C GLY H 47 -40.29 12.50 -0.95
N ASP H 48 -39.48 12.65 -2.00
CA ASP H 48 -39.73 13.59 -3.10
C ASP H 48 -39.99 12.79 -4.39
N ASP H 49 -41.22 12.92 -4.91
CA ASP H 49 -41.66 12.22 -6.12
C ASP H 49 -40.97 12.64 -7.43
N HIS H 50 -40.27 13.77 -7.40
CA HIS H 50 -39.55 14.30 -8.55
C HIS H 50 -38.28 13.48 -8.82
N VAL H 51 -37.65 13.02 -7.74
CA VAL H 51 -36.42 12.22 -7.82
C VAL H 51 -36.77 10.74 -8.02
N HIS H 52 -36.21 10.17 -9.07
CA HIS H 52 -36.43 8.76 -9.42
C HIS H 52 -35.19 7.90 -9.12
N VAL H 53 -34.03 8.34 -9.64
CA VAL H 53 -32.75 7.63 -9.48
C VAL H 53 -31.71 8.44 -8.70
N LEU H 54 -30.89 7.74 -7.91
CA LEU H 54 -29.82 8.35 -7.11
C LEU H 54 -28.46 7.92 -7.66
N VAL H 55 -27.60 8.89 -7.97
CA VAL H 55 -26.24 8.63 -8.48
C VAL H 55 -25.22 9.20 -7.48
N ILE H 56 -24.44 8.31 -6.86
CA ILE H 56 -23.40 8.70 -5.90
C ILE H 56 -22.05 8.77 -6.63
N HIS H 57 -21.57 10.00 -6.76
CA HIS H 57 -20.32 10.30 -7.45
C HIS H 57 -19.24 10.79 -6.48
N GLY H 58 -18.05 10.19 -6.59
CA GLY H 58 -16.90 10.56 -5.79
C GLY H 58 -15.78 10.80 -6.79
N PRO H 59 -15.66 12.02 -7.38
CA PRO H 59 -14.63 12.36 -8.38
C PRO H 59 -13.16 12.31 -7.97
N GLY H 60 -12.32 12.11 -8.99
CA GLY H 60 -10.88 12.06 -8.78
C GLY H 60 -10.27 10.69 -8.65
N ARG H 61 -9.00 10.67 -8.24
CA ARG H 61 -8.21 9.45 -8.06
C ARG H 61 -8.66 8.62 -6.83
N ILE H 62 -9.46 9.25 -5.97
CA ILE H 62 -10.02 8.62 -4.78
C ILE H 62 -11.55 8.77 -4.83
N PHE H 63 -12.27 7.66 -4.70
CA PHE H 63 -13.74 7.67 -4.70
C PHE H 63 -14.17 8.19 -3.34
N CYS H 64 -13.77 7.44 -2.30
CA CYS H 64 -14.05 7.75 -0.91
C CYS H 64 -13.07 6.94 -0.06
N ALA H 65 -12.36 7.63 0.83
CA ALA H 65 -11.38 7.01 1.72
C ALA H 65 -12.03 6.30 2.90
N GLY H 66 -13.29 6.67 3.18
CA GLY H 66 -14.06 6.08 4.25
C GLY H 66 -13.61 6.43 5.66
N HIS H 67 -14.46 7.13 6.40
CA HIS H 67 -14.21 7.59 7.78
C HIS H 67 -13.01 8.53 7.93
N ASP H 68 -13.28 9.74 8.44
CA ASP H 68 -12.25 10.77 8.68
C ASP H 68 -11.41 10.31 9.87
N LEU H 69 -10.13 10.08 9.63
CA LEU H 69 -9.21 9.62 10.68
C LEU H 69 -8.82 10.77 11.62
N LYS H 70 -9.77 11.10 12.49
CA LYS H 70 -9.66 12.14 13.50
C LYS H 70 -9.90 11.50 14.86
N GLU H 71 -9.04 11.82 15.82
CA GLU H 71 -9.14 11.28 17.18
C GLU H 71 -9.72 12.28 18.18
N ILE H 72 -10.79 11.85 18.85
CA ILE H 72 -11.44 12.63 19.91
C ILE H 72 -11.13 11.86 21.18
N GLU H 81 -12.46 9.51 26.56
CA GLU H 81 -11.91 8.20 26.25
C GLU H 81 -11.89 7.94 24.74
N GLY H 82 -12.94 8.40 24.06
CA GLY H 82 -13.07 8.21 22.62
C GLY H 82 -14.35 7.46 22.27
N ARG H 83 -14.81 6.61 23.19
CA ARG H 83 -16.02 5.76 23.06
C ARG H 83 -17.24 6.52 22.56
N ALA H 84 -17.70 7.50 23.34
CA ALA H 84 -18.84 8.33 22.97
C ALA H 84 -18.35 9.30 21.89
N PHE H 85 -18.74 8.97 20.65
CA PHE H 85 -18.46 9.65 19.36
C PHE H 85 -18.28 8.51 18.38
N VAL H 86 -17.33 7.62 18.71
CA VAL H 86 -17.01 6.44 17.90
C VAL H 86 -18.26 5.56 17.79
N THR H 87 -19.00 5.49 18.90
CA THR H 87 -20.24 4.74 18.99
C THR H 87 -21.34 5.48 18.20
N ASP H 88 -21.21 6.79 18.06
CA ASP H 88 -22.19 7.62 17.33
C ASP H 88 -21.89 7.64 15.82
N LEU H 89 -20.60 7.64 15.46
CA LEU H 89 -20.14 7.65 14.06
C LEU H 89 -20.53 6.38 13.31
N PHE H 90 -20.22 5.23 13.90
CA PHE H 90 -20.52 3.94 13.32
C PHE H 90 -22.00 3.60 13.29
N GLU H 91 -22.73 3.97 14.35
CA GLU H 91 -24.18 3.73 14.46
C GLU H 91 -24.95 4.50 13.39
N ALA H 92 -24.50 5.73 13.13
CA ALA H 92 -25.11 6.59 12.12
C ALA H 92 -24.76 6.09 10.74
N CYS H 93 -23.50 5.67 10.58
CA CYS H 93 -22.98 5.13 9.32
C CYS H 93 -23.72 3.85 8.93
N SER H 94 -23.95 2.96 9.90
CA SER H 94 -24.66 1.72 9.68
C SER H 94 -26.13 1.95 9.30
N ALA H 95 -26.73 3.00 9.87
CA ALA H 95 -28.12 3.37 9.57
C ALA H 95 -28.21 3.91 8.16
N LEU H 96 -27.23 4.75 7.79
CA LEU H 96 -27.13 5.34 6.46
C LEU H 96 -27.02 4.27 5.36
N LEU H 98 -27.82 1.12 5.69
CA LEU H 98 -28.99 0.26 5.78
C LEU H 98 -30.14 0.86 4.99
N ASP H 99 -30.33 2.18 5.15
CA ASP H 99 -31.38 2.92 4.44
C ASP H 99 -31.07 3.07 2.95
N LEU H 100 -29.79 3.01 2.61
CA LEU H 100 -29.31 3.13 1.22
C LEU H 100 -29.53 1.83 0.44
N ALA H 101 -29.19 0.71 1.07
CA ALA H 101 -29.33 -0.61 0.47
C ALA H 101 -30.80 -1.01 0.33
N HIS H 102 -31.62 -0.56 1.29
CA HIS H 102 -33.06 -0.85 1.33
C HIS H 102 -33.93 0.15 0.58
N CYS H 103 -33.34 1.26 0.14
CA CYS H 103 -34.04 2.32 -0.61
C CYS H 103 -34.75 1.75 -1.85
N PRO H 104 -36.08 2.01 -2.01
CA PRO H 104 -36.89 1.53 -3.13
C PRO H 104 -36.48 2.07 -4.51
N LYS H 105 -35.87 3.25 -4.51
CA LYS H 105 -35.41 3.88 -5.74
C LYS H 105 -33.98 3.40 -6.08
N PRO H 106 -33.64 3.27 -7.38
CA PRO H 106 -32.30 2.83 -7.78
C PRO H 106 -31.15 3.76 -7.37
N THR H 107 -30.10 3.16 -6.81
CA THR H 107 -28.90 3.89 -6.40
C THR H 107 -27.70 3.34 -7.18
N ILE H 108 -27.02 4.20 -7.94
CA ILE H 108 -25.84 3.81 -8.73
C ILE H 108 -24.59 4.57 -8.27
N ALA H 109 -23.48 3.85 -8.14
CA ALA H 109 -22.22 4.45 -7.74
C ALA H 109 -21.31 4.64 -8.96
N LEU H 110 -20.77 5.85 -9.11
CA LEU H 110 -19.87 6.21 -10.21
C LEU H 110 -18.48 6.30 -9.60
N VAL H 111 -17.62 5.34 -9.96
CA VAL H 111 -16.26 5.25 -9.41
C VAL H 111 -15.16 5.40 -10.48
N GLU H 112 -14.18 6.26 -10.21
CA GLU H 112 -13.10 6.48 -11.16
C GLU H 112 -11.72 6.49 -10.51
N GLY H 113 -11.67 5.92 -9.31
CA GLY H 113 -10.44 5.84 -8.55
C GLY H 113 -10.54 4.79 -7.44
N ILE H 114 -9.86 5.02 -6.33
CA ILE H 114 -9.85 4.07 -5.22
C ILE H 114 -10.99 4.21 -4.19
N ALA H 115 -11.64 3.07 -3.92
CA ALA H 115 -12.71 2.98 -2.93
C ALA H 115 -12.18 2.14 -1.77
N THR H 116 -11.89 2.80 -0.66
CA THR H 116 -11.33 2.11 0.51
C THR H 116 -12.14 2.26 1.79
N ALA H 117 -12.05 1.23 2.64
CA ALA H 117 -12.73 1.15 3.93
C ALA H 117 -14.24 1.39 3.82
N ALA H 118 -14.77 2.36 4.57
CA ALA H 118 -16.21 2.68 4.57
C ALA H 118 -16.67 3.27 3.24
N GLY H 119 -15.69 3.60 2.40
CA GLY H 119 -15.94 4.14 1.08
C GLY H 119 -16.32 3.02 0.12
N LEU H 120 -15.72 1.84 0.34
CA LEU H 120 -16.01 0.65 -0.45
C LEU H 120 -17.38 0.12 0.00
N GLN H 121 -17.76 0.46 1.23
CA GLN H 121 -19.06 0.06 1.82
C GLN H 121 -20.16 0.85 1.15
N LEU H 122 -19.91 2.16 0.98
CA LEU H 122 -20.84 3.11 0.34
C LEU H 122 -21.18 2.69 -1.08
N ALA H 124 -20.69 -0.43 -2.19
CA ALA H 124 -21.29 -1.76 -2.08
C ALA H 124 -22.78 -1.71 -1.76
N ALA H 125 -23.17 -0.67 -1.03
CA ALA H 125 -24.56 -0.47 -0.61
C ALA H 125 -25.45 0.08 -1.70
N CYS H 126 -24.84 0.56 -2.79
CA CYS H 126 -25.60 1.04 -3.93
C CYS H 126 -26.08 -0.17 -4.71
N ASP H 127 -27.20 -0.04 -5.44
CA ASP H 127 -27.77 -1.12 -6.24
C ASP H 127 -26.85 -1.56 -7.37
N LEU H 128 -26.26 -0.57 -8.05
CA LEU H 128 -25.33 -0.80 -9.15
C LEU H 128 -24.09 0.04 -8.92
N ALA H 129 -23.01 -0.29 -9.63
CA ALA H 129 -21.74 0.43 -9.54
C ALA H 129 -20.90 0.28 -10.82
N TYR H 130 -20.38 1.39 -11.33
CA TYR H 130 -19.58 1.38 -12.56
C TYR H 130 -18.22 2.03 -12.35
N ALA H 131 -17.20 1.48 -13.01
CA ALA H 131 -15.85 1.99 -12.86
C ALA H 131 -14.97 2.01 -14.09
N SER H 132 -13.93 2.86 -14.02
CA SER H 132 -12.93 3.01 -15.07
C SER H 132 -11.83 1.98 -14.74
N PRO H 133 -11.00 1.57 -15.72
CA PRO H 133 -9.95 0.57 -15.42
C PRO H 133 -8.84 0.98 -14.44
N ALA H 134 -8.92 2.22 -13.97
CA ALA H 134 -7.96 2.78 -13.02
C ALA H 134 -8.45 2.66 -11.58
N ALA H 135 -9.66 2.11 -11.41
CA ALA H 135 -10.26 1.94 -10.09
C ALA H 135 -9.68 0.81 -9.26
N ARG H 136 -9.39 1.13 -8.00
CA ARG H 136 -8.81 0.19 -7.05
C ARG H 136 -9.76 0.02 -5.85
N PHE H 137 -9.75 -1.18 -5.25
CA PHE H 137 -10.64 -1.50 -4.14
C PHE H 137 -9.91 -2.10 -2.93
N CYS H 138 -10.21 -1.59 -1.73
CA CYS H 138 -9.54 -2.07 -0.52
C CYS H 138 -10.30 -2.00 0.81
N LEU H 139 -9.92 -2.91 1.72
CA LEU H 139 -10.41 -3.00 3.10
C LEU H 139 -9.09 -3.13 3.90
N PRO H 140 -8.43 -1.98 4.23
CA PRO H 140 -7.15 -1.93 4.96
C PRO H 140 -7.07 -2.01 6.48
N GLY H 141 -8.15 -2.42 7.14
CA GLY H 141 -8.17 -2.50 8.60
C GLY H 141 -7.02 -3.16 9.34
N VAL H 142 -6.60 -4.33 8.88
CA VAL H 142 -5.48 -5.05 9.50
C VAL H 142 -4.18 -4.25 9.50
N GLN H 143 -3.99 -3.39 8.51
CA GLN H 143 -2.80 -2.54 8.41
C GLN H 143 -2.78 -1.52 9.55
N ASN H 144 -3.96 -0.94 9.81
CA ASN H 144 -4.15 0.06 10.86
C ASN H 144 -4.38 -0.56 12.25
N GLY H 145 -4.11 -1.86 12.37
CA GLY H 145 -4.28 -2.57 13.63
C GLY H 145 -5.71 -2.89 14.03
N GLY H 146 -6.62 -2.92 13.05
CA GLY H 146 -8.03 -3.21 13.30
C GLY H 146 -8.63 -4.23 12.36
N PHE H 147 -9.83 -3.94 11.88
CA PHE H 147 -10.59 -4.79 10.96
C PHE H 147 -11.77 -3.97 10.46
N THR H 149 -15.09 -4.44 10.02
CA THR H 149 -16.28 -5.24 10.33
C THR H 149 -17.57 -4.69 9.72
N THR H 150 -17.84 -3.38 9.83
CA THR H 150 -19.05 -2.81 9.20
C THR H 150 -18.90 -2.73 7.68
N PRO H 151 -17.72 -2.34 7.15
CA PRO H 151 -17.67 -2.31 5.68
C PRO H 151 -17.76 -3.68 5.02
N ALA H 152 -17.30 -4.71 5.73
CA ALA H 152 -17.33 -6.08 5.22
C ALA H 152 -18.76 -6.61 5.10
N VAL H 153 -19.69 -5.96 5.80
CA VAL H 153 -21.11 -6.35 5.78
C VAL H 153 -21.75 -6.08 4.43
N ALA H 154 -21.62 -4.84 3.95
CA ALA H 154 -22.19 -4.48 2.65
C ALA H 154 -21.47 -5.18 1.49
N VAL H 155 -20.16 -5.33 1.65
CA VAL H 155 -19.28 -5.99 0.68
C VAL H 155 -19.60 -7.50 0.54
N SER H 156 -19.92 -8.14 1.67
CA SER H 156 -20.24 -9.58 1.70
C SER H 156 -21.51 -9.97 0.95
N ARG H 157 -22.43 -9.01 0.82
CA ARG H 157 -23.69 -9.23 0.11
C ARG H 157 -23.51 -8.99 -1.39
N VAL H 158 -22.36 -8.44 -1.75
CA VAL H 158 -22.01 -8.10 -3.13
C VAL H 158 -21.02 -9.09 -3.77
N ILE H 159 -20.13 -9.70 -2.97
CA ILE H 159 -19.17 -10.68 -3.48
C ILE H 159 -19.21 -12.03 -2.73
N GLY H 160 -18.57 -13.05 -3.30
CA GLY H 160 -18.53 -14.39 -2.72
C GLY H 160 -17.74 -14.50 -1.42
N ARG H 161 -18.02 -15.55 -0.64
CA ARG H 161 -17.37 -15.82 0.66
C ARG H 161 -15.85 -15.60 0.72
N ARG H 162 -15.13 -16.32 -0.12
CA ARG H 162 -13.66 -16.23 -0.19
C ARG H 162 -13.14 -14.84 -0.54
N ALA H 163 -13.86 -14.16 -1.42
CA ALA H 163 -13.48 -12.83 -1.87
C ALA H 163 -13.45 -11.78 -0.75
N VAL H 164 -14.46 -11.79 0.13
CA VAL H 164 -14.54 -10.86 1.27
C VAL H 164 -13.57 -11.21 2.36
N THR H 165 -13.44 -12.51 2.61
CA THR H 165 -12.54 -13.04 3.64
C THR H 165 -11.13 -12.56 3.30
N GLU H 166 -10.70 -12.80 2.06
CA GLU H 166 -9.38 -12.35 1.61
C GLU H 166 -9.18 -10.84 1.69
N ALA H 168 -10.66 -8.56 3.67
CA ALA H 168 -10.59 -8.17 5.07
C ALA H 168 -9.33 -8.66 5.79
N LEU H 169 -8.94 -9.92 5.54
CA LEU H 169 -7.76 -10.51 6.16
C LEU H 169 -6.41 -9.98 5.68
N THR H 170 -6.23 -9.86 4.36
CA THR H 170 -4.97 -9.39 3.78
C THR H 170 -4.78 -7.87 3.82
N GLY H 171 -5.90 -7.15 3.68
CA GLY H 171 -5.88 -5.70 3.65
C GLY H 171 -5.34 -5.19 2.33
N ALA H 172 -5.43 -6.05 1.32
CA ALA H 172 -4.94 -5.78 -0.03
C ALA H 172 -5.79 -4.88 -0.93
N THR H 173 -5.14 -4.18 -1.86
CA THR H 173 -5.85 -3.36 -2.83
C THR H 173 -5.91 -4.20 -4.12
N TYR H 174 -7.09 -4.24 -4.72
CA TYR H 174 -7.33 -5.03 -5.94
C TYR H 174 -7.69 -4.14 -7.10
N ASP H 175 -7.51 -4.65 -8.32
CA ASP H 175 -7.82 -3.88 -9.53
C ASP H 175 -9.28 -4.03 -9.98
N ALA H 176 -9.66 -3.26 -11.00
CA ALA H 176 -11.00 -3.27 -11.56
C ALA H 176 -11.37 -4.63 -12.17
N ASP H 177 -10.37 -5.33 -12.72
CA ASP H 177 -10.57 -6.64 -13.35
C ASP H 177 -11.04 -7.69 -12.34
N TRP H 178 -10.41 -7.70 -11.17
CA TRP H 178 -10.73 -8.63 -10.08
C TRP H 178 -12.14 -8.30 -9.56
N ALA H 179 -12.43 -7.01 -9.45
CA ALA H 179 -13.72 -6.51 -8.98
C ALA H 179 -14.88 -6.95 -9.87
N LEU H 180 -14.63 -7.00 -11.19
CA LEU H 180 -15.62 -7.44 -12.17
C LEU H 180 -15.81 -8.96 -12.06
N ALA H 181 -14.70 -9.65 -11.80
CA ALA H 181 -14.68 -11.11 -11.66
C ALA H 181 -15.28 -11.59 -10.33
N ALA H 182 -15.47 -10.65 -9.41
CA ALA H 182 -16.04 -10.95 -8.10
C ALA H 182 -17.48 -10.45 -7.96
N GLY H 183 -17.86 -9.49 -8.79
CA GLY H 183 -19.20 -8.94 -8.76
C GLY H 183 -19.30 -7.68 -7.90
N LEU H 184 -18.15 -7.09 -7.58
CA LEU H 184 -18.05 -5.87 -6.78
C LEU H 184 -18.56 -4.66 -7.56
N ILE H 185 -18.40 -4.74 -8.88
CA ILE H 185 -18.87 -3.73 -9.82
C ILE H 185 -19.59 -4.50 -10.94
N ASN H 186 -20.49 -3.81 -11.64
CA ASN H 186 -21.25 -4.42 -12.72
C ASN H 186 -20.51 -4.47 -14.06
N ARG H 187 -19.85 -3.37 -14.43
CA ARG H 187 -19.09 -3.27 -15.69
C ARG H 187 -17.94 -2.27 -15.63
N ILE H 188 -16.91 -2.54 -16.43
CA ILE H 188 -15.74 -1.67 -16.56
C ILE H 188 -15.93 -0.89 -17.87
N LEU H 189 -15.80 0.44 -17.79
CA LEU H 189 -15.94 1.32 -18.95
C LEU H 189 -14.75 2.27 -19.04
N PRO H 190 -14.28 2.63 -20.27
CA PRO H 190 -13.14 3.54 -20.42
C PRO H 190 -13.39 4.91 -19.76
N GLU H 191 -12.33 5.51 -19.22
CA GLU H 191 -12.39 6.80 -18.51
C GLU H 191 -13.22 7.92 -19.14
N ALA H 192 -13.30 7.92 -20.47
CA ALA H 192 -14.05 8.93 -21.24
C ALA H 192 -15.56 8.68 -21.30
N ALA H 193 -15.95 7.49 -21.75
CA ALA H 193 -17.35 7.11 -21.90
C ALA H 193 -18.10 6.68 -20.62
N LEU H 194 -17.39 6.69 -19.49
CA LEU H 194 -17.95 6.29 -18.18
C LEU H 194 -19.09 7.19 -17.66
N ALA H 195 -18.82 8.50 -17.64
CA ALA H 195 -19.80 9.49 -17.16
C ALA H 195 -21.08 9.52 -17.99
N THR H 196 -20.94 9.30 -19.30
CA THR H 196 -22.09 9.29 -20.22
C THR H 196 -22.94 8.02 -20.04
N HIS H 197 -22.26 6.89 -19.81
CA HIS H 197 -22.88 5.57 -19.60
C HIS H 197 -23.74 5.59 -18.34
N VAL H 198 -23.21 6.19 -17.28
CA VAL H 198 -23.89 6.30 -16.00
C VAL H 198 -25.05 7.29 -16.11
N ALA H 199 -24.85 8.35 -16.90
CA ALA H 199 -25.88 9.37 -17.12
C ALA H 199 -27.02 8.82 -17.98
N ASP H 200 -26.66 7.98 -18.96
CA ASP H 200 -27.63 7.35 -19.87
C ASP H 200 -28.42 6.23 -19.22
N LEU H 201 -27.73 5.44 -18.38
CA LEU H 201 -28.34 4.31 -17.69
C LEU H 201 -29.35 4.84 -16.68
N ALA H 202 -28.93 5.85 -15.92
CA ALA H 202 -29.77 6.50 -14.91
C ALA H 202 -30.97 7.19 -15.56
N GLY H 203 -30.73 7.76 -16.75
CA GLY H 203 -31.75 8.45 -17.51
C GLY H 203 -32.81 7.50 -18.05
N ALA H 204 -32.37 6.36 -18.55
CA ALA H 204 -33.25 5.32 -19.09
C ALA H 204 -34.15 4.73 -17.98
N LEU H 205 -33.61 4.65 -16.76
CA LEU H 205 -34.32 4.15 -15.58
C LEU H 205 -35.37 5.11 -15.06
N ALA H 206 -35.04 6.39 -15.08
CA ALA H 206 -35.93 7.46 -14.62
C ALA H 206 -37.16 7.61 -15.51
N ALA H 207 -36.98 7.26 -16.79
CA ALA H 207 -38.04 7.34 -17.79
C ALA H 207 -39.05 6.19 -17.75
N ARG H 208 -38.76 5.17 -16.94
CA ARG H 208 -39.63 3.99 -16.81
C ARG H 208 -40.81 4.23 -15.88
N ASN H 209 -41.79 3.34 -15.93
CA ASN H 209 -42.99 3.40 -15.09
C ASN H 209 -42.48 3.08 -13.68
N GLN H 210 -42.49 4.11 -12.84
CA GLN H 210 -41.95 4.07 -11.47
C GLN H 210 -42.52 3.16 -10.37
N ALA H 211 -43.84 3.08 -10.25
CA ALA H 211 -44.46 2.25 -9.22
C ALA H 211 -44.06 0.77 -9.24
N PRO H 212 -44.04 0.10 -10.43
CA PRO H 212 -43.63 -1.31 -10.38
C PRO H 212 -42.11 -1.48 -10.28
N LEU H 213 -41.39 -0.41 -10.63
CA LEU H 213 -39.94 -0.38 -10.59
C LEU H 213 -39.41 -0.33 -9.15
N ARG H 214 -40.10 0.43 -8.31
CA ARG H 214 -39.74 0.56 -6.89
C ARG H 214 -40.26 -0.60 -6.04
N ARG H 215 -41.45 -1.11 -6.40
CA ARG H 215 -42.07 -2.24 -5.69
C ARG H 215 -41.30 -3.51 -5.96
N GLY H 216 -40.78 -3.63 -7.17
CA GLY H 216 -40.00 -4.79 -7.57
C GLY H 216 -38.62 -4.84 -6.94
N LEU H 217 -38.05 -3.66 -6.66
CA LEU H 217 -36.73 -3.54 -6.05
C LEU H 217 -36.70 -3.91 -4.57
N GLU H 218 -37.72 -3.48 -3.81
CA GLU H 218 -37.77 -3.81 -2.38
C GLU H 218 -38.14 -5.28 -2.23
N THR H 219 -38.88 -5.82 -3.22
CA THR H 219 -39.27 -7.23 -3.23
C THR H 219 -38.01 -8.06 -3.52
N LEU H 220 -37.10 -7.52 -4.33
CA LEU H 220 -35.83 -8.21 -4.64
C LEU H 220 -34.94 -8.25 -3.39
N ASN H 221 -34.86 -7.12 -2.68
CA ASN H 221 -34.07 -6.97 -1.45
C ASN H 221 -34.60 -7.81 -0.30
N ARG H 222 -35.92 -7.98 -0.26
CA ARG H 222 -36.59 -8.75 0.77
C ARG H 222 -36.49 -10.25 0.58
N HIS H 223 -36.75 -10.72 -0.64
CA HIS H 223 -36.72 -12.16 -0.89
C HIS H 223 -35.35 -12.84 -0.93
N LEU H 224 -34.31 -12.02 -1.05
CA LEU H 224 -32.93 -12.50 -1.08
C LEU H 224 -32.50 -12.96 0.32
N GLU H 225 -33.23 -12.49 1.33
CA GLU H 225 -32.99 -12.82 2.74
C GLU H 225 -34.04 -13.82 3.21
N LEU H 226 -34.69 -14.48 2.24
CA LEU H 226 -35.74 -15.47 2.48
C LEU H 226 -35.54 -16.78 1.73
N PRO H 227 -36.11 -17.90 2.25
CA PRO H 227 -36.01 -19.21 1.60
C PRO H 227 -36.89 -19.20 0.33
N LEU H 228 -36.57 -20.05 -0.65
CA LEU H 228 -37.30 -20.11 -1.92
C LEU H 228 -38.83 -20.16 -1.88
N GLU H 229 -39.39 -21.00 -1.02
CA GLU H 229 -40.85 -21.15 -0.88
C GLU H 229 -41.51 -19.85 -0.40
N GLN H 230 -40.85 -19.17 0.53
CA GLN H 230 -41.35 -17.91 1.10
C GLN H 230 -41.04 -16.73 0.19
N ALA H 231 -40.05 -16.90 -0.68
CA ALA H 231 -39.65 -15.87 -1.64
C ALA H 231 -40.76 -15.71 -2.67
N TYR H 232 -41.37 -16.84 -3.05
CA TYR H 232 -42.47 -16.87 -4.00
C TYR H 232 -43.78 -16.45 -3.35
N ALA H 233 -43.87 -16.60 -2.02
CA ALA H 233 -45.06 -16.22 -1.26
C ALA H 233 -45.20 -14.71 -1.18
N LEU H 234 -44.06 -14.02 -1.09
CA LEU H 234 -44.02 -12.55 -1.02
C LEU H 234 -44.09 -11.97 -2.44
N ALA H 235 -43.34 -12.58 -3.36
CA ALA H 235 -43.23 -12.13 -4.74
C ALA H 235 -44.41 -12.28 -5.69
N THR H 236 -45.16 -13.38 -5.59
CA THR H 236 -46.30 -13.60 -6.49
C THR H 236 -47.40 -12.52 -6.49
N PRO H 237 -47.86 -12.02 -5.30
CA PRO H 237 -48.90 -10.98 -5.35
C PRO H 237 -48.38 -9.65 -5.90
N VAL H 238 -47.06 -9.45 -5.79
CA VAL H 238 -46.36 -8.26 -6.26
C VAL H 238 -46.26 -8.27 -7.81
N VAL H 240 -48.48 -9.79 -9.72
CA VAL H 240 -49.90 -9.58 -10.08
C VAL H 240 -50.18 -8.08 -10.09
N GLU H 241 -49.63 -7.40 -9.06
CA GLU H 241 -49.77 -5.97 -8.86
C GLU H 241 -49.15 -5.19 -10.02
N HIS H 242 -48.08 -5.72 -10.60
CA HIS H 242 -47.39 -5.07 -11.73
C HIS H 242 -48.27 -5.04 -12.97
N PHE H 243 -48.87 -6.18 -13.29
CA PHE H 243 -49.74 -6.34 -14.45
C PHE H 243 -51.08 -5.59 -14.33
N ASP H 245 -51.23 -2.58 -12.55
CA ASP H 245 -50.83 -1.21 -12.26
C ASP H 245 -51.11 -0.28 -13.45
N PRO H 246 -51.66 0.94 -13.21
CA PRO H 246 -51.96 1.90 -14.29
C PRO H 246 -50.74 2.25 -15.15
N GLY H 247 -50.93 2.14 -16.47
CA GLY H 247 -49.85 2.39 -17.43
C GLY H 247 -49.07 1.11 -17.66
N GLY I 7 -50.96 -30.32 -28.49
CA GLY I 7 -49.53 -30.21 -28.96
C GLY I 7 -48.67 -29.31 -28.08
N LEU I 8 -49.13 -29.11 -26.84
CA LEU I 8 -48.43 -28.26 -25.85
C LEU I 8 -47.01 -28.75 -25.54
N LEU I 9 -46.90 -30.06 -25.33
CA LEU I 9 -45.63 -30.69 -25.00
C LEU I 9 -45.35 -31.97 -25.77
N GLY I 10 -44.07 -32.29 -25.85
CA GLY I 10 -43.63 -33.50 -26.53
C GLY I 10 -42.68 -34.16 -25.55
N GLU I 11 -43.04 -35.36 -25.08
CA GLU I 11 -42.22 -36.10 -24.14
C GLU I 11 -41.79 -37.46 -24.66
N VAL I 12 -40.47 -37.68 -24.63
CA VAL I 12 -39.84 -38.92 -25.08
C VAL I 12 -38.95 -39.48 -23.97
N LEU I 13 -39.23 -40.72 -23.57
CA LEU I 13 -38.47 -41.42 -22.53
C LEU I 13 -37.52 -42.42 -23.18
N SER I 14 -36.24 -42.31 -22.85
CA SER I 14 -35.19 -43.19 -23.38
C SER I 14 -34.05 -43.36 -22.37
N GLU I 15 -33.88 -44.60 -21.89
CA GLU I 15 -32.84 -44.99 -20.92
C GLU I 15 -32.80 -44.16 -19.63
N GLY I 16 -33.98 -43.92 -19.05
CA GLY I 16 -34.11 -43.15 -17.82
C GLY I 16 -34.05 -41.65 -17.99
N VAL I 17 -34.08 -41.18 -19.24
CA VAL I 17 -34.03 -39.76 -19.56
C VAL I 17 -35.30 -39.30 -20.27
N LEU I 18 -35.99 -38.35 -19.65
CA LEU I 18 -37.21 -37.78 -20.20
C LEU I 18 -36.90 -36.41 -20.79
N THR I 19 -37.10 -36.29 -22.10
CA THR I 19 -36.86 -35.04 -22.79
C THR I 19 -38.20 -34.34 -23.06
N LEU I 20 -38.43 -33.26 -22.32
CA LEU I 20 -39.64 -32.46 -22.46
C LEU I 20 -39.38 -31.35 -23.48
N THR I 21 -39.83 -31.59 -24.71
CA THR I 21 -39.66 -30.63 -25.80
C THR I 21 -40.90 -29.75 -25.84
N LEU I 22 -40.71 -28.45 -25.53
CA LEU I 22 -41.79 -27.46 -25.51
C LEU I 22 -42.40 -27.26 -26.88
N GLY I 23 -43.74 -27.24 -26.92
CA GLY I 23 -44.45 -27.03 -28.17
C GLY I 23 -44.68 -25.56 -28.40
N ARG I 24 -45.74 -25.23 -29.14
CA ARG I 24 -46.14 -23.87 -29.48
C ARG I 24 -44.96 -23.03 -30.03
N ALA I 25 -44.25 -23.65 -30.98
CA ALA I 25 -43.07 -23.09 -31.66
C ALA I 25 -43.39 -21.83 -32.50
N PRO I 26 -42.42 -20.91 -32.70
CA PRO I 26 -41.03 -20.83 -32.23
C PRO I 26 -40.78 -20.14 -30.88
N ALA I 27 -41.77 -19.41 -30.37
CA ALA I 27 -41.67 -18.67 -29.12
C ALA I 27 -41.74 -19.48 -27.83
N HIS I 28 -42.42 -20.63 -27.89
CA HIS I 28 -42.64 -21.55 -26.76
C HIS I 28 -43.14 -20.75 -25.51
N PRO I 29 -44.31 -20.07 -25.60
CA PRO I 29 -44.83 -19.30 -24.47
C PRO I 29 -45.26 -20.11 -23.24
N LEU I 30 -45.30 -19.45 -22.09
CA LEU I 30 -45.74 -20.12 -20.87
C LEU I 30 -47.17 -19.71 -20.55
N SER I 31 -48.07 -20.15 -21.43
CA SER I 31 -49.50 -19.91 -21.32
C SER I 31 -50.02 -20.73 -20.15
N ARG I 32 -51.28 -20.50 -19.76
CA ARG I 32 -51.88 -21.25 -18.64
C ARG I 32 -51.94 -22.75 -18.95
N ALA I 33 -52.09 -23.08 -20.23
CA ALA I 33 -52.14 -24.46 -20.68
C ALA I 33 -50.75 -25.12 -20.65
N ILE I 35 -48.10 -24.25 -18.81
CA ILE I 35 -47.68 -24.35 -17.41
C ILE I 35 -48.35 -25.60 -16.81
N ALA I 36 -49.62 -25.82 -17.18
CA ALA I 36 -50.39 -26.98 -16.73
C ALA I 36 -49.79 -28.26 -17.32
N ALA I 37 -49.32 -28.19 -18.56
CA ALA I 37 -48.72 -29.34 -19.26
C ALA I 37 -47.38 -29.74 -18.66
N LEU I 38 -46.52 -28.74 -18.40
CA LEU I 38 -45.20 -28.95 -17.81
C LEU I 38 -45.33 -29.40 -16.35
N HIS I 39 -46.36 -28.94 -15.66
CA HIS I 39 -46.61 -29.29 -14.25
C HIS I 39 -47.13 -30.72 -14.15
N ASP I 40 -48.04 -31.09 -15.06
CA ASP I 40 -48.64 -32.44 -15.11
C ASP I 40 -47.56 -33.45 -15.48
N ALA I 41 -46.62 -33.02 -16.31
CA ALA I 41 -45.50 -33.85 -16.75
C ALA I 41 -44.47 -34.00 -15.63
N LEU I 42 -44.41 -32.99 -14.75
CA LEU I 42 -43.47 -32.97 -13.63
C LEU I 42 -43.96 -33.82 -12.47
N ARG I 43 -45.26 -33.73 -12.13
CA ARG I 43 -45.87 -34.50 -11.06
C ARG I 43 -45.78 -35.99 -11.41
N ARG I 44 -45.89 -36.27 -12.72
CA ARG I 44 -45.68 -37.63 -13.28
C ARG I 44 -44.15 -37.55 -13.44
N ALA I 45 -43.45 -38.63 -13.77
CA ALA I 45 -41.97 -38.59 -13.86
C ALA I 45 -41.33 -38.59 -12.47
N GLY I 47 -42.96 -39.49 -9.96
CA GLY I 47 -43.57 -40.67 -9.39
C GLY I 47 -43.27 -41.93 -10.18
N ASP I 48 -42.90 -41.76 -11.46
CA ASP I 48 -42.57 -42.85 -12.39
C ASP I 48 -41.11 -43.27 -12.16
N ASP I 49 -40.92 -44.50 -11.69
CA ASP I 49 -39.59 -45.06 -11.39
C ASP I 49 -38.64 -45.19 -12.59
N HIS I 50 -39.20 -45.19 -13.79
CA HIS I 50 -38.44 -45.30 -15.04
C HIS I 50 -37.81 -43.99 -15.50
N VAL I 51 -38.24 -42.88 -14.90
CA VAL I 51 -37.70 -41.55 -15.22
C VAL I 51 -36.69 -41.20 -14.15
N HIS I 52 -35.42 -41.13 -14.56
CA HIS I 52 -34.32 -40.84 -13.65
C HIS I 52 -33.83 -39.39 -13.76
N VAL I 53 -33.83 -38.84 -14.99
CA VAL I 53 -33.38 -37.47 -15.27
C VAL I 53 -34.34 -36.73 -16.24
N LEU I 54 -34.56 -35.44 -15.98
CA LEU I 54 -35.42 -34.58 -16.80
C LEU I 54 -34.60 -33.60 -17.64
N VAL I 55 -34.96 -33.45 -18.92
CA VAL I 55 -34.29 -32.52 -19.82
C VAL I 55 -35.38 -31.64 -20.44
N ILE I 56 -35.34 -30.34 -20.14
CA ILE I 56 -36.27 -29.37 -20.69
C ILE I 56 -35.57 -28.74 -21.90
N HIS I 57 -36.17 -28.90 -23.08
CA HIS I 57 -35.62 -28.42 -24.34
C HIS I 57 -36.59 -27.47 -25.06
N GLY I 58 -36.08 -26.30 -25.43
CA GLY I 58 -36.86 -25.32 -26.16
C GLY I 58 -36.11 -25.05 -27.46
N PRO I 59 -36.39 -25.79 -28.56
CA PRO I 59 -35.72 -25.64 -29.86
C PRO I 59 -35.89 -24.34 -30.64
N GLY I 60 -34.87 -24.07 -31.46
CA GLY I 60 -34.87 -22.89 -32.31
C GLY I 60 -34.17 -21.68 -31.72
N ARG I 61 -34.39 -20.55 -32.38
CA ARG I 61 -33.80 -19.27 -31.99
C ARG I 61 -34.34 -18.73 -30.65
N ILE I 62 -35.43 -19.32 -30.15
CA ILE I 62 -36.02 -18.94 -28.87
C ILE I 62 -36.16 -20.19 -27.98
N PHE I 63 -35.69 -20.11 -26.73
CA PHE I 63 -35.80 -21.20 -25.77
C PHE I 63 -37.23 -21.16 -25.22
N CYS I 64 -37.61 -19.99 -24.71
CA CYS I 64 -38.93 -19.72 -24.15
C CYS I 64 -39.07 -18.20 -23.98
N ALA I 65 -40.20 -17.65 -24.44
CA ALA I 65 -40.48 -16.21 -24.38
C ALA I 65 -41.00 -15.70 -23.04
N GLY I 66 -41.41 -16.64 -22.19
CA GLY I 66 -41.92 -16.30 -20.86
C GLY I 66 -43.27 -15.61 -20.84
N HIS I 67 -44.29 -16.38 -20.47
CA HIS I 67 -45.70 -15.94 -20.41
C HIS I 67 -46.28 -15.51 -21.74
N ASP I 68 -47.45 -16.06 -22.07
CA ASP I 68 -48.13 -15.72 -23.31
C ASP I 68 -48.80 -14.39 -23.07
N LEU I 69 -48.33 -13.37 -23.78
CA LEU I 69 -48.88 -12.03 -23.67
C LEU I 69 -50.27 -11.99 -24.33
N LYS I 70 -51.23 -12.51 -23.57
CA LYS I 70 -52.65 -12.60 -23.94
C LYS I 70 -53.47 -12.09 -22.74
N GLU I 71 -53.65 -10.77 -22.68
CA GLU I 71 -54.43 -10.17 -21.61
C GLU I 71 -55.93 -10.38 -21.90
N ILE I 72 -56.59 -11.09 -20.98
CA ILE I 72 -58.01 -11.42 -21.08
C ILE I 72 -58.90 -10.23 -20.73
N GLY I 73 -59.70 -9.84 -21.71
CA GLY I 73 -60.65 -8.73 -21.57
C GLY I 73 -60.05 -7.36 -21.71
N GLU I 81 -61.41 -5.86 -15.74
CA GLU I 81 -60.31 -5.98 -14.82
C GLU I 81 -59.36 -7.10 -15.29
N GLY I 82 -59.81 -8.34 -15.17
CA GLY I 82 -59.02 -9.49 -15.59
C GLY I 82 -57.90 -9.87 -14.64
N ARG I 83 -58.15 -9.72 -13.33
CA ARG I 83 -57.15 -10.06 -12.33
C ARG I 83 -57.32 -11.48 -11.80
N ALA I 84 -58.49 -12.07 -12.04
CA ALA I 84 -58.79 -13.45 -11.59
C ALA I 84 -57.90 -14.43 -12.34
N PHE I 85 -57.72 -14.18 -13.64
CA PHE I 85 -56.90 -14.99 -14.53
C PHE I 85 -55.42 -14.84 -14.18
N VAL I 86 -54.98 -13.58 -14.08
CA VAL I 86 -53.60 -13.24 -13.81
C VAL I 86 -53.09 -13.74 -12.44
N THR I 87 -53.96 -13.66 -11.43
CA THR I 87 -53.63 -14.13 -10.08
C THR I 87 -53.50 -15.66 -10.09
N ASP I 88 -54.29 -16.31 -10.94
CA ASP I 88 -54.25 -17.75 -11.08
C ASP I 88 -53.04 -18.17 -11.92
N LEU I 89 -52.74 -17.37 -12.95
CA LEU I 89 -51.61 -17.64 -13.84
C LEU I 89 -50.26 -17.69 -13.13
N PHE I 90 -49.93 -16.61 -12.40
CA PHE I 90 -48.67 -16.49 -11.67
C PHE I 90 -48.54 -17.43 -10.48
N GLU I 91 -49.68 -17.75 -9.86
CA GLU I 91 -49.76 -18.66 -8.72
C GLU I 91 -49.35 -20.04 -9.20
N ALA I 92 -49.80 -20.38 -10.42
CA ALA I 92 -49.54 -21.65 -11.08
C ALA I 92 -48.12 -21.74 -11.58
N CYS I 93 -47.57 -20.59 -11.98
CA CYS I 93 -46.19 -20.50 -12.46
C CYS I 93 -45.25 -20.70 -11.28
N SER I 94 -45.55 -20.04 -10.17
CA SER I 94 -44.76 -20.13 -8.93
C SER I 94 -44.79 -21.53 -8.35
N ALA I 95 -45.92 -22.22 -8.55
CA ALA I 95 -46.12 -23.60 -8.08
C ALA I 95 -45.25 -24.54 -8.92
N LEU I 96 -45.15 -24.25 -10.22
CA LEU I 96 -44.35 -25.04 -11.16
C LEU I 96 -42.85 -24.87 -10.91
N LEU I 98 -41.41 -23.90 -8.19
CA LEU I 98 -41.11 -24.38 -6.84
C LEU I 98 -40.86 -25.88 -6.92
N ASP I 99 -41.79 -26.58 -7.59
CA ASP I 99 -41.72 -28.02 -7.77
C ASP I 99 -40.55 -28.46 -8.63
N LEU I 100 -40.13 -27.59 -9.55
CA LEU I 100 -39.00 -27.87 -10.44
C LEU I 100 -37.64 -27.66 -9.77
N ALA I 101 -37.56 -26.66 -8.90
CA ALA I 101 -36.33 -26.35 -8.17
C ALA I 101 -36.03 -27.31 -7.04
N HIS I 102 -37.10 -27.85 -6.44
CA HIS I 102 -36.98 -28.79 -5.32
C HIS I 102 -37.23 -30.23 -5.71
N CYS I 103 -37.23 -30.47 -7.01
CA CYS I 103 -37.43 -31.81 -7.59
C CYS I 103 -36.15 -32.64 -7.33
N PRO I 104 -36.26 -33.79 -6.62
CA PRO I 104 -35.14 -34.69 -6.29
C PRO I 104 -34.41 -35.26 -7.50
N LYS I 105 -35.12 -35.38 -8.61
CA LYS I 105 -34.57 -35.90 -9.86
C LYS I 105 -33.89 -34.76 -10.65
N PRO I 106 -32.62 -34.96 -11.11
CA PRO I 106 -31.86 -33.96 -11.89
C PRO I 106 -32.61 -33.38 -13.08
N THR I 107 -32.62 -32.05 -13.16
CA THR I 107 -33.29 -31.33 -14.24
C THR I 107 -32.26 -30.51 -15.01
N ILE I 108 -32.10 -30.85 -16.29
CA ILE I 108 -31.14 -30.16 -17.14
C ILE I 108 -31.84 -29.31 -18.21
N ALA I 109 -31.26 -28.17 -18.54
CA ALA I 109 -31.81 -27.27 -19.54
C ALA I 109 -30.89 -27.16 -20.76
N LEU I 110 -31.48 -27.30 -21.95
CA LEU I 110 -30.81 -27.24 -23.25
C LEU I 110 -31.21 -25.91 -23.93
N VAL I 111 -30.32 -24.91 -23.86
CA VAL I 111 -30.61 -23.58 -24.41
C VAL I 111 -29.80 -23.24 -25.67
N GLU I 112 -30.49 -23.10 -26.79
CA GLU I 112 -29.86 -22.78 -28.07
C GLU I 112 -30.32 -21.43 -28.66
N GLY I 113 -31.10 -20.67 -27.88
CA GLY I 113 -31.60 -19.38 -28.32
C GLY I 113 -31.90 -18.42 -27.19
N ILE I 114 -32.84 -17.50 -27.40
CA ILE I 114 -33.18 -16.53 -26.36
C ILE I 114 -34.16 -17.03 -25.29
N ALA I 115 -33.72 -16.91 -24.04
CA ALA I 115 -34.48 -17.31 -22.85
C ALA I 115 -34.80 -16.00 -22.12
N THR I 116 -36.05 -15.58 -22.21
CA THR I 116 -36.46 -14.32 -21.60
C THR I 116 -37.64 -14.42 -20.63
N ALA I 117 -37.66 -13.52 -19.65
CA ALA I 117 -38.69 -13.41 -18.61
C ALA I 117 -38.91 -14.71 -17.83
N ALA I 118 -40.11 -15.28 -17.87
CA ALA I 118 -40.42 -16.52 -17.17
C ALA I 118 -39.73 -17.71 -17.89
N GLY I 119 -39.18 -17.41 -19.05
CA GLY I 119 -38.45 -18.40 -19.83
C GLY I 119 -37.06 -18.54 -19.26
N LEU I 120 -36.58 -17.46 -18.66
CA LEU I 120 -35.27 -17.42 -18.00
C LEU I 120 -35.45 -17.97 -16.56
N GLN I 121 -36.68 -17.93 -16.05
CA GLN I 121 -37.02 -18.46 -14.74
C GLN I 121 -36.98 -19.98 -14.82
N LEU I 122 -37.56 -20.50 -15.91
CA LEU I 122 -37.67 -21.93 -16.21
C LEU I 122 -36.28 -22.57 -16.24
N ALA I 124 -33.42 -21.22 -15.03
CA ALA I 124 -32.76 -21.02 -13.74
C ALA I 124 -33.23 -22.00 -12.64
N ALA I 125 -34.48 -22.47 -12.74
CA ALA I 125 -35.02 -23.41 -11.75
C ALA I 125 -34.54 -24.85 -11.98
N CYS I 126 -33.90 -25.08 -13.13
CA CYS I 126 -33.33 -26.40 -13.45
C CYS I 126 -31.98 -26.50 -12.73
N ASP I 127 -31.60 -27.71 -12.33
CA ASP I 127 -30.33 -27.95 -11.62
C ASP I 127 -29.09 -27.65 -12.46
N LEU I 128 -29.11 -28.05 -13.74
CA LEU I 128 -28.01 -27.80 -14.66
C LEU I 128 -28.53 -27.16 -15.95
N ALA I 129 -27.74 -26.25 -16.54
CA ALA I 129 -28.12 -25.57 -17.79
C ALA I 129 -26.92 -25.44 -18.71
N TYR I 130 -27.08 -25.87 -19.96
CA TYR I 130 -26.02 -25.82 -20.97
C TYR I 130 -26.51 -25.06 -22.19
N ALA I 131 -25.63 -24.21 -22.72
CA ALA I 131 -25.96 -23.38 -23.87
C ALA I 131 -24.96 -23.33 -25.02
N SER I 132 -25.45 -22.90 -26.18
CA SER I 132 -24.66 -22.71 -27.41
C SER I 132 -24.29 -21.21 -27.40
N PRO I 133 -23.16 -20.81 -28.07
CA PRO I 133 -22.76 -19.40 -28.08
C PRO I 133 -23.75 -18.32 -28.53
N ALA I 134 -24.77 -18.73 -29.28
CA ALA I 134 -25.80 -17.81 -29.77
C ALA I 134 -26.95 -17.58 -28.78
N ALA I 135 -26.90 -18.29 -27.64
CA ALA I 135 -27.96 -18.17 -26.62
C ALA I 135 -27.96 -16.83 -25.89
N ARG I 136 -29.13 -16.18 -25.87
CA ARG I 136 -29.28 -14.88 -25.21
C ARG I 136 -30.17 -14.97 -23.97
N PHE I 137 -29.82 -14.19 -22.96
CA PHE I 137 -30.52 -14.19 -21.68
C PHE I 137 -30.98 -12.78 -21.35
N CYS I 138 -32.25 -12.63 -20.95
CA CYS I 138 -32.84 -11.33 -20.66
C CYS I 138 -34.04 -11.33 -19.70
N LEU I 139 -34.27 -10.18 -19.06
CA LEU I 139 -35.39 -9.92 -18.15
C LEU I 139 -35.87 -8.51 -18.55
N PRO I 140 -36.73 -8.41 -19.60
CA PRO I 140 -37.27 -7.16 -20.14
C PRO I 140 -38.45 -6.49 -19.46
N GLY I 141 -38.68 -6.81 -18.18
CA GLY I 141 -39.78 -6.23 -17.43
C GLY I 141 -39.95 -4.72 -17.44
N VAL I 142 -38.84 -4.00 -17.26
CA VAL I 142 -38.83 -2.53 -17.24
C VAL I 142 -39.22 -1.85 -18.57
N GLN I 143 -38.87 -2.51 -19.68
CA GLN I 143 -39.15 -2.00 -21.03
C GLN I 143 -40.63 -2.06 -21.42
N ASN I 144 -41.43 -2.77 -20.61
CA ASN I 144 -42.86 -2.95 -20.85
C ASN I 144 -43.77 -2.38 -19.74
N GLY I 145 -43.23 -1.47 -18.94
CA GLY I 145 -44.00 -0.85 -17.87
C GLY I 145 -44.18 -1.64 -16.59
N GLY I 146 -43.41 -2.73 -16.45
CA GLY I 146 -43.48 -3.56 -15.26
C GLY I 146 -42.13 -3.86 -14.67
N PHE I 147 -42.05 -4.99 -13.98
CA PHE I 147 -40.83 -5.47 -13.35
C PHE I 147 -40.96 -6.99 -13.33
N THR I 149 -40.48 -9.42 -11.35
CA THR I 149 -40.44 -9.89 -9.96
C THR I 149 -40.39 -11.41 -9.74
N THR I 150 -41.32 -12.17 -10.31
CA THR I 150 -41.31 -13.64 -10.15
C THR I 150 -40.13 -14.31 -10.84
N PRO I 151 -39.73 -13.87 -12.06
CA PRO I 151 -38.57 -14.58 -12.61
C PRO I 151 -37.21 -14.18 -12.05
N ALA I 152 -37.16 -13.05 -11.35
CA ALA I 152 -35.92 -12.59 -10.74
C ALA I 152 -35.61 -13.44 -9.51
N VAL I 153 -36.63 -14.12 -8.97
CA VAL I 153 -36.52 -15.00 -7.82
C VAL I 153 -35.59 -16.18 -8.07
N ALA I 154 -35.87 -16.94 -9.14
CA ALA I 154 -35.07 -18.10 -9.52
C ALA I 154 -33.70 -17.69 -10.02
N VAL I 155 -33.64 -16.55 -10.71
CA VAL I 155 -32.40 -15.99 -11.26
C VAL I 155 -31.49 -15.50 -10.12
N SER I 156 -32.08 -15.03 -9.01
CA SER I 156 -31.29 -14.58 -7.86
C SER I 156 -30.65 -15.72 -7.07
N ARG I 157 -31.19 -16.94 -7.21
CA ARG I 157 -30.63 -18.10 -6.50
C ARG I 157 -29.51 -18.71 -7.33
N VAL I 158 -29.34 -18.19 -8.53
CA VAL I 158 -28.35 -18.71 -9.45
C VAL I 158 -27.17 -17.76 -9.74
N ILE I 159 -27.43 -16.45 -9.79
CA ILE I 159 -26.35 -15.46 -10.02
C ILE I 159 -26.22 -14.51 -8.81
N GLY I 160 -25.10 -13.78 -8.76
CA GLY I 160 -24.82 -12.82 -7.68
C GLY I 160 -25.75 -11.62 -7.64
N ARG I 161 -25.76 -10.89 -6.53
CA ARG I 161 -26.66 -9.73 -6.33
C ARG I 161 -26.62 -8.66 -7.41
N ARG I 162 -25.42 -8.19 -7.72
CA ARG I 162 -25.21 -7.14 -8.71
C ARG I 162 -25.65 -7.52 -10.10
N ALA I 163 -25.49 -8.82 -10.41
CA ALA I 163 -25.85 -9.40 -11.68
C ALA I 163 -27.36 -9.46 -11.90
N VAL I 164 -28.13 -9.87 -10.87
CA VAL I 164 -29.60 -9.94 -10.96
C VAL I 164 -30.18 -8.55 -11.08
N THR I 165 -29.66 -7.66 -10.21
CA THR I 165 -30.06 -6.26 -10.13
C THR I 165 -29.87 -5.56 -11.48
N GLU I 166 -28.77 -5.86 -12.19
CA GLU I 166 -28.54 -5.25 -13.50
C GLU I 166 -29.58 -5.72 -14.55
N ALA I 168 -32.61 -6.98 -13.99
CA ALA I 168 -33.91 -6.49 -13.56
C ALA I 168 -34.16 -5.00 -13.80
N LEU I 169 -33.12 -4.17 -13.58
CA LEU I 169 -33.22 -2.73 -13.77
C LEU I 169 -33.07 -2.24 -15.21
N THR I 170 -32.10 -2.78 -15.95
CA THR I 170 -31.81 -2.36 -17.33
C THR I 170 -32.67 -3.02 -18.40
N GLY I 171 -32.93 -4.32 -18.22
CA GLY I 171 -33.74 -5.05 -19.17
C GLY I 171 -33.01 -5.43 -20.45
N ALA I 172 -31.69 -5.21 -20.45
CA ALA I 172 -30.83 -5.52 -21.60
C ALA I 172 -30.64 -7.01 -21.80
N THR I 173 -30.24 -7.42 -23.02
CA THR I 173 -29.97 -8.82 -23.33
C THR I 173 -28.48 -9.07 -23.10
N TYR I 174 -28.17 -10.27 -22.63
CA TYR I 174 -26.80 -10.67 -22.33
C TYR I 174 -26.44 -11.92 -23.12
N ASP I 175 -25.16 -12.10 -23.41
CA ASP I 175 -24.71 -13.26 -24.17
C ASP I 175 -24.28 -14.44 -23.31
N ALA I 176 -23.88 -15.52 -23.99
CA ALA I 176 -23.44 -16.77 -23.36
C ALA I 176 -22.21 -16.65 -22.46
N ASP I 177 -21.28 -15.79 -22.88
CA ASP I 177 -20.03 -15.56 -22.15
C ASP I 177 -20.28 -14.90 -20.79
N TRP I 178 -21.13 -13.87 -20.77
CA TRP I 178 -21.48 -13.15 -19.54
C TRP I 178 -22.25 -14.11 -18.64
N ALA I 179 -23.08 -14.95 -19.25
CA ALA I 179 -23.89 -15.94 -18.54
C ALA I 179 -23.05 -17.01 -17.87
N LEU I 180 -21.94 -17.39 -18.51
CA LEU I 180 -21.02 -18.39 -17.95
C LEU I 180 -20.31 -17.81 -16.72
N ALA I 181 -19.81 -16.58 -16.86
CA ALA I 181 -19.11 -15.88 -15.78
C ALA I 181 -20.05 -15.59 -14.60
N ALA I 182 -21.28 -15.21 -14.91
CA ALA I 182 -22.29 -14.91 -13.91
C ALA I 182 -22.75 -16.17 -13.18
N GLY I 183 -22.77 -17.30 -13.90
CA GLY I 183 -23.18 -18.57 -13.33
C GLY I 183 -24.61 -18.93 -13.71
N LEU I 184 -25.12 -18.26 -14.74
CA LEU I 184 -26.46 -18.50 -15.25
C LEU I 184 -26.55 -19.86 -15.97
N ILE I 185 -25.40 -20.36 -16.41
CA ILE I 185 -25.25 -21.65 -17.10
C ILE I 185 -23.96 -22.32 -16.62
N ASN I 186 -23.91 -23.65 -16.72
CA ASN I 186 -22.76 -24.42 -16.29
C ASN I 186 -21.56 -24.39 -17.25
N ARG I 187 -21.80 -24.65 -18.53
CA ARG I 187 -20.77 -24.66 -19.59
C ARG I 187 -21.37 -24.21 -20.92
N ILE I 188 -20.51 -23.80 -21.84
CA ILE I 188 -20.91 -23.40 -23.19
C ILE I 188 -20.27 -24.42 -24.14
N LEU I 189 -21.09 -25.01 -25.00
CA LEU I 189 -20.64 -25.99 -25.97
C LEU I 189 -21.06 -25.56 -27.37
N PRO I 190 -20.31 -25.96 -28.44
CA PRO I 190 -20.64 -25.59 -29.82
C PRO I 190 -22.05 -26.03 -30.23
N GLU I 191 -22.66 -25.25 -31.14
CA GLU I 191 -24.02 -25.48 -31.65
C GLU I 191 -24.36 -26.90 -32.14
N ALA I 192 -23.38 -27.57 -32.75
CA ALA I 192 -23.54 -28.92 -33.28
C ALA I 192 -23.03 -30.01 -32.34
N ALA I 193 -22.59 -29.60 -31.15
CA ALA I 193 -22.07 -30.51 -30.15
C ALA I 193 -22.85 -30.43 -28.84
N LEU I 194 -23.75 -29.44 -28.74
CA LEU I 194 -24.58 -29.20 -27.57
C LEU I 194 -25.53 -30.33 -27.22
N ALA I 195 -26.29 -30.77 -28.24
CA ALA I 195 -27.27 -31.85 -28.13
C ALA I 195 -26.68 -33.15 -27.62
N THR I 196 -25.48 -33.49 -28.09
CA THR I 196 -24.79 -34.72 -27.67
C THR I 196 -24.25 -34.64 -26.25
N HIS I 197 -23.79 -33.46 -25.84
CA HIS I 197 -23.25 -33.28 -24.49
C HIS I 197 -24.33 -33.45 -23.43
N VAL I 198 -25.50 -32.87 -23.69
CA VAL I 198 -26.64 -32.93 -22.77
C VAL I 198 -27.26 -34.33 -22.72
N ALA I 199 -27.34 -34.99 -23.87
CA ALA I 199 -27.90 -36.34 -23.96
C ALA I 199 -27.01 -37.34 -23.24
N ASP I 200 -25.69 -37.18 -23.41
CA ASP I 200 -24.67 -38.03 -22.77
C ASP I 200 -24.53 -37.77 -21.27
N LEU I 201 -24.57 -36.49 -20.88
CA LEU I 201 -24.46 -36.09 -19.47
C LEU I 201 -25.70 -36.58 -18.72
N ALA I 202 -26.86 -36.46 -19.37
CA ALA I 202 -28.12 -36.93 -18.79
C ALA I 202 -28.13 -38.46 -18.79
N GLY I 203 -27.46 -39.04 -19.78
CA GLY I 203 -27.34 -40.49 -19.91
C GLY I 203 -26.52 -41.08 -18.79
N ALA I 204 -25.39 -40.42 -18.50
CA ALA I 204 -24.44 -40.81 -17.44
C ALA I 204 -25.09 -40.66 -16.06
N LEU I 205 -25.91 -39.63 -15.89
CA LEU I 205 -26.61 -39.37 -14.64
C LEU I 205 -27.73 -40.39 -14.34
N ALA I 206 -28.41 -40.86 -15.39
CA ALA I 206 -29.48 -41.85 -15.28
C ALA I 206 -28.98 -43.25 -14.96
N ALA I 207 -27.74 -43.55 -15.39
CA ALA I 207 -27.10 -44.83 -15.18
C ALA I 207 -26.51 -45.02 -13.78
N ARG I 208 -26.28 -43.91 -13.06
CA ARG I 208 -25.73 -43.92 -11.71
C ARG I 208 -26.72 -44.53 -10.70
N ASN I 209 -26.24 -44.95 -9.53
CA ASN I 209 -27.07 -45.53 -8.46
C ASN I 209 -28.01 -44.43 -7.99
N GLN I 210 -29.28 -44.59 -8.39
CA GLN I 210 -30.34 -43.61 -8.14
C GLN I 210 -30.75 -43.15 -6.76
N ALA I 211 -30.79 -44.05 -5.78
CA ALA I 211 -31.19 -43.67 -4.42
C ALA I 211 -30.31 -42.58 -3.75
N PRO I 212 -28.95 -42.74 -3.72
CA PRO I 212 -28.16 -41.69 -3.08
C PRO I 212 -28.12 -40.40 -3.92
N LEU I 213 -28.42 -40.54 -5.20
CA LEU I 213 -28.44 -39.43 -6.17
C LEU I 213 -29.64 -38.51 -5.96
N ARG I 214 -30.82 -39.09 -5.82
CA ARG I 214 -32.07 -38.33 -5.60
C ARG I 214 -32.08 -37.70 -4.21
N ARG I 215 -31.69 -38.50 -3.22
CA ARG I 215 -31.61 -38.11 -1.82
C ARG I 215 -30.53 -37.05 -1.60
N GLY I 216 -29.45 -37.16 -2.37
CA GLY I 216 -28.33 -36.22 -2.26
C GLY I 216 -28.65 -34.85 -2.80
N LEU I 217 -29.35 -34.80 -3.93
CA LEU I 217 -29.77 -33.54 -4.56
C LEU I 217 -30.81 -32.82 -3.68
N GLU I 218 -31.71 -33.61 -3.09
CA GLU I 218 -32.78 -33.15 -2.20
C GLU I 218 -32.17 -32.47 -0.96
N THR I 219 -31.12 -33.09 -0.43
CA THR I 219 -30.40 -32.59 0.74
C THR I 219 -29.62 -31.31 0.40
N LEU I 220 -29.03 -31.26 -0.81
CA LEU I 220 -28.25 -30.11 -1.27
C LEU I 220 -29.11 -28.84 -1.33
N ASN I 221 -30.29 -28.98 -1.93
CA ASN I 221 -31.24 -27.87 -2.06
C ASN I 221 -31.77 -27.40 -0.71
N ARG I 222 -31.94 -28.33 0.23
CA ARG I 222 -32.42 -28.01 1.57
C ARG I 222 -31.40 -27.29 2.44
N HIS I 223 -30.16 -27.78 2.46
CA HIS I 223 -29.14 -27.17 3.29
C HIS I 223 -28.62 -25.77 2.92
N LEU I 224 -28.88 -25.35 1.68
CA LEU I 224 -28.48 -24.02 1.17
C LEU I 224 -29.31 -22.91 1.85
N GLU I 225 -30.48 -23.28 2.37
CA GLU I 225 -31.38 -22.36 3.06
C GLU I 225 -31.34 -22.59 4.58
N LEU I 226 -30.19 -23.07 5.07
CA LEU I 226 -29.97 -23.36 6.49
C LEU I 226 -28.59 -22.91 6.95
N PRO I 227 -28.45 -22.55 8.25
CA PRO I 227 -27.12 -22.14 8.75
C PRO I 227 -26.22 -23.40 8.77
N LEU I 228 -24.89 -23.20 8.71
CA LEU I 228 -23.90 -24.29 8.67
C LEU I 228 -24.08 -25.46 9.63
N GLU I 229 -24.32 -25.15 10.91
CA GLU I 229 -24.50 -26.16 11.95
C GLU I 229 -25.73 -27.04 11.69
N GLN I 230 -26.82 -26.43 11.23
CA GLN I 230 -28.07 -27.13 10.92
C GLN I 230 -27.95 -27.89 9.61
N ALA I 231 -27.09 -27.38 8.72
CA ALA I 231 -26.85 -28.01 7.43
C ALA I 231 -26.07 -29.31 7.64
N TYR I 232 -25.12 -29.30 8.57
CA TYR I 232 -24.32 -30.49 8.88
C TYR I 232 -25.16 -31.49 9.67
N ALA I 233 -26.07 -30.97 10.49
CA ALA I 233 -26.96 -31.80 11.29
C ALA I 233 -27.90 -32.60 10.38
N LEU I 234 -28.32 -31.98 9.28
CA LEU I 234 -29.20 -32.59 8.29
C LEU I 234 -28.43 -33.50 7.32
N ALA I 235 -27.24 -33.07 6.91
CA ALA I 235 -26.39 -33.79 5.95
C ALA I 235 -25.65 -35.04 6.41
N THR I 236 -25.16 -35.03 7.65
CA THR I 236 -24.40 -36.14 8.21
C THR I 236 -25.10 -37.51 8.21
N PRO I 237 -26.40 -37.60 8.61
CA PRO I 237 -27.10 -38.90 8.60
C PRO I 237 -27.40 -39.35 7.17
N VAL I 238 -27.56 -38.37 6.27
CA VAL I 238 -27.85 -38.65 4.86
C VAL I 238 -26.61 -39.28 4.21
N VAL I 240 -24.51 -41.14 5.86
CA VAL I 240 -24.41 -42.50 6.43
C VAL I 240 -25.28 -43.40 5.57
N GLU I 241 -26.47 -42.91 5.23
CA GLU I 241 -27.46 -43.59 4.39
C GLU I 241 -26.92 -43.89 2.97
N HIS I 242 -25.97 -43.07 2.50
CA HIS I 242 -25.33 -43.24 1.19
C HIS I 242 -24.44 -44.47 1.15
N PHE I 243 -23.69 -44.66 2.24
CA PHE I 243 -22.76 -45.78 2.38
C PHE I 243 -23.40 -47.11 2.81
N ASP I 245 -26.49 -47.96 1.40
CA ASP I 245 -27.43 -48.21 0.31
C ASP I 245 -26.88 -49.33 -0.59
N PRO I 246 -27.75 -50.23 -1.12
CA PRO I 246 -27.26 -51.31 -1.98
C PRO I 246 -26.73 -50.78 -3.32
N GLY I 247 -25.41 -50.59 -3.37
CA GLY I 247 -24.75 -50.07 -4.55
C GLY I 247 -23.44 -49.42 -4.15
N LEU J 8 -60.20 -48.06 5.71
CA LEU J 8 -61.48 -47.51 6.22
C LEU J 8 -61.31 -46.09 6.78
N LEU J 9 -62.09 -45.17 6.21
CA LEU J 9 -62.11 -43.76 6.58
C LEU J 9 -63.43 -43.21 6.03
N GLY J 10 -64.33 -42.82 6.93
CA GLY J 10 -65.62 -42.27 6.52
C GLY J 10 -65.58 -40.79 6.26
N GLU J 11 -66.23 -40.36 5.17
CA GLU J 11 -66.31 -38.96 4.79
C GLU J 11 -67.68 -38.52 4.29
N VAL J 12 -68.30 -37.62 5.06
CA VAL J 12 -69.62 -37.09 4.76
C VAL J 12 -69.49 -35.57 4.57
N LEU J 13 -70.11 -35.06 3.52
CA LEU J 13 -70.11 -33.63 3.20
C LEU J 13 -71.53 -33.07 3.36
N SER J 14 -71.66 -32.14 4.29
CA SER J 14 -72.94 -31.50 4.59
C SER J 14 -72.69 -30.01 4.85
N GLU J 15 -73.32 -29.16 4.03
CA GLU J 15 -73.23 -27.69 4.13
C GLU J 15 -71.80 -27.13 4.20
N GLY J 16 -70.91 -27.70 3.37
CA GLY J 16 -69.52 -27.28 3.34
C GLY J 16 -68.61 -27.80 4.45
N VAL J 17 -69.13 -28.74 5.26
CA VAL J 17 -68.34 -29.31 6.36
C VAL J 17 -68.05 -30.78 6.07
N LEU J 18 -66.78 -31.07 5.77
CA LEU J 18 -66.35 -32.45 5.51
C LEU J 18 -65.89 -33.05 6.82
N THR J 19 -66.66 -34.01 7.32
CA THR J 19 -66.33 -34.70 8.56
C THR J 19 -65.65 -36.03 8.25
N LEU J 20 -64.34 -36.07 8.49
CA LEU J 20 -63.53 -37.26 8.31
C LEU J 20 -63.56 -38.06 9.61
N THR J 21 -64.23 -39.20 9.56
CA THR J 21 -64.35 -40.07 10.73
C THR J 21 -63.42 -41.27 10.55
N LEU J 22 -62.40 -41.33 11.40
CA LEU J 22 -61.42 -42.41 11.37
C LEU J 22 -62.08 -43.74 11.71
N GLY J 23 -61.81 -44.76 10.89
CA GLY J 23 -62.37 -46.08 11.11
C GLY J 23 -61.38 -47.05 11.71
N ARG J 24 -61.55 -48.33 11.36
CA ARG J 24 -60.72 -49.46 11.80
C ARG J 24 -60.63 -49.72 13.31
N ALA J 25 -61.54 -50.59 13.79
CA ALA J 25 -61.60 -51.06 15.19
C ALA J 25 -61.67 -49.95 16.27
N PRO J 26 -61.78 -50.32 17.58
CA PRO J 26 -61.81 -49.25 18.57
C PRO J 26 -60.36 -48.87 18.94
N ALA J 27 -59.61 -48.39 17.94
CA ALA J 27 -58.20 -48.02 18.09
C ALA J 27 -57.74 -46.89 17.16
N HIS J 28 -58.23 -46.93 15.91
CA HIS J 28 -57.91 -45.97 14.83
C HIS J 28 -56.39 -45.83 14.60
N PRO J 29 -55.69 -46.94 14.28
CA PRO J 29 -54.24 -46.86 14.07
C PRO J 29 -53.81 -46.30 12.71
N LEU J 30 -52.73 -45.52 12.72
CA LEU J 30 -52.20 -44.91 11.50
C LEU J 30 -51.27 -45.84 10.73
N SER J 31 -51.89 -46.67 9.89
CA SER J 31 -51.19 -47.62 9.05
C SER J 31 -50.84 -46.89 7.76
N ARG J 32 -50.05 -47.52 6.89
CA ARG J 32 -49.69 -46.92 5.60
C ARG J 32 -50.93 -46.73 4.73
N ALA J 33 -51.93 -47.57 4.96
CA ALA J 33 -53.20 -47.51 4.24
C ALA J 33 -54.08 -46.39 4.79
N ILE J 35 -52.84 -43.57 6.35
CA ILE J 35 -52.12 -42.33 6.05
C ILE J 35 -52.41 -41.93 4.61
N ALA J 36 -52.41 -42.92 3.70
CA ALA J 36 -52.70 -42.69 2.29
C ALA J 36 -54.16 -42.26 2.17
N ALA J 37 -55.04 -42.94 2.90
CA ALA J 37 -56.49 -42.62 2.91
C ALA J 37 -56.76 -41.19 3.34
N LEU J 38 -56.02 -40.72 4.36
CA LEU J 38 -56.16 -39.37 4.87
C LEU J 38 -55.59 -38.32 3.91
N HIS J 39 -54.43 -38.65 3.33
CA HIS J 39 -53.73 -37.79 2.37
C HIS J 39 -54.54 -37.64 1.09
N ASP J 40 -55.14 -38.74 0.64
CA ASP J 40 -55.98 -38.75 -0.57
C ASP J 40 -57.30 -38.02 -0.27
N ALA J 41 -57.73 -38.07 0.99
CA ALA J 41 -58.96 -37.41 1.43
C ALA J 41 -58.73 -35.91 1.59
N LEU J 42 -57.49 -35.56 1.92
CA LEU J 42 -57.07 -34.17 2.10
C LEU J 42 -56.89 -33.46 0.76
N ARG J 43 -56.30 -34.17 -0.21
CA ARG J 43 -56.06 -33.66 -1.57
C ARG J 43 -57.41 -33.33 -2.23
N ARG J 44 -58.35 -34.28 -2.17
CA ARG J 44 -59.70 -34.09 -2.69
C ARG J 44 -60.48 -33.51 -1.51
N ALA J 45 -60.33 -32.20 -1.33
CA ALA J 45 -60.95 -31.40 -0.27
C ALA J 45 -60.34 -30.03 -0.43
N GLY J 47 -58.79 -29.04 -3.21
CA GLY J 47 -59.05 -28.60 -4.57
C GLY J 47 -60.52 -28.54 -4.95
N ASP J 48 -61.39 -28.80 -3.96
CA ASP J 48 -62.84 -28.84 -4.12
C ASP J 48 -63.52 -27.65 -3.40
N ASP J 49 -64.21 -26.83 -4.19
CA ASP J 49 -64.92 -25.64 -3.69
C ASP J 49 -66.08 -25.96 -2.73
N HIS J 50 -66.70 -27.13 -2.92
CA HIS J 50 -67.83 -27.60 -2.09
C HIS J 50 -67.44 -27.84 -0.62
N VAL J 51 -66.16 -28.10 -0.37
CA VAL J 51 -65.61 -28.34 0.97
C VAL J 51 -65.02 -27.04 1.50
N HIS J 52 -65.55 -26.57 2.63
CA HIS J 52 -65.09 -25.33 3.26
C HIS J 52 -64.27 -25.61 4.53
N VAL J 53 -64.82 -26.46 5.40
CA VAL J 53 -64.18 -26.81 6.69
C VAL J 53 -63.97 -28.31 6.81
N LEU J 54 -62.89 -28.66 7.51
CA LEU J 54 -62.49 -30.04 7.79
C LEU J 54 -62.59 -30.32 9.28
N VAL J 55 -63.34 -31.35 9.63
CA VAL J 55 -63.50 -31.81 11.02
C VAL J 55 -62.96 -33.24 11.03
N ILE J 56 -61.93 -33.47 11.84
CA ILE J 56 -61.32 -34.80 11.97
C ILE J 56 -61.83 -35.46 13.26
N HIS J 57 -62.55 -36.56 13.09
CA HIS J 57 -63.11 -37.28 14.23
C HIS J 57 -62.56 -38.69 14.45
N GLY J 58 -62.20 -38.97 15.70
CA GLY J 58 -61.70 -40.28 16.10
C GLY J 58 -62.62 -40.69 17.24
N PRO J 59 -63.71 -41.44 16.98
CA PRO J 59 -64.66 -41.87 18.01
C PRO J 59 -64.23 -42.95 19.01
N GLY J 60 -64.85 -42.89 20.20
CA GLY J 60 -64.59 -43.87 21.24
C GLY J 60 -63.55 -43.50 22.26
N ARG J 61 -63.21 -44.47 23.12
CA ARG J 61 -62.21 -44.34 24.19
C ARG J 61 -60.82 -43.91 23.70
N ILE J 62 -60.59 -44.10 22.40
CA ILE J 62 -59.32 -43.74 21.75
C ILE J 62 -59.61 -42.85 20.53
N PHE J 63 -58.93 -41.70 20.47
CA PHE J 63 -59.06 -40.75 19.35
C PHE J 63 -58.28 -41.37 18.18
N CYS J 64 -57.00 -41.64 18.42
CA CYS J 64 -56.10 -42.25 17.45
C CYS J 64 -54.91 -42.81 18.23
N ALA J 65 -54.68 -44.13 18.08
CA ALA J 65 -53.61 -44.86 18.77
C ALA J 65 -52.18 -44.52 18.34
N GLY J 66 -52.05 -43.94 17.15
CA GLY J 66 -50.75 -43.55 16.62
C GLY J 66 -49.88 -44.67 16.12
N HIS J 67 -49.83 -44.83 14.79
CA HIS J 67 -49.05 -45.86 14.10
C HIS J 67 -49.38 -47.30 14.44
N ASP J 68 -49.77 -48.05 13.40
CA ASP J 68 -50.10 -49.47 13.52
C ASP J 68 -48.77 -50.19 13.64
N LEU J 69 -48.56 -50.86 14.77
CA LEU J 69 -47.33 -51.60 15.01
C LEU J 69 -47.31 -52.93 14.24
N LYS J 70 -47.20 -52.77 12.92
CA LYS J 70 -47.18 -53.88 11.95
C LYS J 70 -45.89 -53.83 11.11
N GLU J 71 -44.74 -53.98 11.77
CA GLU J 71 -43.45 -53.96 11.09
C GLU J 71 -43.16 -55.26 10.29
N ILE J 72 -42.60 -55.07 9.09
CA ILE J 72 -42.26 -56.18 8.19
C ILE J 72 -40.77 -56.55 8.38
N GLY J 73 -40.12 -57.03 7.31
CA GLY J 73 -38.72 -57.44 7.37
C GLY J 73 -38.15 -57.78 6.01
N GLU J 81 -33.83 -55.16 5.81
CA GLU J 81 -33.71 -55.09 7.27
C GLU J 81 -35.06 -54.84 7.91
N GLY J 82 -35.91 -54.13 7.18
CA GLY J 82 -37.23 -53.77 7.65
C GLY J 82 -37.33 -52.26 7.75
N ARG J 83 -36.24 -51.58 7.35
CA ARG J 83 -36.18 -50.12 7.37
C ARG J 83 -36.78 -49.52 6.10
N ALA J 84 -36.79 -50.31 5.02
CA ALA J 84 -37.33 -49.87 3.73
C ALA J 84 -38.82 -49.57 3.83
N PHE J 85 -39.51 -50.30 4.71
CA PHE J 85 -40.94 -50.10 4.94
C PHE J 85 -41.12 -48.90 5.88
N VAL J 86 -40.44 -48.95 7.02
CA VAL J 86 -40.49 -47.91 8.05
C VAL J 86 -40.20 -46.50 7.52
N THR J 87 -39.24 -46.41 6.58
CA THR J 87 -38.86 -45.14 5.96
C THR J 87 -40.03 -44.63 5.08
N ASP J 88 -40.69 -45.55 4.38
CA ASP J 88 -41.82 -45.25 3.50
C ASP J 88 -43.03 -44.81 4.33
N LEU J 89 -43.13 -45.37 5.55
CA LEU J 89 -44.20 -45.09 6.50
C LEU J 89 -44.09 -43.69 7.10
N PHE J 90 -42.92 -43.40 7.69
CA PHE J 90 -42.66 -42.11 8.31
C PHE J 90 -42.49 -40.94 7.36
N GLU J 91 -42.12 -41.23 6.11
CA GLU J 91 -41.93 -40.20 5.07
C GLU J 91 -43.29 -39.70 4.63
N ALA J 92 -44.21 -40.65 4.42
CA ALA J 92 -45.58 -40.36 3.99
C ALA J 92 -46.45 -39.81 5.12
N CYS J 93 -46.01 -40.04 6.35
CA CYS J 93 -46.72 -39.57 7.55
C CYS J 93 -46.37 -38.10 7.78
N SER J 94 -45.10 -37.77 7.58
CA SER J 94 -44.60 -36.40 7.75
C SER J 94 -45.06 -35.50 6.61
N ALA J 95 -45.42 -36.12 5.48
CA ALA J 95 -45.90 -35.41 4.30
C ALA J 95 -47.38 -35.08 4.50
N LEU J 96 -48.09 -35.98 5.17
CA LEU J 96 -49.52 -35.79 5.48
C LEU J 96 -49.69 -34.68 6.52
N LEU J 98 -47.65 -32.30 7.31
CA LEU J 98 -47.16 -31.03 6.80
C LEU J 98 -48.22 -30.41 5.91
N ASP J 99 -48.84 -31.24 5.06
CA ASP J 99 -49.91 -30.79 4.17
C ASP J 99 -51.14 -30.34 4.95
N LEU J 100 -51.42 -31.02 6.07
CA LEU J 100 -52.56 -30.73 6.94
C LEU J 100 -52.39 -29.44 7.73
N ALA J 101 -51.19 -29.21 8.27
CA ALA J 101 -50.88 -28.02 9.05
C ALA J 101 -50.88 -26.76 8.19
N HIS J 102 -50.51 -26.94 6.92
CA HIS J 102 -50.46 -25.86 5.92
C HIS J 102 -51.68 -25.81 5.02
N CYS J 103 -52.75 -26.52 5.41
CA CYS J 103 -54.00 -26.53 4.64
C CYS J 103 -54.68 -25.15 4.77
N PRO J 104 -55.07 -24.52 3.64
CA PRO J 104 -55.72 -23.19 3.66
C PRO J 104 -57.10 -23.20 4.33
N LYS J 105 -57.77 -24.34 4.22
CA LYS J 105 -59.11 -24.55 4.78
C LYS J 105 -59.00 -24.92 6.27
N PRO J 106 -59.87 -24.34 7.14
CA PRO J 106 -59.85 -24.63 8.57
C PRO J 106 -60.01 -26.12 8.93
N THR J 107 -59.13 -26.59 9.81
CA THR J 107 -59.15 -27.97 10.27
C THR J 107 -59.47 -27.97 11.77
N ILE J 108 -60.43 -28.80 12.15
CA ILE J 108 -60.86 -28.92 13.54
C ILE J 108 -60.79 -30.38 13.98
N ALA J 109 -60.27 -30.61 15.19
CA ALA J 109 -60.19 -31.95 15.73
C ALA J 109 -61.21 -32.13 16.86
N LEU J 110 -61.95 -33.23 16.79
CA LEU J 110 -62.98 -33.59 17.77
C LEU J 110 -62.44 -34.74 18.64
N VAL J 111 -62.01 -34.42 19.85
CA VAL J 111 -61.44 -35.41 20.77
C VAL J 111 -62.33 -35.72 21.97
N GLU J 112 -62.44 -37.00 22.30
CA GLU J 112 -63.23 -37.47 23.44
C GLU J 112 -62.53 -38.63 24.16
N GLY J 113 -61.49 -39.15 23.51
CA GLY J 113 -60.71 -40.24 24.06
C GLY J 113 -59.22 -39.94 24.21
N ILE J 114 -58.39 -40.98 24.15
CA ILE J 114 -56.94 -40.83 24.32
C ILE J 114 -56.21 -40.59 22.99
N ALA J 115 -55.50 -39.46 22.91
CA ALA J 115 -54.71 -39.09 21.73
C ALA J 115 -53.25 -39.40 22.04
N THR J 116 -52.72 -40.45 21.41
CA THR J 116 -51.35 -40.87 21.65
C THR J 116 -50.42 -41.02 20.43
N ALA J 117 -49.14 -40.67 20.65
CA ALA J 117 -48.06 -40.72 19.66
C ALA J 117 -48.40 -39.90 18.41
N ALA J 118 -48.57 -40.57 17.26
CA ALA J 118 -48.94 -39.89 16.02
C ALA J 118 -50.40 -39.44 16.04
N GLY J 119 -51.15 -39.93 17.03
CA GLY J 119 -52.54 -39.57 17.19
C GLY J 119 -52.63 -38.16 17.75
N LEU J 120 -51.70 -37.85 18.65
CA LEU J 120 -51.60 -36.53 19.25
C LEU J 120 -51.08 -35.55 18.18
N GLN J 121 -50.25 -36.06 17.26
CA GLN J 121 -49.68 -35.25 16.17
C GLN J 121 -50.76 -34.77 15.19
N LEU J 122 -51.65 -35.71 14.83
CA LEU J 122 -52.78 -35.49 13.91
C LEU J 122 -53.69 -34.38 14.43
N ALA J 124 -52.71 -32.14 16.81
CA ALA J 124 -51.89 -30.93 16.91
C ALA J 124 -51.74 -30.16 15.58
N ALA J 125 -51.70 -30.90 14.47
CA ALA J 125 -51.56 -30.34 13.11
C ALA J 125 -52.83 -29.60 12.68
N CYS J 126 -53.94 -29.86 13.37
CA CYS J 126 -55.20 -29.18 13.10
C CYS J 126 -55.15 -27.73 13.64
N ASP J 127 -55.94 -26.84 13.05
CA ASP J 127 -55.98 -25.44 13.49
C ASP J 127 -56.62 -25.34 14.86
N LEU J 128 -57.69 -26.12 15.04
CA LEU J 128 -58.47 -26.14 16.28
C LEU J 128 -58.68 -27.56 16.83
N ALA J 129 -58.73 -27.67 18.16
CA ALA J 129 -58.95 -28.95 18.83
C ALA J 129 -59.89 -28.75 20.02
N TYR J 130 -60.98 -29.52 20.04
CA TYR J 130 -61.98 -29.44 21.11
C TYR J 130 -62.13 -30.80 21.80
N ALA J 131 -61.89 -30.82 23.11
CA ALA J 131 -61.94 -32.05 23.87
C ALA J 131 -62.94 -32.12 25.03
N SER J 132 -63.32 -33.35 25.36
CA SER J 132 -64.24 -33.63 26.48
C SER J 132 -63.36 -33.81 27.73
N PRO J 133 -63.94 -33.77 28.97
CA PRO J 133 -63.09 -33.94 30.16
C PRO J 133 -62.41 -35.32 30.27
N ALA J 134 -62.92 -36.28 29.48
CA ALA J 134 -62.40 -37.65 29.43
C ALA J 134 -61.13 -37.80 28.58
N ALA J 135 -60.80 -36.77 27.80
CA ALA J 135 -59.62 -36.79 26.92
C ALA J 135 -58.25 -36.86 27.59
N ARG J 136 -57.47 -37.87 27.22
CA ARG J 136 -56.12 -38.08 27.74
C ARG J 136 -55.10 -37.90 26.61
N PHE J 137 -53.98 -37.24 26.93
CA PHE J 137 -52.93 -36.93 25.94
C PHE J 137 -51.56 -37.49 26.31
N CYS J 138 -50.97 -38.25 25.37
CA CYS J 138 -49.66 -38.88 25.60
C CYS J 138 -48.69 -39.00 24.42
N LEU J 139 -47.40 -38.98 24.77
CA LEU J 139 -46.26 -39.18 23.86
C LEU J 139 -45.46 -40.25 24.62
N PRO J 140 -45.73 -41.56 24.33
CA PRO J 140 -45.09 -42.72 24.97
C PRO J 140 -43.93 -43.48 24.29
N GLY J 141 -43.18 -42.82 23.42
CA GLY J 141 -42.09 -43.48 22.72
C GLY J 141 -41.02 -44.11 23.60
N VAL J 142 -40.70 -43.41 24.68
CA VAL J 142 -39.70 -43.87 25.65
C VAL J 142 -40.07 -45.22 26.31
N GLN J 143 -41.37 -45.44 26.51
CA GLN J 143 -41.91 -46.68 27.11
C GLN J 143 -41.77 -47.90 26.17
N ASN J 144 -41.24 -47.65 24.98
CA ASN J 144 -40.98 -48.65 23.96
C ASN J 144 -39.49 -48.65 23.59
N GLY J 145 -38.73 -47.80 24.27
CA GLY J 145 -37.30 -47.67 24.02
C GLY J 145 -36.98 -46.69 22.91
N GLY J 146 -38.02 -46.06 22.36
CA GLY J 146 -37.90 -45.09 21.28
C GLY J 146 -38.05 -43.67 21.79
N PHE J 147 -38.73 -42.84 21.00
CA PHE J 147 -38.96 -41.42 21.27
C PHE J 147 -39.88 -40.95 20.15
N THR J 149 -40.19 -38.45 17.99
CA THR J 149 -39.56 -37.31 17.36
C THR J 149 -40.48 -36.57 16.38
N THR J 150 -41.08 -37.28 15.41
CA THR J 150 -42.01 -36.62 14.46
C THR J 150 -43.26 -36.01 15.13
N PRO J 151 -43.89 -36.69 16.13
CA PRO J 151 -45.05 -36.09 16.79
C PRO J 151 -44.68 -34.88 17.65
N ALA J 152 -43.46 -34.89 18.18
CA ALA J 152 -42.98 -33.77 18.99
C ALA J 152 -42.76 -32.48 18.16
N VAL J 153 -42.90 -32.59 16.83
CA VAL J 153 -42.76 -31.44 15.94
C VAL J 153 -44.05 -30.61 15.92
N ALA J 154 -45.17 -31.29 15.65
CA ALA J 154 -46.48 -30.64 15.62
C ALA J 154 -46.92 -30.17 17.01
N VAL J 155 -46.57 -30.96 18.03
CA VAL J 155 -46.89 -30.66 19.43
C VAL J 155 -46.11 -29.42 19.90
N SER J 156 -44.87 -29.28 19.44
CA SER J 156 -44.00 -28.16 19.79
C SER J 156 -44.39 -26.82 19.20
N ARG J 157 -45.31 -26.86 18.22
CA ARG J 157 -45.80 -25.64 17.57
C ARG J 157 -47.14 -25.21 18.17
N VAL J 158 -47.65 -26.06 19.05
CA VAL J 158 -48.94 -25.87 19.72
C VAL J 158 -48.80 -25.59 21.23
N ILE J 159 -47.71 -26.05 21.84
CA ILE J 159 -47.46 -25.83 23.28
C ILE J 159 -46.05 -25.30 23.58
N GLY J 160 -45.84 -24.90 24.84
CA GLY J 160 -44.56 -24.37 25.28
C GLY J 160 -43.43 -25.38 25.34
N ARG J 161 -42.20 -24.86 25.26
CA ARG J 161 -40.95 -25.64 25.27
C ARG J 161 -40.87 -26.66 26.42
N ARG J 162 -41.12 -26.19 27.63
CA ARG J 162 -41.09 -27.01 28.83
C ARG J 162 -42.16 -28.11 28.86
N ALA J 163 -43.29 -27.84 28.20
CA ALA J 163 -44.40 -28.79 28.14
C ALA J 163 -44.13 -29.93 27.16
N VAL J 164 -43.57 -29.64 25.98
CA VAL J 164 -43.25 -30.67 24.97
C VAL J 164 -42.11 -31.55 25.47
N THR J 165 -41.19 -30.93 26.22
CA THR J 165 -40.04 -31.64 26.77
C THR J 165 -40.49 -32.67 27.80
N GLU J 166 -41.39 -32.26 28.70
CA GLU J 166 -41.92 -33.16 29.74
C GLU J 166 -42.71 -34.33 29.13
N ALA J 168 -42.38 -35.63 26.12
CA ALA J 168 -41.45 -36.47 25.40
C ALA J 168 -40.50 -37.25 26.31
N LEU J 169 -40.01 -36.60 27.37
CA LEU J 169 -39.09 -37.24 28.30
C LEU J 169 -39.74 -38.21 29.28
N THR J 170 -40.83 -37.81 29.91
CA THR J 170 -41.50 -38.69 30.88
C THR J 170 -42.31 -39.81 30.25
N GLY J 171 -43.14 -39.44 29.27
CA GLY J 171 -43.99 -40.41 28.58
C GLY J 171 -45.30 -40.61 29.33
N ALA J 172 -45.60 -39.65 30.20
CA ALA J 172 -46.81 -39.67 31.02
C ALA J 172 -48.09 -39.33 30.28
N THR J 173 -49.22 -39.81 30.81
CA THR J 173 -50.53 -39.52 30.25
C THR J 173 -51.01 -38.29 31.00
N TYR J 174 -51.41 -37.26 30.25
CA TYR J 174 -51.87 -35.99 30.81
C TYR J 174 -53.35 -35.82 30.50
N ASP J 175 -54.09 -35.18 31.41
CA ASP J 175 -55.52 -34.96 31.25
C ASP J 175 -55.93 -33.70 30.48
N ALA J 176 -57.23 -33.60 30.21
CA ALA J 176 -57.83 -32.48 29.50
C ALA J 176 -57.60 -31.13 30.14
N ASP J 177 -57.51 -31.11 31.48
CA ASP J 177 -57.28 -29.89 32.26
C ASP J 177 -55.89 -29.31 32.03
N TRP J 178 -54.89 -30.20 31.97
CA TRP J 178 -53.50 -29.79 31.73
C TRP J 178 -53.36 -29.30 30.29
N ALA J 179 -54.02 -30.03 29.38
CA ALA J 179 -54.02 -29.73 27.94
C ALA J 179 -54.52 -28.33 27.61
N LEU J 180 -55.50 -27.85 28.37
CA LEU J 180 -56.09 -26.52 28.18
C LEU J 180 -55.12 -25.42 28.58
N ALA J 181 -54.39 -25.67 29.68
CA ALA J 181 -53.41 -24.72 30.21
C ALA J 181 -52.17 -24.64 29.32
N ALA J 182 -51.73 -25.78 28.80
CA ALA J 182 -50.55 -25.85 27.93
C ALA J 182 -50.86 -25.31 26.53
N GLY J 183 -52.14 -25.33 26.17
CA GLY J 183 -52.56 -24.82 24.88
C GLY J 183 -52.61 -25.89 23.81
N LEU J 184 -52.80 -27.14 24.22
CA LEU J 184 -52.89 -28.28 23.31
C LEU J 184 -54.28 -28.36 22.67
N ILE J 185 -55.26 -27.88 23.42
CA ILE J 185 -56.66 -27.81 22.97
C ILE J 185 -57.13 -26.38 23.16
N ASN J 186 -58.27 -26.05 22.54
CA ASN J 186 -58.83 -24.70 22.63
C ASN J 186 -59.84 -24.49 23.76
N ARG J 187 -60.78 -25.43 23.91
CA ARG J 187 -61.82 -25.39 24.96
C ARG J 187 -62.25 -26.78 25.40
N ILE J 188 -62.72 -26.89 26.65
CA ILE J 188 -63.24 -28.17 27.17
C ILE J 188 -64.74 -27.95 27.33
N LEU J 189 -65.51 -28.78 26.65
CA LEU J 189 -66.97 -28.73 26.68
C LEU J 189 -67.45 -30.10 27.15
N PRO J 190 -68.65 -30.18 27.81
CA PRO J 190 -69.17 -31.48 28.27
C PRO J 190 -69.43 -32.40 27.07
N GLU J 191 -69.22 -33.70 27.27
CA GLU J 191 -69.39 -34.73 26.22
C GLU J 191 -70.68 -34.67 25.39
N ALA J 192 -71.78 -34.25 26.02
CA ALA J 192 -73.08 -34.14 25.37
C ALA J 192 -73.23 -32.83 24.56
N ALA J 193 -72.34 -31.87 24.81
CA ALA J 193 -72.34 -30.58 24.11
C ALA J 193 -71.16 -30.42 23.14
N LEU J 194 -70.24 -31.38 23.17
CA LEU J 194 -69.03 -31.38 22.34
C LEU J 194 -69.26 -31.39 20.83
N ALA J 195 -70.07 -32.35 20.37
CA ALA J 195 -70.40 -32.51 18.96
C ALA J 195 -71.14 -31.30 18.37
N THR J 196 -72.13 -30.79 19.11
CA THR J 196 -72.93 -29.64 18.67
C THR J 196 -72.12 -28.32 18.60
N HIS J 197 -71.17 -28.14 19.52
CA HIS J 197 -70.32 -26.93 19.52
C HIS J 197 -69.39 -26.92 18.30
N VAL J 198 -68.79 -28.06 18.00
CA VAL J 198 -67.89 -28.22 16.85
C VAL J 198 -68.64 -28.07 15.54
N ALA J 199 -69.81 -28.73 15.45
CA ALA J 199 -70.67 -28.71 14.26
C ALA J 199 -71.15 -27.29 13.95
N ASP J 200 -71.43 -26.53 15.00
CA ASP J 200 -71.89 -25.15 14.89
C ASP J 200 -70.72 -24.23 14.55
N LEU J 201 -69.53 -24.54 15.09
CA LEU J 201 -68.32 -23.77 14.84
C LEU J 201 -67.91 -23.97 13.39
N ALA J 202 -68.03 -25.22 12.92
CA ALA J 202 -67.68 -25.60 11.55
C ALA J 202 -68.73 -25.07 10.58
N GLY J 203 -69.96 -24.94 11.08
CA GLY J 203 -71.06 -24.42 10.30
C GLY J 203 -70.92 -22.92 10.14
N ALA J 204 -70.44 -22.26 11.21
CA ALA J 204 -70.21 -20.82 11.23
C ALA J 204 -69.09 -20.44 10.27
N LEU J 205 -68.02 -21.24 10.31
CA LEU J 205 -66.85 -21.05 9.46
C LEU J 205 -67.15 -21.33 7.98
N ALA J 206 -68.13 -22.20 7.72
CA ALA J 206 -68.53 -22.57 6.36
C ALA J 206 -69.38 -21.55 5.62
N ALA J 207 -70.19 -20.80 6.37
CA ALA J 207 -71.07 -19.78 5.80
C ALA J 207 -70.36 -18.48 5.49
N ARG J 208 -69.19 -18.28 6.11
CA ARG J 208 -68.37 -17.08 5.92
C ARG J 208 -67.85 -16.91 4.50
N ASN J 209 -67.41 -15.68 4.20
CA ASN J 209 -66.84 -15.33 2.89
C ASN J 209 -65.48 -16.07 2.87
N GLN J 210 -65.46 -17.13 2.07
CA GLN J 210 -64.33 -18.06 1.94
C GLN J 210 -62.96 -17.64 1.45
N ALA J 211 -62.89 -16.83 0.38
CA ALA J 211 -61.60 -16.38 -0.15
C ALA J 211 -60.72 -15.61 0.86
N PRO J 212 -61.28 -14.62 1.61
CA PRO J 212 -60.43 -13.91 2.59
C PRO J 212 -60.03 -14.81 3.77
N LEU J 213 -60.86 -15.83 4.02
CA LEU J 213 -60.64 -16.80 5.09
C LEU J 213 -59.45 -17.72 4.81
N ARG J 214 -59.43 -18.31 3.61
CA ARG J 214 -58.39 -19.23 3.18
C ARG J 214 -57.06 -18.56 2.98
N ARG J 215 -57.10 -17.36 2.41
CA ARG J 215 -55.91 -16.55 2.14
C ARG J 215 -55.34 -16.02 3.46
N GLY J 216 -56.24 -15.67 4.37
CA GLY J 216 -55.88 -15.13 5.68
C GLY J 216 -55.20 -16.13 6.60
N LEU J 217 -55.68 -17.38 6.57
CA LEU J 217 -55.14 -18.46 7.40
C LEU J 217 -53.78 -18.89 6.82
N GLU J 218 -53.67 -18.86 5.50
CA GLU J 218 -52.46 -19.24 4.79
C GLU J 218 -51.32 -18.28 5.13
N THR J 219 -51.66 -16.99 5.22
CA THR J 219 -50.69 -15.93 5.55
C THR J 219 -50.28 -16.03 7.02
N LEU J 220 -51.22 -16.46 7.88
CA LEU J 220 -50.98 -16.63 9.32
C LEU J 220 -49.96 -17.74 9.58
N ASN J 221 -50.10 -18.85 8.85
CA ASN J 221 -49.21 -20.01 8.95
C ASN J 221 -47.80 -19.65 8.46
N ARG J 222 -47.76 -18.80 7.44
CA ARG J 222 -46.51 -18.36 6.81
C ARG J 222 -45.74 -17.31 7.62
N HIS J 223 -46.43 -16.25 8.06
CA HIS J 223 -45.77 -15.18 8.78
C HIS J 223 -45.23 -15.49 10.18
N LEU J 224 -45.72 -16.59 10.76
CA LEU J 224 -45.29 -17.04 12.08
C LEU J 224 -43.84 -17.57 12.11
N GLU J 225 -43.37 -18.00 10.94
CA GLU J 225 -42.02 -18.54 10.77
C GLU J 225 -41.11 -17.46 10.17
N LEU J 226 -41.53 -16.20 10.32
CA LEU J 226 -40.80 -15.05 9.76
C LEU J 226 -40.51 -13.95 10.79
N PRO J 227 -39.47 -13.10 10.54
CA PRO J 227 -39.19 -12.02 11.50
C PRO J 227 -40.33 -10.98 11.36
N LEU J 228 -40.55 -10.13 12.36
CA LEU J 228 -41.62 -9.12 12.30
C LEU J 228 -41.71 -8.28 11.03
N GLU J 229 -40.56 -7.76 10.57
CA GLU J 229 -40.50 -6.91 9.38
C GLU J 229 -40.99 -7.61 8.10
N GLN J 230 -40.57 -8.86 7.91
CA GLN J 230 -40.97 -9.59 6.72
C GLN J 230 -42.33 -10.27 6.87
N ALA J 231 -42.87 -10.23 8.09
CA ALA J 231 -44.19 -10.76 8.41
C ALA J 231 -45.19 -9.68 7.99
N TYR J 232 -44.85 -8.42 8.27
CA TYR J 232 -45.68 -7.29 7.89
C TYR J 232 -45.65 -7.07 6.40
N ALA J 233 -44.52 -7.40 5.76
CA ALA J 233 -44.33 -7.28 4.31
C ALA J 233 -45.17 -8.27 3.51
N LEU J 234 -45.42 -9.45 4.08
CA LEU J 234 -46.24 -10.47 3.43
C LEU J 234 -47.70 -10.25 3.77
N ALA J 235 -47.97 -9.76 4.98
CA ALA J 235 -49.35 -9.54 5.45
C ALA J 235 -50.07 -8.29 4.98
N THR J 236 -49.35 -7.17 4.88
CA THR J 236 -49.95 -5.90 4.45
C THR J 236 -50.71 -5.95 3.11
N PRO J 237 -50.12 -6.55 2.03
CA PRO J 237 -50.87 -6.61 0.76
C PRO J 237 -52.07 -7.58 0.79
N VAL J 238 -52.03 -8.54 1.72
CA VAL J 238 -53.10 -9.54 1.88
C VAL J 238 -54.34 -8.90 2.53
N VAL J 240 -55.17 -5.80 2.06
CA VAL J 240 -55.70 -4.99 0.97
C VAL J 240 -56.60 -5.87 0.11
N GLU J 241 -56.14 -7.10 -0.17
CA GLU J 241 -56.88 -8.09 -0.95
C GLU J 241 -58.26 -8.43 -0.35
N HIS J 242 -58.35 -8.41 0.98
CA HIS J 242 -59.59 -8.69 1.71
C HIS J 242 -60.64 -7.60 1.55
N PHE J 243 -60.20 -6.35 1.74
CA PHE J 243 -61.07 -5.17 1.61
C PHE J 243 -61.43 -4.87 0.16
N ASP J 245 -62.00 -7.70 -1.99
CA ASP J 245 -62.72 -8.91 -2.40
C ASP J 245 -64.24 -8.64 -2.43
N PRO J 246 -64.95 -9.13 -3.48
CA PRO J 246 -66.40 -8.92 -3.56
C PRO J 246 -67.14 -9.75 -2.50
N GLY J 247 -67.45 -9.11 -1.37
CA GLY J 247 -68.14 -9.75 -0.26
C GLY J 247 -67.81 -9.08 1.05
N LEU K 8 -56.74 13.01 15.66
CA LEU K 8 -56.76 13.82 16.91
C LEU K 8 -56.22 13.04 18.10
N LEU K 9 -55.19 13.60 18.73
CA LEU K 9 -54.54 12.99 19.88
C LEU K 9 -54.12 14.08 20.85
N GLY K 10 -54.08 13.72 22.14
CA GLY K 10 -53.67 14.64 23.19
C GLY K 10 -52.53 14.03 23.99
N GLU K 11 -51.43 14.76 24.12
CA GLU K 11 -50.27 14.28 24.87
C GLU K 11 -49.92 15.09 26.12
N VAL K 12 -49.56 14.35 27.18
CA VAL K 12 -49.18 14.89 28.49
C VAL K 12 -47.89 14.21 28.97
N LEU K 13 -46.94 15.02 29.45
CA LEU K 13 -45.66 14.53 29.99
C LEU K 13 -45.59 14.81 31.49
N SER K 14 -45.33 13.75 32.26
CA SER K 14 -45.24 13.80 33.71
C SER K 14 -43.99 13.03 34.08
N GLU K 15 -43.02 13.73 34.70
CA GLU K 15 -41.71 13.18 35.13
C GLU K 15 -40.95 12.67 33.89
N GLY K 16 -41.09 11.39 33.58
CA GLY K 16 -40.44 10.80 32.42
C GLY K 16 -41.47 10.06 31.58
N VAL K 17 -42.62 9.81 32.20
CA VAL K 17 -43.75 9.08 31.60
C VAL K 17 -44.61 9.97 30.71
N LEU K 18 -44.61 9.66 29.41
CA LEU K 18 -45.42 10.38 28.43
C LEU K 18 -46.68 9.55 28.18
N THR K 19 -47.83 10.16 28.46
CA THR K 19 -49.13 9.51 28.29
C THR K 19 -49.86 10.05 27.05
N LEU K 20 -50.01 9.19 26.05
CA LEU K 20 -50.70 9.52 24.80
C LEU K 20 -52.17 9.12 24.89
N THR K 21 -53.05 10.12 24.94
CA THR K 21 -54.49 9.90 25.06
C THR K 21 -55.14 9.94 23.68
N LEU K 22 -55.99 8.94 23.42
CA LEU K 22 -56.69 8.84 22.13
C LEU K 22 -58.04 9.56 22.22
N GLY K 23 -58.31 10.42 21.23
CA GLY K 23 -59.56 11.17 21.20
C GLY K 23 -60.54 10.72 20.14
N ARG K 24 -61.29 11.68 19.60
CA ARG K 24 -62.33 11.49 18.56
C ARG K 24 -63.39 10.42 18.91
N ALA K 25 -64.47 10.87 19.57
CA ALA K 25 -65.61 10.03 19.99
C ALA K 25 -65.19 8.92 21.01
N PRO K 26 -66.15 8.20 21.64
CA PRO K 26 -65.73 7.16 22.58
C PRO K 26 -65.07 5.90 21.96
N ALA K 27 -65.30 5.72 20.65
CA ALA K 27 -64.76 4.59 19.90
C ALA K 27 -63.25 4.57 19.67
N HIS K 28 -62.66 5.77 19.56
CA HIS K 28 -61.22 5.99 19.30
C HIS K 28 -60.74 5.21 18.07
N PRO K 29 -61.35 5.47 16.88
CA PRO K 29 -60.97 4.76 15.65
C PRO K 29 -59.63 5.14 15.02
N LEU K 30 -58.97 4.14 14.45
CA LEU K 30 -57.69 4.34 13.77
C LEU K 30 -57.90 4.75 12.32
N SER K 31 -58.15 6.04 12.11
CA SER K 31 -58.34 6.62 10.78
C SER K 31 -56.97 6.98 10.21
N ARG K 32 -56.92 7.44 8.95
CA ARG K 32 -55.66 7.83 8.31
C ARG K 32 -55.00 9.00 9.06
N ALA K 33 -55.84 9.88 9.61
CA ALA K 33 -55.41 11.05 10.38
C ALA K 33 -54.89 10.63 11.76
N ILE K 35 -53.66 7.59 12.57
CA ILE K 35 -52.42 6.82 12.39
C ILE K 35 -51.29 7.84 12.17
N ALA K 36 -51.60 8.87 11.36
CA ALA K 36 -50.67 9.95 11.03
C ALA K 36 -50.25 10.77 12.25
N ALA K 37 -51.16 10.91 13.21
CA ALA K 37 -50.89 11.66 14.43
C ALA K 37 -50.15 10.79 15.44
N LEU K 38 -50.48 9.49 15.45
CA LEU K 38 -49.86 8.52 16.34
C LEU K 38 -48.42 8.24 15.95
N HIS K 39 -48.17 8.15 14.64
CA HIS K 39 -46.82 7.90 14.12
C HIS K 39 -45.91 9.09 14.39
N ASP K 40 -46.45 10.30 14.23
CA ASP K 40 -45.72 11.55 14.46
C ASP K 40 -45.44 11.75 15.93
N ALA K 41 -46.36 11.29 16.79
CA ALA K 41 -46.23 11.38 18.24
C ALA K 41 -45.24 10.34 18.75
N LEU K 42 -45.03 9.31 17.93
CA LEU K 42 -44.11 8.22 18.23
C LEU K 42 -42.72 8.53 17.66
N ARG K 43 -42.66 9.26 16.54
CA ARG K 43 -41.38 9.64 15.93
C ARG K 43 -40.74 10.74 16.78
N ARG K 44 -41.59 11.65 17.27
CA ARG K 44 -41.18 12.70 18.20
C ARG K 44 -41.34 11.98 19.53
N ALA K 45 -40.54 12.35 20.53
CA ALA K 45 -40.53 11.72 21.87
C ALA K 45 -39.67 10.46 21.92
N GLY K 47 -37.07 10.52 19.96
CA GLY K 47 -35.84 11.26 19.72
C GLY K 47 -35.57 12.20 20.87
N ASP K 48 -36.65 12.72 21.47
CA ASP K 48 -36.58 13.64 22.62
C ASP K 48 -36.21 12.86 23.89
N ASP K 49 -35.05 13.22 24.44
CA ASP K 49 -34.46 12.61 25.65
C ASP K 49 -35.26 12.75 26.93
N HIS K 50 -36.14 13.76 26.99
CA HIS K 50 -37.00 14.01 28.16
C HIS K 50 -37.88 12.79 28.41
N VAL K 51 -38.42 12.27 27.32
CA VAL K 51 -39.29 11.09 27.33
C VAL K 51 -38.48 9.81 27.49
N HIS K 52 -38.88 9.04 28.50
CA HIS K 52 -38.24 7.78 28.86
C HIS K 52 -39.18 6.57 28.68
N VAL K 53 -40.47 6.77 28.96
CA VAL K 53 -41.50 5.73 28.86
C VAL K 53 -42.78 6.24 28.16
N LEU K 54 -43.22 5.50 27.15
CA LEU K 54 -44.45 5.82 26.40
C LEU K 54 -45.58 5.01 27.02
N VAL K 55 -46.75 5.63 27.14
CA VAL K 55 -47.95 4.96 27.68
C VAL K 55 -49.13 5.35 26.79
N ILE K 56 -49.71 4.35 26.11
CA ILE K 56 -50.85 4.54 25.20
C ILE K 56 -52.17 4.29 25.96
N HIS K 57 -53.10 5.25 25.84
CA HIS K 57 -54.37 5.16 26.52
C HIS K 57 -55.56 5.43 25.60
N GLY K 58 -56.63 4.67 25.81
CA GLY K 58 -57.86 4.82 25.05
C GLY K 58 -58.97 4.78 26.10
N PRO K 59 -59.48 5.94 26.58
CA PRO K 59 -60.53 5.99 27.61
C PRO K 59 -61.93 5.51 27.27
N GLY K 60 -62.58 4.92 28.28
CA GLY K 60 -63.94 4.45 28.14
C GLY K 60 -64.18 2.98 27.89
N ARG K 61 -65.43 2.69 27.49
CA ARG K 61 -65.91 1.35 27.18
C ARG K 61 -65.20 0.71 25.99
N ILE K 62 -64.61 1.56 25.16
CA ILE K 62 -63.87 1.13 23.98
C ILE K 62 -62.45 1.71 24.05
N PHE K 63 -61.45 0.83 24.02
CA PHE K 63 -60.04 1.22 24.02
C PHE K 63 -59.75 1.73 22.62
N CYS K 64 -60.08 0.90 21.63
CA CYS K 64 -59.91 1.22 20.21
C CYS K 64 -60.66 0.21 19.36
N ALA K 65 -61.57 0.72 18.54
CA ALA K 65 -62.40 -0.09 17.65
C ALA K 65 -61.70 -0.55 16.38
N GLY K 66 -60.45 -0.13 16.22
CA GLY K 66 -59.66 -0.47 15.05
C GLY K 66 -59.83 0.57 13.95
N HIS K 67 -59.69 0.14 12.70
CA HIS K 67 -59.82 1.04 11.54
C HIS K 67 -61.22 1.62 11.40
N ASP K 68 -61.28 2.92 11.09
CA ASP K 68 -62.53 3.64 10.89
C ASP K 68 -63.07 3.19 9.55
N LEU K 69 -64.25 2.56 9.57
CA LEU K 69 -64.87 2.07 8.36
C LEU K 69 -65.53 3.21 7.57
N LYS K 70 -64.67 4.04 6.98
CA LYS K 70 -65.01 5.21 6.16
C LYS K 70 -64.35 5.05 4.79
N GLU K 71 -64.48 3.86 4.20
CA GLU K 71 -63.88 3.58 2.91
C GLU K 71 -64.66 4.14 1.72
N ILE K 72 -63.92 4.41 0.64
CA ILE K 72 -64.42 4.96 -0.62
C ILE K 72 -65.32 3.95 -1.35
N GLU K 81 -62.10 3.30 -7.18
CA GLU K 81 -62.17 1.93 -6.71
C GLU K 81 -62.08 1.90 -5.19
N GLY K 82 -60.91 2.34 -4.69
CA GLY K 82 -60.65 2.36 -3.26
C GLY K 82 -59.28 1.76 -2.95
N ARG K 83 -58.70 1.06 -3.92
CA ARG K 83 -57.39 0.39 -3.82
C ARG K 83 -56.33 1.29 -3.17
N ALA K 84 -56.05 2.42 -3.81
CA ALA K 84 -55.11 3.41 -3.29
C ALA K 84 -55.92 4.05 -2.14
N PHE K 85 -55.25 4.29 -1.01
CA PHE K 85 -55.78 4.83 0.26
C PHE K 85 -55.85 3.63 1.19
N VAL K 86 -56.50 2.56 0.74
CA VAL K 86 -56.61 1.30 1.50
C VAL K 86 -55.18 0.74 1.62
N THR K 87 -54.44 0.82 0.50
CA THR K 87 -53.05 0.38 0.42
C THR K 87 -52.18 1.24 1.33
N ASP K 88 -52.38 2.56 1.27
CA ASP K 88 -51.62 3.55 2.06
C ASP K 88 -51.96 3.47 3.55
N LEU K 89 -53.24 3.22 3.86
CA LEU K 89 -53.74 3.11 5.23
C LEU K 89 -53.09 1.93 5.96
N PHE K 90 -53.04 0.79 5.28
CA PHE K 90 -52.47 -0.43 5.83
C PHE K 90 -50.95 -0.42 5.86
N GLU K 91 -50.32 0.30 4.92
CA GLU K 91 -48.87 0.44 4.84
C GLU K 91 -48.37 1.34 5.97
N ALA K 92 -49.08 2.45 6.19
CA ALA K 92 -48.75 3.41 7.23
C ALA K 92 -49.04 2.85 8.61
N CYS K 93 -50.09 2.01 8.69
CA CYS K 93 -50.48 1.35 9.93
C CYS K 93 -49.42 0.33 10.30
N SER K 94 -48.88 -0.34 9.29
CA SER K 94 -47.83 -1.34 9.47
C SER K 94 -46.54 -0.68 9.93
N ALA K 95 -46.21 0.47 9.34
CA ALA K 95 -45.00 1.23 9.68
C ALA K 95 -45.07 1.72 11.13
N LEU K 96 -46.27 2.07 11.60
CA LEU K 96 -46.52 2.52 12.97
C LEU K 96 -46.33 1.37 13.98
N LEU K 98 -44.79 -1.40 13.56
CA LEU K 98 -43.44 -1.96 13.45
C LEU K 98 -42.45 -1.00 14.15
N ASP K 99 -42.78 0.29 14.16
CA ASP K 99 -41.94 1.31 14.82
C ASP K 99 -42.25 1.33 16.33
N LEU K 100 -43.48 0.93 16.68
CA LEU K 100 -43.95 0.89 18.06
C LEU K 100 -43.40 -0.34 18.81
N ALA K 101 -43.35 -1.49 18.14
CA ALA K 101 -42.85 -2.72 18.74
C ALA K 101 -41.32 -2.78 18.76
N HIS K 102 -40.69 -2.01 17.87
CA HIS K 102 -39.23 -1.96 17.79
C HIS K 102 -38.65 -0.72 18.50
N CYS K 103 -39.52 0.05 19.17
CA CYS K 103 -39.11 1.25 19.91
C CYS K 103 -38.34 0.86 21.18
N PRO K 104 -37.06 1.29 21.30
CA PRO K 104 -36.17 1.01 22.45
C PRO K 104 -36.74 1.42 23.81
N LYS K 105 -37.52 2.49 23.80
CA LYS K 105 -38.16 3.03 25.00
C LYS K 105 -39.47 2.27 25.27
N PRO K 106 -39.65 1.74 26.51
CA PRO K 106 -40.83 0.98 26.93
C PRO K 106 -42.19 1.63 26.60
N THR K 107 -43.07 0.81 26.02
CA THR K 107 -44.42 1.24 25.66
C THR K 107 -45.40 0.41 26.47
N ILE K 108 -46.19 1.06 27.32
CA ILE K 108 -47.18 0.35 28.15
C ILE K 108 -48.59 0.74 27.71
N ALA K 109 -49.51 -0.23 27.72
CA ALA K 109 -50.89 0.02 27.32
C ALA K 109 -51.88 0.04 28.49
N LEU K 110 -52.82 0.97 28.43
CA LEU K 110 -53.86 1.14 29.45
C LEU K 110 -55.21 0.91 28.79
N VAL K 111 -55.79 -0.26 29.07
CA VAL K 111 -57.08 -0.69 28.52
C VAL K 111 -58.12 -0.86 29.63
N GLU K 112 -59.24 -0.15 29.51
CA GLU K 112 -60.34 -0.24 30.49
C GLU K 112 -61.61 -0.76 29.83
N GLY K 113 -61.53 -0.99 28.51
CA GLY K 113 -62.66 -1.49 27.75
C GLY K 113 -62.28 -2.51 26.71
N ILE K 114 -62.96 -2.46 25.56
CA ILE K 114 -62.72 -3.41 24.48
C ILE K 114 -61.64 -3.02 23.46
N ALA K 115 -60.70 -3.94 23.27
CA ALA K 115 -59.61 -3.78 22.31
C ALA K 115 -59.96 -4.69 21.13
N THR K 116 -60.44 -4.08 20.05
CA THR K 116 -60.84 -4.85 18.87
C THR K 116 -60.21 -4.43 17.56
N ALA K 117 -59.97 -5.45 16.71
CA ALA K 117 -59.36 -5.34 15.37
C ALA K 117 -57.97 -4.73 15.42
N ALA K 118 -57.75 -3.66 14.65
CA ALA K 118 -56.46 -2.96 14.60
C ALA K 118 -56.15 -2.28 15.92
N GLY K 119 -57.16 -2.24 16.80
CA GLY K 119 -57.03 -1.66 18.11
C GLY K 119 -56.44 -2.63 19.10
N LEU K 120 -56.61 -3.93 18.83
CA LEU K 120 -56.03 -4.99 19.68
C LEU K 120 -54.55 -5.07 19.28
N GLN K 121 -54.29 -4.78 18.01
CA GLN K 121 -52.93 -4.75 17.44
C GLN K 121 -52.14 -3.67 18.15
N LEU K 122 -52.79 -2.51 18.35
CA LEU K 122 -52.20 -1.36 19.04
C LEU K 122 -51.73 -1.73 20.43
N ALA K 124 -51.27 -5.04 21.36
CA ALA K 124 -50.37 -6.18 21.19
C ALA K 124 -48.95 -5.77 20.80
N ALA K 125 -48.84 -4.57 20.21
CA ALA K 125 -47.56 -4.02 19.77
C ALA K 125 -46.80 -3.41 20.94
N CYS K 126 -47.52 -3.01 21.99
CA CYS K 126 -46.93 -2.42 23.19
C CYS K 126 -46.19 -3.44 24.03
N ASP K 127 -45.04 -3.04 24.57
CA ASP K 127 -44.17 -3.90 25.40
C ASP K 127 -44.86 -4.57 26.58
N LEU K 128 -45.71 -3.82 27.26
CA LEU K 128 -46.49 -4.31 28.40
C LEU K 128 -47.92 -3.82 28.22
N ALA K 129 -48.88 -4.55 28.77
CA ALA K 129 -50.29 -4.18 28.66
C ALA K 129 -51.04 -4.60 29.90
N TYR K 130 -51.67 -3.63 30.55
CA TYR K 130 -52.44 -3.87 31.77
C TYR K 130 -53.91 -3.51 31.57
N ALA K 131 -54.80 -4.33 32.13
CA ALA K 131 -56.23 -4.10 32.00
C ALA K 131 -57.09 -4.34 33.24
N SER K 132 -58.33 -3.85 33.16
CA SER K 132 -59.35 -3.98 34.23
C SER K 132 -60.10 -5.32 34.07
N PRO K 133 -60.88 -5.78 35.09
CA PRO K 133 -61.60 -7.05 34.90
C PRO K 133 -62.76 -6.98 33.91
N ALA K 134 -63.08 -5.76 33.47
CA ALA K 134 -64.15 -5.49 32.51
C ALA K 134 -63.62 -5.42 31.07
N ALA K 135 -62.31 -5.55 30.92
CA ALA K 135 -61.67 -5.48 29.60
C ALA K 135 -61.94 -6.71 28.74
N ARG K 136 -62.35 -6.44 27.50
CA ARG K 136 -62.68 -7.49 26.52
C ARG K 136 -61.76 -7.39 25.29
N PHE K 137 -61.44 -8.54 24.69
CA PHE K 137 -60.51 -8.61 23.54
C PHE K 137 -61.07 -9.35 22.32
N CYS K 138 -60.99 -8.73 21.13
CA CYS K 138 -61.52 -9.30 19.89
C CYS K 138 -60.80 -9.03 18.57
N LEU K 139 -61.01 -9.96 17.63
CA LEU K 139 -60.52 -9.90 16.26
C LEU K 139 -61.79 -10.29 15.47
N PRO K 140 -62.67 -9.31 15.15
CA PRO K 140 -63.94 -9.51 14.44
C PRO K 140 -63.98 -9.64 12.92
N GLY K 141 -62.82 -9.90 12.31
CA GLY K 141 -62.72 -10.02 10.87
C GLY K 141 -63.73 -10.82 10.08
N VAL K 142 -63.92 -12.08 10.44
CA VAL K 142 -64.87 -12.96 9.75
C VAL K 142 -66.33 -12.51 9.72
N GLN K 143 -66.72 -11.64 10.66
CA GLN K 143 -68.09 -11.12 10.74
C GLN K 143 -68.41 -10.12 9.64
N ASN K 144 -67.38 -9.40 9.20
CA ASN K 144 -67.49 -8.40 8.14
C ASN K 144 -67.18 -9.01 6.78
N GLY K 145 -66.85 -10.31 6.79
CA GLY K 145 -66.50 -11.03 5.58
C GLY K 145 -65.07 -10.76 5.15
N GLY K 146 -64.24 -10.33 6.10
CA GLY K 146 -62.84 -10.04 5.80
C GLY K 146 -61.87 -10.18 6.95
N PHE K 147 -61.11 -11.28 6.93
CA PHE K 147 -60.08 -11.66 7.90
C PHE K 147 -59.16 -10.55 8.45
N THR K 149 -56.00 -10.06 9.04
CA THR K 149 -54.61 -10.40 8.72
C THR K 149 -53.50 -9.58 9.40
N THR K 150 -53.51 -8.26 9.25
CA THR K 150 -52.48 -7.42 9.88
C THR K 150 -52.55 -7.41 11.42
N PRO K 151 -53.75 -7.30 12.03
CA PRO K 151 -53.67 -7.32 13.49
C PRO K 151 -53.34 -8.68 14.09
N ALA K 152 -53.45 -9.72 13.27
CA ALA K 152 -53.11 -11.07 13.71
C ALA K 152 -51.59 -11.23 13.82
N VAL K 153 -50.85 -10.37 13.11
CA VAL K 153 -49.38 -10.37 13.14
C VAL K 153 -48.84 -10.02 14.53
N ALA K 154 -49.27 -8.87 15.07
CA ALA K 154 -48.85 -8.43 16.41
C ALA K 154 -49.41 -9.30 17.54
N VAL K 155 -50.62 -9.83 17.35
CA VAL K 155 -51.26 -10.69 18.34
C VAL K 155 -50.58 -12.08 18.40
N SER K 156 -50.05 -12.54 17.26
CA SER K 156 -49.39 -13.86 17.17
C SER K 156 -48.03 -13.96 17.84
N ARG K 157 -47.48 -12.81 18.21
CA ARG K 157 -46.18 -12.72 18.89
C ARG K 157 -46.41 -12.71 20.40
N VAL K 158 -47.61 -12.31 20.79
CA VAL K 158 -48.00 -12.20 22.19
C VAL K 158 -48.65 -13.48 22.71
N ILE K 159 -49.45 -14.14 21.87
CA ILE K 159 -50.10 -15.39 22.27
C ILE K 159 -49.76 -16.59 21.39
N GLY K 160 -49.83 -17.77 22.00
CA GLY K 160 -49.53 -19.03 21.32
C GLY K 160 -50.43 -19.32 20.13
N ARG K 161 -49.96 -20.19 19.24
CA ARG K 161 -50.65 -20.57 18.00
C ARG K 161 -52.14 -20.91 18.08
N ARG K 162 -52.55 -21.70 19.07
CA ARG K 162 -53.96 -22.08 19.23
C ARG K 162 -54.87 -20.89 19.54
N ALA K 163 -54.42 -20.06 20.48
CA ALA K 163 -55.15 -18.88 20.92
C ALA K 163 -55.39 -17.87 19.79
N VAL K 164 -54.36 -17.58 18.97
CA VAL K 164 -54.50 -16.63 17.85
C VAL K 164 -55.38 -17.18 16.74
N THR K 165 -55.25 -18.48 16.49
CA THR K 165 -56.03 -19.15 15.46
C THR K 165 -57.51 -19.12 15.82
N GLU K 166 -57.83 -19.35 17.09
CA GLU K 166 -59.23 -19.32 17.54
C GLU K 166 -59.85 -17.90 17.50
N ALA K 168 -58.93 -15.43 15.50
CA ALA K 168 -59.00 -15.11 14.08
C ALA K 168 -60.11 -15.84 13.34
N LEU K 169 -60.29 -17.12 13.65
CA LEU K 169 -61.32 -17.93 12.99
C LEU K 169 -62.75 -17.79 13.51
N THR K 170 -62.91 -17.50 14.80
CA THR K 170 -64.26 -17.39 15.38
C THR K 170 -64.80 -15.97 15.43
N GLY K 171 -63.92 -15.00 15.64
CA GLY K 171 -64.33 -13.61 15.74
C GLY K 171 -64.94 -13.32 17.10
N ALA K 172 -64.64 -14.20 18.05
CA ALA K 172 -65.17 -14.12 19.41
C ALA K 172 -64.47 -13.11 20.32
N THR K 173 -65.22 -12.58 21.29
CA THR K 173 -64.69 -11.65 22.27
C THR K 173 -64.40 -12.49 23.49
N TYR K 174 -63.25 -12.22 24.11
CA TYR K 174 -62.80 -12.95 25.29
C TYR K 174 -62.59 -11.98 26.44
N ASP K 175 -62.84 -12.44 27.66
CA ASP K 175 -62.67 -11.60 28.86
C ASP K 175 -61.20 -11.37 29.25
N ALA K 176 -60.98 -10.66 30.36
CA ALA K 176 -59.63 -10.36 30.85
C ALA K 176 -58.97 -11.56 31.52
N ASP K 177 -59.78 -12.56 31.84
CA ASP K 177 -59.34 -13.78 32.50
C ASP K 177 -58.70 -14.78 31.54
N TRP K 178 -59.17 -14.77 30.29
CA TRP K 178 -58.66 -15.64 29.22
C TRP K 178 -57.36 -14.98 28.76
N ALA K 179 -57.43 -13.65 28.66
CA ALA K 179 -56.30 -12.83 28.22
C ALA K 179 -55.06 -13.00 29.09
N LEU K 180 -55.28 -13.11 30.40
CA LEU K 180 -54.21 -13.29 31.38
C LEU K 180 -53.57 -14.67 31.19
N ALA K 181 -54.43 -15.67 31.00
CA ALA K 181 -54.01 -17.06 30.81
C ALA K 181 -53.23 -17.30 29.51
N ALA K 182 -53.69 -16.65 28.43
CA ALA K 182 -53.07 -16.79 27.10
C ALA K 182 -51.80 -15.95 26.93
N GLY K 183 -51.62 -14.99 27.83
CA GLY K 183 -50.46 -14.11 27.82
C GLY K 183 -50.66 -12.78 27.10
N LEU K 184 -51.92 -12.45 26.77
CA LEU K 184 -52.27 -11.22 26.05
C LEU K 184 -52.06 -9.95 26.85
N ILE K 185 -52.21 -10.05 28.17
CA ILE K 185 -51.99 -8.94 29.09
C ILE K 185 -51.10 -9.48 30.21
N ASN K 186 -50.46 -8.56 30.93
CA ASN K 186 -49.56 -8.92 32.00
C ASN K 186 -50.16 -9.28 33.35
N ARG K 187 -51.22 -8.58 33.75
CA ARG K 187 -51.94 -8.77 35.02
C ARG K 187 -53.30 -8.08 35.01
N ILE K 188 -54.24 -8.61 35.79
CA ILE K 188 -55.58 -8.02 35.92
C ILE K 188 -55.57 -7.23 37.23
N LEU K 189 -56.03 -5.98 37.15
CA LEU K 189 -56.08 -5.07 38.30
C LEU K 189 -57.48 -4.49 38.49
N PRO K 190 -57.92 -4.25 39.75
CA PRO K 190 -59.25 -3.67 40.02
C PRO K 190 -59.39 -2.29 39.37
N GLU K 191 -60.56 -2.03 38.80
CA GLU K 191 -60.87 -0.78 38.08
C GLU K 191 -60.69 0.51 38.89
N ALA K 192 -60.67 0.38 40.22
CA ALA K 192 -60.49 1.50 41.14
C ALA K 192 -59.01 1.88 41.30
N ALA K 193 -58.11 0.93 41.02
CA ALA K 193 -56.67 1.12 41.15
C ALA K 193 -55.84 0.87 39.87
N LEU K 194 -56.51 0.79 38.72
CA LEU K 194 -55.83 0.54 37.44
C LEU K 194 -55.00 1.73 36.93
N ALA K 195 -55.62 2.91 36.89
CA ALA K 195 -55.01 4.16 36.43
C ALA K 195 -53.73 4.51 37.19
N THR K 196 -53.71 4.19 38.48
CA THR K 196 -52.58 4.44 39.37
C THR K 196 -51.43 3.47 39.14
N HIS K 197 -51.77 2.19 38.91
CA HIS K 197 -50.77 1.12 38.71
C HIS K 197 -49.89 1.29 37.47
N VAL K 198 -50.48 1.78 36.38
CA VAL K 198 -49.75 2.01 35.13
C VAL K 198 -48.86 3.27 35.25
N ALA K 199 -49.21 4.13 36.21
CA ALA K 199 -48.45 5.35 36.46
C ALA K 199 -47.35 5.13 37.53
N ASP K 200 -47.57 4.17 38.43
CA ASP K 200 -46.62 3.83 39.49
C ASP K 200 -45.60 2.76 39.06
N LEU K 201 -45.87 2.12 37.93
CA LEU K 201 -44.99 1.09 37.38
C LEU K 201 -44.13 1.79 36.33
N ALA K 202 -44.75 2.69 35.58
CA ALA K 202 -44.07 3.46 34.55
C ALA K 202 -43.21 4.56 35.18
N GLY K 203 -43.61 5.01 36.37
CA GLY K 203 -42.89 6.04 37.10
C GLY K 203 -41.52 5.58 37.57
N ALA K 204 -41.48 4.40 38.18
CA ALA K 204 -40.24 3.79 38.68
C ALA K 204 -39.32 3.35 37.54
N LEU K 205 -39.93 3.04 36.38
CA LEU K 205 -39.24 2.62 35.17
C LEU K 205 -38.60 3.80 34.44
N ALA K 206 -39.26 4.96 34.53
CA ALA K 206 -38.77 6.20 33.91
C ALA K 206 -37.71 6.89 34.75
N ALA K 207 -37.39 6.28 35.90
CA ALA K 207 -36.39 6.81 36.84
C ALA K 207 -35.11 5.98 36.84
N ARG K 208 -35.16 4.78 36.22
CA ARG K 208 -34.03 3.84 36.12
C ARG K 208 -32.93 4.32 35.18
N ASN K 209 -31.81 3.61 35.15
CA ASN K 209 -30.67 3.93 34.27
C ASN K 209 -31.12 3.65 32.83
N GLN K 210 -31.32 4.74 32.09
CA GLN K 210 -31.82 4.73 30.72
C GLN K 210 -31.11 3.99 29.59
N ALA K 211 -29.81 4.23 29.40
CA ALA K 211 -29.05 3.57 28.34
C ALA K 211 -29.07 2.03 28.39
N PRO K 212 -28.87 1.39 29.58
CA PRO K 212 -28.91 -0.08 29.63
C PRO K 212 -30.31 -0.63 29.39
N LEU K 213 -31.31 0.18 29.71
CA LEU K 213 -32.72 -0.15 29.56
C LEU K 213 -33.13 -0.13 28.09
N ARG K 214 -32.80 0.98 27.41
CA ARG K 214 -33.12 1.20 25.99
C ARG K 214 -32.37 0.25 25.05
N ARG K 215 -31.11 0.00 25.35
CA ARG K 215 -30.27 -0.89 24.56
C ARG K 215 -30.69 -2.33 24.87
N GLY K 216 -31.01 -2.58 26.14
CA GLY K 216 -31.43 -3.90 26.59
C GLY K 216 -32.77 -4.38 26.06
N LEU K 217 -33.68 -3.43 25.82
CA LEU K 217 -35.01 -3.75 25.30
C LEU K 217 -34.95 -4.05 23.80
N GLU K 218 -34.18 -3.27 23.05
CA GLU K 218 -34.05 -3.51 21.61
C GLU K 218 -33.23 -4.77 21.32
N THR K 219 -32.41 -5.19 22.28
CA THR K 219 -31.61 -6.41 22.15
C THR K 219 -32.53 -7.61 22.45
N LEU K 220 -33.50 -7.40 23.34
CA LEU K 220 -34.49 -8.42 23.71
C LEU K 220 -35.36 -8.74 22.51
N ASN K 221 -35.84 -7.70 21.84
CA ASN K 221 -36.68 -7.82 20.65
C ASN K 221 -35.95 -8.41 19.45
N ARG K 222 -34.64 -8.20 19.39
CA ARG K 222 -33.80 -8.71 18.29
C ARG K 222 -33.47 -10.20 18.41
N HIS K 223 -33.08 -10.64 19.60
CA HIS K 223 -32.72 -12.03 19.82
C HIS K 223 -33.87 -13.05 19.81
N LEU K 224 -35.10 -12.53 19.83
CA LEU K 224 -36.28 -13.39 19.80
C LEU K 224 -36.52 -13.96 18.40
N GLU K 225 -35.95 -13.26 17.41
CA GLU K 225 -36.04 -13.62 16.00
C GLU K 225 -34.75 -14.25 15.48
N LEU K 226 -33.85 -14.59 16.41
CA LEU K 226 -32.55 -15.20 16.12
C LEU K 226 -32.40 -16.55 16.85
N PRO K 227 -31.59 -17.49 16.29
CA PRO K 227 -31.38 -18.80 16.95
C PRO K 227 -30.52 -18.63 18.22
N LEU K 228 -30.66 -19.56 19.17
CA LEU K 228 -29.94 -19.54 20.46
C LEU K 228 -28.44 -19.24 20.43
N GLU K 229 -27.73 -19.79 19.43
CA GLU K 229 -26.28 -19.60 19.29
C GLU K 229 -25.92 -18.19 18.79
N GLN K 230 -26.78 -17.61 17.96
CA GLN K 230 -26.56 -16.27 17.43
C GLN K 230 -27.22 -15.20 18.30
N ALA K 231 -28.05 -15.64 19.25
CA ALA K 231 -28.73 -14.77 20.21
C ALA K 231 -27.76 -14.47 21.36
N TYR K 232 -26.99 -15.48 21.77
CA TYR K 232 -26.00 -15.32 22.82
C TYR K 232 -24.86 -14.48 22.29
N ALA K 233 -24.62 -14.56 20.98
CA ALA K 233 -23.56 -13.82 20.31
C ALA K 233 -23.89 -12.34 20.23
N LEU K 234 -25.18 -12.05 20.16
CA LEU K 234 -25.68 -10.67 20.09
C LEU K 234 -25.80 -10.04 21.47
N ALA K 235 -26.21 -10.85 22.45
CA ALA K 235 -26.43 -10.39 23.82
C ALA K 235 -25.24 -10.26 24.77
N THR K 236 -24.25 -11.14 24.62
CA THR K 236 -23.05 -11.12 25.47
C THR K 236 -22.29 -9.76 25.50
N PRO K 237 -22.01 -9.11 24.33
CA PRO K 237 -21.30 -7.82 24.38
C PRO K 237 -22.10 -6.68 25.04
N VAL K 238 -23.43 -6.78 24.91
CA VAL K 238 -24.39 -5.81 25.45
C VAL K 238 -24.43 -5.91 26.99
N VAL K 240 -21.86 -6.91 28.86
CA VAL K 240 -20.54 -6.40 29.25
C VAL K 240 -20.64 -4.86 29.26
N GLU K 241 -21.37 -4.32 28.28
CA GLU K 241 -21.57 -2.87 28.09
C GLU K 241 -22.44 -2.25 29.19
N HIS K 242 -23.33 -3.05 29.80
CA HIS K 242 -24.20 -2.58 30.88
C HIS K 242 -23.36 -2.32 32.13
N PHE K 243 -22.36 -3.18 32.33
CA PHE K 243 -21.44 -3.11 33.46
C PHE K 243 -20.21 -2.22 33.20
N ASP K 245 -21.06 1.07 31.57
CA ASP K 245 -21.79 2.33 31.52
C ASP K 245 -21.87 2.89 32.96
N PRO K 246 -21.78 4.23 33.14
CA PRO K 246 -21.87 4.78 34.49
C PRO K 246 -23.28 4.62 35.07
N GLY K 247 -23.41 3.63 35.96
CA GLY K 247 -24.68 3.32 36.60
C GLY K 247 -24.65 2.05 37.42
N LEU L 9 -18.69 -26.65 44.49
CA LEU L 9 -19.49 -27.53 43.60
C LEU L 9 -19.23 -29.02 43.83
N GLY L 10 -20.19 -29.65 44.51
CA GLY L 10 -20.09 -31.06 44.85
C GLY L 10 -20.91 -31.97 43.96
N GLU L 11 -20.24 -32.84 43.23
CA GLU L 11 -20.91 -33.78 42.33
C GLU L 11 -21.10 -35.20 42.88
N VAL L 12 -22.37 -35.59 42.99
CA VAL L 12 -22.78 -36.92 43.47
C VAL L 12 -23.38 -37.67 42.26
N LEU L 13 -23.12 -38.98 42.18
CA LEU L 13 -23.65 -39.83 41.09
C LEU L 13 -24.36 -41.06 41.68
N SER L 14 -25.55 -41.37 41.16
CA SER L 14 -26.37 -42.50 41.62
C SER L 14 -27.22 -43.19 40.54
N GLU L 15 -26.86 -44.45 40.23
CA GLU L 15 -27.53 -45.32 39.23
C GLU L 15 -27.51 -44.83 37.76
N GLY L 16 -27.33 -43.53 37.58
CA GLY L 16 -27.28 -42.92 36.26
C GLY L 16 -27.58 -41.44 36.32
N VAL L 17 -27.80 -40.92 37.53
CA VAL L 17 -28.13 -39.51 37.75
C VAL L 17 -26.99 -38.76 38.46
N LEU L 18 -26.42 -37.77 37.77
CA LEU L 18 -25.34 -36.95 38.34
C LEU L 18 -25.94 -35.71 38.97
N THR L 19 -26.21 -35.80 40.26
CA THR L 19 -26.80 -34.69 40.99
C THR L 19 -25.72 -33.67 41.36
N LEU L 20 -25.55 -32.69 40.47
CA LEU L 20 -24.58 -31.60 40.67
C LEU L 20 -25.16 -30.65 41.70
N THR L 21 -24.51 -30.56 42.85
CA THR L 21 -24.95 -29.68 43.94
C THR L 21 -24.05 -28.45 43.98
N LEU L 22 -24.70 -27.29 44.08
CA LEU L 22 -24.00 -26.01 44.11
C LEU L 22 -23.35 -25.74 45.46
N GLY L 23 -22.02 -25.64 45.45
CA GLY L 23 -21.23 -25.38 46.66
C GLY L 23 -21.24 -23.92 47.11
N ARG L 24 -20.26 -23.55 47.96
CA ARG L 24 -20.13 -22.20 48.56
C ARG L 24 -21.48 -21.93 49.26
N ALA L 25 -21.97 -20.68 49.24
CA ALA L 25 -23.31 -20.35 49.77
C ALA L 25 -23.63 -20.58 51.27
N PRO L 26 -24.93 -20.44 51.73
CA PRO L 26 -26.27 -20.09 51.21
C PRO L 26 -26.45 -18.69 50.61
N ALA L 27 -26.33 -18.65 49.28
CA ALA L 27 -26.44 -17.48 48.40
C ALA L 27 -26.25 -17.96 46.94
N HIS L 28 -25.36 -18.95 46.78
CA HIS L 28 -24.95 -19.60 45.51
C HIS L 28 -24.64 -18.72 44.30
N PRO L 29 -23.76 -17.69 44.46
CA PRO L 29 -23.44 -16.82 43.32
C PRO L 29 -22.60 -17.48 42.22
N LEU L 30 -22.79 -16.99 40.99
CA LEU L 30 -22.07 -17.51 39.83
C LEU L 30 -20.83 -16.65 39.53
N SER L 31 -19.72 -17.03 40.17
CA SER L 31 -18.41 -16.37 40.01
C SER L 31 -17.67 -17.05 38.88
N ARG L 32 -16.57 -16.46 38.43
CA ARG L 32 -15.76 -17.02 37.33
C ARG L 32 -15.27 -18.44 37.71
N ALA L 33 -15.00 -18.64 38.99
CA ALA L 33 -14.54 -19.93 39.51
C ALA L 33 -15.69 -20.95 39.53
N ILE L 35 -18.58 -20.71 37.60
CA ILE L 35 -18.93 -20.88 36.18
C ILE L 35 -17.97 -21.85 35.49
N ALA L 36 -16.68 -21.76 35.84
CA ALA L 36 -15.62 -22.61 35.29
C ALA L 36 -15.82 -24.04 35.75
N ALA L 37 -16.10 -24.19 37.04
CA ALA L 37 -16.33 -25.50 37.66
C ALA L 37 -17.57 -26.17 37.08
N LEU L 38 -18.57 -25.35 36.72
CA LEU L 38 -19.82 -25.84 36.13
C LEU L 38 -19.64 -26.26 34.68
N HIS L 39 -18.80 -25.53 33.94
CA HIS L 39 -18.52 -25.84 32.54
C HIS L 39 -17.64 -27.09 32.46
N ASP L 40 -16.73 -27.23 33.43
CA ASP L 40 -15.83 -28.38 33.53
C ASP L 40 -16.59 -29.62 34.02
N ALA L 41 -17.63 -29.41 34.83
CA ALA L 41 -18.48 -30.47 35.36
C ALA L 41 -19.42 -30.99 34.27
N LEU L 42 -19.77 -30.09 33.34
CA LEU L 42 -20.65 -30.39 32.21
C LEU L 42 -19.93 -31.16 31.10
N ARG L 43 -18.69 -30.77 30.78
CA ARG L 43 -17.87 -31.42 29.73
C ARG L 43 -17.68 -32.90 30.06
N ARG L 44 -17.33 -33.18 31.32
CA ARG L 44 -17.22 -34.55 31.83
C ARG L 44 -18.69 -34.85 32.13
N ALA L 45 -19.17 -36.02 31.68
CA ALA L 45 -20.56 -36.53 31.79
C ALA L 45 -21.13 -36.59 30.40
N GLY L 47 -19.57 -37.04 27.93
CA GLY L 47 -18.70 -37.95 27.20
C GLY L 47 -18.44 -39.24 27.96
N ASP L 48 -19.38 -39.59 28.85
CA ASP L 48 -19.32 -40.81 29.68
C ASP L 48 -20.70 -41.49 29.63
N ASP L 49 -20.70 -42.79 29.35
CA ASP L 49 -21.93 -43.59 29.25
C ASP L 49 -22.56 -44.02 30.59
N HIS L 50 -21.92 -43.66 31.69
CA HIS L 50 -22.39 -43.99 33.04
C HIS L 50 -23.30 -42.89 33.59
N VAL L 51 -23.20 -41.69 33.00
CA VAL L 51 -24.04 -40.56 33.38
C VAL L 51 -25.11 -40.43 32.30
N HIS L 52 -26.36 -40.51 32.72
CA HIS L 52 -27.51 -40.44 31.81
C HIS L 52 -28.31 -39.15 31.95
N VAL L 53 -28.54 -38.71 33.20
CA VAL L 53 -29.31 -37.48 33.52
C VAL L 53 -28.49 -36.56 34.44
N LEU L 54 -28.77 -35.25 34.39
CA LEU L 54 -28.08 -34.24 35.19
C LEU L 54 -29.07 -33.46 36.07
N VAL L 55 -28.73 -33.20 37.33
CA VAL L 55 -29.60 -32.42 38.22
C VAL L 55 -28.86 -31.28 38.92
N ILE L 56 -29.20 -30.04 38.55
CA ILE L 56 -28.59 -28.84 39.12
C ILE L 56 -29.34 -28.44 40.43
N HIS L 57 -28.80 -28.95 41.55
CA HIS L 57 -29.33 -28.75 42.91
C HIS L 57 -28.76 -27.49 43.58
N GLY L 58 -29.66 -26.67 44.14
CA GLY L 58 -29.24 -25.46 44.84
C GLY L 58 -29.96 -25.37 46.18
N PRO L 59 -29.46 -26.02 47.26
CA PRO L 59 -30.05 -26.01 48.61
C PRO L 59 -30.17 -24.66 49.34
N GLY L 60 -31.02 -24.66 50.37
CA GLY L 60 -31.26 -23.48 51.17
C GLY L 60 -32.39 -22.60 50.67
N ARG L 61 -32.52 -21.42 51.29
CA ARG L 61 -33.54 -20.42 50.96
C ARG L 61 -33.33 -19.76 49.60
N ILE L 62 -32.10 -19.85 49.10
CA ILE L 62 -31.71 -19.29 47.79
C ILE L 62 -31.21 -20.42 46.88
N PHE L 63 -31.62 -20.37 45.60
CA PHE L 63 -31.20 -21.35 44.57
C PHE L 63 -29.89 -20.82 43.97
N CYS L 64 -29.91 -19.55 43.56
CA CYS L 64 -28.76 -18.83 42.99
C CYS L 64 -29.08 -17.34 42.86
N ALA L 65 -28.20 -16.51 43.45
CA ALA L 65 -28.33 -15.06 43.44
C ALA L 65 -27.92 -14.40 42.12
N GLY L 66 -27.44 -15.24 41.19
CA GLY L 66 -26.99 -14.75 39.90
C GLY L 66 -25.48 -14.61 39.89
N HIS L 67 -24.98 -13.54 39.28
CA HIS L 67 -23.54 -13.28 39.23
C HIS L 67 -22.97 -12.72 40.53
N ASP L 68 -21.74 -13.09 40.84
CA ASP L 68 -21.02 -12.64 42.04
C ASP L 68 -20.50 -11.24 41.74
N LEU L 69 -20.89 -10.27 42.58
CA LEU L 69 -20.47 -8.89 42.39
C LEU L 69 -19.10 -8.57 43.05
N LYS L 70 -18.12 -9.41 42.74
CA LYS L 70 -16.72 -9.29 43.20
C LYS L 70 -15.95 -8.60 42.07
N GLU L 71 -16.28 -7.33 41.84
CA GLU L 71 -15.66 -6.56 40.76
C GLU L 71 -14.50 -5.61 41.08
N ILE L 72 -13.82 -5.19 40.03
CA ILE L 72 -12.67 -4.30 40.09
C ILE L 72 -13.08 -2.86 39.73
N GLU L 81 -9.65 0.21 34.15
CA GLU L 81 -11.03 0.13 33.66
C GLU L 81 -11.69 -1.16 34.16
N GLY L 82 -11.07 -2.29 33.83
CA GLY L 82 -11.58 -3.59 34.25
C GLY L 82 -12.58 -4.26 33.30
N ARG L 83 -12.60 -3.84 32.02
CA ARG L 83 -13.51 -4.42 31.03
C ARG L 83 -13.08 -5.81 30.61
N ALA L 84 -11.80 -6.11 30.80
CA ALA L 84 -11.23 -7.43 30.54
C ALA L 84 -11.73 -8.25 31.74
N PHE L 85 -11.65 -9.58 31.67
CA PHE L 85 -12.15 -10.49 32.73
C PHE L 85 -13.69 -10.51 32.71
N VAL L 86 -14.31 -9.33 32.70
CA VAL L 86 -15.76 -9.16 32.65
C VAL L 86 -16.26 -9.68 31.30
N THR L 87 -15.40 -9.54 30.29
CA THR L 87 -15.68 -10.02 28.94
C THR L 87 -15.50 -11.53 28.95
N ASP L 88 -14.56 -12.02 29.78
CA ASP L 88 -14.28 -13.46 29.90
C ASP L 88 -15.29 -14.13 30.83
N LEU L 89 -15.86 -13.35 31.76
CA LEU L 89 -16.87 -13.82 32.74
C LEU L 89 -18.14 -14.14 31.98
N PHE L 90 -18.57 -13.18 31.16
CA PHE L 90 -19.77 -13.33 30.34
C PHE L 90 -19.60 -14.25 29.14
N GLU L 91 -18.39 -14.31 28.57
CA GLU L 91 -18.10 -15.18 27.43
C GLU L 91 -18.20 -16.63 27.90
N ALA L 92 -17.61 -16.89 29.07
CA ALA L 92 -17.62 -18.21 29.68
C ALA L 92 -19.01 -18.57 30.16
N CYS L 93 -19.73 -17.58 30.67
CA CYS L 93 -21.10 -17.76 31.17
C CYS L 93 -22.01 -18.22 30.04
N SER L 94 -22.00 -17.47 28.93
CA SER L 94 -22.82 -17.77 27.75
C SER L 94 -22.47 -19.10 27.11
N ALA L 95 -21.17 -19.42 27.12
CA ALA L 95 -20.65 -20.67 26.56
C ALA L 95 -21.10 -21.89 27.38
N LEU L 96 -21.33 -21.67 28.68
CA LEU L 96 -21.79 -22.71 29.62
C LEU L 96 -23.27 -22.98 29.39
N LEU L 98 -25.09 -22.18 26.72
CA LEU L 98 -25.30 -22.64 25.36
C LEU L 98 -24.99 -24.12 25.29
N ASP L 99 -23.95 -24.52 26.01
CA ASP L 99 -23.52 -25.93 26.10
C ASP L 99 -24.51 -26.75 26.90
N LEU L 100 -25.04 -26.13 27.97
CA LEU L 100 -26.01 -26.75 28.88
C LEU L 100 -27.37 -26.97 28.20
N ALA L 101 -27.85 -25.95 27.51
CA ALA L 101 -29.13 -25.99 26.80
C ALA L 101 -29.16 -26.95 25.63
N HIS L 102 -28.00 -27.17 25.01
CA HIS L 102 -27.89 -28.09 23.87
C HIS L 102 -27.33 -29.47 24.25
N CYS L 103 -27.25 -29.73 25.56
CA CYS L 103 -26.76 -31.01 26.08
C CYS L 103 -27.76 -32.11 25.71
N PRO L 104 -27.31 -33.15 24.98
CA PRO L 104 -28.18 -34.27 24.56
C PRO L 104 -28.81 -35.09 25.68
N LYS L 105 -28.18 -35.04 26.87
CA LYS L 105 -28.66 -35.76 28.05
C LYS L 105 -29.56 -34.87 28.91
N PRO L 106 -30.72 -35.39 29.39
CA PRO L 106 -31.68 -34.66 30.23
C PRO L 106 -31.11 -33.83 31.39
N THR L 107 -31.52 -32.57 31.45
CA THR L 107 -31.08 -31.66 32.51
C THR L 107 -32.29 -31.22 33.34
N ILE L 108 -32.48 -31.88 34.48
CA ILE L 108 -33.60 -31.59 35.36
C ILE L 108 -33.15 -30.73 36.55
N ALA L 109 -33.69 -29.53 36.66
CA ALA L 109 -33.34 -28.63 37.76
C ALA L 109 -34.27 -28.93 38.94
N LEU L 110 -33.85 -28.48 40.14
CA LEU L 110 -34.59 -28.67 41.40
C LEU L 110 -34.45 -27.36 42.17
N VAL L 111 -35.49 -26.54 42.07
CA VAL L 111 -35.51 -25.21 42.69
C VAL L 111 -36.36 -25.15 43.97
N GLU L 112 -35.70 -25.28 45.11
CA GLU L 112 -36.37 -25.19 46.40
C GLU L 112 -36.27 -23.77 46.94
N GLY L 113 -35.31 -23.00 46.39
CA GLY L 113 -35.09 -21.62 46.79
C GLY L 113 -35.38 -20.57 45.74
N ILE L 114 -34.93 -19.34 45.97
CA ILE L 114 -35.13 -18.22 45.03
C ILE L 114 -34.04 -18.12 43.96
N ALA L 115 -34.49 -18.10 42.69
CA ALA L 115 -33.62 -17.99 41.51
C ALA L 115 -33.72 -16.59 40.90
N THR L 116 -32.63 -15.84 41.02
CA THR L 116 -32.57 -14.47 40.50
C THR L 116 -31.39 -14.25 39.54
N ALA L 117 -31.58 -13.30 38.61
CA ALA L 117 -30.60 -12.91 37.57
C ALA L 117 -30.08 -14.09 36.74
N ALA L 118 -28.75 -14.32 36.74
CA ALA L 118 -28.14 -15.43 36.01
C ALA L 118 -28.47 -16.78 36.66
N GLY L 119 -29.19 -16.70 37.79
CA GLY L 119 -29.62 -17.86 38.54
C GLY L 119 -30.85 -18.47 37.89
N LEU L 120 -31.62 -17.61 37.24
CA LEU L 120 -32.83 -18.02 36.53
C LEU L 120 -32.40 -18.63 35.19
N GLN L 121 -31.30 -18.11 34.64
CA GLN L 121 -30.70 -18.57 33.36
C GLN L 121 -30.22 -20.02 33.47
N LEU L 122 -29.62 -20.33 34.62
CA LEU L 122 -29.08 -21.66 34.94
C LEU L 122 -30.21 -22.69 35.00
N ALA L 124 -33.32 -22.02 33.50
CA ALA L 124 -34.02 -21.92 32.22
C ALA L 124 -33.40 -22.78 31.13
N ALA L 125 -32.06 -22.90 31.16
CA ALA L 125 -31.29 -23.70 30.20
C ALA L 125 -31.53 -25.20 30.36
N CYS L 126 -32.03 -25.58 31.53
CA CYS L 126 -32.33 -26.97 31.84
C CYS L 126 -33.53 -27.47 31.03
N ASP L 127 -33.52 -28.75 30.65
CA ASP L 127 -34.62 -29.34 29.89
C ASP L 127 -35.91 -29.32 30.72
N LEU L 128 -35.79 -29.69 32.00
CA LEU L 128 -36.91 -29.71 32.94
C LEU L 128 -36.58 -28.92 34.21
N ALA L 129 -37.61 -28.49 34.93
CA ALA L 129 -37.46 -27.73 36.19
C ALA L 129 -38.66 -27.89 37.11
N TYR L 130 -38.41 -28.43 38.31
CA TYR L 130 -39.45 -28.67 39.30
C TYR L 130 -39.19 -27.82 40.53
N ALA L 131 -40.27 -27.28 41.12
CA ALA L 131 -40.15 -26.42 42.30
C ALA L 131 -41.16 -26.69 43.42
N SER L 132 -41.02 -25.91 44.49
CA SER L 132 -41.87 -25.97 45.68
C SER L 132 -42.47 -24.57 45.82
N PRO L 133 -43.58 -24.39 46.58
CA PRO L 133 -44.14 -23.04 46.73
C PRO L 133 -43.17 -22.04 47.37
N ALA L 134 -42.15 -22.60 48.04
CA ALA L 134 -41.09 -21.84 48.71
C ALA L 134 -39.98 -21.41 47.74
N ALA L 135 -40.38 -21.14 46.48
CA ALA L 135 -39.45 -20.71 45.43
C ALA L 135 -39.97 -19.49 44.70
N ARG L 136 -39.14 -18.44 44.66
CA ARG L 136 -39.47 -17.18 43.99
C ARG L 136 -38.49 -16.98 42.83
N PHE L 137 -38.87 -16.15 41.85
CA PHE L 137 -38.05 -15.91 40.65
C PHE L 137 -38.06 -14.46 40.20
N CYS L 138 -36.94 -13.97 39.65
CA CYS L 138 -36.82 -12.60 39.12
C CYS L 138 -35.55 -12.30 38.32
N LEU L 139 -35.58 -11.17 37.64
CA LEU L 139 -34.46 -10.64 36.84
C LEU L 139 -34.38 -9.18 37.33
N PRO L 140 -33.68 -8.94 38.47
CA PRO L 140 -33.49 -7.63 39.12
C PRO L 140 -32.67 -6.54 38.43
N GLY L 141 -32.23 -6.83 37.19
CA GLY L 141 -31.41 -5.91 36.41
C GLY L 141 -31.52 -4.41 36.59
N VAL L 142 -32.76 -3.91 36.52
CA VAL L 142 -33.03 -2.48 36.68
C VAL L 142 -32.77 -1.93 38.09
N GLN L 143 -32.85 -2.82 39.09
CA GLN L 143 -32.62 -2.45 40.50
C GLN L 143 -31.14 -2.30 40.86
N ASN L 144 -30.27 -2.58 39.90
CA ASN L 144 -28.83 -2.46 40.10
C ASN L 144 -28.21 -1.54 39.05
N GLY L 145 -29.07 -0.86 38.28
CA GLY L 145 -28.64 0.06 37.24
C GLY L 145 -28.12 -0.55 35.95
N GLY L 146 -28.61 -1.74 35.59
CA GLY L 146 -28.15 -2.40 34.38
C GLY L 146 -28.96 -3.62 34.00
N PHE L 147 -29.65 -3.55 32.86
CA PHE L 147 -30.50 -4.61 32.30
C PHE L 147 -29.89 -6.02 32.35
N THR L 149 -29.73 -8.70 30.03
CA THR L 149 -29.75 -9.21 28.67
C THR L 149 -29.45 -10.71 28.51
N THR L 150 -28.32 -11.18 29.08
CA THR L 150 -27.95 -12.60 28.98
C THR L 150 -28.89 -13.59 29.67
N PRO L 151 -29.46 -13.26 30.85
CA PRO L 151 -30.37 -14.29 31.37
C PRO L 151 -31.70 -14.29 30.65
N ALA L 152 -32.09 -13.09 30.19
CA ALA L 152 -33.34 -12.87 29.43
C ALA L 152 -33.37 -13.66 28.12
N VAL L 153 -32.21 -14.20 27.71
CA VAL L 153 -32.09 -15.01 26.49
C VAL L 153 -32.64 -16.41 26.78
N ALA L 154 -32.18 -17.00 27.88
CA ALA L 154 -32.61 -18.34 28.27
C ALA L 154 -34.04 -18.32 28.82
N VAL L 155 -34.41 -17.15 29.36
CA VAL L 155 -35.74 -16.92 29.93
C VAL L 155 -36.75 -16.78 28.78
N SER L 156 -36.33 -16.09 27.72
CA SER L 156 -37.21 -15.84 26.56
C SER L 156 -37.60 -17.08 25.76
N ARG L 157 -36.87 -18.18 25.98
CA ARG L 157 -37.14 -19.43 25.28
C ARG L 157 -38.08 -20.32 26.08
N VAL L 158 -38.15 -20.05 27.39
CA VAL L 158 -38.96 -20.84 28.30
C VAL L 158 -40.34 -20.23 28.61
N ILE L 159 -40.47 -18.92 28.49
CA ILE L 159 -41.76 -18.25 28.74
C ILE L 159 -42.20 -17.35 27.57
N GLY L 160 -43.46 -16.90 27.62
CA GLY L 160 -44.02 -16.03 26.58
C GLY L 160 -43.40 -14.64 26.53
N ARG L 161 -43.65 -13.89 25.46
CA ARG L 161 -43.06 -12.56 25.28
C ARG L 161 -43.39 -11.53 26.39
N ARG L 162 -44.67 -11.41 26.75
CA ARG L 162 -45.09 -10.47 27.81
C ARG L 162 -44.51 -10.83 29.16
N ALA L 163 -44.42 -12.14 29.41
CA ALA L 163 -43.87 -12.67 30.64
C ALA L 163 -42.39 -12.27 30.85
N VAL L 164 -41.59 -12.28 29.77
CA VAL L 164 -40.17 -11.91 29.83
C VAL L 164 -40.02 -10.40 29.89
N THR L 165 -40.81 -9.69 29.07
CA THR L 165 -40.77 -8.24 29.01
C THR L 165 -41.29 -7.61 30.32
N GLU L 166 -41.74 -8.44 31.25
CA GLU L 166 -42.20 -7.95 32.55
C GLU L 166 -41.16 -8.30 33.59
N ALA L 168 -37.97 -8.61 33.29
CA ALA L 168 -36.77 -7.80 33.10
C ALA L 168 -37.00 -6.31 33.23
N LEU L 169 -38.15 -5.83 32.77
CA LEU L 169 -38.47 -4.40 32.83
C LEU L 169 -38.74 -3.85 34.23
N THR L 170 -39.61 -4.54 34.96
CA THR L 170 -40.01 -4.13 36.30
C THR L 170 -38.98 -4.53 37.37
N GLY L 171 -38.44 -5.73 37.20
CA GLY L 171 -37.45 -6.25 38.14
C GLY L 171 -38.05 -6.79 39.42
N ALA L 172 -39.38 -6.98 39.41
CA ALA L 172 -40.13 -7.48 40.56
C ALA L 172 -39.99 -9.00 40.71
N THR L 173 -40.22 -9.51 41.91
CA THR L 173 -40.12 -10.95 42.16
C THR L 173 -41.48 -11.63 41.99
N TYR L 174 -41.44 -12.82 41.38
CA TYR L 174 -42.66 -13.58 41.08
C TYR L 174 -42.68 -14.93 41.79
N ASP L 175 -43.85 -15.28 42.32
CA ASP L 175 -44.04 -16.55 43.02
C ASP L 175 -44.21 -17.75 42.08
N ALA L 176 -44.14 -18.94 42.66
CA ALA L 176 -44.28 -20.22 41.97
C ALA L 176 -45.54 -20.40 41.14
N ASP L 177 -46.64 -19.77 41.57
CA ASP L 177 -47.94 -19.85 40.88
C ASP L 177 -47.90 -19.19 39.52
N TRP L 178 -47.22 -18.04 39.44
CA TRP L 178 -47.09 -17.29 38.19
C TRP L 178 -46.07 -17.98 37.25
N ALA L 179 -45.13 -18.72 37.85
CA ALA L 179 -44.10 -19.43 37.11
C ALA L 179 -44.63 -20.65 36.37
N LEU L 180 -45.58 -21.36 36.99
CA LEU L 180 -46.20 -22.54 36.39
C LEU L 180 -47.10 -22.10 35.25
N ALA L 181 -47.79 -20.98 35.48
CA ALA L 181 -48.71 -20.38 34.51
C ALA L 181 -47.97 -19.91 33.27
N ALA L 182 -46.77 -19.37 33.46
CA ALA L 182 -45.97 -18.86 32.37
C ALA L 182 -45.16 -19.96 31.66
N GLY L 183 -45.05 -21.11 32.32
CA GLY L 183 -44.32 -22.23 31.77
C GLY L 183 -42.86 -22.29 32.19
N LEU L 184 -42.49 -21.52 33.21
CA LEU L 184 -41.12 -21.46 33.75
C LEU L 184 -40.76 -22.76 34.46
N ILE L 185 -41.71 -23.33 35.20
CA ILE L 185 -41.52 -24.61 35.87
C ILE L 185 -42.51 -25.64 35.33
N ASN L 186 -42.09 -26.90 35.38
CA ASN L 186 -42.90 -28.02 34.92
C ASN L 186 -44.06 -28.32 35.88
N ARG L 187 -43.78 -28.27 37.19
CA ARG L 187 -44.76 -28.53 38.27
C ARG L 187 -44.41 -27.83 39.61
N ILE L 188 -45.40 -27.76 40.48
CA ILE L 188 -45.24 -27.22 41.84
C ILE L 188 -45.48 -28.44 42.72
N LEU L 189 -44.54 -28.72 43.63
CA LEU L 189 -44.64 -29.87 44.54
C LEU L 189 -44.24 -29.52 45.99
N PRO L 190 -44.98 -30.04 47.01
CA PRO L 190 -44.67 -29.76 48.42
C PRO L 190 -43.26 -30.27 48.81
N GLU L 191 -42.52 -29.43 49.54
CA GLU L 191 -41.13 -29.70 49.98
C GLU L 191 -40.80 -31.11 50.48
N ALA L 192 -41.78 -31.75 51.11
CA ALA L 192 -41.63 -33.11 51.66
C ALA L 192 -41.48 -34.18 50.57
N ALA L 193 -42.14 -33.96 49.43
CA ALA L 193 -42.10 -34.90 48.31
C ALA L 193 -41.30 -34.45 47.08
N LEU L 194 -40.89 -33.18 47.07
CA LEU L 194 -40.13 -32.59 45.95
C LEU L 194 -38.83 -33.32 45.60
N ALA L 195 -37.98 -33.51 46.62
CA ALA L 195 -36.70 -34.18 46.45
C ALA L 195 -36.82 -35.65 46.00
N THR L 196 -37.94 -36.28 46.30
CA THR L 196 -38.19 -37.67 45.91
C THR L 196 -38.87 -37.80 44.53
N HIS L 197 -39.49 -36.70 44.09
CA HIS L 197 -40.16 -36.62 42.80
C HIS L 197 -39.08 -36.46 41.71
N VAL L 198 -38.07 -35.66 42.04
CA VAL L 198 -36.93 -35.38 41.17
C VAL L 198 -36.03 -36.62 41.03
N ALA L 199 -36.03 -37.47 42.06
CA ALA L 199 -35.23 -38.70 42.10
C ALA L 199 -35.85 -39.85 41.31
N ASP L 200 -37.16 -40.03 41.43
CA ASP L 200 -37.90 -41.09 40.72
C ASP L 200 -38.04 -40.80 39.23
N LEU L 201 -38.26 -39.52 38.91
CA LEU L 201 -38.43 -39.08 37.52
C LEU L 201 -37.12 -39.28 36.76
N ALA L 202 -36.01 -38.79 37.34
CA ALA L 202 -34.67 -38.90 36.75
C ALA L 202 -34.20 -40.36 36.69
N GLY L 203 -34.72 -41.18 37.61
CA GLY L 203 -34.36 -42.59 37.66
C GLY L 203 -35.01 -43.38 36.55
N ALA L 204 -36.22 -42.96 36.18
CA ALA L 204 -36.99 -43.61 35.11
C ALA L 204 -36.47 -43.28 33.70
N LEU L 205 -35.99 -42.03 33.51
CA LEU L 205 -35.45 -41.59 32.21
C LEU L 205 -34.13 -42.33 31.96
N ALA L 206 -33.37 -42.50 33.05
CA ALA L 206 -32.08 -43.19 33.07
C ALA L 206 -32.24 -44.67 32.75
N ALA L 207 -33.44 -45.20 32.99
CA ALA L 207 -33.76 -46.60 32.75
C ALA L 207 -34.19 -46.89 31.31
N ARG L 208 -34.51 -45.83 30.57
CA ARG L 208 -34.95 -45.96 29.17
C ARG L 208 -33.73 -46.06 28.25
N ASN L 209 -33.93 -46.69 27.08
CA ASN L 209 -32.88 -46.86 26.07
C ASN L 209 -32.35 -45.47 25.71
N GLN L 210 -31.05 -45.34 25.99
CA GLN L 210 -30.31 -44.10 25.82
C GLN L 210 -30.10 -43.45 24.48
N ALA L 211 -29.75 -44.23 23.46
CA ALA L 211 -29.52 -43.66 22.13
C ALA L 211 -30.71 -42.86 21.57
N PRO L 212 -31.97 -43.38 21.65
CA PRO L 212 -33.09 -42.60 21.13
C PRO L 212 -33.48 -41.41 22.01
N LEU L 213 -33.02 -41.43 23.26
CA LEU L 213 -33.30 -40.37 24.22
C LEU L 213 -32.38 -39.17 23.97
N ARG L 214 -31.11 -39.48 23.70
CA ARG L 214 -30.08 -38.48 23.44
C ARG L 214 -30.24 -37.84 22.06
N ARG L 215 -30.51 -38.69 21.07
CA ARG L 215 -30.70 -38.29 19.68
C ARG L 215 -31.94 -37.40 19.50
N GLY L 216 -33.06 -37.84 20.07
CA GLY L 216 -34.32 -37.10 19.97
C GLY L 216 -34.41 -35.76 20.69
N LEU L 217 -33.62 -35.60 21.75
CA LEU L 217 -33.59 -34.37 22.54
C LEU L 217 -32.85 -33.25 21.81
N GLU L 218 -31.76 -33.59 21.14
CA GLU L 218 -31.01 -32.58 20.39
C GLU L 218 -31.77 -32.22 19.10
N THR L 219 -32.48 -33.20 18.54
CA THR L 219 -33.28 -33.00 17.34
C THR L 219 -34.45 -32.06 17.69
N LEU L 220 -34.94 -32.15 18.92
CA LEU L 220 -36.02 -31.30 19.43
C LEU L 220 -35.53 -29.86 19.59
N ASN L 221 -34.32 -29.72 20.14
CA ASN L 221 -33.69 -28.41 20.36
C ASN L 221 -33.29 -27.73 19.05
N ARG L 222 -33.14 -28.53 18.01
CA ARG L 222 -32.77 -28.06 16.68
C ARG L 222 -33.96 -27.67 15.81
N HIS L 223 -35.02 -28.49 15.82
CA HIS L 223 -36.20 -28.20 15.00
C HIS L 223 -37.10 -27.04 15.46
N LEU L 224 -36.90 -26.59 16.70
CA LEU L 224 -37.67 -25.47 17.27
C LEU L 224 -37.15 -24.11 16.73
N GLU L 225 -36.00 -24.16 16.06
CA GLU L 225 -35.37 -22.98 15.45
C GLU L 225 -35.48 -23.06 13.91
N LEU L 226 -36.20 -24.09 13.44
CA LEU L 226 -36.38 -24.32 12.01
C LEU L 226 -37.83 -24.16 11.53
N PRO L 227 -38.04 -23.86 10.23
CA PRO L 227 -39.42 -23.74 9.73
C PRO L 227 -40.04 -25.17 9.72
N LEU L 228 -41.37 -25.28 9.83
CA LEU L 228 -42.06 -26.58 9.86
C LEU L 228 -41.59 -27.65 8.86
N GLU L 229 -41.43 -27.23 7.60
CA GLU L 229 -41.01 -28.10 6.50
C GLU L 229 -39.61 -28.66 6.68
N GLN L 230 -38.70 -27.79 7.13
CA GLN L 230 -37.30 -28.17 7.37
C GLN L 230 -37.20 -29.00 8.65
N ALA L 231 -38.17 -28.83 9.54
CA ALA L 231 -38.23 -29.53 10.82
C ALA L 231 -38.60 -31.01 10.64
N TYR L 232 -39.46 -31.29 9.66
CA TYR L 232 -39.84 -32.66 9.36
C TYR L 232 -38.77 -33.33 8.52
N ALA L 233 -38.01 -32.51 7.78
CA ALA L 233 -36.92 -33.01 6.94
C ALA L 233 -35.79 -33.51 7.85
N LEU L 234 -35.61 -32.84 8.99
CA LEU L 234 -34.59 -33.16 9.97
C LEU L 234 -35.09 -34.27 10.90
N ALA L 235 -36.37 -34.19 11.30
CA ALA L 235 -36.98 -35.15 12.22
C ALA L 235 -37.37 -36.51 11.69
N THR L 236 -37.75 -36.61 10.41
CA THR L 236 -38.15 -37.90 9.85
C THR L 236 -37.08 -39.01 9.87
N PRO L 237 -35.82 -38.75 9.41
CA PRO L 237 -34.83 -39.83 9.46
C PRO L 237 -34.37 -40.23 10.87
N VAL L 238 -34.51 -39.30 11.82
CA VAL L 238 -34.16 -39.53 13.23
C VAL L 238 -35.20 -40.49 13.82
N VAL L 240 -36.85 -42.69 12.15
CA VAL L 240 -36.63 -43.99 11.51
C VAL L 240 -35.51 -44.75 12.24
N GLU L 241 -34.58 -43.99 12.80
CA GLU L 241 -33.44 -44.53 13.57
C GLU L 241 -33.87 -45.12 14.93
N HIS L 242 -34.91 -44.52 15.53
CA HIS L 242 -35.48 -44.95 16.81
C HIS L 242 -36.11 -46.32 16.67
N PHE L 243 -36.63 -46.58 15.47
CA PHE L 243 -37.31 -47.82 15.12
C PHE L 243 -36.36 -48.90 14.57
N ASP L 245 -33.13 -49.00 16.29
CA ASP L 245 -32.25 -49.05 17.45
C ASP L 245 -32.47 -50.32 18.29
N PRO L 246 -31.39 -50.91 18.88
CA PRO L 246 -31.56 -52.12 19.70
C PRO L 246 -32.26 -51.77 21.03
N GLY L 247 -33.54 -52.13 21.09
CA GLY L 247 -34.38 -51.86 22.25
C GLY L 247 -35.82 -51.77 21.80
#